data_8BWK
#
_entry.id   8BWK
#
_cell.length_a   72.749
_cell.length_b   228.850
_cell.length_c   113.733
_cell.angle_alpha   90.000
_cell.angle_beta   101.862
_cell.angle_gamma   90.000
#
_symmetry.space_group_name_H-M   'P 1 21 1'
#
loop_
_entity.id
_entity.type
_entity.pdbx_description
1 polymer 'Alginate lyase'
2 non-polymer 'SULFATE ION'
3 non-polymer 'CHLORIDE ION'
4 non-polymer DI(HYDROXYETHYL)ETHER
5 water water
#
_entity_poly.entity_id   1
_entity_poly.type   'polypeptide(L)'
_entity_poly.pdbx_seq_one_letter_code
;MGAKDYLIDNKQAYAKIANTLQAGDTVILQNGVWHDFEIVLSGQGSKQLPIRLKPQTKGKVILSGQSNLRLAGQYLHASG
LVFKNGYTPTSAVIEFRNGKELAFNSRVSEMVIDNYNNPDKRESDYWVALYGQHNRFDHNHLEGKRNKGVTVAVRLNSEQ
SQQNYHQIDHNYFGYRPVFGSNGGETLRIGTSHYSLSDSHTLVENNYFEQTNGEVEIISIKSGKNHIRNNVFYEARGTLT
LRHGNGNIIEENIFFGNGVEHTGGIRVINKDHIIRNNYLEGLTGFRFGSGFTVMNGVPNSPINRYHQVENAQIENNTFIN
VEHIQLAAGSDAERSAVPIDSVMNNNLIINDSQQSFTAFDDISGIKFSNNIANTAVLPSLSKGVKQQQVKLKRNKAGLLY
PVSESVFAGAKADLTVLKKADTGVSWYPKSPAIVAFDSGKTHRVENSAKDLLLKIEQAHSGDVLELSAGDYDLAKLVVID
KTLSFKAAQDGAVNLTFERSSLFEIHDGGSLKLEGLVISGKNSPDSAGNSVIRTKKWGMVENYRLIMERCQLIDLDINHT
FDFFKTGKGALADEITLINNQFSQVTGDILRLDSEIENLGVYNAEYVTLTNNHFDNVSGALVKLYRGGTDESTFGPHFLL
KNNTLNSVGLGKRNKTNASVYLHGVQVTEIAENAFTNSAPIVVEHTVGEPQTRIISNTFTNTAKPYIEELNIAGSHTAIL
KNNQVIQK
;
_entity_poly.pdbx_strand_id   A,B,C,D
#
# COMPACT_ATOMS: atom_id res chain seq x y z
N ALA A 3 18.64 17.75 -38.70
CA ALA A 3 19.06 17.62 -37.30
C ALA A 3 18.26 18.57 -36.43
N LYS A 4 18.00 18.16 -35.18
CA LYS A 4 17.05 18.88 -34.35
C LYS A 4 17.47 18.80 -32.88
N ASP A 5 16.85 19.66 -32.08
CA ASP A 5 16.92 19.57 -30.62
C ASP A 5 15.71 18.80 -30.11
N TYR A 6 15.94 17.87 -29.20
CA TYR A 6 14.89 17.09 -28.57
C TYR A 6 14.86 17.41 -27.09
N LEU A 7 13.81 18.08 -26.63
CA LEU A 7 13.59 18.25 -25.20
C LEU A 7 12.88 17.00 -24.68
N ILE A 8 13.56 16.26 -23.79
CA ILE A 8 13.08 14.98 -23.30
C ILE A 8 12.70 15.13 -21.84
N ASP A 9 11.47 14.77 -21.50
CA ASP A 9 10.93 14.94 -20.16
C ASP A 9 10.68 13.63 -19.43
N ASN A 10 10.89 12.49 -20.08
CA ASN A 10 10.71 11.20 -19.43
C ASN A 10 11.44 10.13 -20.26
N LYS A 11 11.57 8.95 -19.66
CA LYS A 11 12.42 7.92 -20.24
C LYS A 11 11.82 7.35 -21.52
N GLN A 12 10.49 7.23 -21.59
CA GLN A 12 9.87 6.71 -22.80
C GLN A 12 10.03 7.66 -23.96
N ALA A 13 9.91 8.97 -23.70
CA ALA A 13 10.21 9.95 -24.74
C ALA A 13 11.62 9.78 -25.26
N TYR A 14 12.58 9.49 -24.38
CA TYR A 14 13.94 9.25 -24.82
C TYR A 14 14.02 8.00 -25.68
N ALA A 15 13.36 6.92 -25.25
CA ALA A 15 13.40 5.67 -26.00
C ALA A 15 12.82 5.84 -27.40
N LYS A 16 11.84 6.74 -27.55
CA LYS A 16 11.23 6.90 -28.86
C LYS A 16 12.22 7.41 -29.91
N ILE A 17 13.26 8.14 -29.50
CA ILE A 17 14.20 8.73 -30.43
C ILE A 17 15.62 8.16 -30.31
N ALA A 18 15.91 7.39 -29.27
CA ALA A 18 17.30 7.05 -28.98
C ALA A 18 17.95 6.24 -30.09
N ASN A 19 17.16 5.51 -30.87
CA ASN A 19 17.71 4.57 -31.85
C ASN A 19 17.96 5.19 -33.22
N THR A 20 17.50 6.42 -33.47
CA THR A 20 17.57 7.02 -34.80
C THR A 20 18.27 8.39 -34.75
N LEU A 21 19.11 8.61 -33.75
CA LEU A 21 19.86 9.86 -33.68
C LEU A 21 20.79 9.99 -34.88
N GLN A 22 20.89 11.20 -35.41
CA GLN A 22 21.73 11.49 -36.57
C GLN A 22 22.67 12.64 -36.23
N ALA A 23 23.70 12.80 -37.05
CA ALA A 23 24.66 13.87 -36.87
C ALA A 23 23.95 15.22 -36.73
N GLY A 24 24.33 15.96 -35.70
CA GLY A 24 23.75 17.25 -35.41
C GLY A 24 22.65 17.23 -34.39
N ASP A 25 22.08 16.06 -34.08
CA ASP A 25 21.03 15.97 -33.07
C ASP A 25 21.58 16.33 -31.70
N THR A 26 20.74 17.01 -30.91
CA THR A 26 21.06 17.31 -29.52
C THR A 26 19.88 16.91 -28.66
N VAL A 27 20.13 16.08 -27.65
CA VAL A 27 19.11 15.65 -26.70
C VAL A 27 19.30 16.40 -25.40
N ILE A 28 18.23 17.01 -24.91
CA ILE A 28 18.26 17.85 -23.72
C ILE A 28 17.37 17.20 -22.68
N LEU A 29 17.97 16.76 -21.59
CA LEU A 29 17.22 16.12 -20.51
C LEU A 29 16.62 17.18 -19.60
N GLN A 30 15.32 17.06 -19.35
CA GLN A 30 14.62 18.01 -18.50
C GLN A 30 15.12 17.93 -17.07
N ASN A 31 15.14 19.08 -16.40
CA ASN A 31 15.65 19.16 -15.04
C ASN A 31 14.85 18.28 -14.10
N GLY A 32 15.54 17.69 -13.14
CA GLY A 32 14.93 16.86 -12.12
C GLY A 32 15.77 15.62 -11.86
N VAL A 33 15.22 14.73 -11.05
CA VAL A 33 15.86 13.46 -10.72
C VAL A 33 15.25 12.38 -11.59
N TRP A 34 16.10 11.67 -12.34
CA TRP A 34 15.71 10.55 -13.17
C TRP A 34 16.14 9.27 -12.47
N HIS A 35 15.23 8.33 -12.34
CA HIS A 35 15.46 7.09 -11.60
C HIS A 35 15.60 5.91 -12.56
N ASP A 36 16.58 5.06 -12.31
CA ASP A 36 16.78 3.84 -13.08
C ASP A 36 16.81 4.14 -14.57
N PHE A 37 17.63 5.12 -14.95
CA PHE A 37 17.74 5.59 -16.32
C PHE A 37 19.05 5.07 -16.90
N GLU A 38 18.94 4.05 -17.76
CA GLU A 38 20.09 3.50 -18.46
C GLU A 38 20.17 4.18 -19.82
N ILE A 39 20.99 5.22 -19.91
CA ILE A 39 21.07 6.03 -21.12
C ILE A 39 22.03 5.39 -22.09
N VAL A 40 21.60 5.27 -23.35
CA VAL A 40 22.47 4.88 -24.46
C VAL A 40 22.48 6.04 -25.44
N LEU A 41 23.66 6.62 -25.65
CA LEU A 41 23.87 7.66 -26.65
C LEU A 41 24.64 7.02 -27.80
N SER A 42 23.97 6.80 -28.93
CA SER A 42 24.60 6.12 -30.05
C SER A 42 24.20 6.81 -31.35
N GLY A 43 25.04 6.63 -32.35
CA GLY A 43 24.81 7.22 -33.66
C GLY A 43 26.13 7.53 -34.34
N GLN A 44 26.00 7.87 -35.63
CA GLN A 44 27.15 8.22 -36.47
C GLN A 44 27.16 9.73 -36.61
N GLY A 45 27.83 10.41 -35.67
CA GLY A 45 28.05 11.82 -35.78
C GLY A 45 29.23 12.14 -36.68
N SER A 46 29.45 13.44 -36.89
CA SER A 46 30.59 13.93 -37.65
C SER A 46 31.30 14.99 -36.82
N LYS A 47 32.51 15.33 -37.25
CA LYS A 47 33.31 16.30 -36.51
C LYS A 47 32.65 17.68 -36.50
N GLN A 48 31.93 18.02 -37.56
CA GLN A 48 31.21 19.29 -37.61
C GLN A 48 29.82 19.19 -37.01
N LEU A 49 29.21 18.01 -37.06
CA LEU A 49 27.85 17.80 -36.55
C LEU A 49 27.86 16.60 -35.61
N PRO A 50 28.39 16.77 -34.40
CA PRO A 50 28.35 15.68 -33.42
C PRO A 50 26.93 15.45 -32.91
N ILE A 51 26.76 14.33 -32.23
CA ILE A 51 25.51 13.98 -31.58
C ILE A 51 25.67 14.29 -30.09
N ARG A 52 24.84 15.19 -29.57
CA ARG A 52 25.04 15.75 -28.24
C ARG A 52 23.95 15.31 -27.29
N LEU A 53 24.34 15.07 -26.04
CA LEU A 53 23.43 14.84 -24.92
C LEU A 53 23.85 15.77 -23.79
N LYS A 54 22.90 16.54 -23.28
CA LYS A 54 23.20 17.58 -22.30
C LYS A 54 21.95 17.82 -21.47
N PRO A 55 22.08 18.55 -20.36
CA PRO A 55 20.92 18.85 -19.52
C PRO A 55 20.28 20.19 -19.87
N GLN A 56 19.02 20.32 -19.47
CA GLN A 56 18.36 21.62 -19.51
C GLN A 56 19.17 22.66 -18.73
N THR A 57 19.57 22.31 -17.51
CA THR A 57 20.39 23.18 -16.68
C THR A 57 21.50 22.35 -16.04
N LYS A 58 22.74 22.78 -16.21
CA LYS A 58 23.88 22.04 -15.67
C LYS A 58 23.79 22.00 -14.14
N GLY A 59 23.74 20.80 -13.59
CA GLY A 59 23.64 20.59 -12.17
C GLY A 59 22.25 20.28 -11.66
N LYS A 60 21.21 20.45 -12.49
CA LYS A 60 19.84 20.18 -12.09
C LYS A 60 19.29 18.88 -12.65
N VAL A 61 20.01 18.21 -13.55
CA VAL A 61 19.67 16.88 -14.00
C VAL A 61 20.48 15.89 -13.16
N ILE A 62 19.80 15.18 -12.28
CA ILE A 62 20.42 14.18 -11.41
C ILE A 62 19.96 12.80 -11.86
N LEU A 63 20.90 11.86 -11.91
CA LEU A 63 20.61 10.48 -12.26
C LEU A 63 20.83 9.62 -11.02
N SER A 64 19.77 8.94 -10.57
CA SER A 64 19.79 8.22 -9.32
C SER A 64 19.18 6.83 -9.52
N GLY A 65 19.17 6.04 -8.44
CA GLY A 65 18.82 4.64 -8.60
C GLY A 65 19.85 3.93 -9.45
N GLN A 66 19.38 2.96 -10.24
CA GLN A 66 20.27 2.15 -11.08
C GLN A 66 20.33 2.76 -12.49
N SER A 67 20.99 3.91 -12.55
CA SER A 67 21.20 4.64 -13.79
C SER A 67 22.65 4.51 -14.25
N ASN A 68 22.86 4.68 -15.56
CA ASN A 68 24.19 4.68 -16.14
C ASN A 68 24.13 5.34 -17.50
N LEU A 69 25.28 5.35 -18.19
CA LEU A 69 25.42 6.01 -19.48
C LEU A 69 26.36 5.20 -20.35
N ARG A 70 25.95 4.97 -21.60
CA ARG A 70 26.73 4.23 -22.58
C ARG A 70 26.84 5.04 -23.86
N LEU A 71 28.04 5.05 -24.45
CA LEU A 71 28.28 5.70 -25.73
C LEU A 71 28.75 4.66 -26.74
N ALA A 72 28.22 4.75 -27.96
CA ALA A 72 28.55 3.79 -29.01
C ALA A 72 28.34 4.46 -30.36
N GLY A 73 29.40 4.48 -31.16
CA GLY A 73 29.34 5.13 -32.46
C GLY A 73 30.52 6.08 -32.66
N GLN A 74 30.25 7.25 -33.23
CA GLN A 74 31.30 8.21 -33.52
C GLN A 74 30.82 9.63 -33.28
N TYR A 75 31.74 10.46 -32.79
CA TYR A 75 31.50 11.89 -32.59
C TYR A 75 30.26 12.14 -31.74
N LEU A 76 30.27 11.53 -30.56
CA LEU A 76 29.24 11.71 -29.55
C LEU A 76 29.79 12.54 -28.41
N HIS A 77 28.95 13.40 -27.83
CA HIS A 77 29.37 14.24 -26.70
C HIS A 77 28.26 14.28 -25.67
N ALA A 78 28.48 13.61 -24.54
CA ALA A 78 27.60 13.70 -23.39
C ALA A 78 28.21 14.66 -22.37
N SER A 79 27.37 15.45 -21.72
CA SER A 79 27.90 16.41 -20.76
C SER A 79 26.85 16.82 -19.75
N GLY A 80 27.32 17.26 -18.59
CA GLY A 80 26.51 18.02 -17.66
C GLY A 80 25.59 17.24 -16.75
N LEU A 81 25.82 15.94 -16.57
CA LEU A 81 24.94 15.12 -15.74
C LEU A 81 25.56 14.85 -14.38
N VAL A 82 24.69 14.65 -13.38
CA VAL A 82 25.11 14.38 -12.01
C VAL A 82 24.60 12.99 -11.63
N PHE A 83 25.52 12.12 -11.22
CA PHE A 83 25.19 10.77 -10.74
C PHE A 83 25.36 10.75 -9.22
N LYS A 84 24.26 10.61 -8.49
CA LYS A 84 24.33 10.42 -7.04
C LYS A 84 23.08 9.68 -6.58
N ASN A 85 23.14 9.18 -5.35
CA ASN A 85 22.06 8.39 -4.76
C ASN A 85 21.68 7.21 -5.66
N GLY A 86 22.68 6.40 -5.98
CA GLY A 86 22.43 5.24 -6.79
C GLY A 86 23.71 4.47 -7.06
N TYR A 87 23.66 3.62 -8.08
CA TYR A 87 24.80 2.83 -8.50
C TYR A 87 24.46 2.15 -9.82
N THR A 88 25.48 1.91 -10.64
CA THR A 88 25.23 1.33 -11.95
C THR A 88 24.81 -0.13 -11.83
N PRO A 89 23.84 -0.59 -12.62
CA PRO A 89 23.50 -2.01 -12.63
C PRO A 89 24.37 -2.84 -13.56
N THR A 90 25.33 -2.22 -14.25
CA THR A 90 26.24 -2.93 -15.13
C THR A 90 27.66 -2.79 -14.60
N SER A 91 28.66 -2.93 -15.49
CA SER A 91 30.05 -2.90 -15.06
C SER A 91 30.60 -1.49 -14.86
N ALA A 92 29.91 -0.46 -15.36
CA ALA A 92 30.43 0.89 -15.26
C ALA A 92 29.28 1.89 -15.20
N VAL A 93 29.54 3.02 -14.55
CA VAL A 93 28.58 4.11 -14.53
C VAL A 93 28.56 4.81 -15.89
N ILE A 94 29.73 5.16 -16.39
CA ILE A 94 29.90 5.74 -17.73
C ILE A 94 30.84 4.85 -18.52
N GLU A 95 30.42 4.47 -19.72
CA GLU A 95 31.10 3.46 -20.51
C GLU A 95 31.13 3.89 -21.97
N PHE A 96 32.31 3.91 -22.55
CA PHE A 96 32.46 4.28 -23.96
C PHE A 96 32.19 3.10 -24.90
N ARG A 97 31.14 2.34 -24.62
CA ARG A 97 30.74 1.22 -25.46
C ARG A 97 29.30 0.89 -25.15
N ASN A 98 28.68 0.10 -26.03
CA ASN A 98 27.33 -0.44 -25.83
C ASN A 98 27.42 -1.90 -26.27
N GLY A 99 27.72 -2.78 -25.33
CA GLY A 99 27.97 -4.17 -25.69
C GLY A 99 29.31 -4.27 -26.41
N LYS A 100 29.28 -4.86 -27.60
CA LYS A 100 30.47 -4.99 -28.43
C LYS A 100 30.70 -3.79 -29.34
N GLU A 101 29.80 -2.81 -29.34
CA GLU A 101 29.93 -1.63 -30.18
C GLU A 101 30.62 -0.52 -29.39
N LEU A 102 31.75 -0.04 -29.88
CA LEU A 102 32.58 0.91 -29.17
C LEU A 102 32.31 2.33 -29.65
N ALA A 103 32.78 3.30 -28.85
CA ALA A 103 32.70 4.70 -29.19
C ALA A 103 34.06 5.18 -29.70
N PHE A 104 34.04 6.03 -30.71
CA PHE A 104 35.25 6.61 -31.29
C PHE A 104 35.06 8.12 -31.42
N ASN A 105 36.17 8.85 -31.32
CA ASN A 105 36.17 10.30 -31.53
C ASN A 105 35.06 10.98 -30.72
N SER A 106 34.82 10.48 -29.52
CA SER A 106 33.71 10.93 -28.69
C SER A 106 34.22 11.57 -27.41
N ARG A 107 33.29 12.13 -26.63
CA ARG A 107 33.67 12.97 -25.51
C ARG A 107 32.65 12.86 -24.40
N VAL A 108 33.14 12.89 -23.16
CA VAL A 108 32.31 12.96 -21.96
C VAL A 108 32.90 14.04 -21.08
N SER A 109 32.12 15.06 -20.74
CA SER A 109 32.63 16.20 -20.02
C SER A 109 31.62 16.72 -19.01
N GLU A 110 32.12 17.41 -17.99
CA GLU A 110 31.29 18.08 -16.99
C GLU A 110 30.28 17.12 -16.38
N MET A 111 30.74 15.91 -16.08
CA MET A 111 29.96 14.94 -15.32
C MET A 111 30.39 14.99 -13.86
N VAL A 112 29.41 14.77 -12.97
CA VAL A 112 29.67 14.58 -11.55
C VAL A 112 29.23 13.16 -11.18
N ILE A 113 30.12 12.41 -10.56
CA ILE A 113 29.79 11.15 -9.92
C ILE A 113 30.20 11.29 -8.46
N ASP A 114 29.21 11.31 -7.56
CA ASP A 114 29.42 11.65 -6.15
C ASP A 114 28.84 10.52 -5.30
N ASN A 115 29.71 9.67 -4.75
CA ASN A 115 29.30 8.60 -3.83
C ASN A 115 28.25 7.69 -4.46
N TYR A 116 28.44 7.39 -5.74
CA TYR A 116 27.51 6.57 -6.53
C TYR A 116 27.92 5.10 -6.41
N ASN A 117 27.80 4.58 -5.18
CA ASN A 117 28.45 3.34 -4.79
C ASN A 117 27.48 2.16 -4.77
N ASN A 118 27.97 1.03 -5.27
CA ASN A 118 27.28 -0.23 -5.07
C ASN A 118 27.18 -0.53 -3.57
N PRO A 119 26.03 -0.95 -3.06
CA PRO A 119 25.90 -1.18 -1.62
C PRO A 119 26.78 -2.31 -1.08
N ASP A 120 27.43 -3.09 -1.94
CA ASP A 120 28.32 -4.16 -1.52
C ASP A 120 29.74 -3.76 -1.91
N LYS A 121 30.58 -3.53 -0.89
CA LYS A 121 31.95 -3.09 -1.16
C LYS A 121 32.75 -4.14 -1.94
N ARG A 122 32.37 -5.41 -1.82
CA ARG A 122 33.06 -6.47 -2.56
C ARG A 122 32.53 -6.66 -3.98
N GLU A 123 31.39 -6.04 -4.32
CA GLU A 123 30.87 -6.09 -5.68
C GLU A 123 31.58 -5.03 -6.51
N SER A 124 32.48 -5.48 -7.39
CA SER A 124 33.36 -4.55 -8.09
C SER A 124 32.66 -3.89 -9.27
N ASP A 125 33.10 -2.67 -9.58
CA ASP A 125 32.65 -1.98 -10.78
C ASP A 125 33.60 -0.81 -11.05
N TYR A 126 33.50 -0.26 -12.25
CA TYR A 126 34.14 0.99 -12.61
C TYR A 126 33.12 2.12 -12.55
N TRP A 127 33.62 3.34 -12.40
CA TRP A 127 32.79 4.52 -12.62
C TRP A 127 32.93 5.05 -14.05
N VAL A 128 34.12 4.98 -14.63
CA VAL A 128 34.36 5.38 -16.01
C VAL A 128 35.22 4.31 -16.67
N ALA A 129 34.77 3.82 -17.83
CA ALA A 129 35.49 2.79 -18.57
C ALA A 129 35.65 3.24 -20.02
N LEU A 130 36.89 3.47 -20.43
CA LEU A 130 37.21 3.92 -21.77
C LEU A 130 37.48 2.73 -22.67
N TYR A 131 36.81 2.70 -23.82
CA TYR A 131 37.07 1.77 -24.91
C TYR A 131 37.24 2.58 -26.19
N GLY A 132 37.53 1.89 -27.29
CA GLY A 132 37.61 2.58 -28.56
C GLY A 132 38.89 3.40 -28.68
N GLN A 133 38.81 4.45 -29.51
CA GLN A 133 39.99 5.24 -29.84
C GLN A 133 39.60 6.71 -29.98
N HIS A 134 40.52 7.58 -29.57
CA HIS A 134 40.40 9.02 -29.78
C HIS A 134 39.18 9.60 -29.04
N ASN A 135 38.91 9.07 -27.87
CA ASN A 135 37.87 9.61 -27.00
C ASN A 135 38.49 10.54 -25.96
N ARG A 136 37.65 11.41 -25.40
CA ARG A 136 38.10 12.39 -24.42
C ARG A 136 37.19 12.35 -23.20
N PHE A 137 37.80 12.46 -22.03
CA PHE A 137 37.10 12.51 -20.74
C PHE A 137 37.68 13.68 -19.96
N ASP A 138 36.97 14.82 -19.96
CA ASP A 138 37.55 16.07 -19.46
C ASP A 138 36.57 16.83 -18.59
N HIS A 139 37.13 17.64 -17.69
CA HIS A 139 36.36 18.57 -16.86
C HIS A 139 35.26 17.85 -16.07
N ASN A 140 35.55 16.63 -15.64
CA ASN A 140 34.63 15.87 -14.82
C ASN A 140 35.02 15.95 -13.34
N HIS A 141 34.10 15.51 -12.49
CA HIS A 141 34.22 15.61 -11.04
C HIS A 141 33.83 14.26 -10.44
N LEU A 142 34.81 13.55 -9.88
CA LEU A 142 34.59 12.23 -9.31
C LEU A 142 35.09 12.22 -7.86
N GLU A 143 34.25 11.76 -6.94
CA GLU A 143 34.66 11.66 -5.54
C GLU A 143 33.79 10.63 -4.84
N GLY A 144 34.39 9.94 -3.87
CA GLY A 144 33.64 9.10 -2.97
C GLY A 144 33.35 7.69 -3.43
N LYS A 145 34.21 7.10 -4.27
CA LYS A 145 34.05 5.69 -4.60
C LYS A 145 34.55 4.86 -3.43
N ARG A 146 33.72 3.91 -2.99
CA ARG A 146 33.99 3.16 -1.77
C ARG A 146 33.95 1.65 -1.96
N ASN A 147 33.53 1.16 -3.11
CA ASN A 147 33.50 -0.28 -3.38
C ASN A 147 34.71 -0.69 -4.20
N LYS A 148 34.91 -2.00 -4.29
CA LYS A 148 36.02 -2.55 -5.05
C LYS A 148 35.96 -2.07 -6.50
N GLY A 149 37.14 -1.86 -7.09
CA GLY A 149 37.24 -1.49 -8.48
C GLY A 149 37.81 -0.09 -8.66
N VAL A 150 38.72 0.04 -9.63
CA VAL A 150 39.32 1.34 -9.93
C VAL A 150 38.23 2.31 -10.39
N THR A 151 38.44 3.60 -10.09
CA THR A 151 37.47 4.62 -10.45
C THR A 151 37.40 4.83 -11.96
N VAL A 152 38.54 5.01 -12.60
CA VAL A 152 38.63 5.22 -14.05
C VAL A 152 39.55 4.14 -14.62
N ALA A 153 39.09 3.45 -15.66
CA ALA A 153 39.83 2.38 -16.30
C ALA A 153 39.87 2.60 -17.80
N VAL A 154 41.06 2.65 -18.38
CA VAL A 154 41.24 2.55 -19.82
C VAL A 154 41.39 1.08 -20.15
N ARG A 155 40.46 0.55 -20.95
CA ARG A 155 40.43 -0.86 -21.32
C ARG A 155 41.11 -1.06 -22.65
N LEU A 156 41.79 -2.21 -22.79
CA LEU A 156 42.60 -2.51 -23.96
C LEU A 156 42.33 -3.93 -24.47
N ASN A 157 41.14 -4.46 -24.19
CA ASN A 157 40.86 -5.86 -24.47
C ASN A 157 40.45 -6.10 -25.91
N SER A 158 40.89 -5.24 -26.83
CA SER A 158 40.74 -5.51 -28.25
C SER A 158 41.61 -4.52 -29.02
N GLU A 159 41.89 -4.85 -30.28
CA GLU A 159 42.75 -4.01 -31.10
C GLU A 159 42.13 -2.62 -31.28
N GLN A 160 40.82 -2.55 -31.41
CA GLN A 160 40.14 -1.27 -31.60
C GLN A 160 40.02 -0.47 -30.32
N SER A 161 40.49 -0.99 -29.19
CA SER A 161 40.62 -0.22 -27.96
C SER A 161 42.07 0.11 -27.62
N GLN A 162 43.03 -0.54 -28.28
CA GLN A 162 44.44 -0.21 -28.14
C GLN A 162 44.80 0.92 -29.12
N GLN A 163 45.97 1.50 -28.94
CA GLN A 163 46.40 2.62 -29.77
C GLN A 163 45.34 3.72 -29.74
N ASN A 164 44.79 3.97 -28.55
CA ASN A 164 43.59 4.78 -28.46
C ASN A 164 43.88 6.28 -28.53
N TYR A 165 45.00 6.72 -27.96
CA TYR A 165 45.30 8.14 -27.85
C TYR A 165 44.18 8.89 -27.15
N HIS A 166 43.49 8.22 -26.22
CA HIS A 166 42.51 8.88 -25.39
C HIS A 166 43.15 10.07 -24.67
N GLN A 167 42.32 11.07 -24.36
CA GLN A 167 42.75 12.24 -23.60
C GLN A 167 41.91 12.35 -22.33
N ILE A 168 42.58 12.34 -21.18
CA ILE A 168 41.94 12.47 -19.87
C ILE A 168 42.52 13.72 -19.24
N ASP A 169 41.78 14.83 -19.26
CA ASP A 169 42.34 16.12 -18.87
C ASP A 169 41.36 16.93 -18.04
N HIS A 170 41.92 17.73 -17.13
CA HIS A 170 41.18 18.75 -16.39
C HIS A 170 40.08 18.16 -15.52
N ASN A 171 40.25 16.91 -15.09
CA ASN A 171 39.32 16.28 -14.18
C ASN A 171 39.75 16.53 -12.74
N TYR A 172 38.76 16.68 -11.87
CA TYR A 172 38.98 16.74 -10.43
C TYR A 172 38.72 15.33 -9.88
N PHE A 173 39.80 14.63 -9.57
CA PHE A 173 39.71 13.32 -8.92
C PHE A 173 39.75 13.56 -7.42
N GLY A 174 38.56 13.66 -6.83
CA GLY A 174 38.43 14.01 -5.43
C GLY A 174 38.63 12.83 -4.50
N TYR A 175 38.17 13.03 -3.27
CA TYR A 175 38.41 12.09 -2.19
C TYR A 175 38.04 10.67 -2.59
N ARG A 176 38.96 9.75 -2.35
CA ARG A 176 38.65 8.32 -2.27
C ARG A 176 39.14 7.81 -0.92
N PRO A 177 38.26 7.39 -0.02
CA PRO A 177 38.73 6.94 1.30
C PRO A 177 39.60 5.71 1.17
N VAL A 178 40.44 5.50 2.19
CA VAL A 178 41.19 4.26 2.29
C VAL A 178 40.24 3.09 2.14
N PHE A 179 40.55 2.19 1.22
CA PHE A 179 39.63 1.10 0.91
C PHE A 179 39.77 -0.07 1.86
N GLY A 180 40.95 -0.25 2.44
CA GLY A 180 41.16 -1.38 3.34
C GLY A 180 41.27 -2.70 2.62
N SER A 181 41.79 -2.70 1.40
CA SER A 181 41.84 -3.89 0.55
C SER A 181 42.49 -3.46 -0.77
N ASN A 182 42.87 -4.45 -1.56
CA ASN A 182 43.31 -4.16 -2.92
C ASN A 182 42.10 -3.81 -3.77
N GLY A 183 42.36 -3.09 -4.86
CA GLY A 183 41.30 -2.67 -5.76
C GLY A 183 40.75 -1.29 -5.49
N GLY A 184 41.57 -0.38 -4.97
CA GLY A 184 41.13 0.95 -4.64
C GLY A 184 41.81 2.02 -5.45
N GLU A 185 42.35 1.64 -6.62
CA GLU A 185 43.01 2.60 -7.47
C GLU A 185 42.04 3.68 -7.95
N THR A 186 42.59 4.81 -8.35
CA THR A 186 41.82 5.88 -8.96
C THR A 186 41.86 5.83 -10.48
N LEU A 187 43.03 5.55 -11.07
CA LEU A 187 43.14 5.45 -12.52
C LEU A 187 43.98 4.24 -12.87
N ARG A 188 43.52 3.46 -13.83
CA ARG A 188 44.25 2.29 -14.32
C ARG A 188 44.24 2.33 -15.84
N ILE A 189 45.40 2.11 -16.45
CA ILE A 189 45.53 2.12 -17.91
C ILE A 189 45.99 0.72 -18.32
N GLY A 190 45.03 -0.13 -18.67
CA GLY A 190 45.32 -1.48 -19.09
C GLY A 190 45.30 -2.47 -17.94
N THR A 191 45.49 -3.73 -18.31
CA THR A 191 45.67 -4.82 -17.36
C THR A 191 46.90 -5.62 -17.79
N SER A 192 47.36 -6.50 -16.89
CA SER A 192 48.59 -7.24 -17.17
C SER A 192 48.48 -8.05 -18.46
N HIS A 193 47.33 -8.69 -18.68
CA HIS A 193 47.19 -9.54 -19.86
C HIS A 193 47.45 -8.76 -21.14
N TYR A 194 47.03 -7.50 -21.20
CA TYR A 194 47.20 -6.67 -22.38
C TYR A 194 48.30 -5.63 -22.21
N SER A 195 49.18 -5.83 -21.22
CA SER A 195 50.15 -4.80 -20.87
C SER A 195 51.24 -4.61 -21.93
N LEU A 196 51.43 -5.59 -22.81
CA LEU A 196 52.42 -5.44 -23.87
C LEU A 196 51.90 -4.66 -25.07
N SER A 197 50.62 -4.31 -25.07
CA SER A 197 50.08 -3.44 -26.11
C SER A 197 50.36 -1.99 -25.78
N ASP A 198 50.41 -1.16 -26.82
CA ASP A 198 50.59 0.28 -26.65
C ASP A 198 49.22 0.94 -26.58
N SER A 199 49.00 1.73 -25.52
CA SER A 199 47.76 2.46 -25.33
C SER A 199 47.84 3.90 -25.83
N HIS A 200 48.95 4.58 -25.56
CA HIS A 200 49.17 5.96 -26.01
C HIS A 200 48.19 6.93 -25.35
N THR A 201 47.72 6.60 -24.15
CA THR A 201 46.76 7.45 -23.46
C THR A 201 47.46 8.68 -22.88
N LEU A 202 46.88 9.85 -23.11
CA LEU A 202 47.39 11.12 -22.58
C LEU A 202 46.59 11.49 -21.34
N VAL A 203 47.28 11.64 -20.21
CA VAL A 203 46.67 11.97 -18.93
C VAL A 203 47.33 13.26 -18.45
N GLU A 204 46.63 14.38 -18.56
CA GLU A 204 47.24 15.67 -18.32
C GLU A 204 46.30 16.59 -17.55
N ASN A 205 46.89 17.46 -16.73
CA ASN A 205 46.17 18.57 -16.12
C ASN A 205 44.98 18.10 -15.28
N ASN A 206 45.15 16.99 -14.57
CA ASN A 206 44.15 16.54 -13.61
C ASN A 206 44.63 16.81 -12.20
N TYR A 207 43.67 17.02 -11.29
CA TYR A 207 43.96 17.34 -9.89
C TYR A 207 43.50 16.16 -9.04
N PHE A 208 44.46 15.48 -8.42
CA PHE A 208 44.20 14.38 -7.51
C PHE A 208 44.32 14.90 -6.09
N GLU A 209 43.22 14.85 -5.33
CA GLU A 209 43.20 15.35 -3.95
C GLU A 209 42.66 14.26 -3.04
N GLN A 210 43.54 13.76 -2.16
CA GLN A 210 43.16 12.76 -1.16
C GLN A 210 42.57 11.51 -1.80
N THR A 211 43.13 11.14 -2.94
CA THR A 211 42.86 9.86 -3.57
C THR A 211 43.69 8.81 -2.82
N ASN A 212 43.09 8.24 -1.77
CA ASN A 212 43.82 7.42 -0.80
C ASN A 212 43.37 5.96 -0.81
N GLY A 213 42.81 5.48 -1.93
CA GLY A 213 42.25 4.14 -1.94
C GLY A 213 43.26 3.06 -1.55
N GLU A 214 44.47 3.15 -2.07
CA GLU A 214 45.48 2.11 -1.86
C GLU A 214 46.82 2.66 -2.33
N VAL A 215 47.83 1.78 -2.38
CA VAL A 215 49.19 2.22 -2.68
C VAL A 215 49.33 2.70 -4.11
N GLU A 216 48.43 2.30 -5.01
CA GLU A 216 48.45 2.74 -6.41
C GLU A 216 47.31 3.72 -6.63
N ILE A 217 47.65 5.01 -6.76
CA ILE A 217 46.68 5.99 -7.23
C ILE A 217 46.47 5.81 -8.74
N ILE A 218 47.55 5.83 -9.49
CA ILE A 218 47.56 5.53 -10.92
C ILE A 218 48.35 4.25 -11.11
N SER A 219 47.74 3.28 -11.80
CA SER A 219 48.36 2.01 -12.12
C SER A 219 48.44 1.92 -13.65
N ILE A 220 49.64 2.11 -14.17
CA ILE A 220 49.89 2.05 -15.60
C ILE A 220 50.28 0.62 -15.95
N LYS A 221 49.47 -0.03 -16.78
CA LYS A 221 49.67 -1.42 -17.17
C LYS A 221 49.57 -1.55 -18.69
N SER A 222 50.31 -0.71 -19.40
CA SER A 222 50.35 -0.71 -20.85
C SER A 222 51.48 0.21 -21.29
N GLY A 223 51.70 0.27 -22.60
CA GLY A 223 52.86 0.93 -23.16
C GLY A 223 52.61 2.33 -23.69
N LYS A 224 53.65 3.15 -23.63
CA LYS A 224 53.75 4.42 -24.36
C LYS A 224 52.62 5.38 -24.00
N ASN A 225 52.31 5.47 -22.71
CA ASN A 225 51.36 6.46 -22.22
C ASN A 225 52.12 7.73 -21.79
N HIS A 226 51.37 8.81 -21.65
CA HIS A 226 51.94 10.14 -21.38
C HIS A 226 51.19 10.77 -20.22
N ILE A 227 51.86 10.90 -19.08
CA ILE A 227 51.27 11.44 -17.85
C ILE A 227 52.02 12.72 -17.52
N ARG A 228 51.34 13.86 -17.65
CA ARG A 228 52.04 15.13 -17.50
C ARG A 228 51.16 16.20 -16.88
N ASN A 229 51.78 17.09 -16.10
CA ASN A 229 51.16 18.30 -15.59
C ASN A 229 49.96 18.00 -14.70
N ASN A 230 49.95 16.82 -14.08
CA ASN A 230 48.95 16.53 -13.06
C ASN A 230 49.48 16.95 -11.69
N VAL A 231 48.54 17.19 -10.77
CA VAL A 231 48.86 17.56 -9.39
C VAL A 231 48.30 16.50 -8.46
N PHE A 232 49.12 16.07 -7.50
CA PHE A 232 48.73 15.11 -6.48
C PHE A 232 48.85 15.80 -5.13
N TYR A 233 47.70 16.06 -4.49
CA TYR A 233 47.64 16.86 -3.28
C TYR A 233 47.21 15.97 -2.11
N GLU A 234 48.13 15.74 -1.18
CA GLU A 234 47.89 14.89 -0.02
C GLU A 234 47.23 13.57 -0.45
N ALA A 235 47.79 12.98 -1.50
CA ALA A 235 47.30 11.74 -2.06
C ALA A 235 48.12 10.58 -1.50
N ARG A 236 47.45 9.67 -0.80
CA ARG A 236 48.11 8.53 -0.18
C ARG A 236 48.19 7.41 -1.21
N GLY A 237 49.39 7.16 -1.70
CA GLY A 237 49.62 6.21 -2.77
C GLY A 237 50.69 6.75 -3.68
N THR A 238 50.82 6.13 -4.86
CA THR A 238 51.89 6.45 -5.77
C THR A 238 51.37 6.47 -7.21
N LEU A 239 52.19 7.02 -8.09
CA LEU A 239 52.07 6.81 -9.53
C LEU A 239 53.00 5.66 -9.89
N THR A 240 52.44 4.50 -10.16
CA THR A 240 53.21 3.28 -10.37
C THR A 240 53.21 2.89 -11.84
N LEU A 241 54.41 2.71 -12.40
CA LEU A 241 54.57 2.11 -13.73
C LEU A 241 54.60 0.60 -13.52
N ARG A 242 53.40 0.01 -13.46
CA ARG A 242 53.26 -1.36 -12.99
C ARG A 242 53.60 -2.38 -14.07
N HIS A 243 53.01 -2.22 -15.26
CA HIS A 243 53.30 -3.09 -16.39
C HIS A 243 53.38 -2.23 -17.65
N GLY A 244 54.04 -2.77 -18.67
CA GLY A 244 54.19 -2.06 -19.92
C GLY A 244 55.42 -1.18 -19.95
N ASN A 245 55.81 -0.80 -21.17
CA ASN A 245 57.07 -0.12 -21.41
C ASN A 245 56.85 1.18 -22.15
N GLY A 246 57.81 2.10 -21.99
CA GLY A 246 57.86 3.31 -22.80
C GLY A 246 56.97 4.44 -22.34
N ASN A 247 56.61 4.48 -21.07
CA ASN A 247 55.74 5.52 -20.53
C ASN A 247 56.54 6.76 -20.16
N ILE A 248 55.93 7.93 -20.33
CA ILE A 248 56.56 9.22 -20.10
C ILE A 248 55.83 9.91 -18.95
N ILE A 249 56.55 10.17 -17.87
CA ILE A 249 56.04 10.84 -16.68
C ILE A 249 56.82 12.15 -16.53
N GLU A 250 56.18 13.28 -16.82
CA GLU A 250 56.91 14.55 -16.79
C GLU A 250 56.02 15.69 -16.31
N GLU A 251 56.62 16.60 -15.55
CA GLU A 251 56.00 17.85 -15.12
C GLU A 251 54.82 17.62 -14.19
N ASN A 252 54.76 16.47 -13.53
CA ASN A 252 53.77 16.23 -12.50
C ASN A 252 54.25 16.80 -11.17
N ILE A 253 53.29 17.18 -10.33
CA ILE A 253 53.55 17.90 -9.09
C ILE A 253 52.92 17.12 -7.95
N PHE A 254 53.73 16.79 -6.93
CA PHE A 254 53.28 16.06 -5.76
C PHE A 254 53.43 16.96 -4.53
N PHE A 255 52.30 17.35 -3.94
CA PHE A 255 52.28 18.12 -2.69
C PHE A 255 51.80 17.18 -1.59
N GLY A 256 52.74 16.57 -0.88
CA GLY A 256 52.38 15.67 0.20
C GLY A 256 52.05 16.37 1.50
N ASN A 257 52.69 17.51 1.76
CA ASN A 257 52.47 18.30 2.99
C ASN A 257 52.75 17.48 4.23
N GLY A 258 53.63 16.48 4.13
CA GLY A 258 53.96 15.66 5.28
C GLY A 258 52.86 14.74 5.75
N VAL A 259 51.80 14.58 4.96
CA VAL A 259 50.73 13.66 5.34
C VAL A 259 51.23 12.23 5.22
N GLU A 260 50.78 11.38 6.12
CA GLU A 260 51.27 10.01 6.18
C GLU A 260 50.93 9.25 4.89
N HIS A 261 51.92 8.52 4.38
CA HIS A 261 51.78 7.61 3.25
C HIS A 261 51.57 8.30 1.92
N THR A 262 51.95 9.58 1.83
CA THR A 262 51.98 10.26 0.53
C THR A 262 53.22 9.81 -0.23
N GLY A 263 53.02 9.20 -1.39
CA GLY A 263 54.09 8.68 -2.20
C GLY A 263 54.26 9.43 -3.51
N GLY A 264 55.16 8.91 -4.33
CA GLY A 264 55.48 9.56 -5.59
C GLY A 264 55.42 8.64 -6.78
N ILE A 265 56.59 8.27 -7.32
CA ILE A 265 56.68 7.53 -8.57
C ILE A 265 57.43 6.23 -8.32
N ARG A 266 56.81 5.11 -8.72
CA ARG A 266 57.46 3.81 -8.67
C ARG A 266 57.72 3.32 -10.09
N VAL A 267 58.95 2.85 -10.33
CA VAL A 267 59.45 2.55 -11.66
C VAL A 267 59.69 1.05 -11.77
N ILE A 268 58.99 0.43 -12.72
CA ILE A 268 59.18 -0.97 -13.09
C ILE A 268 59.17 -1.02 -14.62
N ASN A 269 59.75 -2.09 -15.17
CA ASN A 269 59.74 -2.31 -16.61
C ASN A 269 60.63 -1.32 -17.35
N LYS A 270 60.49 -1.22 -18.67
CA LYS A 270 61.53 -0.72 -19.54
C LYS A 270 61.16 0.60 -20.21
N ASP A 271 62.19 1.37 -20.55
CA ASP A 271 62.13 2.49 -21.51
C ASP A 271 61.32 3.67 -21.01
N HIS A 272 61.18 3.84 -19.70
CA HIS A 272 60.40 4.96 -19.19
C HIS A 272 61.23 6.24 -19.12
N ILE A 273 60.55 7.37 -19.24
CA ILE A 273 61.16 8.69 -19.13
C ILE A 273 60.46 9.42 -17.99
N ILE A 274 61.23 9.84 -16.99
CA ILE A 274 60.72 10.51 -15.81
C ILE A 274 61.53 11.79 -15.65
N ARG A 275 60.93 12.93 -15.99
CA ARG A 275 61.69 14.17 -16.00
C ARG A 275 60.82 15.37 -15.66
N ASN A 276 61.45 16.38 -15.04
CA ASN A 276 60.82 17.67 -14.75
C ASN A 276 59.64 17.53 -13.79
N ASN A 277 59.65 16.48 -12.97
CA ASN A 277 58.62 16.32 -11.95
C ASN A 277 59.05 17.03 -10.66
N TYR A 278 58.07 17.43 -9.87
CA TYR A 278 58.28 18.13 -8.60
C TYR A 278 57.59 17.35 -7.49
N LEU A 279 58.38 16.83 -6.56
CA LEU A 279 57.87 16.03 -5.45
C LEU A 279 58.28 16.66 -4.13
N GLU A 280 57.30 16.94 -3.27
CA GLU A 280 57.55 17.63 -2.01
C GLU A 280 56.78 16.98 -0.88
N GLY A 281 57.45 16.80 0.26
CA GLY A 281 56.79 16.38 1.49
C GLY A 281 56.12 15.02 1.42
N LEU A 282 56.79 14.02 0.84
CA LEU A 282 56.25 12.67 0.71
C LEU A 282 56.82 11.78 1.80
N THR A 283 55.93 11.14 2.56
CA THR A 283 56.32 10.34 3.71
C THR A 283 56.19 8.84 3.50
N GLY A 284 55.64 8.39 2.37
CA GLY A 284 55.50 6.98 2.14
C GLY A 284 56.84 6.25 2.13
N PHE A 285 56.78 4.95 2.39
CA PHE A 285 57.97 4.11 2.43
C PHE A 285 57.69 2.80 1.71
N ARG A 286 58.73 1.95 1.63
CA ARG A 286 58.72 0.70 0.85
C ARG A 286 58.21 1.04 -0.55
N PHE A 287 57.31 0.25 -1.13
CA PHE A 287 56.86 0.50 -2.50
C PHE A 287 55.98 1.74 -2.61
N GLY A 288 55.51 2.29 -1.49
CA GLY A 288 54.78 3.53 -1.48
C GLY A 288 55.68 4.73 -1.26
N SER A 289 56.98 4.56 -1.49
CA SER A 289 57.95 5.61 -1.24
C SER A 289 57.77 6.76 -2.22
N GLY A 290 58.42 7.89 -1.89
CA GLY A 290 58.39 9.04 -2.78
C GLY A 290 59.00 8.75 -4.14
N PHE A 291 60.02 7.92 -4.19
CA PHE A 291 60.56 7.45 -5.46
C PHE A 291 61.11 6.05 -5.27
N THR A 292 60.72 5.14 -6.16
CA THR A 292 61.14 3.76 -6.11
C THR A 292 61.57 3.33 -7.49
N VAL A 293 62.68 2.60 -7.57
CA VAL A 293 63.08 1.87 -8.77
C VAL A 293 63.20 0.42 -8.34
N MET A 294 62.34 -0.44 -8.88
CA MET A 294 62.21 -1.80 -8.36
CA MET A 294 62.21 -1.80 -8.37
C MET A 294 63.20 -2.76 -9.03
N ASN A 295 63.51 -3.83 -8.32
CA ASN A 295 64.17 -4.98 -8.89
C ASN A 295 63.14 -5.82 -9.64
N GLY A 296 63.60 -6.55 -10.66
CA GLY A 296 62.73 -7.36 -11.48
C GLY A 296 62.98 -8.85 -11.32
N VAL A 297 62.14 -9.62 -11.98
CA VAL A 297 62.21 -11.08 -11.97
C VAL A 297 62.81 -11.54 -13.30
N PRO A 298 63.89 -12.33 -13.29
CA PRO A 298 64.40 -12.85 -14.57
C PRO A 298 63.34 -13.68 -15.28
N ASN A 299 63.17 -13.42 -16.57
CA ASN A 299 62.14 -14.09 -17.37
C ASN A 299 60.78 -13.95 -16.69
N SER A 300 60.46 -12.72 -16.30
CA SER A 300 59.30 -12.48 -15.45
C SER A 300 58.02 -12.94 -16.14
N PRO A 301 57.11 -13.59 -15.43
CA PRO A 301 55.74 -13.74 -15.93
C PRO A 301 55.11 -12.38 -16.13
N ILE A 302 54.06 -12.36 -16.96
CA ILE A 302 53.51 -11.08 -17.42
C ILE A 302 52.93 -10.28 -16.27
N ASN A 303 52.51 -10.94 -15.19
CA ASN A 303 51.83 -10.27 -14.09
C ASN A 303 52.71 -10.15 -12.84
N ARG A 304 54.02 -10.29 -12.98
CA ARG A 304 54.93 -10.10 -11.84
C ARG A 304 55.71 -8.79 -11.98
N TYR A 305 57.03 -8.86 -12.07
CA TYR A 305 57.87 -7.67 -12.09
C TYR A 305 58.97 -7.84 -13.12
N HIS A 306 58.99 -6.96 -14.13
CA HIS A 306 59.99 -7.01 -15.18
C HIS A 306 61.13 -6.06 -14.86
N GLN A 307 62.35 -6.51 -15.14
CA GLN A 307 63.55 -5.75 -14.83
C GLN A 307 63.45 -4.33 -15.39
N VAL A 308 63.95 -3.37 -14.63
CA VAL A 308 64.04 -2.00 -15.08
C VAL A 308 65.20 -1.87 -16.06
N GLU A 309 64.89 -1.44 -17.29
CA GLU A 309 65.90 -1.24 -18.32
C GLU A 309 65.63 0.09 -19.01
N ASN A 310 66.69 0.83 -19.29
CA ASN A 310 66.58 2.08 -20.05
C ASN A 310 65.60 3.04 -19.38
N ALA A 311 65.70 3.16 -18.06
CA ALA A 311 64.97 4.20 -17.34
C ALA A 311 65.79 5.49 -17.38
N GLN A 312 65.13 6.59 -17.73
CA GLN A 312 65.78 7.89 -17.87
C GLN A 312 65.12 8.85 -16.89
N ILE A 313 65.78 9.06 -15.76
CA ILE A 313 65.25 9.83 -14.65
C ILE A 313 66.08 11.10 -14.55
N GLU A 314 65.58 12.20 -15.11
CA GLU A 314 66.37 13.40 -15.29
C GLU A 314 65.60 14.65 -14.86
N ASN A 315 66.31 15.57 -14.22
CA ASN A 315 65.78 16.91 -13.95
C ASN A 315 64.49 16.88 -13.13
N ASN A 316 64.53 16.13 -12.02
CA ASN A 316 63.44 16.11 -11.07
C ASN A 316 63.88 16.76 -9.77
N THR A 317 62.92 17.35 -9.06
CA THR A 317 63.17 18.01 -7.78
C THR A 317 62.49 17.21 -6.67
N PHE A 318 63.26 16.85 -5.65
CA PHE A 318 62.77 16.11 -4.49
C PHE A 318 63.03 16.96 -3.25
N ILE A 319 61.97 17.53 -2.69
CA ILE A 319 62.05 18.36 -1.49
C ILE A 319 61.42 17.59 -0.35
N ASN A 320 62.22 17.26 0.66
CA ASN A 320 61.73 16.56 1.85
C ASN A 320 60.93 15.32 1.47
N VAL A 321 61.46 14.56 0.52
CA VAL A 321 60.95 13.23 0.20
C VAL A 321 61.70 12.25 1.09
N GLU A 322 60.97 11.54 1.95
CA GLU A 322 61.60 10.81 3.04
C GLU A 322 62.26 9.51 2.60
N HIS A 323 61.82 8.91 1.50
CA HIS A 323 62.37 7.63 1.07
C HIS A 323 62.53 7.60 -0.44
N ILE A 324 63.77 7.42 -0.88
CA ILE A 324 64.11 7.10 -2.26
C ILE A 324 64.80 5.75 -2.22
N GLN A 325 64.25 4.78 -2.94
CA GLN A 325 64.71 3.40 -2.85
C GLN A 325 65.06 2.88 -4.25
N LEU A 326 66.25 2.32 -4.38
CA LEU A 326 66.76 1.80 -5.65
C LEU A 326 67.04 0.31 -5.51
N ALA A 327 66.71 -0.45 -6.55
CA ALA A 327 66.82 -1.90 -6.51
C ALA A 327 65.91 -2.47 -5.42
N ALA A 328 64.75 -1.85 -5.26
CA ALA A 328 63.84 -2.20 -4.17
C ALA A 328 63.16 -3.53 -4.42
N GLY A 329 62.78 -4.19 -3.33
CA GLY A 329 62.16 -5.50 -3.41
C GLY A 329 63.12 -6.63 -3.71
N SER A 330 64.42 -6.39 -3.60
CA SER A 330 65.40 -7.42 -3.91
C SER A 330 65.18 -8.64 -3.03
N ASP A 331 65.01 -9.80 -3.66
CA ASP A 331 64.90 -11.07 -2.94
C ASP A 331 65.25 -12.18 -3.93
N ALA A 332 65.01 -13.44 -3.52
CA ALA A 332 65.37 -14.56 -4.37
C ALA A 332 64.61 -14.54 -5.69
N GLU A 333 63.37 -14.06 -5.69
CA GLU A 333 62.60 -13.93 -6.92
C GLU A 333 63.04 -12.70 -7.70
N ARG A 334 62.95 -11.52 -7.08
CA ARG A 334 63.29 -10.26 -7.73
C ARG A 334 64.79 -10.03 -7.60
N SER A 335 65.55 -10.72 -8.46
CA SER A 335 67.00 -10.63 -8.47
C SER A 335 67.55 -9.81 -9.62
N ALA A 336 66.70 -9.34 -10.55
CA ALA A 336 67.15 -8.59 -11.71
C ALA A 336 67.24 -7.11 -11.33
N VAL A 337 68.47 -6.59 -11.29
CA VAL A 337 68.72 -5.23 -10.85
C VAL A 337 68.52 -4.27 -12.02
N PRO A 338 68.30 -2.97 -11.77
CA PRO A 338 68.16 -2.03 -12.88
C PRO A 338 69.43 -1.97 -13.71
N ILE A 339 69.26 -1.79 -15.02
CA ILE A 339 70.38 -1.77 -15.97
C ILE A 339 70.12 -0.71 -17.03
N ASP A 340 71.20 -0.27 -17.66
CA ASP A 340 71.14 0.64 -18.80
C ASP A 340 70.26 1.86 -18.50
N SER A 341 70.27 2.33 -17.27
CA SER A 341 69.47 3.46 -16.85
C SER A 341 70.36 4.59 -16.36
N VAL A 342 69.78 5.79 -16.27
CA VAL A 342 70.52 6.97 -15.83
C VAL A 342 69.66 7.80 -14.87
N MET A 343 70.34 8.42 -13.91
CA MET A 343 69.77 9.45 -13.04
C MET A 343 70.64 10.69 -13.18
N ASN A 344 70.08 11.75 -13.78
CA ASN A 344 70.83 12.96 -14.09
C ASN A 344 70.08 14.19 -13.63
N ASN A 345 70.84 15.21 -13.23
CA ASN A 345 70.32 16.56 -13.04
C ASN A 345 69.24 16.64 -11.96
N ASN A 346 69.18 15.68 -11.06
CA ASN A 346 68.16 15.67 -10.03
C ASN A 346 68.61 16.47 -8.82
N LEU A 347 67.65 17.14 -8.18
CA LEU A 347 67.89 17.92 -6.97
C LEU A 347 67.18 17.23 -5.82
N ILE A 348 67.95 16.82 -4.80
CA ILE A 348 67.42 16.08 -3.66
C ILE A 348 67.77 16.87 -2.41
N ILE A 349 66.79 17.59 -1.86
CA ILE A 349 66.98 18.42 -0.68
C ILE A 349 66.09 17.90 0.43
N ASN A 350 66.69 17.52 1.56
CA ASN A 350 65.98 17.07 2.74
C ASN A 350 66.35 18.03 3.87
N ASP A 351 65.44 18.95 4.21
CA ASP A 351 65.69 19.85 5.32
C ASP A 351 66.17 19.09 6.55
N SER A 352 65.66 17.87 6.75
CA SER A 352 66.16 16.98 7.78
C SER A 352 67.22 16.05 7.20
N GLN A 353 67.04 14.74 7.35
CA GLN A 353 68.03 13.75 6.94
C GLN A 353 67.37 12.38 6.93
N GLN A 354 67.14 11.79 5.75
CA GLN A 354 66.40 10.53 5.75
C GLN A 354 66.54 9.66 4.50
N SER A 355 66.46 10.25 3.31
CA SER A 355 66.13 9.48 2.13
C SER A 355 67.34 8.72 1.59
N PHE A 356 67.10 8.00 0.49
CA PHE A 356 68.10 7.29 -0.30
C PHE A 356 68.60 6.03 0.37
N THR A 357 68.28 4.88 -0.22
CA THR A 357 68.76 3.58 0.21
C THR A 357 68.80 2.66 -1.00
N ALA A 358 69.89 1.93 -1.14
CA ALA A 358 70.02 0.91 -2.17
C ALA A 358 69.84 -0.46 -1.54
N PHE A 359 69.13 -1.34 -2.24
CA PHE A 359 68.86 -2.69 -1.75
C PHE A 359 69.46 -3.77 -2.63
N ASP A 360 70.30 -3.39 -3.60
CA ASP A 360 71.01 -4.35 -4.43
C ASP A 360 72.03 -3.56 -5.26
N ASP A 361 72.73 -4.28 -6.12
CA ASP A 361 73.67 -3.64 -7.05
C ASP A 361 72.94 -2.60 -7.89
N ILE A 362 73.40 -1.34 -7.82
CA ILE A 362 72.83 -0.25 -8.60
C ILE A 362 73.86 0.33 -9.56
N SER A 363 74.91 -0.42 -9.89
CA SER A 363 75.88 0.04 -10.86
C SER A 363 75.30 0.11 -12.27
N GLY A 364 74.10 -0.44 -12.49
CA GLY A 364 73.39 -0.30 -13.73
C GLY A 364 72.66 1.01 -13.89
N ILE A 365 72.72 1.87 -12.89
CA ILE A 365 72.17 3.22 -12.94
C ILE A 365 73.35 4.19 -12.92
N LYS A 366 73.56 4.86 -14.04
CA LYS A 366 74.64 5.83 -14.15
C LYS A 366 74.16 7.19 -13.64
N PHE A 367 74.88 7.76 -12.69
CA PHE A 367 74.50 9.02 -12.06
C PHE A 367 75.36 10.15 -12.60
N SER A 368 74.72 11.29 -12.85
CA SER A 368 75.47 12.46 -13.33
C SER A 368 74.79 13.75 -12.90
N ASN A 369 75.59 14.67 -12.36
CA ASN A 369 75.14 16.03 -12.04
C ASN A 369 73.90 16.03 -11.14
N ASN A 370 73.86 15.11 -10.19
CA ASN A 370 72.84 15.14 -9.15
C ASN A 370 73.39 15.93 -7.97
N ILE A 371 72.52 16.74 -7.36
CA ILE A 371 72.90 17.63 -6.27
C ILE A 371 72.02 17.33 -5.07
N ALA A 372 72.64 17.19 -3.90
CA ALA A 372 71.93 16.93 -2.66
C ALA A 372 72.54 17.76 -1.54
N ASN A 373 71.73 18.06 -0.53
CA ASN A 373 72.22 18.79 0.64
C ASN A 373 72.67 17.88 1.76
N THR A 374 72.35 16.59 1.70
CA THR A 374 72.81 15.59 2.64
C THR A 374 73.88 14.72 1.99
N ALA A 375 74.46 13.82 2.79
CA ALA A 375 75.44 12.86 2.29
C ALA A 375 74.70 11.66 1.68
N VAL A 376 74.10 11.91 0.52
CA VAL A 376 73.23 10.94 -0.13
C VAL A 376 74.05 9.72 -0.58
N LEU A 377 74.85 9.89 -1.63
CA LEU A 377 75.58 8.78 -2.25
C LEU A 377 77.07 9.00 -2.11
N PRO A 378 77.72 8.42 -1.10
CA PRO A 378 79.18 8.57 -0.97
C PRO A 378 79.96 7.60 -1.83
N SER A 379 79.37 6.43 -2.13
CA SER A 379 80.03 5.47 -3.00
C SER A 379 79.91 5.88 -4.46
N LEU A 380 78.71 6.29 -4.90
CA LEU A 380 78.53 6.94 -6.19
C LEU A 380 79.00 8.40 -6.07
N SER A 381 80.28 8.54 -5.76
CA SER A 381 80.83 9.85 -5.39
C SER A 381 80.68 10.86 -6.51
N LYS A 382 81.10 10.49 -7.72
CA LYS A 382 81.19 11.45 -8.81
C LYS A 382 79.84 11.77 -9.44
N GLY A 383 78.79 11.00 -9.14
CA GLY A 383 77.50 11.24 -9.74
C GLY A 383 76.57 12.09 -8.89
N VAL A 384 76.88 12.20 -7.61
CA VAL A 384 76.05 12.95 -6.66
C VAL A 384 76.98 13.83 -5.84
N LYS A 385 76.70 15.13 -5.83
CA LYS A 385 77.50 16.13 -5.14
C LYS A 385 76.72 16.68 -3.95
N GLN A 386 77.36 16.69 -2.78
CA GLN A 386 76.76 17.31 -1.60
C GLN A 386 77.03 18.80 -1.62
N GLN A 387 75.97 19.58 -1.44
CA GLN A 387 76.06 21.03 -1.54
C GLN A 387 74.84 21.64 -0.85
N GLN A 388 75.06 22.70 -0.09
CA GLN A 388 73.97 23.39 0.59
C GLN A 388 73.25 24.28 -0.42
N VAL A 389 71.95 24.02 -0.61
CA VAL A 389 71.14 24.72 -1.59
C VAL A 389 70.06 25.47 -0.83
N LYS A 390 70.14 26.80 -0.84
CA LYS A 390 69.10 27.63 -0.24
C LYS A 390 67.98 27.83 -1.25
N LEU A 391 66.74 27.65 -0.80
CA LEU A 391 65.59 27.61 -1.68
C LEU A 391 64.66 28.79 -1.45
N LYS A 392 63.92 29.15 -2.49
CA LYS A 392 62.90 30.18 -2.45
C LYS A 392 61.66 29.62 -3.13
N ARG A 393 60.51 29.74 -2.48
CA ARG A 393 59.26 29.28 -3.09
C ARG A 393 58.71 30.40 -3.97
N ASN A 394 58.43 30.07 -5.22
CA ASN A 394 57.97 31.08 -6.17
C ASN A 394 56.46 31.28 -6.05
N LYS A 395 55.92 32.11 -6.94
CA LYS A 395 54.51 32.47 -6.86
C LYS A 395 53.62 31.29 -7.22
N ALA A 396 54.12 30.36 -8.03
CA ALA A 396 53.36 29.16 -8.36
C ALA A 396 53.32 28.17 -7.20
N GLY A 397 54.11 28.40 -6.15
CA GLY A 397 54.14 27.51 -4.99
C GLY A 397 55.28 26.52 -4.99
N LEU A 398 56.28 26.69 -5.85
CA LEU A 398 57.35 25.72 -6.01
C LEU A 398 58.66 26.28 -5.48
N LEU A 399 59.42 25.43 -4.79
CA LEU A 399 60.74 25.81 -4.30
C LEU A 399 61.78 25.64 -5.40
N TYR A 400 62.63 26.65 -5.58
CA TYR A 400 63.72 26.62 -6.52
C TYR A 400 64.98 27.13 -5.87
N PRO A 401 66.16 26.68 -6.32
CA PRO A 401 67.41 27.23 -5.79
C PRO A 401 67.49 28.73 -5.96
N VAL A 402 67.95 29.42 -4.91
CA VAL A 402 68.14 30.86 -5.00
C VAL A 402 69.34 31.17 -5.89
N SER A 403 70.38 30.35 -5.81
CA SER A 403 71.56 30.53 -6.64
C SER A 403 71.26 30.09 -8.07
N GLU A 404 71.66 30.92 -9.04
CA GLU A 404 71.43 30.60 -10.44
C GLU A 404 72.48 29.66 -11.01
N SER A 405 73.48 29.27 -10.22
CA SER A 405 74.51 28.34 -10.66
C SER A 405 74.23 26.90 -10.25
N VAL A 406 73.02 26.60 -9.81
CA VAL A 406 72.61 25.24 -9.43
C VAL A 406 71.85 24.67 -10.62
N PHE A 407 72.55 23.90 -11.46
CA PHE A 407 71.96 23.35 -12.68
C PHE A 407 71.45 21.93 -12.41
N ALA A 408 70.43 21.85 -11.57
CA ALA A 408 69.79 20.58 -11.25
C ALA A 408 68.35 20.84 -10.85
N GLY A 409 67.55 19.77 -10.87
CA GLY A 409 66.14 19.87 -10.55
C GLY A 409 65.29 20.16 -11.77
N ALA A 410 64.00 20.36 -11.52
CA ALA A 410 63.04 20.56 -12.59
C ALA A 410 63.26 21.91 -13.28
N LYS A 411 62.78 21.99 -14.52
CA LYS A 411 62.91 23.21 -15.31
C LYS A 411 62.35 24.41 -14.55
N ALA A 412 62.89 25.59 -14.87
CA ALA A 412 62.58 26.78 -14.08
C ALA A 412 61.14 27.23 -14.24
N ASP A 413 60.56 27.07 -15.44
CA ASP A 413 59.23 27.58 -15.73
C ASP A 413 58.14 26.55 -15.50
N LEU A 414 58.34 25.60 -14.61
CA LEU A 414 57.34 24.57 -14.36
C LEU A 414 56.05 25.20 -13.87
N THR A 415 54.95 24.87 -14.54
CA THR A 415 53.64 25.40 -14.19
C THR A 415 52.94 24.47 -13.20
N VAL A 416 51.99 25.04 -12.46
CA VAL A 416 51.24 24.32 -11.44
C VAL A 416 49.76 24.45 -11.75
N LEU A 417 49.12 23.32 -12.01
CA LEU A 417 47.67 23.30 -12.25
C LEU A 417 46.93 23.81 -11.01
N LYS A 418 45.91 24.63 -11.25
CA LYS A 418 45.05 25.15 -10.18
C LYS A 418 43.85 24.24 -10.00
N LYS A 419 43.54 23.92 -8.74
CA LYS A 419 42.39 23.09 -8.42
C LYS A 419 41.10 23.64 -9.04
N ALA A 420 40.98 24.97 -9.12
CA ALA A 420 39.78 25.60 -9.64
C ALA A 420 39.66 25.51 -11.15
N ASP A 421 40.68 25.05 -11.86
CA ASP A 421 40.63 24.84 -13.29
C ASP A 421 40.29 23.40 -13.66
N THR A 422 39.89 22.60 -12.68
CA THR A 422 39.46 21.22 -12.90
C THR A 422 38.02 21.07 -12.42
N GLY A 423 37.41 19.93 -12.74
CA GLY A 423 36.03 19.71 -12.37
C GLY A 423 35.10 20.68 -13.08
N VAL A 424 34.04 21.06 -12.36
CA VAL A 424 33.02 21.97 -12.87
C VAL A 424 32.80 23.08 -11.85
N SER A 425 32.47 24.28 -12.35
CA SER A 425 32.26 25.42 -11.47
C SER A 425 30.90 25.39 -10.76
N TRP A 426 29.97 24.55 -11.23
CA TRP A 426 28.62 24.52 -10.70
C TRP A 426 28.40 23.40 -9.69
N TYR A 427 29.46 22.70 -9.29
CA TYR A 427 29.37 21.68 -8.27
C TYR A 427 30.50 21.90 -7.27
N PRO A 428 30.22 21.94 -5.97
CA PRO A 428 31.28 22.29 -5.01
C PRO A 428 32.25 21.14 -4.78
N LYS A 429 33.49 21.53 -4.47
CA LYS A 429 34.53 20.61 -4.02
C LYS A 429 34.58 20.73 -2.51
N SER A 430 33.90 19.81 -1.83
CA SER A 430 33.63 19.91 -0.40
C SER A 430 34.56 18.99 0.40
N PRO A 431 34.67 19.22 1.72
CA PRO A 431 35.60 18.42 2.52
C PRO A 431 35.25 16.94 2.51
N ALA A 432 36.28 16.11 2.59
CA ALA A 432 36.08 14.67 2.56
C ALA A 432 35.24 14.19 3.73
N ILE A 433 35.37 14.86 4.89
CA ILE A 433 34.82 14.35 6.15
C ILE A 433 34.19 15.49 6.91
N VAL A 434 33.15 15.16 7.69
CA VAL A 434 32.59 16.08 8.67
C VAL A 434 33.43 15.98 9.94
N ALA A 435 33.91 17.13 10.42
CA ALA A 435 34.79 17.15 11.58
C ALA A 435 33.97 17.05 12.86
N PHE A 436 34.52 16.34 13.85
CA PHE A 436 33.92 16.31 15.16
C PHE A 436 33.84 17.71 15.75
N ASP A 437 32.75 17.98 16.47
CA ASP A 437 32.59 19.22 17.22
C ASP A 437 32.58 20.45 16.32
N SER A 438 32.32 20.27 15.02
CA SER A 438 32.29 21.39 14.09
C SER A 438 30.93 22.05 14.03
N GLY A 439 29.92 21.51 14.71
CA GLY A 439 28.58 22.06 14.66
C GLY A 439 28.16 22.71 15.96
N LYS A 440 26.86 22.66 16.25
CA LYS A 440 26.30 23.30 17.44
C LYS A 440 26.22 22.31 18.60
N THR A 441 26.16 22.86 19.80
CA THR A 441 26.08 22.07 21.02
C THR A 441 24.66 22.14 21.55
N HIS A 442 24.07 20.97 21.82
CA HIS A 442 22.72 20.85 22.34
C HIS A 442 22.78 20.30 23.75
N ARG A 443 22.19 21.01 24.70
CA ARG A 443 22.08 20.50 26.07
C ARG A 443 20.94 19.49 26.12
N VAL A 444 21.20 18.35 26.77
CA VAL A 444 20.26 17.23 26.81
C VAL A 444 19.73 17.10 28.23
N GLU A 445 18.42 16.92 28.35
CA GLU A 445 17.79 16.71 29.65
C GLU A 445 18.09 15.31 30.16
N ASN A 446 18.02 15.15 31.48
CA ASN A 446 18.30 13.88 32.15
C ASN A 446 17.16 12.90 31.87
N SER A 447 17.20 12.30 30.68
CA SER A 447 16.17 11.38 30.25
C SER A 447 16.63 10.70 28.97
N ALA A 448 16.27 9.42 28.83
CA ALA A 448 16.56 8.70 27.59
C ALA A 448 15.73 9.22 26.42
N LYS A 449 14.48 9.61 26.69
CA LYS A 449 13.62 10.12 25.64
C LYS A 449 14.20 11.39 25.01
N ASP A 450 14.58 12.36 25.85
CA ASP A 450 15.16 13.58 25.33
C ASP A 450 16.50 13.32 24.65
N LEU A 451 17.27 12.35 25.15
CA LEU A 451 18.52 12.00 24.49
C LEU A 451 18.28 11.49 23.08
N LEU A 452 17.36 10.54 22.93
CA LEU A 452 17.05 10.02 21.60
C LEU A 452 16.50 11.12 20.70
N LEU A 453 15.69 12.02 21.25
CA LEU A 453 15.14 13.11 20.45
C LEU A 453 16.26 14.02 19.93
N LYS A 454 17.13 14.48 20.84
CA LYS A 454 18.23 15.34 20.42
C LYS A 454 19.12 14.65 19.41
N ILE A 455 19.35 13.34 19.57
CA ILE A 455 20.11 12.60 18.56
C ILE A 455 19.42 12.67 17.22
N GLU A 456 18.12 12.38 17.20
CA GLU A 456 17.38 12.39 15.94
C GLU A 456 17.43 13.75 15.26
N GLN A 457 17.35 14.82 16.04
CA GLN A 457 17.27 16.16 15.47
C GLN A 457 18.62 16.83 15.27
N ALA A 458 19.70 16.28 15.82
CA ALA A 458 21.01 16.89 15.66
C ALA A 458 21.48 16.77 14.22
N HIS A 459 22.35 17.70 13.82
CA HIS A 459 23.00 17.68 12.52
C HIS A 459 24.39 17.08 12.64
N SER A 460 24.93 16.64 11.51
CA SER A 460 26.25 16.04 11.47
C SER A 460 27.30 17.04 11.91
N GLY A 461 28.10 16.67 12.90
CA GLY A 461 29.09 17.55 13.48
C GLY A 461 28.68 18.17 14.80
N ASP A 462 27.45 17.96 15.24
CA ASP A 462 26.96 18.57 16.47
C ASP A 462 27.51 17.85 17.70
N VAL A 463 27.31 18.49 18.85
CA VAL A 463 27.73 17.95 20.14
C VAL A 463 26.51 17.91 21.06
N LEU A 464 26.34 16.80 21.76
CA LEU A 464 25.28 16.65 22.75
C LEU A 464 25.91 16.67 24.14
N GLU A 465 25.61 17.70 24.91
CA GLU A 465 26.10 17.85 26.28
C GLU A 465 25.04 17.33 27.22
N LEU A 466 25.31 16.18 27.84
CA LEU A 466 24.31 15.50 28.66
C LEU A 466 24.35 16.03 30.09
N SER A 467 23.18 16.33 30.63
CA SER A 467 23.09 16.76 32.02
C SER A 467 23.27 15.56 32.96
N ALA A 468 23.54 15.87 34.22
CA ALA A 468 23.88 14.83 35.19
C ALA A 468 22.69 13.91 35.44
N GLY A 469 22.96 12.62 35.55
CA GLY A 469 21.97 11.65 35.93
C GLY A 469 22.11 10.37 35.13
N ASP A 470 21.05 9.56 35.18
CA ASP A 470 21.00 8.25 34.55
C ASP A 470 20.29 8.35 33.20
N TYR A 471 20.72 7.47 32.28
CA TYR A 471 20.12 7.35 30.95
C TYR A 471 19.99 5.86 30.68
N ASP A 472 18.80 5.32 30.92
CA ASP A 472 18.54 3.88 30.79
C ASP A 472 17.86 3.64 29.45
N LEU A 473 18.66 3.43 28.41
CA LEU A 473 18.13 3.18 27.08
C LEU A 473 17.43 1.83 27.03
N ALA A 474 16.26 1.82 26.40
CA ALA A 474 15.55 0.58 26.08
C ALA A 474 15.68 0.21 24.61
N LYS A 475 16.29 1.07 23.79
CA LYS A 475 16.39 0.85 22.36
C LYS A 475 17.84 0.99 21.91
N LEU A 476 18.10 0.50 20.69
CA LEU A 476 19.40 0.66 20.07
C LEU A 476 19.54 2.08 19.54
N VAL A 477 20.67 2.72 19.82
CA VAL A 477 20.93 4.08 19.36
C VAL A 477 21.72 4.00 18.06
N VAL A 478 21.09 4.37 16.96
CA VAL A 478 21.73 4.39 15.65
C VAL A 478 22.45 5.72 15.47
N ILE A 479 23.69 5.64 14.96
CA ILE A 479 24.52 6.80 14.67
C ILE A 479 24.76 6.77 13.17
N ASP A 480 24.04 7.62 12.42
CA ASP A 480 24.23 7.73 10.98
C ASP A 480 24.73 9.13 10.59
N LYS A 481 25.33 9.84 11.52
CA LYS A 481 25.96 11.12 11.25
C LYS A 481 27.12 11.30 12.22
N THR A 482 27.94 12.32 11.99
CA THR A 482 29.05 12.62 12.89
C THR A 482 28.50 13.30 14.14
N LEU A 483 28.66 12.65 15.30
CA LEU A 483 28.11 13.14 16.55
C LEU A 483 29.11 12.94 17.69
N SER A 484 29.11 13.89 18.61
CA SER A 484 29.89 13.82 19.84
C SER A 484 28.96 13.82 21.03
N PHE A 485 29.27 12.99 22.03
CA PHE A 485 28.53 12.93 23.28
C PHE A 485 29.49 13.30 24.41
N LYS A 486 29.12 14.32 25.19
CA LYS A 486 29.98 14.83 26.24
C LYS A 486 29.16 15.06 27.49
N ALA A 487 29.74 14.74 28.64
CA ALA A 487 29.08 14.97 29.92
C ALA A 487 29.22 16.44 30.30
N ALA A 488 28.12 17.04 30.75
CA ALA A 488 28.20 18.38 31.32
C ALA A 488 29.31 18.45 32.38
N GLN A 489 29.43 17.41 33.19
CA GLN A 489 30.53 17.29 34.15
C GLN A 489 30.99 15.84 34.18
N ASP A 490 32.30 15.64 34.05
CA ASP A 490 32.85 14.28 34.03
C ASP A 490 32.35 13.47 35.21
N GLY A 491 32.06 12.19 34.96
CA GLY A 491 31.66 11.26 35.99
C GLY A 491 30.27 11.43 36.54
N ALA A 492 29.50 12.41 36.05
CA ALA A 492 28.15 12.67 36.55
C ALA A 492 27.06 12.08 35.67
N VAL A 493 27.41 11.41 34.58
CA VAL A 493 26.45 10.87 33.63
C VAL A 493 26.64 9.36 33.56
N ASN A 494 25.56 8.62 33.82
CA ASN A 494 25.58 7.17 33.74
C ASN A 494 24.65 6.70 32.62
N LEU A 495 25.11 5.73 31.84
CA LEU A 495 24.32 5.17 30.75
C LEU A 495 24.21 3.66 30.93
N THR A 496 22.99 3.14 30.75
CA THR A 496 22.76 1.71 30.66
C THR A 496 21.91 1.44 29.44
N PHE A 497 21.87 0.17 29.01
CA PHE A 497 21.14 -0.18 27.80
C PHE A 497 20.62 -1.60 27.90
N GLU A 498 19.41 -1.81 27.37
CA GLU A 498 18.74 -3.10 27.47
C GLU A 498 18.88 -3.95 26.22
N ARG A 499 19.13 -3.35 25.06
CA ARG A 499 19.31 -4.13 23.85
C ARG A 499 20.72 -4.73 23.83
N SER A 500 20.96 -5.60 22.85
CA SER A 500 22.25 -6.25 22.73
C SER A 500 23.38 -5.27 22.47
N SER A 501 23.08 -4.00 22.23
CA SER A 501 24.12 -3.00 22.05
C SER A 501 23.54 -1.63 22.36
N LEU A 502 24.42 -0.70 22.67
CA LEU A 502 24.04 0.68 22.96
C LEU A 502 24.13 1.56 21.72
N PHE A 503 25.26 1.53 21.02
CA PHE A 503 25.47 2.31 19.82
C PHE A 503 25.70 1.39 18.63
N GLU A 504 25.02 1.68 17.52
CA GLU A 504 25.26 1.03 16.24
C GLU A 504 25.59 2.09 15.21
N ILE A 505 26.79 2.04 14.65
CA ILE A 505 27.27 3.03 13.70
C ILE A 505 26.91 2.55 12.29
N HIS A 506 26.15 3.38 11.58
CA HIS A 506 25.76 3.13 10.20
C HIS A 506 26.55 4.06 9.27
N ASP A 507 26.32 3.90 7.96
CA ASP A 507 26.96 4.75 6.97
C ASP A 507 26.70 6.21 7.27
N GLY A 508 27.76 7.02 7.21
CA GLY A 508 27.70 8.41 7.58
C GLY A 508 27.96 8.65 9.06
N GLY A 509 27.89 7.62 9.88
CA GLY A 509 28.06 7.80 11.32
C GLY A 509 29.52 7.87 11.72
N SER A 510 29.79 8.72 12.70
CA SER A 510 31.07 8.76 13.41
C SER A 510 30.75 9.23 14.82
N LEU A 511 31.46 8.66 15.80
CA LEU A 511 31.04 8.77 17.20
C LEU A 511 32.21 9.20 18.07
N LYS A 512 31.97 10.21 18.90
CA LYS A 512 32.93 10.70 19.89
C LYS A 512 32.24 10.73 21.24
N LEU A 513 32.88 10.13 22.25
CA LEU A 513 32.34 10.02 23.59
C LEU A 513 33.33 10.59 24.59
N GLU A 514 32.82 11.34 25.57
CA GLU A 514 33.68 11.99 26.55
C GLU A 514 32.99 12.02 27.91
N GLY A 515 33.74 11.65 28.95
CA GLY A 515 33.31 11.87 30.32
C GLY A 515 32.13 11.06 30.77
N LEU A 516 31.84 9.95 30.12
CA LEU A 516 30.64 9.16 30.44
C LEU A 516 31.01 7.93 31.26
N VAL A 517 30.02 7.43 31.99
CA VAL A 517 30.07 6.13 32.64
C VAL A 517 29.02 5.25 31.96
N ILE A 518 29.45 4.11 31.43
CA ILE A 518 28.58 3.19 30.71
C ILE A 518 28.66 1.82 31.37
N SER A 519 27.50 1.26 31.68
CA SER A 519 27.41 -0.02 32.40
C SER A 519 26.53 -0.98 31.63
N GLY A 520 26.90 -2.25 31.65
CA GLY A 520 26.09 -3.28 31.02
C GLY A 520 25.18 -4.00 31.99
N LYS A 521 24.91 -3.36 33.13
CA LYS A 521 24.17 -4.04 34.20
C LYS A 521 22.71 -4.30 33.83
N ASN A 522 22.19 -3.63 32.80
CA ASN A 522 20.84 -3.87 32.33
C ASN A 522 20.81 -4.53 30.95
N SER A 523 21.96 -4.94 30.44
CA SER A 523 22.03 -5.54 29.12
C SER A 523 21.48 -6.96 29.15
N PRO A 524 21.12 -7.51 27.98
CA PRO A 524 20.51 -8.84 27.95
C PRO A 524 21.42 -9.90 28.58
N ASP A 525 20.80 -10.87 29.23
CA ASP A 525 21.52 -12.01 29.80
C ASP A 525 21.76 -13.04 28.70
N SER A 526 22.59 -12.64 27.74
CA SER A 526 22.91 -13.49 26.61
C SER A 526 24.33 -13.18 26.15
N ALA A 527 24.94 -14.15 25.48
CA ALA A 527 26.25 -13.93 24.88
C ALA A 527 26.13 -13.00 23.68
N GLY A 528 27.24 -12.36 23.33
CA GLY A 528 27.31 -11.53 22.15
C GLY A 528 26.90 -10.09 22.33
N ASN A 529 26.85 -9.59 23.56
CA ASN A 529 26.56 -8.17 23.77
C ASN A 529 27.79 -7.33 23.43
N SER A 530 27.53 -6.07 23.10
CA SER A 530 28.59 -5.08 22.89
C SER A 530 28.07 -3.72 23.30
N VAL A 531 28.99 -2.82 23.62
CA VAL A 531 28.59 -1.44 23.90
C VAL A 531 28.46 -0.66 22.61
N ILE A 532 29.41 -0.83 21.68
CA ILE A 532 29.40 -0.15 20.40
C ILE A 532 29.65 -1.20 19.33
N ARG A 533 28.96 -1.06 18.20
CA ARG A 533 29.23 -1.93 17.06
C ARG A 533 28.89 -1.16 15.79
N THR A 534 29.38 -1.68 14.66
CA THR A 534 28.95 -1.17 13.37
C THR A 534 27.76 -1.99 12.89
N LYS A 535 27.18 -1.57 11.76
CA LYS A 535 26.24 -2.43 11.06
C LYS A 535 26.91 -3.78 10.84
N LYS A 536 26.21 -4.86 11.22
CA LYS A 536 26.83 -6.18 11.17
C LYS A 536 27.30 -6.52 9.76
N TRP A 537 26.56 -6.07 8.75
CA TRP A 537 26.89 -6.36 7.36
C TRP A 537 26.49 -5.17 6.50
N GLY A 538 27.20 -5.00 5.39
CA GLY A 538 26.82 -4.00 4.41
C GLY A 538 27.32 -2.60 4.66
N MET A 539 28.23 -2.40 5.61
CA MET A 539 28.85 -1.09 5.78
C MET A 539 29.52 -0.66 4.48
N VAL A 540 29.41 0.63 4.17
CA VAL A 540 30.03 1.20 2.97
C VAL A 540 30.99 2.33 3.32
N GLU A 541 30.63 3.19 4.27
CA GLU A 541 31.42 4.37 4.59
C GLU A 541 32.35 4.08 5.76
N ASN A 542 33.62 4.47 5.62
CA ASN A 542 34.54 4.44 6.75
C ASN A 542 34.02 5.34 7.87
N TYR A 543 34.29 4.93 9.10
CA TYR A 543 33.77 5.62 10.28
C TYR A 543 34.91 5.91 11.25
N ARG A 544 34.64 6.80 12.20
CA ARG A 544 35.58 7.14 13.26
C ARG A 544 34.94 6.90 14.61
N LEU A 545 35.73 6.36 15.54
CA LEU A 545 35.31 6.16 16.92
C LEU A 545 36.37 6.75 17.83
N ILE A 546 35.97 7.70 18.68
CA ILE A 546 36.86 8.32 19.65
C ILE A 546 36.18 8.27 21.00
N MET A 547 36.94 7.87 22.03
CA MET A 547 36.41 7.84 23.38
C MET A 547 37.49 8.30 24.34
N GLU A 548 37.16 9.29 25.18
CA GLU A 548 38.10 9.90 26.09
C GLU A 548 37.47 10.05 27.46
N ARG A 549 38.24 9.74 28.50
CA ARG A 549 37.84 9.99 29.88
C ARG A 549 36.47 9.37 30.17
N CYS A 550 36.25 8.17 29.65
CA CYS A 550 35.05 7.40 29.93
C CYS A 550 35.39 6.21 30.82
N GLN A 551 34.37 5.70 31.51
CA GLN A 551 34.49 4.53 32.36
C GLN A 551 33.48 3.48 31.91
N LEU A 552 33.97 2.30 31.56
CA LEU A 552 33.12 1.20 31.15
C LEU A 552 33.24 0.08 32.18
N ILE A 553 32.11 -0.31 32.74
CA ILE A 553 32.08 -1.20 33.89
C ILE A 553 30.97 -2.22 33.72
N ASP A 554 31.13 -3.35 34.41
CA ASP A 554 30.08 -4.37 34.51
C ASP A 554 29.60 -4.81 33.12
N LEU A 555 30.56 -5.10 32.25
CA LEU A 555 30.28 -5.74 30.97
C LEU A 555 30.44 -7.26 31.11
N ASP A 556 29.70 -7.82 32.08
CA ASP A 556 29.95 -9.21 32.45
C ASP A 556 28.71 -9.98 32.88
N ILE A 557 27.50 -9.53 32.51
CA ILE A 557 26.32 -10.32 32.85
C ILE A 557 26.35 -11.67 32.15
N ASN A 558 27.08 -11.77 31.03
CA ASN A 558 27.25 -13.03 30.33
C ASN A 558 28.60 -12.99 29.64
N HIS A 559 28.96 -14.11 28.99
CA HIS A 559 30.24 -14.18 28.32
C HIS A 559 30.17 -13.53 26.95
N THR A 560 31.35 -13.24 26.40
CA THR A 560 31.47 -12.63 25.07
C THR A 560 30.79 -11.26 25.04
N PHE A 561 30.94 -10.50 26.13
CA PHE A 561 30.46 -9.13 26.22
C PHE A 561 31.63 -8.22 25.85
N ASP A 562 31.68 -7.81 24.59
CA ASP A 562 32.74 -6.96 24.09
C ASP A 562 32.41 -5.49 24.32
N PHE A 563 33.44 -4.64 24.20
CA PHE A 563 33.19 -3.21 24.17
C PHE A 563 32.85 -2.75 22.76
N PHE A 564 33.69 -3.09 21.78
CA PHE A 564 33.47 -2.75 20.39
C PHE A 564 33.62 -3.99 19.52
N LYS A 565 32.72 -4.13 18.56
CA LYS A 565 32.71 -5.29 17.66
C LYS A 565 32.49 -4.80 16.24
N THR A 566 33.40 -5.15 15.33
CA THR A 566 33.27 -4.74 13.94
C THR A 566 32.28 -5.63 13.21
N GLY A 567 31.53 -5.02 12.29
CA GLY A 567 30.76 -5.79 11.35
C GLY A 567 31.62 -6.29 10.20
N LYS A 568 31.07 -7.25 9.46
CA LYS A 568 31.78 -7.80 8.32
C LYS A 568 32.00 -6.72 7.26
N GLY A 569 33.25 -6.55 6.85
CA GLY A 569 33.60 -5.58 5.82
C GLY A 569 33.77 -4.17 6.31
N ALA A 570 33.34 -3.85 7.54
CA ALA A 570 33.45 -2.49 8.03
C ALA A 570 34.92 -2.09 8.13
N LEU A 571 35.16 -0.78 8.06
CA LEU A 571 36.51 -0.23 8.13
C LEU A 571 36.47 1.09 8.89
N ALA A 572 37.25 1.19 9.96
CA ALA A 572 37.41 2.43 10.69
C ALA A 572 38.60 3.21 10.14
N ASP A 573 38.37 4.48 9.80
CA ASP A 573 39.49 5.38 9.57
C ASP A 573 40.39 5.46 10.80
N GLU A 574 39.79 5.52 11.98
CA GLU A 574 40.54 5.51 13.22
C GLU A 574 39.66 5.08 14.37
N ILE A 575 40.23 4.32 15.29
CA ILE A 575 39.64 4.04 16.59
C ILE A 575 40.64 4.55 17.63
N THR A 576 40.21 5.51 18.45
CA THR A 576 41.08 6.20 19.39
C THR A 576 40.45 6.15 20.78
N LEU A 577 41.14 5.51 21.71
CA LEU A 577 40.69 5.40 23.10
C LEU A 577 41.76 6.03 23.97
N ILE A 578 41.48 7.19 24.54
CA ILE A 578 42.44 7.93 25.36
C ILE A 578 41.90 8.04 26.78
N ASN A 579 42.72 7.63 27.74
CA ASN A 579 42.48 7.89 29.16
C ASN A 579 41.09 7.43 29.59
N ASN A 580 40.82 6.15 29.36
CA ASN A 580 39.57 5.52 29.77
C ASN A 580 39.85 4.45 30.81
N GLN A 581 38.78 4.01 31.47
CA GLN A 581 38.81 2.95 32.47
C GLN A 581 37.88 1.84 32.03
N PHE A 582 38.42 0.62 31.92
CA PHE A 582 37.64 -0.57 31.59
C PHE A 582 37.75 -1.55 32.74
N SER A 583 36.62 -2.05 33.21
CA SER A 583 36.59 -2.92 34.39
C SER A 583 35.53 -3.99 34.22
N GLN A 584 35.93 -5.25 34.41
CA GLN A 584 35.01 -6.38 34.45
C GLN A 584 34.33 -6.57 33.09
N VAL A 585 35.13 -7.05 32.14
CA VAL A 585 34.67 -7.32 30.78
C VAL A 585 34.94 -8.79 30.47
N THR A 586 33.91 -9.49 29.99
CA THR A 586 34.04 -10.90 29.66
C THR A 586 34.54 -11.15 28.25
N GLY A 587 34.33 -10.21 27.34
CA GLY A 587 34.78 -10.31 25.97
C GLY A 587 36.03 -9.50 25.70
N ASP A 588 36.19 -9.10 24.45
CA ASP A 588 37.33 -8.30 24.04
C ASP A 588 36.98 -6.81 24.10
N ILE A 589 38.01 -5.97 24.02
CA ILE A 589 37.78 -4.52 23.93
C ILE A 589 37.57 -4.10 22.49
N LEU A 590 38.47 -4.48 21.58
CA LEU A 590 38.38 -4.12 20.16
C LEU A 590 38.47 -5.38 19.31
N ARG A 591 37.33 -5.83 18.80
CA ARG A 591 37.26 -7.02 17.96
C ARG A 591 37.27 -6.58 16.49
N LEU A 592 38.47 -6.55 15.90
CA LEU A 592 38.67 -6.14 14.52
C LEU A 592 39.27 -7.31 13.73
N ASP A 593 38.52 -8.42 13.65
CA ASP A 593 39.06 -9.68 13.16
C ASP A 593 38.03 -10.45 12.34
N SER A 594 37.16 -9.75 11.61
CA SER A 594 36.09 -10.42 10.87
C SER A 594 36.53 -10.92 9.50
N GLU A 595 37.64 -10.42 8.96
CA GLU A 595 38.02 -10.69 7.58
C GLU A 595 38.87 -11.97 7.53
N ILE A 596 38.16 -13.11 7.63
CA ILE A 596 38.83 -14.41 7.69
C ILE A 596 39.13 -15.00 6.32
N GLU A 597 38.67 -14.38 5.23
CA GLU A 597 38.92 -14.92 3.90
C GLU A 597 40.37 -14.81 3.47
N ASN A 598 41.19 -14.04 4.19
CA ASN A 598 42.61 -13.87 3.86
C ASN A 598 42.78 -13.34 2.44
N LEU A 599 42.01 -12.30 2.12
CA LEU A 599 42.13 -11.60 0.85
C LEU A 599 42.86 -10.27 0.97
N GLY A 600 43.36 -9.94 2.17
CA GLY A 600 43.98 -8.67 2.41
C GLY A 600 43.05 -7.61 2.96
N VAL A 601 41.83 -7.97 3.32
CA VAL A 601 40.85 -7.03 3.86
C VAL A 601 41.05 -6.93 5.36
N TYR A 602 40.91 -5.72 5.91
CA TYR A 602 41.02 -5.51 7.34
C TYR A 602 39.99 -4.47 7.78
N ASN A 603 39.85 -4.32 9.10
CA ASN A 603 38.72 -3.62 9.69
C ASN A 603 39.07 -2.27 10.30
N ALA A 604 40.35 -1.89 10.35
CA ALA A 604 40.72 -0.62 10.93
C ALA A 604 42.06 -0.16 10.36
N GLU A 605 42.11 1.11 9.96
CA GLU A 605 43.36 1.67 9.43
C GLU A 605 44.28 2.14 10.55
N TYR A 606 43.75 2.92 11.50
CA TYR A 606 44.51 3.40 12.64
C TYR A 606 43.80 3.01 13.93
N VAL A 607 44.56 2.40 14.85
CA VAL A 607 44.06 2.04 16.17
C VAL A 607 45.03 2.62 17.19
N THR A 608 44.51 3.44 18.11
CA THR A 608 45.34 4.17 19.05
C THR A 608 44.73 4.05 20.45
N LEU A 609 45.49 3.50 21.38
CA LEU A 609 45.08 3.34 22.77
C LEU A 609 46.17 3.93 23.65
N THR A 610 45.86 5.00 24.37
CA THR A 610 46.85 5.66 25.22
C THR A 610 46.23 6.04 26.55
N ASN A 611 47.02 5.90 27.62
CA ASN A 611 46.68 6.38 28.96
C ASN A 611 45.47 5.68 29.55
N ASN A 612 45.10 4.50 29.04
CA ASN A 612 43.95 3.78 29.54
C ASN A 612 44.34 2.84 30.68
N HIS A 613 43.33 2.40 31.43
CA HIS A 613 43.48 1.38 32.45
C HIS A 613 42.52 0.25 32.16
N PHE A 614 43.03 -0.99 32.14
CA PHE A 614 42.22 -2.18 31.87
C PHE A 614 42.35 -3.12 33.06
N ASP A 615 41.21 -3.50 33.63
CA ASP A 615 41.17 -4.28 34.87
C ASP A 615 40.17 -5.40 34.71
N ASN A 616 40.66 -6.64 34.72
CA ASN A 616 39.81 -7.83 34.66
C ASN A 616 39.01 -7.87 33.36
N VAL A 617 39.75 -7.95 32.26
CA VAL A 617 39.19 -8.14 30.93
C VAL A 617 39.54 -9.57 30.51
N SER A 618 38.53 -10.42 30.39
CA SER A 618 38.80 -11.81 30.06
C SER A 618 39.36 -11.96 28.65
N GLY A 619 38.93 -11.11 27.72
CA GLY A 619 39.41 -11.14 26.36
C GLY A 619 40.64 -10.27 26.19
N ALA A 620 40.95 -9.98 24.93
CA ALA A 620 42.13 -9.19 24.58
C ALA A 620 41.76 -7.72 24.44
N LEU A 621 42.77 -6.87 24.61
CA LEU A 621 42.59 -5.46 24.29
C LEU A 621 42.18 -5.27 22.84
N VAL A 622 42.80 -6.03 21.95
CA VAL A 622 42.56 -5.87 20.51
C VAL A 622 42.86 -7.20 19.82
N LYS A 623 41.95 -7.59 18.93
CA LYS A 623 42.17 -8.68 17.99
C LYS A 623 42.12 -8.05 16.61
N LEU A 624 43.28 -7.76 16.05
CA LEU A 624 43.41 -7.00 14.81
C LEU A 624 43.99 -7.93 13.73
N TYR A 625 43.18 -8.24 12.72
CA TYR A 625 43.53 -9.30 11.77
C TYR A 625 43.51 -8.80 10.34
N ARG A 626 44.61 -9.05 9.61
CA ARG A 626 44.69 -8.87 8.17
C ARG A 626 45.37 -10.10 7.58
N GLY A 627 44.60 -10.96 6.92
CA GLY A 627 45.11 -12.21 6.41
C GLY A 627 45.44 -12.19 4.93
N GLY A 628 46.31 -13.11 4.53
CA GLY A 628 46.67 -13.28 3.14
C GLY A 628 48.07 -12.78 2.83
N THR A 629 48.31 -12.57 1.54
CA THR A 629 49.62 -12.14 1.04
C THR A 629 49.52 -10.89 0.19
N ASP A 630 48.46 -10.10 0.35
CA ASP A 630 48.33 -8.85 -0.40
C ASP A 630 49.26 -7.79 0.18
N GLU A 631 49.81 -6.98 -0.71
CA GLU A 631 50.70 -5.87 -0.34
C GLU A 631 50.28 -4.59 -1.03
N SER A 632 48.98 -4.31 -1.06
CA SER A 632 48.43 -3.15 -1.75
C SER A 632 47.98 -2.05 -0.81
N THR A 633 48.10 -2.24 0.51
CA THR A 633 47.51 -1.34 1.49
C THR A 633 48.58 -0.83 2.45
N PHE A 634 48.17 0.11 3.30
CA PHE A 634 49.07 0.75 4.25
C PHE A 634 48.94 0.23 5.68
N GLY A 635 47.74 -0.19 6.08
CA GLY A 635 47.50 -0.57 7.45
C GLY A 635 47.13 -2.03 7.60
N PRO A 636 46.64 -2.43 8.79
CA PRO A 636 46.37 -1.58 9.95
C PRO A 636 47.60 -0.96 10.62
N HIS A 637 47.35 0.10 11.40
CA HIS A 637 48.34 0.69 12.28
C HIS A 637 47.85 0.57 13.71
N PHE A 638 48.75 0.21 14.62
CA PHE A 638 48.40 0.02 16.02
C PHE A 638 49.40 0.73 16.91
N LEU A 639 48.88 1.52 17.85
CA LEU A 639 49.70 2.22 18.84
C LEU A 639 49.13 1.94 20.22
N LEU A 640 49.98 1.48 21.13
CA LEU A 640 49.60 1.18 22.51
C LEU A 640 50.65 1.77 23.41
N LYS A 641 50.33 2.89 24.07
CA LYS A 641 51.33 3.65 24.79
C LYS A 641 50.78 4.12 26.13
N ASN A 642 51.55 3.90 27.20
CA ASN A 642 51.23 4.40 28.53
C ASN A 642 49.89 3.87 29.05
N ASN A 643 49.65 2.57 28.83
CA ASN A 643 48.46 1.90 29.33
C ASN A 643 48.83 0.95 30.46
N THR A 644 47.84 0.63 31.29
CA THR A 644 47.99 -0.32 32.39
C THR A 644 47.02 -1.47 32.20
N LEU A 645 47.55 -2.70 32.24
CA LEU A 645 46.76 -3.91 32.08
C LEU A 645 46.89 -4.75 33.34
N ASN A 646 45.74 -5.09 33.95
CA ASN A 646 45.71 -6.00 35.09
C ASN A 646 44.68 -7.08 34.80
N SER A 647 45.14 -8.33 34.70
CA SER A 647 44.28 -9.47 34.42
C SER A 647 43.52 -9.27 33.11
N VAL A 648 44.28 -9.21 32.02
CA VAL A 648 43.74 -9.03 30.67
C VAL A 648 44.12 -10.24 29.83
N GLY A 649 43.13 -10.90 29.25
CA GLY A 649 43.35 -11.87 28.20
C GLY A 649 43.44 -13.32 28.62
N LEU A 650 43.28 -13.63 29.90
CA LEU A 650 43.37 -15.02 30.35
C LEU A 650 42.06 -15.78 30.21
N GLY A 651 41.02 -15.16 29.67
CA GLY A 651 39.74 -15.83 29.51
C GLY A 651 39.85 -17.14 28.78
N LYS A 652 39.11 -18.16 29.25
CA LYS A 652 39.13 -19.46 28.61
C LYS A 652 38.69 -19.38 27.15
N ARG A 653 37.87 -18.39 26.80
CA ARG A 653 37.32 -18.29 25.46
C ARG A 653 38.20 -17.45 24.52
N ASN A 654 39.28 -16.86 25.01
CA ASN A 654 40.19 -16.08 24.18
C ASN A 654 41.14 -17.02 23.47
N LYS A 655 40.75 -17.46 22.27
CA LYS A 655 41.55 -18.44 21.54
C LYS A 655 42.91 -17.90 21.14
N THR A 656 43.11 -16.58 21.19
CA THR A 656 44.42 -16.01 20.86
C THR A 656 45.43 -16.20 21.99
N ASN A 657 44.97 -16.42 23.22
CA ASN A 657 45.84 -16.52 24.38
C ASN A 657 46.71 -15.27 24.53
N ALA A 658 46.17 -14.12 24.13
CA ALA A 658 46.93 -12.88 24.09
C ALA A 658 46.09 -11.74 24.64
N SER A 659 46.76 -10.82 25.34
CA SER A 659 46.14 -9.54 25.67
C SER A 659 46.15 -8.59 24.48
N VAL A 660 47.07 -8.80 23.53
CA VAL A 660 47.20 -7.99 22.33
C VAL A 660 47.55 -8.93 21.18
N TYR A 661 46.67 -9.03 20.19
CA TYR A 661 46.83 -9.96 19.08
C TYR A 661 46.87 -9.18 17.77
N LEU A 662 48.01 -9.25 17.07
CA LEU A 662 48.25 -8.46 15.87
C LEU A 662 48.71 -9.38 14.75
N HIS A 663 47.84 -9.63 13.78
CA HIS A 663 48.12 -10.51 12.65
C HIS A 663 48.02 -9.70 11.37
N GLY A 664 49.14 -9.51 10.69
CA GLY A 664 49.16 -8.75 9.46
C GLY A 664 49.18 -7.25 9.65
N VAL A 665 49.36 -6.77 10.88
CA VAL A 665 49.44 -5.34 11.13
C VAL A 665 50.77 -4.81 10.59
N GLN A 666 50.71 -3.67 9.90
CA GLN A 666 51.86 -3.19 9.14
C GLN A 666 52.71 -2.18 9.89
N VAL A 667 52.15 -1.47 10.87
CA VAL A 667 52.93 -0.56 11.72
C VAL A 667 52.44 -0.74 13.15
N THR A 668 53.35 -1.13 14.04
CA THR A 668 53.02 -1.41 15.43
C THR A 668 53.99 -0.69 16.34
N GLU A 669 53.45 0.07 17.30
CA GLU A 669 54.24 0.78 18.30
C GLU A 669 53.62 0.48 19.66
N ILE A 670 54.32 -0.31 20.47
CA ILE A 670 53.86 -0.71 21.80
C ILE A 670 54.92 -0.23 22.78
N ALA A 671 54.64 0.85 23.50
CA ALA A 671 55.64 1.52 24.30
C ALA A 671 55.10 1.88 25.68
N GLU A 672 55.97 1.78 26.68
CA GLU A 672 55.72 2.34 28.01
C GLU A 672 54.40 1.86 28.60
N ASN A 673 54.09 0.58 28.40
CA ASN A 673 52.92 -0.04 29.00
C ASN A 673 53.35 -0.95 30.13
N ALA A 674 52.41 -1.22 31.04
CA ALA A 674 52.61 -2.15 32.15
C ALA A 674 51.63 -3.30 32.01
N PHE A 675 52.14 -4.50 31.83
CA PHE A 675 51.34 -5.72 31.76
C PHE A 675 51.51 -6.48 33.07
N THR A 676 50.42 -6.68 33.79
CA THR A 676 50.45 -7.36 35.08
C THR A 676 49.41 -8.47 35.08
N ASN A 677 49.86 -9.69 35.42
CA ASN A 677 48.97 -10.84 35.54
C ASN A 677 48.09 -10.99 34.29
N SER A 678 48.66 -10.70 33.14
CA SER A 678 47.92 -10.69 31.88
C SER A 678 48.53 -11.69 30.90
N ALA A 679 47.81 -11.91 29.80
CA ALA A 679 48.32 -12.70 28.70
C ALA A 679 49.33 -11.89 27.90
N PRO A 680 50.19 -12.54 27.14
CA PRO A 680 51.27 -11.83 26.46
C PRO A 680 50.82 -11.16 25.17
N ILE A 681 51.73 -10.38 24.59
CA ILE A 681 51.56 -9.84 23.26
C ILE A 681 51.87 -10.93 22.25
N VAL A 682 51.02 -11.07 21.24
CA VAL A 682 51.18 -12.06 20.19
C VAL A 682 51.16 -11.33 18.86
N VAL A 683 52.32 -11.29 18.19
CA VAL A 683 52.47 -10.65 16.89
C VAL A 683 52.69 -11.73 15.84
N GLU A 684 51.86 -11.73 14.81
CA GLU A 684 51.99 -12.67 13.69
C GLU A 684 52.28 -11.86 12.44
N HIS A 685 53.56 -11.76 12.09
CA HIS A 685 53.97 -11.04 10.90
C HIS A 685 53.62 -11.83 9.64
N THR A 686 53.07 -11.14 8.65
CA THR A 686 52.76 -11.75 7.36
C THR A 686 53.70 -11.20 6.30
N VAL A 687 53.15 -10.55 5.27
CA VAL A 687 53.94 -10.04 4.17
C VAL A 687 54.09 -8.53 4.33
N GLY A 688 54.95 -7.94 3.50
CA GLY A 688 55.10 -6.50 3.46
C GLY A 688 56.13 -5.93 4.41
N GLU A 689 56.95 -6.76 5.03
CA GLU A 689 57.99 -6.30 5.96
C GLU A 689 57.37 -5.36 6.99
N PRO A 690 56.48 -5.86 7.85
CA PRO A 690 55.83 -4.99 8.83
C PRO A 690 56.83 -4.32 9.76
N GLN A 691 56.43 -3.16 10.27
CA GLN A 691 57.25 -2.33 11.16
C GLN A 691 56.69 -2.46 12.58
N THR A 692 57.27 -3.36 13.37
CA THR A 692 56.80 -3.64 14.72
C THR A 692 57.87 -3.22 15.72
N ARG A 693 57.45 -2.48 16.74
CA ARG A 693 58.37 -1.93 17.73
C ARG A 693 57.74 -2.04 19.10
N ILE A 694 58.42 -2.72 20.02
CA ILE A 694 57.94 -2.95 21.38
C ILE A 694 59.04 -2.46 22.33
N ILE A 695 58.80 -1.34 23.01
CA ILE A 695 59.84 -0.63 23.73
C ILE A 695 59.38 -0.32 25.14
N SER A 696 60.30 -0.46 26.10
CA SER A 696 60.15 0.09 27.45
C SER A 696 58.81 -0.28 28.07
N ASN A 697 58.45 -1.56 27.97
CA ASN A 697 57.27 -2.09 28.64
C ASN A 697 57.72 -2.98 29.80
N THR A 698 56.84 -3.09 30.81
CA THR A 698 57.08 -3.96 31.95
C THR A 698 56.08 -5.11 31.91
N PHE A 699 56.59 -6.33 32.09
CA PHE A 699 55.77 -7.54 32.07
C PHE A 699 55.93 -8.24 33.42
N THR A 700 54.99 -7.98 34.33
CA THR A 700 54.98 -8.58 35.66
C THR A 700 54.01 -9.75 35.66
N ASN A 701 54.52 -10.95 35.96
CA ASN A 701 53.71 -12.17 35.90
C ASN A 701 52.97 -12.26 34.56
N THR A 702 53.69 -11.90 33.50
CA THR A 702 53.14 -11.90 32.15
C THR A 702 54.24 -12.37 31.20
N ALA A 703 53.96 -13.40 30.42
CA ALA A 703 54.96 -13.95 29.51
C ALA A 703 55.45 -12.88 28.55
N LYS A 704 56.71 -13.00 28.13
CA LYS A 704 57.31 -12.05 27.22
C LYS A 704 56.59 -12.10 25.87
N PRO A 705 56.73 -11.06 25.06
CA PRO A 705 56.04 -11.03 23.76
C PRO A 705 56.42 -12.23 22.90
N TYR A 706 55.44 -12.75 22.17
CA TYR A 706 55.65 -13.81 21.20
C TYR A 706 55.50 -13.22 19.80
N ILE A 707 56.52 -13.43 18.97
CA ILE A 707 56.57 -12.86 17.63
C ILE A 707 56.92 -13.97 16.65
N GLU A 708 56.11 -14.10 15.59
CA GLU A 708 56.21 -15.20 14.65
C GLU A 708 56.15 -14.66 13.23
N GLU A 709 57.07 -15.14 12.38
CA GLU A 709 57.08 -14.81 10.97
C GLU A 709 56.38 -15.94 10.21
N LEU A 710 55.31 -15.60 9.48
CA LEU A 710 54.52 -16.59 8.77
C LEU A 710 54.85 -16.67 7.29
N ASN A 711 55.53 -15.66 6.74
CA ASN A 711 55.91 -15.65 5.32
C ASN A 711 57.40 -15.39 5.15
N ILE A 712 58.19 -15.54 6.21
CA ILE A 712 59.63 -15.32 6.17
C ILE A 712 60.28 -16.36 7.07
N ALA A 713 61.50 -16.75 6.70
CA ALA A 713 62.22 -17.80 7.42
C ALA A 713 63.03 -17.21 8.56
N GLY A 714 63.21 -18.01 9.61
CA GLY A 714 64.14 -17.66 10.66
C GLY A 714 63.61 -16.62 11.63
N SER A 715 64.55 -15.84 12.18
CA SER A 715 64.25 -14.91 13.26
C SER A 715 63.25 -13.84 12.81
N HIS A 716 62.58 -13.25 13.79
CA HIS A 716 61.60 -12.21 13.51
C HIS A 716 62.29 -10.86 13.35
N THR A 717 61.55 -9.91 12.77
CA THR A 717 62.08 -8.61 12.40
C THR A 717 61.62 -7.50 13.33
N ALA A 718 60.93 -7.83 14.41
CA ALA A 718 60.44 -6.80 15.33
C ALA A 718 61.57 -6.24 16.16
N ILE A 719 61.41 -4.97 16.56
CA ILE A 719 62.36 -4.30 17.44
C ILE A 719 61.86 -4.44 18.87
N LEU A 720 62.63 -5.15 19.70
CA LEU A 720 62.35 -5.29 21.13
C LEU A 720 63.49 -4.63 21.90
N LYS A 721 63.16 -3.65 22.73
CA LYS A 721 64.20 -2.83 23.34
C LYS A 721 63.74 -2.33 24.70
N ASN A 722 64.55 -2.58 25.73
CA ASN A 722 64.38 -2.00 27.06
C ASN A 722 63.09 -2.47 27.74
N ASN A 723 62.64 -3.69 27.45
CA ASN A 723 61.52 -4.27 28.16
C ASN A 723 61.99 -5.03 29.38
N GLN A 724 61.15 -5.05 30.41
CA GLN A 724 61.45 -5.71 31.68
C GLN A 724 60.44 -6.83 31.91
N VAL A 725 60.93 -8.05 32.01
CA VAL A 725 60.10 -9.21 32.34
C VAL A 725 60.41 -9.58 33.80
N ILE A 726 59.39 -9.57 34.64
CA ILE A 726 59.53 -9.77 36.08
C ILE A 726 58.60 -10.90 36.48
N GLN A 727 59.17 -12.06 36.80
CA GLN A 727 58.37 -13.22 37.18
C GLN A 727 58.54 -13.53 38.66
N GLY B 2 -23.42 52.87 35.32
CA GLY B 2 -23.81 51.51 35.04
C GLY B 2 -23.97 51.24 33.56
N ALA B 3 -24.64 50.13 33.23
CA ALA B 3 -24.87 49.77 31.84
C ALA B 3 -25.79 50.80 31.18
N LYS B 4 -25.67 50.91 29.86
CA LYS B 4 -26.48 51.86 29.11
C LYS B 4 -26.39 51.54 27.62
N ASP B 5 -27.48 51.84 26.92
CA ASP B 5 -27.51 51.82 25.46
C ASP B 5 -27.40 53.25 24.96
N TYR B 6 -26.55 53.47 23.97
CA TYR B 6 -26.29 54.80 23.42
C TYR B 6 -26.60 54.77 21.92
N LEU B 7 -27.78 55.27 21.54
CA LEU B 7 -28.10 55.46 20.14
C LEU B 7 -27.36 56.70 19.65
N ILE B 8 -26.34 56.49 18.82
CA ILE B 8 -25.52 57.56 18.28
C ILE B 8 -26.03 57.91 16.90
N ASP B 9 -26.40 59.18 16.70
CA ASP B 9 -26.89 59.66 15.42
C ASP B 9 -25.92 60.64 14.74
N ASN B 10 -24.76 60.88 15.35
CA ASN B 10 -23.75 61.75 14.74
C ASN B 10 -22.43 61.50 15.44
N LYS B 11 -21.34 61.87 14.75
CA LYS B 11 -20.00 61.58 15.27
C LYS B 11 -19.71 62.34 16.55
N GLN B 12 -20.30 63.53 16.72
CA GLN B 12 -20.08 64.28 17.94
C GLN B 12 -20.74 63.59 19.15
N ALA B 13 -21.92 63.00 18.93
CA ALA B 13 -22.55 62.22 19.98
C ALA B 13 -21.67 61.04 20.39
N TYR B 14 -20.96 60.45 19.42
CA TYR B 14 -20.06 59.36 19.77
C TYR B 14 -18.86 59.88 20.57
N ALA B 15 -18.27 60.99 20.13
CA ALA B 15 -17.15 61.55 20.86
C ALA B 15 -17.54 61.91 22.28
N LYS B 16 -18.80 62.25 22.51
CA LYS B 16 -19.24 62.61 23.87
C LYS B 16 -19.10 61.45 24.84
N ILE B 17 -19.17 60.21 24.35
CA ILE B 17 -19.16 59.02 25.20
C ILE B 17 -17.98 58.10 24.91
N ALA B 18 -17.14 58.42 23.94
CA ALA B 18 -16.13 57.46 23.49
C ALA B 18 -15.18 57.08 24.62
N ASN B 19 -14.83 58.03 25.49
CA ASN B 19 -13.81 57.81 26.50
C ASN B 19 -14.38 57.41 27.85
N THR B 20 -15.70 57.26 27.97
CA THR B 20 -16.33 56.95 29.25
C THR B 20 -16.99 55.58 29.27
N LEU B 21 -16.74 54.74 28.26
CA LEU B 21 -17.40 53.45 28.18
C LEU B 21 -17.00 52.55 29.34
N GLN B 22 -17.98 51.83 29.88
CA GLN B 22 -17.77 50.88 30.96
C GLN B 22 -18.40 49.55 30.57
N ALA B 23 -18.02 48.51 31.31
CA ALA B 23 -18.51 47.16 31.03
C ALA B 23 -20.03 47.15 30.94
N GLY B 24 -20.56 46.39 29.99
CA GLY B 24 -21.98 46.27 29.78
C GLY B 24 -22.58 47.30 28.86
N ASP B 25 -21.89 48.41 28.62
CA ASP B 25 -22.41 49.43 27.72
C ASP B 25 -22.53 48.87 26.30
N THR B 26 -23.41 49.50 25.52
CA THR B 26 -23.63 49.12 24.13
C THR B 26 -23.90 50.37 23.32
N VAL B 27 -23.15 50.57 22.24
CA VAL B 27 -23.29 51.72 21.37
C VAL B 27 -23.96 51.27 20.08
N ILE B 28 -25.05 51.95 19.71
CA ILE B 28 -25.80 51.64 18.49
C ILE B 28 -25.64 52.82 17.54
N LEU B 29 -25.10 52.56 16.35
CA LEU B 29 -24.95 53.58 15.32
C LEU B 29 -26.23 53.66 14.49
N GLN B 30 -26.72 54.88 14.30
CA GLN B 30 -27.94 55.10 13.54
C GLN B 30 -27.75 54.71 12.09
N ASN B 31 -28.80 54.14 11.49
CA ASN B 31 -28.71 53.70 10.11
C ASN B 31 -28.40 54.88 9.20
N GLY B 32 -27.60 54.60 8.16
CA GLY B 32 -27.19 55.64 7.23
C GLY B 32 -25.74 55.51 6.82
N VAL B 33 -25.28 56.45 5.99
CA VAL B 33 -23.91 56.49 5.53
C VAL B 33 -23.15 57.50 6.38
N TRP B 34 -22.20 57.00 7.17
CA TRP B 34 -21.32 57.84 7.98
C TRP B 34 -20.05 58.09 7.19
N HIS B 35 -19.67 59.35 7.05
CA HIS B 35 -18.49 59.74 6.28
C HIS B 35 -17.35 60.13 7.24
N ASP B 36 -16.15 59.67 6.91
CA ASP B 36 -14.94 60.05 7.65
C ASP B 36 -15.12 59.80 9.15
N PHE B 37 -15.59 58.61 9.49
CA PHE B 37 -15.84 58.23 10.88
C PHE B 37 -14.69 57.32 11.33
N GLU B 38 -13.80 57.88 12.16
CA GLU B 38 -12.69 57.12 12.75
C GLU B 38 -13.14 56.66 14.13
N ILE B 39 -13.61 55.42 14.20
CA ILE B 39 -14.22 54.88 15.42
C ILE B 39 -13.13 54.29 16.29
N VAL B 40 -13.13 54.67 17.57
CA VAL B 40 -12.31 54.03 18.58
C VAL B 40 -13.27 53.40 19.59
N LEU B 41 -13.25 52.09 19.69
CA LEU B 41 -14.01 51.35 20.69
C LEU B 41 -13.03 50.87 21.75
N SER B 42 -13.11 51.46 22.95
CA SER B 42 -12.16 51.16 24.00
C SER B 42 -12.86 51.11 25.35
N GLY B 43 -12.28 50.38 26.28
CA GLY B 43 -12.83 50.26 27.62
C GLY B 43 -12.45 48.93 28.23
N GLN B 44 -12.87 48.77 29.48
CA GLN B 44 -12.58 47.57 30.27
C GLN B 44 -13.88 46.80 30.45
N GLY B 45 -14.17 45.91 29.50
CA GLY B 45 -15.29 45.01 29.62
C GLY B 45 -14.92 43.75 30.37
N SER B 46 -15.91 42.87 30.53
CA SER B 46 -15.72 41.58 31.18
C SER B 46 -16.41 40.51 30.34
N LYS B 47 -16.12 39.25 30.68
CA LYS B 47 -16.77 38.15 29.97
C LYS B 47 -18.28 38.20 30.12
N GLN B 48 -18.76 38.64 31.29
CA GLN B 48 -20.19 38.74 31.54
C GLN B 48 -20.78 40.06 31.04
N LEU B 49 -19.96 41.11 30.93
CA LEU B 49 -20.43 42.45 30.58
C LEU B 49 -19.50 43.06 29.57
N PRO B 50 -19.59 42.64 28.30
CA PRO B 50 -18.73 43.23 27.27
C PRO B 50 -19.18 44.63 26.91
N ILE B 51 -18.30 45.35 26.21
CA ILE B 51 -18.61 46.64 25.62
C ILE B 51 -18.86 46.41 24.14
N ARG B 52 -20.07 46.74 23.68
CA ARG B 52 -20.55 46.37 22.36
C ARG B 52 -20.73 47.59 21.47
N LEU B 53 -20.42 47.42 20.19
CA LEU B 53 -20.71 48.39 19.14
C LEU B 53 -21.45 47.64 18.03
N LYS B 54 -22.62 48.13 17.66
CA LYS B 54 -23.47 47.44 16.71
C LYS B 54 -24.28 48.47 15.94
N PRO B 55 -24.83 48.10 14.79
CA PRO B 55 -25.72 48.99 14.06
C PRO B 55 -27.16 48.87 14.55
N GLN B 56 -27.98 49.83 14.13
CA GLN B 56 -29.41 49.71 14.38
C GLN B 56 -30.02 48.62 13.52
N THR B 57 -29.53 48.46 12.28
CA THR B 57 -29.97 47.39 11.40
C THR B 57 -28.78 46.92 10.58
N LYS B 58 -28.41 45.66 10.72
CA LYS B 58 -27.26 45.13 9.99
C LYS B 58 -27.47 45.29 8.49
N GLY B 59 -26.46 45.82 7.81
CA GLY B 59 -26.53 46.10 6.39
C GLY B 59 -26.95 47.53 6.05
N LYS B 60 -27.43 48.30 7.01
CA LYS B 60 -27.88 49.66 6.76
C LYS B 60 -26.98 50.73 7.37
N VAL B 61 -26.00 50.34 8.16
CA VAL B 61 -24.97 51.27 8.63
C VAL B 61 -23.77 51.08 7.70
N ILE B 62 -23.50 52.10 6.89
CA ILE B 62 -22.40 52.09 5.94
C ILE B 62 -21.38 53.11 6.41
N LEU B 63 -20.10 52.73 6.41
CA LEU B 63 -19.01 53.64 6.73
C LEU B 63 -18.25 53.90 5.44
N SER B 64 -18.21 55.16 5.01
CA SER B 64 -17.63 55.55 3.74
C SER B 64 -16.66 56.70 3.96
N GLY B 65 -16.02 57.13 2.87
CA GLY B 65 -14.96 58.10 3.02
C GLY B 65 -13.83 57.51 3.82
N GLN B 66 -13.10 58.38 4.51
CA GLN B 66 -11.93 57.94 5.29
C GLN B 66 -12.37 57.55 6.70
N SER B 67 -13.04 56.40 6.75
CA SER B 67 -13.52 55.82 8.00
C SER B 67 -12.71 54.58 8.35
N ASN B 68 -12.66 54.27 9.65
CA ASN B 68 -11.95 53.07 10.11
C ASN B 68 -12.47 52.72 11.50
N LEU B 69 -11.87 51.68 12.09
CA LEU B 69 -12.28 51.17 13.38
C LEU B 69 -11.06 50.67 14.15
N ARG B 70 -11.00 51.01 15.44
CA ARG B 70 -9.93 50.58 16.32
C ARG B 70 -10.53 50.00 17.60
N LEU B 71 -9.95 48.91 18.08
CA LEU B 71 -10.31 48.30 19.35
C LEU B 71 -9.12 48.33 20.29
N ALA B 72 -9.36 48.69 21.54
CA ALA B 72 -8.30 48.82 22.54
C ALA B 72 -8.88 48.61 23.91
N GLY B 73 -8.43 47.56 24.60
CA GLY B 73 -8.92 47.25 25.93
C GLY B 73 -9.21 45.78 26.11
N GLN B 74 -10.32 45.46 26.80
CA GLN B 74 -10.67 44.07 27.08
C GLN B 74 -12.16 43.86 26.83
N TYR B 75 -12.48 42.68 26.29
CA TYR B 75 -13.86 42.24 26.08
C TYR B 75 -14.67 43.31 25.34
N LEU B 76 -14.20 43.61 24.14
CA LEU B 76 -14.88 44.51 23.22
C LEU B 76 -15.46 43.69 22.08
N HIS B 77 -16.63 44.08 21.59
CA HIS B 77 -17.29 43.37 20.50
C HIS B 77 -17.92 44.37 19.55
N ALA B 78 -17.30 44.58 18.40
CA ALA B 78 -17.87 45.39 17.33
C ALA B 78 -18.43 44.47 16.25
N SER B 79 -19.58 44.86 15.69
CA SER B 79 -20.23 43.98 14.72
C SER B 79 -21.14 44.78 13.81
N GLY B 80 -21.40 44.20 12.63
CA GLY B 80 -22.52 44.60 11.80
C GLY B 80 -22.32 45.84 10.94
N LEU B 81 -21.08 46.20 10.63
CA LEU B 81 -20.81 47.42 9.88
C LEU B 81 -20.33 47.08 8.48
N VAL B 82 -20.65 47.97 7.53
CA VAL B 82 -20.25 47.82 6.14
C VAL B 82 -19.29 48.96 5.80
N PHE B 83 -18.11 48.59 5.29
CA PHE B 83 -17.12 49.54 4.81
C PHE B 83 -17.11 49.51 3.29
N LYS B 84 -17.47 50.62 2.66
CA LYS B 84 -17.40 50.73 1.20
C LYS B 84 -17.44 52.20 0.82
N ASN B 85 -17.04 52.48 -0.42
CA ASN B 85 -16.96 53.85 -0.91
C ASN B 85 -16.03 54.69 -0.04
N GLY B 86 -14.81 54.21 0.15
CA GLY B 86 -13.84 54.92 0.95
C GLY B 86 -12.57 54.12 1.11
N TYR B 87 -11.80 54.46 2.12
CA TYR B 87 -10.56 53.77 2.44
C TYR B 87 -10.01 54.33 3.75
N THR B 88 -9.29 53.49 4.48
CA THR B 88 -8.79 53.90 5.78
C THR B 88 -7.72 54.98 5.63
N PRO B 89 -7.76 56.04 6.44
CA PRO B 89 -6.67 57.01 6.44
C PRO B 89 -5.46 56.57 7.24
N THR B 90 -5.50 55.39 7.86
CA THR B 90 -4.39 54.90 8.67
C THR B 90 -3.85 53.61 8.06
N SER B 91 -3.27 52.75 8.89
CA SER B 91 -2.63 51.53 8.40
C SER B 91 -3.60 50.37 8.24
N ALA B 92 -4.80 50.46 8.80
CA ALA B 92 -5.75 49.35 8.72
C ALA B 92 -7.17 49.89 8.78
N VAL B 93 -8.09 49.16 8.15
CA VAL B 93 -9.51 49.50 8.23
C VAL B 93 -10.05 49.09 9.59
N ILE B 94 -9.76 47.86 10.02
CA ILE B 94 -10.12 47.37 11.34
C ILE B 94 -8.83 46.93 12.04
N GLU B 95 -8.53 47.55 13.17
CA GLU B 95 -7.30 47.31 13.90
C GLU B 95 -7.62 46.97 15.34
N PHE B 96 -7.02 45.90 15.85
CA PHE B 96 -7.15 45.52 17.26
C PHE B 96 -6.16 46.26 18.15
N ARG B 97 -5.98 47.56 17.91
CA ARG B 97 -5.12 48.39 18.76
C ARG B 97 -5.51 49.84 18.56
N ASN B 98 -5.10 50.66 19.53
CA ASN B 98 -5.21 52.12 19.45
C ASN B 98 -3.85 52.65 19.91
N GLY B 99 -2.92 52.77 18.97
CA GLY B 99 -1.56 53.15 19.33
C GLY B 99 -0.84 51.97 19.96
N LYS B 100 -0.21 52.23 21.11
CA LYS B 100 0.45 51.17 21.86
C LYS B 100 -0.53 50.35 22.69
N GLU B 101 -1.77 50.81 22.86
CA GLU B 101 -2.77 50.07 23.62
C GLU B 101 -3.44 49.05 22.70
N LEU B 102 -3.51 47.82 23.17
CA LEU B 102 -3.98 46.69 22.36
C LEU B 102 -5.31 46.19 22.89
N ALA B 103 -5.96 45.35 22.09
CA ALA B 103 -7.21 44.70 22.45
C ALA B 103 -6.94 43.26 22.86
N PHE B 104 -7.63 42.82 23.92
CA PHE B 104 -7.55 41.45 24.40
C PHE B 104 -8.96 40.93 24.62
N ASN B 105 -9.13 39.62 24.46
CA ASN B 105 -10.42 38.97 24.70
C ASN B 105 -11.56 39.67 23.97
N SER B 106 -11.26 40.20 22.78
CA SER B 106 -12.19 41.01 22.02
C SER B 106 -12.62 40.28 20.75
N ARG B 107 -13.60 40.86 20.06
CA ARG B 107 -14.22 40.18 18.94
C ARG B 107 -14.69 41.20 17.91
N VAL B 108 -14.56 40.83 16.63
CA VAL B 108 -15.10 41.59 15.51
C VAL B 108 -15.80 40.59 14.60
N SER B 109 -17.10 40.79 14.36
CA SER B 109 -17.88 39.84 13.59
C SER B 109 -18.89 40.57 12.71
N GLU B 110 -19.34 39.87 11.67
CA GLU B 110 -20.37 40.37 10.76
C GLU B 110 -20.00 41.73 10.19
N MET B 111 -18.72 41.91 9.86
CA MET B 111 -18.25 43.09 9.16
C MET B 111 -18.14 42.79 7.67
N VAL B 112 -18.42 43.81 6.85
CA VAL B 112 -18.25 43.75 5.41
C VAL B 112 -17.26 44.83 5.01
N ILE B 113 -16.24 44.43 4.26
CA ILE B 113 -15.32 45.36 3.60
C ILE B 113 -15.33 45.02 2.12
N ASP B 114 -15.81 45.97 1.30
CA ASP B 114 -16.11 45.71 -0.10
C ASP B 114 -15.45 46.80 -0.95
N ASN B 115 -14.37 46.44 -1.63
CA ASN B 115 -13.66 47.37 -2.52
C ASN B 115 -13.38 48.69 -1.82
N TYR B 116 -12.98 48.59 -0.55
CA TYR B 116 -12.68 49.74 0.30
C TYR B 116 -11.20 50.09 0.14
N ASN B 117 -10.85 50.51 -1.07
CA ASN B 117 -9.48 50.55 -1.52
C ASN B 117 -8.89 51.95 -1.46
N ASN B 118 -7.64 52.03 -1.01
CA ASN B 118 -6.87 53.25 -1.17
C ASN B 118 -6.74 53.56 -2.67
N PRO B 119 -6.85 54.83 -3.07
CA PRO B 119 -6.84 55.13 -4.51
C PRO B 119 -5.48 54.96 -5.17
N ASP B 120 -4.43 54.64 -4.42
CA ASP B 120 -3.09 54.43 -4.96
C ASP B 120 -2.69 52.99 -4.66
N LYS B 121 -2.58 52.17 -5.71
CA LYS B 121 -2.25 50.76 -5.51
C LYS B 121 -0.92 50.57 -4.80
N ARG B 122 0.02 51.50 -4.97
CA ARG B 122 1.32 51.38 -4.33
C ARG B 122 1.31 51.84 -2.88
N GLU B 123 0.27 52.54 -2.44
CA GLU B 123 0.12 52.89 -1.04
C GLU B 123 -0.42 51.68 -0.29
N SER B 124 0.38 51.13 0.63
CA SER B 124 0.07 49.87 1.28
C SER B 124 -0.79 50.09 2.51
N ASP B 125 -1.72 49.15 2.76
CA ASP B 125 -2.49 49.13 3.99
C ASP B 125 -3.01 47.72 4.19
N TYR B 126 -3.48 47.47 5.41
CA TYR B 126 -4.23 46.25 5.73
C TYR B 126 -5.72 46.59 5.78
N TRP B 127 -6.54 45.57 5.61
CA TRP B 127 -7.97 45.73 5.91
C TRP B 127 -8.28 45.30 7.33
N VAL B 128 -7.61 44.26 7.82
CA VAL B 128 -7.77 43.78 9.19
C VAL B 128 -6.39 43.47 9.75
N ALA B 129 -6.11 43.97 10.96
CA ALA B 129 -4.82 43.80 11.61
C ALA B 129 -5.06 43.36 13.04
N LEU B 130 -4.69 42.12 13.35
CA LEU B 130 -4.84 41.57 14.69
C LEU B 130 -3.61 41.89 15.53
N TYR B 131 -3.86 42.35 16.76
CA TYR B 131 -2.83 42.53 17.76
C TYR B 131 -3.31 41.89 19.06
N GLY B 132 -2.56 42.06 20.15
CA GLY B 132 -3.03 41.55 21.42
C GLY B 132 -3.14 40.04 21.42
N GLN B 133 -4.01 39.53 22.28
CA GLN B 133 -4.15 38.11 22.52
C GLN B 133 -5.61 37.75 22.71
N HIS B 134 -5.96 36.53 22.31
CA HIS B 134 -7.28 35.95 22.57
C HIS B 134 -8.39 36.80 21.95
N ASN B 135 -8.15 37.31 20.75
CA ASN B 135 -9.16 38.02 19.99
C ASN B 135 -9.77 37.10 18.93
N ARG B 136 -10.98 37.44 18.49
CA ARG B 136 -11.70 36.64 17.51
C ARG B 136 -12.16 37.52 16.36
N PHE B 137 -12.02 37.00 15.14
CA PHE B 137 -12.45 37.68 13.93
C PHE B 137 -13.25 36.66 13.11
N ASP B 138 -14.57 36.75 13.14
CA ASP B 138 -15.42 35.69 12.63
C ASP B 138 -16.61 36.25 11.84
N HIS B 139 -17.14 35.41 10.97
CA HIS B 139 -18.37 35.70 10.22
C HIS B 139 -18.29 37.05 9.52
N ASN B 140 -17.11 37.36 8.98
CA ASN B 140 -16.90 38.59 8.24
C ASN B 140 -16.87 38.31 6.73
N HIS B 141 -16.97 39.39 5.95
CA HIS B 141 -17.07 39.32 4.50
C HIS B 141 -16.08 40.33 3.92
N LEU B 142 -15.02 39.82 3.27
CA LEU B 142 -13.97 40.65 2.71
C LEU B 142 -13.80 40.31 1.23
N GLU B 143 -13.91 41.33 0.37
CA GLU B 143 -13.71 41.11 -1.06
C GLU B 143 -13.27 42.40 -1.72
N GLY B 144 -12.41 42.26 -2.73
CA GLY B 144 -12.07 43.36 -3.59
C GLY B 144 -10.94 44.25 -3.14
N LYS B 145 -10.01 43.74 -2.35
CA LYS B 145 -8.82 44.52 -2.03
C LYS B 145 -7.92 44.57 -3.26
N ARG B 146 -7.50 45.77 -3.66
CA ARG B 146 -6.81 45.97 -4.92
C ARG B 146 -5.50 46.73 -4.81
N ASN B 147 -5.15 47.24 -3.63
CA ASN B 147 -3.89 47.93 -3.43
C ASN B 147 -2.91 47.02 -2.71
N LYS B 148 -1.68 47.50 -2.60
CA LYS B 148 -0.63 46.71 -1.97
C LYS B 148 -0.96 46.44 -0.51
N GLY B 149 -0.55 45.27 -0.03
CA GLY B 149 -0.71 44.91 1.36
C GLY B 149 -1.68 43.74 1.54
N VAL B 150 -1.37 42.86 2.48
CA VAL B 150 -2.20 41.70 2.75
C VAL B 150 -3.54 42.13 3.32
N THR B 151 -4.57 41.35 3.04
CA THR B 151 -5.90 41.70 3.49
C THR B 151 -6.04 41.59 5.01
N VAL B 152 -5.69 40.43 5.56
CA VAL B 152 -5.71 40.19 6.99
C VAL B 152 -4.29 39.86 7.45
N ALA B 153 -3.81 40.59 8.47
CA ALA B 153 -2.48 40.38 9.01
C ALA B 153 -2.59 40.14 10.51
N VAL B 154 -2.03 39.03 10.97
CA VAL B 154 -1.79 38.80 12.39
C VAL B 154 -0.38 39.30 12.68
N ARG B 155 -0.27 40.32 13.53
CA ARG B 155 1.00 40.95 13.83
C ARG B 155 1.56 40.45 15.16
N LEU B 156 2.89 40.37 15.23
CA LEU B 156 3.59 39.75 16.34
C LEU B 156 4.75 40.63 16.81
N ASN B 157 4.63 41.94 16.62
CA ASN B 157 5.74 42.85 16.88
C ASN B 157 5.93 43.18 18.35
N SER B 158 5.33 42.41 19.25
CA SER B 158 5.58 42.56 20.68
C SER B 158 5.15 41.28 21.37
N GLU B 159 5.67 41.08 22.57
CA GLU B 159 5.30 39.91 23.35
C GLU B 159 3.81 39.87 23.64
N GLN B 160 3.18 41.04 23.81
CA GLN B 160 1.75 41.11 24.08
C GLN B 160 0.90 40.84 22.85
N SER B 161 1.51 40.63 21.68
CA SER B 161 0.80 40.19 20.49
C SER B 161 1.18 38.79 20.06
N GLN B 162 2.24 38.22 20.62
CA GLN B 162 2.60 36.83 20.40
C GLN B 162 1.80 35.95 21.36
N GLN B 163 1.86 34.63 21.11
CA GLN B 163 1.10 33.68 21.91
C GLN B 163 -0.37 34.09 21.98
N ASN B 164 -0.90 34.54 20.84
CA ASN B 164 -2.19 35.22 20.85
C ASN B 164 -3.35 34.24 20.96
N TYR B 165 -3.26 33.08 20.32
CA TYR B 165 -4.37 32.15 20.22
C TYR B 165 -5.60 32.82 19.61
N HIS B 166 -5.38 33.80 18.72
CA HIS B 166 -6.48 34.42 17.99
C HIS B 166 -7.28 33.34 17.25
N GLN B 167 -8.57 33.60 17.08
CA GLN B 167 -9.44 32.71 16.32
C GLN B 167 -9.97 33.46 15.10
N ILE B 168 -9.74 32.91 13.92
CA ILE B 168 -10.19 33.47 12.65
C ILE B 168 -11.05 32.39 12.00
N ASP B 169 -12.38 32.54 12.07
CA ASP B 169 -13.27 31.47 11.64
C ASP B 169 -14.50 32.00 10.93
N HIS B 170 -15.02 31.19 10.01
CA HIS B 170 -16.30 31.43 9.35
C HIS B 170 -16.35 32.75 8.58
N ASN B 171 -15.19 33.22 8.13
CA ASN B 171 -15.14 34.41 7.30
C ASN B 171 -15.18 34.00 5.83
N TYR B 172 -15.82 34.85 5.02
CA TYR B 172 -15.84 34.69 3.57
C TYR B 172 -14.74 35.59 3.01
N PHE B 173 -13.62 34.98 2.62
CA PHE B 173 -12.55 35.69 1.93
C PHE B 173 -12.83 35.58 0.44
N GLY B 174 -13.50 36.59 -0.09
CA GLY B 174 -13.93 36.59 -1.47
C GLY B 174 -12.87 37.10 -2.41
N TYR B 175 -13.34 37.49 -3.60
CA TYR B 175 -12.46 37.83 -4.71
C TYR B 175 -11.35 38.80 -4.29
N ARG B 176 -10.12 38.45 -4.65
CA ARG B 176 -9.03 39.42 -4.75
C ARG B 176 -8.46 39.30 -6.15
N PRO B 177 -8.45 40.35 -6.96
CA PRO B 177 -7.90 40.24 -8.31
C PRO B 177 -6.39 40.06 -8.29
N VAL B 178 -5.88 39.54 -9.39
CA VAL B 178 -4.43 39.47 -9.58
C VAL B 178 -3.86 40.87 -9.38
N PHE B 179 -2.85 40.97 -8.52
CA PHE B 179 -2.28 42.26 -8.18
C PHE B 179 -1.22 42.72 -9.17
N GLY B 180 -0.62 41.80 -9.92
CA GLY B 180 0.44 42.17 -10.82
C GLY B 180 1.69 42.65 -10.12
N SER B 181 1.98 42.12 -8.94
CA SER B 181 3.07 42.58 -8.09
C SER B 181 3.03 41.74 -6.83
N ASN B 182 4.13 41.81 -6.07
CA ASN B 182 4.12 41.17 -4.76
C ASN B 182 3.37 42.06 -3.77
N GLY B 183 2.93 41.45 -2.68
CA GLY B 183 2.13 42.16 -1.69
C GLY B 183 0.65 42.02 -1.88
N GLY B 184 0.19 40.92 -2.49
CA GLY B 184 -1.22 40.72 -2.73
C GLY B 184 -1.78 39.52 -1.99
N GLU B 185 -1.14 39.16 -0.88
CA GLU B 185 -1.63 38.04 -0.09
C GLU B 185 -3.00 38.36 0.49
N THR B 186 -3.71 37.30 0.88
CA THR B 186 -4.98 37.43 1.59
C THR B 186 -4.84 37.33 3.10
N LEU B 187 -4.02 36.41 3.59
CA LEU B 187 -3.82 36.26 5.03
C LEU B 187 -2.33 36.07 5.29
N ARG B 188 -1.82 36.76 6.30
CA ARG B 188 -0.41 36.65 6.68
C ARG B 188 -0.31 36.60 8.20
N ILE B 189 0.40 35.59 8.71
CA ILE B 189 0.54 35.41 10.15
C ILE B 189 2.01 35.65 10.49
N GLY B 190 2.33 36.88 10.91
CA GLY B 190 3.69 37.24 11.28
C GLY B 190 4.48 37.82 10.14
N THR B 191 5.71 38.19 10.46
CA THR B 191 6.71 38.62 9.49
C THR B 191 8.03 37.93 9.82
N SER B 192 8.96 38.00 8.88
CA SER B 192 10.22 37.27 9.03
C SER B 192 10.94 37.67 10.31
N HIS B 193 10.94 38.96 10.66
CA HIS B 193 11.68 39.40 11.84
C HIS B 193 11.16 38.73 13.11
N TYR B 194 9.85 38.45 13.17
CA TYR B 194 9.24 37.85 14.34
C TYR B 194 8.83 36.40 14.10
N SER B 195 9.41 35.75 13.08
CA SER B 195 8.94 34.43 12.69
C SER B 195 9.39 33.33 13.65
N LEU B 196 10.37 33.61 14.50
CA LEU B 196 10.79 32.63 15.51
C LEU B 196 9.90 32.67 16.75
N SER B 197 8.99 33.63 16.84
CA SER B 197 8.02 33.65 17.92
C SER B 197 6.85 32.72 17.60
N ASP B 198 6.20 32.22 18.65
CA ASP B 198 5.04 31.35 18.50
C ASP B 198 3.78 32.20 18.56
N SER B 199 2.93 32.05 17.54
CA SER B 199 1.70 32.81 17.43
C SER B 199 0.48 32.04 17.92
N HIS B 200 0.38 30.75 17.58
CA HIS B 200 -0.73 29.90 17.99
C HIS B 200 -2.07 30.38 17.44
N THR B 201 -2.04 31.03 16.28
CA THR B 201 -3.27 31.52 15.67
C THR B 201 -4.07 30.36 15.08
N LEU B 202 -5.36 30.33 15.36
CA LEU B 202 -6.26 29.31 14.85
C LEU B 202 -7.05 29.88 13.67
N VAL B 203 -6.88 29.28 12.50
CA VAL B 203 -7.54 29.70 11.27
C VAL B 203 -8.38 28.51 10.81
N GLU B 204 -9.70 28.58 11.02
CA GLU B 204 -10.55 27.43 10.77
C GLU B 204 -11.85 27.85 10.10
N ASN B 205 -12.40 26.95 9.29
CA ASN B 205 -13.74 27.10 8.74
C ASN B 205 -13.93 28.42 8.00
N ASN B 206 -12.91 28.82 7.24
CA ASN B 206 -13.00 29.98 6.38
C ASN B 206 -13.07 29.55 4.91
N TYR B 207 -13.76 30.35 4.10
CA TYR B 207 -13.98 30.04 2.69
C TYR B 207 -13.19 31.02 1.85
N PHE B 208 -12.23 30.52 1.09
CA PHE B 208 -11.42 31.33 0.19
C PHE B 208 -11.88 31.07 -1.24
N GLU B 209 -12.42 32.09 -1.90
CA GLU B 209 -12.96 31.95 -3.25
C GLU B 209 -12.32 32.98 -4.16
N GLN B 210 -11.53 32.51 -5.13
CA GLN B 210 -10.89 33.38 -6.12
C GLN B 210 -10.00 34.43 -5.47
N THR B 211 -9.30 34.02 -4.41
CA THR B 211 -8.29 34.86 -3.77
C THR B 211 -7.01 34.73 -4.57
N ASN B 212 -6.88 35.57 -5.60
CA ASN B 212 -5.89 35.41 -6.65
C ASN B 212 -4.83 36.52 -6.63
N GLY B 213 -4.60 37.13 -5.47
CA GLY B 213 -3.69 38.26 -5.42
C GLY B 213 -2.28 37.93 -5.90
N GLU B 214 -1.74 36.79 -5.46
CA GLU B 214 -0.38 36.41 -5.79
C GLU B 214 -0.18 34.95 -5.40
N VAL B 215 1.07 34.47 -5.49
CA VAL B 215 1.33 33.05 -5.30
C VAL B 215 1.05 32.59 -3.88
N GLU B 216 1.08 33.49 -2.90
CA GLU B 216 0.75 33.16 -1.52
C GLU B 216 -0.65 33.69 -1.20
N ILE B 217 -1.60 32.77 -1.01
CA ILE B 217 -2.89 33.13 -0.42
C ILE B 217 -2.74 33.34 1.08
N ILE B 218 -2.20 32.32 1.76
CA ILE B 218 -1.88 32.38 3.18
C ILE B 218 -0.36 32.30 3.29
N SER B 219 0.23 33.29 3.94
CA SER B 219 1.67 33.36 4.18
C SER B 219 1.88 33.25 5.69
N ILE B 220 2.33 32.07 6.13
CA ILE B 220 2.59 31.82 7.54
C ILE B 220 4.05 32.15 7.81
N LYS B 221 4.30 33.15 8.64
CA LYS B 221 5.64 33.59 9.01
C LYS B 221 5.76 33.63 10.52
N SER B 222 5.38 32.54 11.17
CA SER B 222 5.44 32.40 12.62
C SER B 222 5.21 30.92 12.93
N GLY B 223 5.32 30.59 14.22
CA GLY B 223 5.31 29.21 14.66
C GLY B 223 4.04 28.83 15.37
N LYS B 224 3.70 27.53 15.29
CA LYS B 224 2.68 26.90 16.12
C LYS B 224 1.27 27.31 15.76
N ASN B 225 1.04 27.72 14.53
CA ASN B 225 -0.31 28.09 14.11
C ASN B 225 -1.08 26.84 13.70
N HIS B 226 -2.39 26.98 13.60
CA HIS B 226 -3.30 25.86 13.34
C HIS B 226 -4.27 26.28 12.24
N ILE B 227 -4.12 25.67 11.06
CA ILE B 227 -4.94 25.98 9.88
C ILE B 227 -5.73 24.72 9.55
N ARG B 228 -7.04 24.75 9.75
CA ARG B 228 -7.83 23.54 9.57
C ARG B 228 -9.22 23.85 9.02
N ASN B 229 -9.75 22.91 8.24
CA ASN B 229 -11.15 22.93 7.81
C ASN B 229 -11.50 24.19 7.02
N ASN B 230 -10.52 24.76 6.32
CA ASN B 230 -10.80 25.84 5.39
C ASN B 230 -11.02 25.26 3.99
N VAL B 231 -11.65 26.05 3.13
CA VAL B 231 -11.90 25.67 1.75
C VAL B 231 -11.30 26.72 0.83
N PHE B 232 -10.56 26.27 -0.18
CA PHE B 232 -9.95 27.14 -1.17
C PHE B 232 -10.55 26.79 -2.53
N TYR B 233 -11.42 27.65 -3.04
CA TYR B 233 -12.20 27.38 -4.24
C TYR B 233 -11.65 28.23 -5.38
N GLU B 234 -11.04 27.57 -6.37
CA GLU B 234 -10.45 28.23 -7.52
C GLU B 234 -9.58 29.40 -7.09
N ALA B 235 -8.76 29.15 -6.07
CA ALA B 235 -7.87 30.17 -5.51
C ALA B 235 -6.51 30.03 -6.18
N ARG B 236 -6.13 31.05 -6.95
CA ARG B 236 -4.84 31.06 -7.63
C ARG B 236 -3.78 31.46 -6.62
N GLY B 237 -3.01 30.49 -6.16
CA GLY B 237 -2.01 30.72 -5.14
C GLY B 237 -1.87 29.49 -4.27
N THR B 238 -1.15 29.66 -3.16
CA THR B 238 -0.79 28.55 -2.31
C THR B 238 -0.98 28.91 -0.84
N LEU B 239 -1.08 27.88 -0.02
CA LEU B 239 -0.90 27.99 1.42
C LEU B 239 0.57 27.69 1.70
N THR B 240 1.36 28.72 1.98
CA THR B 240 2.81 28.60 2.09
C THR B 240 3.23 28.70 3.55
N LEU B 241 3.95 27.69 4.03
CA LEU B 241 4.62 27.74 5.33
C LEU B 241 5.95 28.44 5.12
N ARG B 242 5.89 29.77 5.07
CA ARG B 242 7.03 30.55 4.60
C ARG B 242 8.14 30.63 5.64
N HIS B 243 7.81 31.08 6.84
CA HIS B 243 8.76 31.11 7.96
C HIS B 243 8.08 30.56 9.20
N GLY B 244 8.90 30.15 10.16
CA GLY B 244 8.39 29.63 11.42
C GLY B 244 8.18 28.12 11.39
N ASN B 245 8.20 27.54 12.57
CA ASN B 245 8.18 26.09 12.74
C ASN B 245 6.95 25.67 13.53
N GLY B 246 6.59 24.39 13.41
CA GLY B 246 5.57 23.81 14.24
C GLY B 246 4.14 24.12 13.84
N ASN B 247 3.90 24.43 12.57
CA ASN B 247 2.55 24.73 12.09
C ASN B 247 1.80 23.46 11.73
N ILE B 248 0.49 23.45 12.00
CA ILE B 248 -0.37 22.30 11.76
C ILE B 248 -1.36 22.66 10.66
N ILE B 249 -1.33 21.92 9.56
CA ILE B 249 -2.22 22.11 8.42
C ILE B 249 -3.00 20.82 8.26
N GLU B 250 -4.31 20.84 8.56
CA GLU B 250 -5.06 19.60 8.48
C GLU B 250 -6.51 19.86 8.07
N GLU B 251 -7.08 18.89 7.35
CA GLU B 251 -8.49 18.86 6.99
C GLU B 251 -8.91 20.05 6.15
N ASN B 252 -7.97 20.70 5.47
CA ASN B 252 -8.31 21.74 4.51
C ASN B 252 -8.64 21.10 3.16
N ILE B 253 -9.51 21.78 2.40
CA ILE B 253 -9.99 21.28 1.13
C ILE B 253 -9.67 22.30 0.04
N PHE B 254 -9.05 21.84 -1.04
CA PHE B 254 -8.67 22.67 -2.18
C PHE B 254 -9.43 22.18 -3.41
N PHE B 255 -10.37 23.00 -3.89
CA PHE B 255 -11.14 22.73 -5.10
C PHE B 255 -10.60 23.64 -6.19
N GLY B 256 -9.62 23.15 -6.95
CA GLY B 256 -9.04 23.94 -8.02
C GLY B 256 -9.87 23.97 -9.28
N ASN B 257 -10.62 22.90 -9.56
CA ASN B 257 -11.47 22.80 -10.73
C ASN B 257 -10.71 23.00 -12.03
N GLY B 258 -9.41 22.75 -12.03
CA GLY B 258 -8.62 22.90 -13.23
C GLY B 258 -8.35 24.33 -13.65
N VAL B 259 -8.68 25.30 -12.80
CA VAL B 259 -8.39 26.69 -13.11
C VAL B 259 -6.88 26.93 -13.06
N GLU B 260 -6.40 27.80 -13.94
CA GLU B 260 -4.96 28.03 -14.06
C GLU B 260 -4.39 28.57 -12.75
N HIS B 261 -3.25 28.02 -12.36
CA HIS B 261 -2.43 28.49 -11.25
C HIS B 261 -3.06 28.22 -9.89
N THR B 262 -4.01 27.29 -9.81
CA THR B 262 -4.52 26.84 -8.52
C THR B 262 -3.46 25.99 -7.83
N GLY B 263 -2.96 26.48 -6.70
CA GLY B 263 -1.93 25.78 -5.94
C GLY B 263 -2.48 25.14 -4.68
N GLY B 264 -1.56 24.56 -3.91
CA GLY B 264 -1.91 23.89 -2.68
C GLY B 264 -1.06 24.29 -1.49
N ILE B 265 -0.22 23.37 -1.01
CA ILE B 265 0.55 23.56 0.21
C ILE B 265 2.03 23.55 -0.14
N ARG B 266 2.76 24.57 0.31
CA ARG B 266 4.20 24.63 0.17
C ARG B 266 4.84 24.55 1.56
N VAL B 267 5.81 23.65 1.70
CA VAL B 267 6.39 23.30 2.99
C VAL B 267 7.83 23.78 3.04
N ILE B 268 8.09 24.65 4.02
CA ILE B 268 9.43 25.16 4.34
C ILE B 268 9.57 25.12 5.85
N ASN B 269 10.81 25.05 6.32
CA ASN B 269 11.09 25.10 7.75
C ASN B 269 10.71 23.81 8.46
N LYS B 270 10.62 23.84 9.79
CA LYS B 270 10.70 22.64 10.61
C LYS B 270 9.38 22.31 11.31
N ASP B 271 9.21 21.03 11.61
CA ASP B 271 8.25 20.54 12.61
C ASP B 271 6.80 20.71 12.19
N HIS B 272 6.51 20.69 10.89
CA HIS B 272 5.14 20.88 10.42
C HIS B 272 4.39 19.56 10.35
N ILE B 273 3.11 19.61 10.68
CA ILE B 273 2.20 18.46 10.58
C ILE B 273 1.18 18.80 9.51
N ILE B 274 1.10 17.95 8.48
CA ILE B 274 0.26 18.18 7.31
C ILE B 274 -0.51 16.88 7.08
N ARG B 275 -1.77 16.84 7.50
CA ARG B 275 -2.53 15.59 7.45
C ARG B 275 -3.99 15.84 7.14
N ASN B 276 -4.62 14.81 6.55
CA ASN B 276 -6.05 14.77 6.30
C ASN B 276 -6.53 15.91 5.39
N ASN B 277 -5.64 16.48 4.59
CA ASN B 277 -6.02 17.49 3.63
C ASN B 277 -6.51 16.84 2.34
N TYR B 278 -7.30 17.61 1.58
CA TYR B 278 -7.89 17.14 0.33
C TYR B 278 -7.57 18.16 -0.75
N LEU B 279 -6.85 17.72 -1.79
CA LEU B 279 -6.40 18.60 -2.86
C LEU B 279 -6.85 18.01 -4.19
N GLU B 280 -7.66 18.77 -4.93
CA GLU B 280 -8.22 18.29 -6.19
C GLU B 280 -8.12 19.37 -7.26
N GLY B 281 -7.72 18.97 -8.46
CA GLY B 281 -7.78 19.84 -9.62
C GLY B 281 -6.87 21.04 -9.57
N LEU B 282 -5.68 20.90 -9.01
CA LEU B 282 -4.73 22.00 -8.87
C LEU B 282 -3.73 21.96 -10.01
N THR B 283 -3.57 23.08 -10.71
CA THR B 283 -2.77 23.14 -11.92
C THR B 283 -1.49 23.97 -11.76
N GLY B 284 -1.26 24.59 -10.61
CA GLY B 284 -0.07 25.38 -10.43
C GLY B 284 1.20 24.56 -10.59
N PHE B 285 2.29 25.27 -10.91
CA PHE B 285 3.58 24.62 -11.12
C PHE B 285 4.66 25.43 -10.40
N ARG B 286 5.89 24.91 -10.42
CA ARG B 286 7.00 25.46 -9.66
C ARG B 286 6.54 25.69 -8.22
N PHE B 287 6.92 26.82 -7.61
CA PHE B 287 6.55 27.03 -6.21
C PHE B 287 5.08 27.29 -6.01
N GLY B 288 4.29 27.36 -7.09
CA GLY B 288 2.85 27.46 -6.98
C GLY B 288 2.20 26.11 -7.20
N SER B 289 2.97 25.04 -7.05
CA SER B 289 2.47 23.69 -7.31
C SER B 289 1.43 23.29 -6.27
N GLY B 290 0.70 22.22 -6.59
CA GLY B 290 -0.29 21.70 -5.65
C GLY B 290 0.32 21.22 -4.36
N PHE B 291 1.53 20.67 -4.42
CA PHE B 291 2.25 20.32 -3.20
C PHE B 291 3.74 20.49 -3.45
N THR B 292 4.39 21.20 -2.53
CA THR B 292 5.81 21.49 -2.65
C THR B 292 6.48 21.27 -1.29
N VAL B 293 7.64 20.64 -1.31
CA VAL B 293 8.53 20.57 -0.15
C VAL B 293 9.83 21.18 -0.63
N MET B 294 10.20 22.33 -0.08
N MET B 294 10.22 22.32 -0.06
CA MET B 294 11.31 23.10 -0.61
CA MET B 294 11.31 23.11 -0.59
C MET B 294 12.66 22.65 -0.05
C MET B 294 12.66 22.66 -0.04
N ASN B 295 13.69 22.85 -0.85
CA ASN B 295 15.06 22.78 -0.36
C ASN B 295 15.37 24.06 0.41
N GLY B 296 16.28 23.95 1.38
CA GLY B 296 16.64 25.07 2.21
C GLY B 296 18.06 25.56 1.96
N VAL B 297 18.39 26.64 2.64
CA VAL B 297 19.72 27.24 2.60
C VAL B 297 20.47 26.84 3.86
N PRO B 298 21.66 26.26 3.75
CA PRO B 298 22.43 25.96 4.97
C PRO B 298 22.70 27.23 5.77
N ASN B 299 22.36 27.19 7.06
CA ASN B 299 22.54 28.34 7.94
C ASN B 299 21.82 29.56 7.35
N SER B 300 20.55 29.35 7.02
CA SER B 300 19.81 30.37 6.28
C SER B 300 19.63 31.62 7.13
N PRO B 301 19.85 32.82 6.57
CA PRO B 301 19.36 34.03 7.24
C PRO B 301 17.84 33.97 7.36
N ILE B 302 17.32 34.79 8.29
CA ILE B 302 15.95 34.62 8.74
C ILE B 302 14.93 34.88 7.64
N ASN B 303 15.32 35.58 6.57
CA ASN B 303 14.40 35.97 5.52
C ASN B 303 14.50 35.12 4.26
N ARG B 304 15.33 34.08 4.26
CA ARG B 304 15.46 33.22 3.08
C ARG B 304 14.65 31.94 3.26
N TYR B 305 15.30 30.78 3.16
CA TYR B 305 14.60 29.50 3.18
C TYR B 305 15.34 28.55 4.12
N HIS B 306 14.65 28.09 5.16
CA HIS B 306 15.25 27.17 6.12
C HIS B 306 14.94 25.73 5.72
N GLN B 307 15.95 24.88 5.84
CA GLN B 307 15.82 23.46 5.54
C GLN B 307 14.58 22.88 6.18
N VAL B 308 13.90 21.99 5.45
CA VAL B 308 12.74 21.29 6.00
C VAL B 308 13.24 20.16 6.88
N GLU B 309 12.76 20.12 8.12
CA GLU B 309 13.12 19.07 9.06
C GLU B 309 11.88 18.66 9.83
N ASN B 310 11.74 17.35 10.06
CA ASN B 310 10.65 16.83 10.89
C ASN B 310 9.29 17.27 10.35
N ALA B 311 9.12 17.19 9.03
CA ALA B 311 7.82 17.39 8.41
C ALA B 311 7.08 16.06 8.38
N GLN B 312 5.84 16.07 8.87
CA GLN B 312 5.01 14.86 8.94
C GLN B 312 3.82 15.07 8.02
N ILE B 313 3.88 14.43 6.85
CA ILE B 313 2.88 14.59 5.80
C ILE B 313 2.14 13.26 5.69
N GLU B 314 0.99 13.15 6.35
CA GLU B 314 0.31 11.87 6.51
C GLU B 314 -1.15 11.98 6.11
N ASN B 315 -1.67 10.92 5.47
CA ASN B 315 -3.11 10.76 5.24
C ASN B 315 -3.69 11.95 4.48
N ASN B 316 -3.05 12.32 3.38
CA ASN B 316 -3.56 13.35 2.49
C ASN B 316 -4.00 12.72 1.17
N THR B 317 -5.00 13.34 0.54
CA THR B 317 -5.53 12.88 -0.73
C THR B 317 -5.24 13.91 -1.81
N PHE B 318 -4.60 13.47 -2.89
CA PHE B 318 -4.27 14.32 -4.03
C PHE B 318 -4.96 13.75 -5.26
N ILE B 319 -5.93 14.50 -5.79
CA ILE B 319 -6.68 14.09 -6.97
C ILE B 319 -6.35 15.05 -8.10
N ASN B 320 -5.79 14.52 -9.18
CA ASN B 320 -5.46 15.32 -10.35
C ASN B 320 -4.70 16.59 -9.97
N VAL B 321 -3.84 16.48 -8.97
CA VAL B 321 -2.88 17.53 -8.67
C VAL B 321 -1.73 17.39 -9.66
N GLU B 322 -1.58 18.40 -10.52
CA GLU B 322 -0.69 18.26 -11.67
C GLU B 322 0.78 18.30 -11.29
N HIS B 323 1.14 18.87 -10.14
CA HIS B 323 2.54 19.04 -9.78
C HIS B 323 2.74 18.82 -8.29
N ILE B 324 3.44 17.73 -7.96
CA ILE B 324 3.97 17.49 -6.61
C ILE B 324 5.48 17.50 -6.73
N GLN B 325 6.14 18.39 -5.99
CA GLN B 325 7.57 18.63 -6.13
C GLN B 325 8.25 18.49 -4.78
N LEU B 326 9.24 17.61 -4.71
CA LEU B 326 10.01 17.39 -3.49
C LEU B 326 11.44 17.87 -3.69
N ALA B 327 12.02 18.47 -2.66
CA ALA B 327 13.35 19.07 -2.74
C ALA B 327 13.36 20.17 -3.79
N ALA B 328 12.25 20.91 -3.88
CA ALA B 328 12.08 21.91 -4.92
C ALA B 328 12.97 23.13 -4.65
N GLY B 329 13.37 23.79 -5.73
CA GLY B 329 14.23 24.95 -5.64
C GLY B 329 15.70 24.66 -5.48
N SER B 330 16.10 23.39 -5.63
CA SER B 330 17.49 23.02 -5.44
C SER B 330 18.40 23.80 -6.38
N ASP B 331 19.45 24.38 -5.83
CA ASP B 331 20.47 25.09 -6.60
C ASP B 331 21.67 25.31 -5.69
N ALA B 332 22.60 26.18 -6.11
CA ALA B 332 23.82 26.39 -5.35
C ALA B 332 23.50 26.90 -3.94
N GLU B 333 22.64 27.92 -3.83
CA GLU B 333 22.26 28.43 -2.52
C GLU B 333 21.42 27.41 -1.76
N ARG B 334 20.27 27.03 -2.32
CA ARG B 334 19.34 26.11 -1.65
C ARG B 334 19.82 24.68 -1.87
N SER B 335 20.77 24.27 -1.04
CA SER B 335 21.36 22.94 -1.12
C SER B 335 20.96 22.03 0.04
N ALA B 336 20.18 22.53 1.00
CA ALA B 336 19.78 21.74 2.16
C ALA B 336 18.52 20.95 1.82
N VAL B 337 18.65 19.63 1.75
CA VAL B 337 17.57 18.75 1.34
C VAL B 337 16.69 18.42 2.55
N PRO B 338 15.44 18.01 2.35
CA PRO B 338 14.59 17.66 3.49
C PRO B 338 15.14 16.47 4.26
N ILE B 339 15.03 16.53 5.59
CA ILE B 339 15.58 15.50 6.46
C ILE B 339 14.62 15.21 7.60
N ASP B 340 14.75 14.00 8.15
CA ASP B 340 13.98 13.58 9.33
C ASP B 340 12.48 13.72 9.11
N SER B 341 12.02 13.58 7.88
CA SER B 341 10.62 13.76 7.53
C SER B 341 10.00 12.44 7.07
N VAL B 342 8.67 12.41 7.08
CA VAL B 342 7.93 11.21 6.70
C VAL B 342 6.77 11.59 5.78
N MET B 343 6.45 10.68 4.86
CA MET B 343 5.24 10.75 4.04
C MET B 343 4.59 9.37 4.10
N ASN B 344 3.43 9.27 4.75
N ASN B 344 3.43 9.30 4.76
CA ASN B 344 2.78 7.98 4.87
CA ASN B 344 2.74 8.03 5.02
C ASN B 344 1.28 8.12 4.77
C ASN B 344 1.26 8.18 4.70
N ASN B 345 0.65 7.06 4.31
CA ASN B 345 -0.80 6.95 4.15
C ASN B 345 -1.38 7.98 3.19
N ASN B 346 -0.59 8.49 2.26
CA ASN B 346 -1.09 9.45 1.29
C ASN B 346 -1.63 8.74 0.06
N LEU B 347 -2.70 9.28 -0.51
CA LEU B 347 -3.33 8.76 -1.71
C LEU B 347 -3.15 9.77 -2.84
N ILE B 348 -2.60 9.31 -3.96
CA ILE B 348 -2.27 10.17 -5.08
C ILE B 348 -2.89 9.57 -6.34
N ILE B 349 -3.90 10.23 -6.88
CA ILE B 349 -4.61 9.77 -8.07
C ILE B 349 -4.50 10.85 -9.15
N ASN B 350 -4.10 10.44 -10.35
CA ASN B 350 -3.93 11.35 -11.47
C ASN B 350 -4.43 10.68 -12.74
N ASP B 351 -5.49 11.24 -13.34
CA ASP B 351 -6.02 10.68 -14.57
C ASP B 351 -5.04 10.85 -15.72
N SER B 352 -4.19 11.86 -15.67
CA SER B 352 -3.33 12.18 -16.80
C SER B 352 -1.98 11.48 -16.72
N GLN B 353 -1.08 11.99 -15.89
CA GLN B 353 0.33 11.59 -15.93
C GLN B 353 0.87 11.57 -14.51
N GLN B 354 2.19 11.39 -14.40
CA GLN B 354 2.87 11.41 -13.10
C GLN B 354 3.20 12.85 -12.74
N SER B 355 2.42 13.41 -11.82
CA SER B 355 2.69 14.75 -11.32
C SER B 355 3.89 14.80 -10.38
N PHE B 356 4.39 13.64 -9.95
CA PHE B 356 5.41 13.58 -8.92
C PHE B 356 6.80 13.83 -9.51
N THR B 357 7.61 14.61 -8.78
CA THR B 357 8.98 14.83 -9.20
C THR B 357 9.82 15.24 -8.01
N ALA B 358 11.02 14.70 -7.95
CA ALA B 358 12.04 15.10 -6.99
C ALA B 358 13.13 15.87 -7.72
N PHE B 359 13.67 16.90 -7.07
CA PHE B 359 14.71 17.73 -7.65
C PHE B 359 16.04 17.64 -6.91
N ASP B 360 16.11 16.82 -5.86
CA ASP B 360 17.36 16.57 -5.16
C ASP B 360 17.19 15.27 -4.37
N ASP B 361 18.21 14.92 -3.60
CA ASP B 361 18.15 13.75 -2.73
C ASP B 361 16.97 13.88 -1.77
N ILE B 362 16.06 12.91 -1.81
CA ILE B 362 14.92 12.87 -0.91
C ILE B 362 14.98 11.67 0.03
N SER B 363 16.16 11.09 0.22
CA SER B 363 16.31 9.99 1.16
C SER B 363 16.02 10.40 2.59
N GLY B 364 15.97 11.70 2.89
CA GLY B 364 15.56 12.18 4.19
C GLY B 364 14.07 12.17 4.42
N ILE B 365 13.29 11.79 3.42
CA ILE B 365 11.85 11.61 3.54
C ILE B 365 11.58 10.11 3.50
N LYS B 366 11.12 9.56 4.61
CA LYS B 366 10.76 8.15 4.70
C LYS B 366 9.32 7.97 4.24
N PHE B 367 9.11 7.16 3.20
CA PHE B 367 7.79 6.89 2.67
C PHE B 367 7.26 5.58 3.21
N SER B 368 5.97 5.56 3.53
CA SER B 368 5.38 4.32 4.04
C SER B 368 3.88 4.28 3.77
N ASN B 369 3.43 3.20 3.13
CA ASN B 369 2.00 2.96 2.90
C ASN B 369 1.35 4.09 2.13
N ASN B 370 2.04 4.60 1.11
CA ASN B 370 1.45 5.53 0.16
C ASN B 370 0.96 4.76 -1.05
N ILE B 371 -0.13 5.22 -1.65
CA ILE B 371 -0.76 4.53 -2.76
C ILE B 371 -0.97 5.53 -3.90
N ALA B 372 -0.52 5.16 -5.10
CA ALA B 372 -0.71 5.96 -6.29
C ALA B 372 -1.21 5.08 -7.43
N ASN B 373 -1.96 5.70 -8.35
CA ASN B 373 -2.46 4.97 -9.51
C ASN B 373 -1.53 5.08 -10.72
N THR B 374 -0.51 5.93 -10.66
CA THR B 374 0.46 6.09 -11.72
C THR B 374 1.78 5.44 -11.32
N ALA B 375 2.79 5.61 -12.16
CA ALA B 375 4.14 5.11 -11.85
C ALA B 375 4.64 5.74 -10.56
N VAL B 376 4.82 4.91 -9.52
CA VAL B 376 5.28 5.43 -8.24
C VAL B 376 6.64 6.09 -8.42
N LEU B 377 6.89 7.11 -7.61
CA LEU B 377 8.25 7.60 -7.46
C LEU B 377 9.04 6.43 -6.87
N PRO B 378 9.99 5.84 -7.61
CA PRO B 378 10.65 4.61 -7.14
C PRO B 378 11.00 4.64 -5.66
N SER B 381 10.21 3.93 -4.87
CA SER B 381 10.36 3.88 -3.42
C SER B 381 9.58 2.68 -2.90
N LYS B 382 10.15 2.00 -1.91
CA LYS B 382 9.49 0.83 -1.34
C LYS B 382 8.24 1.17 -0.56
N GLY B 383 8.03 2.45 -0.21
CA GLY B 383 6.87 2.85 0.55
C GLY B 383 5.79 3.50 -0.29
N VAL B 384 5.84 3.31 -1.61
CA VAL B 384 4.83 3.80 -2.52
C VAL B 384 4.41 2.65 -3.42
N LYS B 385 3.14 2.28 -3.36
CA LYS B 385 2.58 1.16 -4.12
C LYS B 385 1.72 1.71 -5.24
N GLN B 386 1.89 1.17 -6.45
CA GLN B 386 1.02 1.49 -7.57
C GLN B 386 -0.18 0.57 -7.55
N GLN B 387 -1.37 1.16 -7.70
CA GLN B 387 -2.61 0.41 -7.62
C GLN B 387 -3.72 1.26 -8.23
N GLN B 388 -4.52 0.65 -9.10
CA GLN B 388 -5.69 1.33 -9.64
C GLN B 388 -6.77 1.38 -8.56
N VAL B 389 -7.16 2.59 -8.18
CA VAL B 389 -8.10 2.82 -7.09
C VAL B 389 -9.39 3.34 -7.70
N LYS B 390 -10.46 2.55 -7.59
CA LYS B 390 -11.77 3.02 -8.02
C LYS B 390 -12.31 4.02 -7.02
N LEU B 391 -12.68 5.21 -7.51
CA LEU B 391 -13.11 6.30 -6.65
C LEU B 391 -14.60 6.55 -6.81
N LYS B 392 -15.18 7.20 -5.80
CA LYS B 392 -16.57 7.61 -5.83
C LYS B 392 -16.70 8.92 -5.05
N ARG B 393 -17.42 9.88 -5.60
CA ARG B 393 -17.60 11.18 -4.97
C ARG B 393 -18.83 11.14 -4.08
N ASN B 394 -18.65 11.52 -2.81
CA ASN B 394 -19.75 11.50 -1.87
C ASN B 394 -20.58 12.78 -1.98
N LYS B 395 -21.66 12.85 -1.20
CA LYS B 395 -22.54 14.01 -1.26
C LYS B 395 -21.81 15.29 -0.90
N ALA B 396 -20.84 15.21 0.01
CA ALA B 396 -20.09 16.40 0.41
C ALA B 396 -19.14 16.89 -0.68
N GLY B 397 -18.92 16.11 -1.72
CA GLY B 397 -18.10 16.52 -2.84
C GLY B 397 -16.70 15.96 -2.86
N LEU B 398 -16.41 14.94 -2.07
CA LEU B 398 -15.07 14.39 -1.93
C LEU B 398 -15.00 13.02 -2.57
N LEU B 399 -13.96 12.78 -3.37
CA LEU B 399 -13.70 11.46 -3.92
C LEU B 399 -13.04 10.59 -2.86
N TYR B 400 -13.55 9.38 -2.68
CA TYR B 400 -12.99 8.40 -1.76
C TYR B 400 -12.87 7.06 -2.45
N PRO B 401 -11.95 6.21 -2.01
CA PRO B 401 -11.85 4.86 -2.60
C PRO B 401 -13.13 4.06 -2.36
N VAL B 402 -13.57 3.36 -3.40
CA VAL B 402 -14.69 2.43 -3.24
C VAL B 402 -14.29 1.27 -2.34
N SER B 403 -13.10 0.72 -2.56
CA SER B 403 -12.66 -0.45 -1.80
C SER B 403 -12.38 -0.06 -0.35
N GLU B 404 -12.87 -0.89 0.58
CA GLU B 404 -12.63 -0.67 2.00
C GLU B 404 -11.21 -1.05 2.42
N SER B 405 -10.46 -1.73 1.56
CA SER B 405 -9.12 -2.20 1.91
C SER B 405 -8.03 -1.20 1.54
N VAL B 406 -8.38 -0.04 1.00
CA VAL B 406 -7.42 1.00 0.67
C VAL B 406 -7.23 1.87 1.92
N PHE B 407 -6.10 1.71 2.59
CA PHE B 407 -5.82 2.38 3.86
C PHE B 407 -4.97 3.63 3.65
N ALA B 408 -5.37 4.49 2.72
CA ALA B 408 -4.63 5.71 2.44
C ALA B 408 -5.60 6.84 2.14
N GLY B 409 -5.06 8.06 2.13
CA GLY B 409 -5.87 9.24 1.89
C GLY B 409 -6.39 9.87 3.16
N ALA B 410 -7.18 10.92 2.98
CA ALA B 410 -7.74 11.63 4.12
C ALA B 410 -8.81 10.79 4.81
N LYS B 411 -9.06 11.13 6.08
CA LYS B 411 -10.02 10.38 6.87
C LYS B 411 -11.38 10.35 6.18
N ALA B 412 -12.16 9.31 6.51
CA ALA B 412 -13.40 9.05 5.78
C ALA B 412 -14.43 10.15 6.01
N ASP B 413 -14.60 10.58 7.26
CA ASP B 413 -15.66 11.52 7.62
C ASP B 413 -15.24 12.98 7.48
N LEU B 414 -14.31 13.27 6.56
CA LEU B 414 -13.86 14.64 6.38
C LEU B 414 -15.03 15.53 5.94
N THR B 415 -15.23 16.63 6.66
CA THR B 415 -16.33 17.54 6.38
C THR B 415 -15.90 18.64 5.42
N VAL B 416 -16.87 19.25 4.76
CA VAL B 416 -16.65 20.28 3.75
C VAL B 416 -17.43 21.52 4.16
N LEU B 417 -16.72 22.59 4.48
CA LEU B 417 -17.36 23.85 4.82
C LEU B 417 -18.24 24.33 3.68
N LYS B 418 -19.42 24.86 4.03
CA LYS B 418 -20.34 25.42 3.04
C LYS B 418 -20.11 26.92 2.92
N LYS B 419 -20.03 27.41 1.68
CA LYS B 419 -19.87 28.84 1.45
C LYS B 419 -20.93 29.65 2.18
N ALA B 420 -22.16 29.14 2.25
CA ALA B 420 -23.25 29.88 2.87
C ALA B 420 -23.10 29.94 4.39
N ASP B 421 -22.26 29.11 4.97
CA ASP B 421 -21.99 29.14 6.41
C ASP B 421 -20.90 30.13 6.77
N THR B 422 -20.47 30.97 5.83
CA THR B 422 -19.45 31.98 6.08
C THR B 422 -19.99 33.34 5.66
N GLY B 423 -19.32 34.39 6.13
CA GLY B 423 -19.78 35.74 5.83
C GLY B 423 -21.05 36.07 6.59
N VAL B 424 -21.92 36.83 5.94
CA VAL B 424 -23.17 37.30 6.54
C VAL B 424 -24.31 37.00 5.58
N SER B 425 -25.47 36.65 6.14
CA SER B 425 -26.65 36.37 5.33
C SER B 425 -27.25 37.62 4.71
N TRP B 426 -26.95 38.80 5.26
CA TRP B 426 -27.58 40.05 4.84
C TRP B 426 -26.75 40.82 3.82
N TYR B 427 -25.66 40.25 3.33
CA TYR B 427 -24.86 40.87 2.28
C TYR B 427 -24.57 39.82 1.22
N PRO B 428 -24.84 40.10 -0.05
CA PRO B 428 -24.71 39.05 -1.07
C PRO B 428 -23.26 38.74 -1.40
N LYS B 429 -23.03 37.51 -1.85
CA LYS B 429 -21.76 37.07 -2.40
C LYS B 429 -21.92 37.09 -3.92
N SER B 430 -21.50 38.17 -4.54
CA SER B 430 -21.78 38.46 -5.94
C SER B 430 -20.60 38.10 -6.82
N PRO B 431 -20.79 38.08 -8.13
CA PRO B 431 -19.70 37.67 -9.03
C PRO B 431 -18.52 38.62 -8.95
N ALA B 432 -17.34 38.06 -9.23
CA ALA B 432 -16.11 38.86 -9.16
C ALA B 432 -16.07 39.94 -10.22
N ILE B 433 -16.72 39.71 -11.37
CA ILE B 433 -16.53 40.53 -12.56
C ILE B 433 -17.83 40.56 -13.32
N VAL B 434 -18.08 41.68 -14.00
CA VAL B 434 -19.23 41.80 -14.89
C VAL B 434 -18.82 41.22 -16.25
N ALA B 435 -19.49 40.15 -16.65
CA ALA B 435 -19.17 39.50 -17.92
C ALA B 435 -19.65 40.35 -19.09
N PHE B 436 -18.86 40.34 -20.17
CA PHE B 436 -19.27 41.02 -21.39
C PHE B 436 -20.58 40.45 -21.90
N ASP B 437 -21.39 41.33 -22.50
CA ASP B 437 -22.63 40.94 -23.17
C ASP B 437 -23.63 40.29 -22.22
N SER B 438 -23.44 40.49 -20.91
CA SER B 438 -24.37 39.94 -19.93
C SER B 438 -25.61 40.80 -19.75
N GLY B 439 -25.56 42.07 -20.17
CA GLY B 439 -26.69 42.96 -20.01
C GLY B 439 -27.58 43.00 -21.24
N LYS B 440 -28.13 44.17 -21.54
CA LYS B 440 -29.07 44.35 -22.64
C LYS B 440 -28.38 45.00 -23.84
N THR B 441 -28.99 44.83 -25.00
CA THR B 441 -28.44 45.31 -26.27
C THR B 441 -29.23 46.51 -26.74
N HIS B 442 -28.54 47.64 -26.90
CA HIS B 442 -29.14 48.87 -27.41
C HIS B 442 -28.68 49.10 -28.84
N ARG B 443 -29.63 49.31 -29.74
CA ARG B 443 -29.29 49.72 -31.10
C ARG B 443 -28.94 51.19 -31.09
N VAL B 444 -27.81 51.54 -31.70
CA VAL B 444 -27.33 52.92 -31.77
C VAL B 444 -27.64 53.45 -33.16
N GLU B 445 -28.28 54.62 -33.22
CA GLU B 445 -28.49 55.29 -34.49
C GLU B 445 -27.20 55.88 -35.01
N ASN B 446 -27.10 56.01 -36.33
CA ASN B 446 -25.88 56.46 -36.99
C ASN B 446 -25.63 57.92 -36.68
N SER B 447 -25.14 58.18 -35.47
CA SER B 447 -24.79 59.53 -35.05
C SER B 447 -23.83 59.43 -33.88
N ALA B 448 -22.82 60.30 -33.86
CA ALA B 448 -21.94 60.37 -32.70
C ALA B 448 -22.69 60.83 -31.46
N LYS B 449 -23.68 61.71 -31.65
CA LYS B 449 -24.49 62.16 -30.52
C LYS B 449 -25.26 61.00 -29.90
N ASP B 450 -25.93 60.20 -30.74
CA ASP B 450 -26.68 59.06 -30.22
C ASP B 450 -25.75 58.00 -29.65
N LEU B 451 -24.57 57.83 -30.24
CA LEU B 451 -23.61 56.89 -29.68
C LEU B 451 -23.18 57.30 -28.27
N LEU B 452 -22.87 58.59 -28.09
CA LEU B 452 -22.48 59.06 -26.77
C LEU B 452 -23.64 58.95 -25.78
N LEU B 453 -24.86 59.27 -26.23
CA LEU B 453 -26.02 59.12 -25.37
C LEU B 453 -26.18 57.69 -24.91
N LYS B 454 -26.08 56.73 -25.83
CA LYS B 454 -26.24 55.33 -25.48
C LYS B 454 -25.12 54.87 -24.55
N ILE B 455 -23.88 55.32 -24.78
CA ILE B 455 -22.80 54.99 -23.87
C ILE B 455 -23.12 55.50 -22.47
N GLU B 456 -23.53 56.77 -22.38
CA GLU B 456 -23.80 57.38 -21.09
C GLU B 456 -24.92 56.65 -20.35
N GLN B 457 -25.93 56.18 -21.08
CA GLN B 457 -27.11 55.58 -20.46
C GLN B 457 -27.00 54.08 -20.28
N ALA B 458 -26.02 53.43 -20.88
CA ALA B 458 -25.92 51.97 -20.81
C ALA B 458 -25.53 51.53 -19.40
N HIS B 459 -25.93 50.30 -19.06
CA HIS B 459 -25.54 49.66 -17.81
C HIS B 459 -24.36 48.73 -18.05
N SER B 460 -23.58 48.51 -17.00
CA SER B 460 -22.42 47.64 -17.11
C SER B 460 -22.85 46.26 -17.59
N GLY B 461 -22.14 45.75 -18.60
CA GLY B 461 -22.48 44.50 -19.24
C GLY B 461 -23.29 44.62 -20.51
N ASP B 462 -23.61 45.85 -20.92
CA ASP B 462 -24.47 46.06 -22.07
C ASP B 462 -23.69 46.03 -23.37
N VAL B 463 -24.44 45.90 -24.47
CA VAL B 463 -23.91 45.85 -25.82
C VAL B 463 -24.53 47.00 -26.61
N LEU B 464 -23.70 47.77 -27.29
CA LEU B 464 -24.16 48.83 -28.18
C LEU B 464 -24.01 48.33 -29.62
N GLU B 465 -25.13 48.15 -30.30
CA GLU B 465 -25.16 47.69 -31.68
C GLU B 465 -25.22 48.91 -32.58
N LEU B 466 -24.10 49.20 -33.23
CA LEU B 466 -23.97 50.44 -34.01
C LEU B 466 -24.53 50.25 -35.41
N SER B 467 -25.37 51.19 -35.83
CA SER B 467 -25.92 51.16 -37.18
C SER B 467 -24.85 51.49 -38.21
N ALA B 468 -25.09 51.07 -39.45
CA ALA B 468 -24.15 51.33 -40.52
C ALA B 468 -23.98 52.83 -40.73
N GLY B 469 -22.73 53.23 -40.94
CA GLY B 469 -22.41 54.61 -41.24
C GLY B 469 -21.15 55.05 -40.54
N ASP B 470 -20.94 56.36 -40.52
CA ASP B 470 -19.77 56.97 -39.93
C ASP B 470 -20.09 57.51 -38.54
N TYR B 471 -19.08 57.49 -37.67
CA TYR B 471 -19.15 58.06 -36.33
C TYR B 471 -17.86 58.87 -36.15
N ASP B 472 -17.96 60.18 -36.39
CA ASP B 472 -16.82 61.08 -36.28
C ASP B 472 -16.91 61.80 -34.94
N LEU B 473 -16.20 61.28 -33.95
CA LEU B 473 -16.25 61.81 -32.60
C LEU B 473 -15.28 62.97 -32.44
N ALA B 474 -15.70 64.00 -31.71
CA ALA B 474 -14.85 65.14 -31.38
C ALA B 474 -14.36 65.10 -29.95
N LYS B 475 -14.78 64.11 -29.16
CA LYS B 475 -14.49 64.06 -27.74
C LYS B 475 -13.95 62.68 -27.38
N LEU B 476 -13.29 62.62 -26.22
CA LEU B 476 -12.83 61.34 -25.69
C LEU B 476 -14.02 60.54 -25.16
N VAL B 477 -13.96 59.23 -25.33
CA VAL B 477 -14.99 58.33 -24.83
C VAL B 477 -14.41 57.62 -23.61
N VAL B 478 -14.93 57.93 -22.43
CA VAL B 478 -14.50 57.31 -21.18
C VAL B 478 -15.32 56.04 -20.96
N ILE B 479 -14.64 54.98 -20.54
CA ILE B 479 -15.25 53.67 -20.31
C ILE B 479 -15.05 53.37 -18.83
N ASP B 480 -16.10 53.55 -18.02
CA ASP B 480 -16.03 53.28 -16.59
C ASP B 480 -16.97 52.14 -16.19
N LYS B 481 -17.35 51.30 -17.15
CA LYS B 481 -18.20 50.14 -16.91
C LYS B 481 -17.85 49.10 -17.97
N THR B 482 -18.42 47.91 -17.83
CA THR B 482 -18.22 46.86 -18.82
C THR B 482 -19.16 47.10 -20.00
N LEU B 483 -18.61 47.30 -21.19
CA LEU B 483 -19.39 47.60 -22.38
C LEU B 483 -18.82 46.85 -23.58
N SER B 484 -19.71 46.46 -24.48
CA SER B 484 -19.32 45.93 -25.78
C SER B 484 -19.82 46.86 -26.87
N PHE B 485 -19.02 47.04 -27.91
CA PHE B 485 -19.40 47.79 -29.10
C PHE B 485 -19.34 46.86 -30.30
N LYS B 486 -20.48 46.63 -30.94
CA LYS B 486 -20.56 45.70 -32.05
C LYS B 486 -21.25 46.36 -33.22
N ALA B 487 -20.61 46.32 -34.39
CA ALA B 487 -21.26 46.75 -35.61
C ALA B 487 -22.40 45.79 -35.93
N ALA B 488 -23.59 46.35 -36.18
CA ALA B 488 -24.70 45.49 -36.60
C ALA B 488 -24.30 44.63 -37.79
N GLN B 489 -23.40 45.12 -38.63
CA GLN B 489 -22.85 44.36 -39.74
C GLN B 489 -21.35 44.66 -39.84
N ASP B 490 -20.54 43.61 -39.79
CA ASP B 490 -19.09 43.77 -39.86
C ASP B 490 -18.71 44.57 -41.10
N GLY B 491 -17.92 45.62 -40.90
CA GLY B 491 -17.41 46.43 -41.98
C GLY B 491 -18.30 47.60 -42.37
N ALA B 492 -19.56 47.61 -41.94
CA ALA B 492 -20.49 48.67 -42.32
C ALA B 492 -20.36 49.90 -41.43
N VAL B 493 -19.52 49.86 -40.41
CA VAL B 493 -19.40 50.95 -39.43
C VAL B 493 -17.98 51.49 -39.46
N ASN B 494 -17.86 52.81 -39.57
CA ASN B 494 -16.57 53.48 -39.53
C ASN B 494 -16.53 54.45 -38.35
N LEU B 495 -15.39 54.51 -37.66
CA LEU B 495 -15.20 55.43 -36.55
C LEU B 495 -13.96 56.29 -36.81
N THR B 496 -14.07 57.58 -36.48
CA THR B 496 -12.92 58.47 -36.42
C THR B 496 -13.03 59.31 -35.16
N PHE B 497 -11.92 59.93 -34.77
CA PHE B 497 -11.89 60.69 -33.53
C PHE B 497 -10.90 61.83 -33.66
N GLU B 498 -11.25 62.98 -33.05
CA GLU B 498 -10.42 64.18 -33.11
C GLU B 498 -9.53 64.37 -31.89
N ARG B 499 -9.79 63.66 -30.80
CA ARG B 499 -8.97 63.83 -29.60
C ARG B 499 -7.72 62.95 -29.67
N SER B 500 -6.81 63.17 -28.71
CA SER B 500 -5.59 62.39 -28.64
C SER B 500 -5.85 60.91 -28.40
N SER B 501 -7.08 60.53 -28.08
CA SER B 501 -7.43 59.12 -27.96
C SER B 501 -8.91 58.97 -28.23
N LEU B 502 -9.30 57.74 -28.60
CA LEU B 502 -10.71 57.42 -28.83
C LEU B 502 -11.36 56.90 -27.55
N PHE B 503 -10.79 55.85 -26.96
CA PHE B 503 -11.28 55.25 -25.74
C PHE B 503 -10.26 55.45 -24.61
N GLU B 504 -10.75 55.85 -23.44
CA GLU B 504 -9.96 55.89 -22.22
C GLU B 504 -10.68 55.07 -21.17
N ILE B 505 -10.04 53.99 -20.72
CA ILE B 505 -10.63 53.04 -19.77
C ILE B 505 -10.34 53.55 -18.36
N HIS B 506 -11.40 53.72 -17.57
CA HIS B 506 -11.31 54.12 -16.18
C HIS B 506 -11.70 52.95 -15.29
N ASP B 507 -11.49 53.14 -13.97
CA ASP B 507 -11.83 52.10 -13.01
C ASP B 507 -13.27 51.63 -13.20
N GLY B 508 -13.46 50.32 -13.17
CA GLY B 508 -14.74 49.71 -13.47
C GLY B 508 -14.96 49.43 -14.94
N GLY B 509 -14.15 50.01 -15.82
CA GLY B 509 -14.35 49.84 -17.24
C GLY B 509 -13.69 48.58 -17.80
N SER B 510 -14.34 48.02 -18.81
CA SER B 510 -13.77 46.97 -19.65
C SER B 510 -14.39 47.13 -21.02
N LEU B 511 -13.61 46.86 -22.06
CA LEU B 511 -13.97 47.21 -23.42
C LEU B 511 -13.92 46.00 -24.33
N LYS B 512 -14.98 45.79 -25.10
CA LYS B 512 -15.01 44.78 -26.15
C LYS B 512 -15.47 45.42 -27.45
N LEU B 513 -14.74 45.16 -28.53
CA LEU B 513 -14.99 45.75 -29.84
C LEU B 513 -15.09 44.64 -30.87
N GLU B 514 -16.06 44.78 -31.78
CA GLU B 514 -16.29 43.77 -32.82
C GLU B 514 -16.75 44.43 -34.10
N GLY B 515 -16.14 44.03 -35.22
CA GLY B 515 -16.63 44.42 -36.53
C GLY B 515 -16.56 45.88 -36.85
N LEU B 516 -15.61 46.62 -36.26
CA LEU B 516 -15.50 48.05 -36.45
C LEU B 516 -14.32 48.37 -37.36
N VAL B 517 -14.47 49.46 -38.12
CA VAL B 517 -13.36 50.08 -38.85
C VAL B 517 -13.03 51.38 -38.13
N ILE B 518 -11.79 51.49 -37.65
CA ILE B 518 -11.34 52.65 -36.89
C ILE B 518 -10.17 53.29 -37.63
N SER B 519 -10.30 54.59 -37.91
CA SER B 519 -9.27 55.35 -38.61
C SER B 519 -8.80 56.50 -37.75
N GLY B 520 -7.53 56.89 -37.94
CA GLY B 520 -6.97 58.03 -37.26
C GLY B 520 -6.78 59.23 -38.16
N LYS B 521 -7.54 59.29 -39.26
CA LYS B 521 -7.36 60.37 -40.23
C LYS B 521 -7.64 61.73 -39.61
N ASN B 522 -8.58 61.81 -38.68
CA ASN B 522 -8.98 63.08 -38.06
C ASN B 522 -8.32 63.32 -36.72
N SER B 523 -7.45 62.42 -36.28
CA SER B 523 -6.80 62.58 -34.98
C SER B 523 -5.81 63.74 -35.04
N PRO B 524 -5.40 64.25 -33.88
CA PRO B 524 -4.53 65.43 -33.87
C PRO B 524 -3.21 65.17 -34.58
N ASP B 525 -2.68 66.23 -35.19
CA ASP B 525 -1.37 66.17 -35.88
C ASP B 525 -0.28 66.40 -34.83
N SER B 526 -0.17 65.44 -33.91
CA SER B 526 0.79 65.52 -32.82
C SER B 526 1.21 64.12 -32.44
N ALA B 527 2.38 64.03 -31.80
CA ALA B 527 2.89 62.76 -31.34
C ALA B 527 2.18 62.33 -30.07
N GLY B 528 2.04 61.02 -29.88
CA GLY B 528 1.45 60.47 -28.69
C GLY B 528 -0.01 60.07 -28.80
N ASN B 529 -0.59 60.13 -29.99
CA ASN B 529 -1.97 59.69 -30.15
C ASN B 529 -2.09 58.19 -29.86
N SER B 530 -3.28 57.78 -29.46
CA SER B 530 -3.61 56.37 -29.29
C SER B 530 -5.06 56.17 -29.69
N VAL B 531 -5.44 54.91 -29.90
CA VAL B 531 -6.84 54.58 -30.07
C VAL B 531 -7.49 54.24 -28.73
N ILE B 532 -6.78 53.47 -27.91
CA ILE B 532 -7.26 53.03 -26.61
C ILE B 532 -6.15 53.25 -25.60
N ARG B 533 -6.51 53.76 -24.42
CA ARG B 533 -5.55 53.87 -23.32
C ARG B 533 -6.32 53.72 -22.02
N THR B 534 -5.59 53.60 -20.91
CA THR B 534 -6.16 53.65 -19.58
C THR B 534 -5.95 55.06 -19.02
N LYS B 535 -6.51 55.31 -17.83
CA LYS B 535 -6.10 56.49 -17.09
C LYS B 535 -4.58 56.53 -17.05
N LYS B 536 -4.01 57.67 -17.47
CA LYS B 536 -2.56 57.81 -17.44
C LYS B 536 -2.00 57.58 -16.04
N TRP B 537 -2.82 57.76 -15.01
CA TRP B 537 -2.38 57.52 -13.63
C TRP B 537 -3.59 57.17 -12.77
N GLY B 538 -3.32 56.47 -11.67
CA GLY B 538 -4.29 56.28 -10.62
C GLY B 538 -5.30 55.16 -10.83
N MET B 539 -5.10 54.28 -11.81
CA MET B 539 -6.05 53.18 -11.99
C MET B 539 -5.91 52.17 -10.85
N VAL B 540 -7.02 51.52 -10.53
CA VAL B 540 -7.10 50.63 -9.38
C VAL B 540 -7.64 49.27 -9.83
N GLU B 541 -8.70 49.27 -10.63
CA GLU B 541 -9.39 48.03 -11.00
C GLU B 541 -8.78 47.45 -12.26
N ASN B 542 -8.41 46.16 -12.19
CA ASN B 542 -7.99 45.44 -13.39
C ASN B 542 -9.08 45.56 -14.45
N TYR B 543 -8.67 45.62 -15.71
CA TYR B 543 -9.58 45.82 -16.82
C TYR B 543 -9.37 44.72 -17.86
N ARG B 544 -10.35 44.60 -18.75
CA ARG B 544 -10.29 43.67 -19.88
C ARG B 544 -10.44 44.45 -21.18
N LEU B 545 -9.69 44.03 -22.19
CA LEU B 545 -9.77 44.61 -23.53
C LEU B 545 -9.80 43.49 -24.55
N ILE B 546 -10.89 43.44 -25.31
CA ILE B 546 -11.08 42.42 -26.33
C ILE B 546 -11.45 43.11 -27.63
N MET B 547 -10.86 42.67 -28.74
CA MET B 547 -11.18 43.19 -30.06
C MET B 547 -11.15 42.06 -31.07
N GLU B 548 -12.23 41.92 -31.84
CA GLU B 548 -12.38 40.87 -32.83
C GLU B 548 -12.86 41.47 -34.14
N ARG B 549 -12.25 41.04 -35.25
CA ARG B 549 -12.77 41.33 -36.59
C ARG B 549 -12.88 42.83 -36.84
N CYS B 550 -11.92 43.60 -36.35
CA CYS B 550 -11.87 45.03 -36.57
C CYS B 550 -10.74 45.37 -37.52
N GLN B 551 -10.87 46.50 -38.21
CA GLN B 551 -9.86 47.03 -39.11
C GLN B 551 -9.42 48.38 -38.60
N LEU B 552 -8.13 48.50 -38.27
CA LEU B 552 -7.55 49.76 -37.82
C LEU B 552 -6.54 50.25 -38.84
N ILE B 553 -6.72 51.50 -39.28
CA ILE B 553 -5.98 52.05 -40.39
C ILE B 553 -5.65 53.51 -40.12
N ASP B 554 -4.64 54.01 -40.83
CA ASP B 554 -4.33 55.44 -40.85
C ASP B 554 -3.97 55.96 -39.46
N LEU B 555 -3.17 55.18 -38.72
CA LEU B 555 -2.59 55.64 -37.47
C LEU B 555 -1.19 56.20 -37.71
N ASP B 556 -1.09 57.17 -38.63
CA ASP B 556 0.22 57.63 -39.07
C ASP B 556 0.26 59.12 -39.38
N ILE B 557 -0.67 59.91 -38.84
CA ILE B 557 -0.63 61.35 -39.08
C ILE B 557 0.61 61.96 -38.44
N ASN B 558 1.12 61.35 -37.38
CA ASN B 558 2.35 61.79 -36.74
C ASN B 558 3.04 60.55 -36.16
N HIS B 559 4.17 60.75 -35.50
CA HIS B 559 4.93 59.63 -34.99
C HIS B 559 4.42 59.22 -33.59
N THR B 560 4.73 57.98 -33.23
CA THR B 560 4.28 57.39 -31.97
C THR B 560 2.76 57.44 -31.84
N PHE B 561 2.08 57.04 -32.91
CA PHE B 561 0.63 56.84 -32.89
C PHE B 561 0.40 55.36 -32.59
N ASP B 562 0.14 55.05 -31.32
CA ASP B 562 -0.04 53.68 -30.88
C ASP B 562 -1.49 53.25 -31.05
N PHE B 563 -1.71 51.93 -31.00
CA PHE B 563 -3.07 51.42 -30.89
C PHE B 563 -3.53 51.42 -29.44
N PHE B 564 -2.79 50.72 -28.58
CA PHE B 564 -3.08 50.67 -27.14
C PHE B 564 -1.85 51.08 -26.35
N LYS B 565 -2.07 51.78 -25.26
CA LYS B 565 -1.00 52.30 -24.42
C LYS B 565 -1.46 52.22 -22.96
N THR B 566 -0.71 51.49 -22.14
CA THR B 566 -1.08 51.36 -20.73
C THR B 566 -0.75 52.65 -19.98
N GLY B 567 -1.55 52.93 -18.96
CA GLY B 567 -1.19 53.94 -17.99
C GLY B 567 -0.24 53.38 -16.95
N LYS B 568 0.36 54.28 -16.19
CA LYS B 568 1.29 53.88 -15.14
C LYS B 568 0.55 53.11 -14.06
N GLY B 569 1.00 51.89 -13.77
CA GLY B 569 0.41 51.09 -12.73
C GLY B 569 -0.83 50.31 -13.13
N ALA B 570 -1.41 50.61 -14.29
CA ALA B 570 -2.59 49.87 -14.73
C ALA B 570 -2.24 48.40 -14.97
N LEU B 571 -3.24 47.54 -14.82
CA LEU B 571 -3.07 46.11 -15.04
C LEU B 571 -4.29 45.56 -15.78
N ALA B 572 -4.02 44.89 -16.90
CA ALA B 572 -5.06 44.19 -17.64
C ALA B 572 -5.13 42.74 -17.17
N ASP B 573 -6.33 42.29 -16.80
CA ASP B 573 -6.55 40.85 -16.67
C ASP B 573 -6.26 40.16 -18.00
N GLU B 574 -6.85 40.66 -19.09
CA GLU B 574 -6.61 40.10 -20.41
C GLU B 574 -6.71 41.19 -21.47
N ILE B 575 -5.79 41.12 -22.43
CA ILE B 575 -5.87 41.89 -23.66
C ILE B 575 -5.86 40.87 -24.80
N THR B 576 -6.96 40.81 -25.55
CA THR B 576 -7.19 39.75 -26.52
C THR B 576 -7.55 40.38 -27.86
N LEU B 577 -6.68 40.19 -28.86
CA LEU B 577 -6.88 40.69 -30.21
C LEU B 577 -6.98 39.49 -31.15
N ILE B 578 -8.14 39.32 -31.77
CA ILE B 578 -8.44 38.16 -32.59
C ILE B 578 -8.91 38.61 -33.96
N ASN B 579 -8.26 38.10 -35.00
CA ASN B 579 -8.74 38.25 -36.38
C ASN B 579 -9.01 39.71 -36.75
N ASN B 580 -8.03 40.56 -36.48
CA ASN B 580 -8.09 41.96 -36.86
C ASN B 580 -7.04 42.25 -37.93
N GLN B 581 -7.15 43.44 -38.53
CA GLN B 581 -6.16 43.92 -39.49
C GLN B 581 -5.68 45.29 -39.05
N PHE B 582 -4.36 45.46 -39.00
CA PHE B 582 -3.73 46.72 -38.66
C PHE B 582 -2.89 47.18 -39.85
N SER B 583 -2.97 48.47 -40.18
CA SER B 583 -2.31 48.98 -41.38
C SER B 583 -1.86 50.42 -41.13
N GLN B 584 -0.59 50.69 -41.42
CA GLN B 584 -0.02 52.03 -41.39
C GLN B 584 -0.11 52.62 -39.97
N VAL B 585 0.78 52.12 -39.11
CA VAL B 585 0.85 52.52 -37.71
C VAL B 585 2.28 52.97 -37.42
N THR B 586 2.42 54.21 -36.95
CA THR B 586 3.74 54.75 -36.64
C THR B 586 4.22 54.34 -35.25
N GLY B 587 3.30 54.06 -34.33
CA GLY B 587 3.64 53.66 -33.00
C GLY B 587 3.62 52.15 -32.81
N ASP B 588 3.53 51.74 -31.55
CA ASP B 588 3.43 50.33 -31.20
C ASP B 588 1.96 49.91 -31.17
N ILE B 589 1.73 48.60 -31.22
CA ILE B 589 0.38 48.09 -31.10
C ILE B 589 -0.03 47.99 -29.63
N LEU B 590 0.80 47.35 -28.81
CA LEU B 590 0.52 47.17 -27.38
C LEU B 590 1.72 47.60 -26.55
N ARG B 591 1.62 48.77 -25.91
CA ARG B 591 2.65 49.25 -25.00
C ARG B 591 2.28 48.85 -23.57
N LEU B 592 2.97 47.86 -23.03
CA LEU B 592 2.80 47.37 -21.67
C LEU B 592 4.16 47.33 -20.99
N ASP B 593 4.83 48.48 -21.00
CA ASP B 593 6.24 48.59 -20.60
C ASP B 593 6.45 49.81 -19.73
N SER B 594 5.50 50.09 -18.84
CA SER B 594 5.53 51.30 -18.04
C SER B 594 6.21 51.13 -16.69
N GLU B 595 6.37 49.89 -16.21
CA GLU B 595 6.88 49.64 -14.86
C GLU B 595 8.40 49.51 -14.94
N ILE B 596 9.07 50.67 -15.03
CA ILE B 596 10.52 50.69 -15.21
C ILE B 596 11.29 50.75 -13.90
N GLU B 597 10.60 50.70 -12.76
CA GLU B 597 11.28 50.67 -11.46
C GLU B 597 11.85 49.31 -11.13
N ASN B 598 11.47 48.26 -11.85
CA ASN B 598 12.03 46.93 -11.68
C ASN B 598 11.75 46.37 -10.28
N LEU B 599 10.50 46.52 -9.84
CA LEU B 599 10.04 45.99 -8.56
C LEU B 599 9.13 44.78 -8.73
N GLY B 600 9.01 44.26 -9.96
CA GLY B 600 8.15 43.13 -10.23
C GLY B 600 6.77 43.48 -10.73
N VAL B 601 6.44 44.77 -10.84
CA VAL B 601 5.13 45.19 -11.30
C VAL B 601 5.07 45.07 -12.82
N TYR B 602 3.90 44.70 -13.34
CA TYR B 602 3.70 44.60 -14.77
C TYR B 602 2.28 45.02 -15.12
N ASN B 603 2.01 45.15 -16.42
CA ASN B 603 0.83 45.84 -16.91
C ASN B 603 -0.22 44.92 -17.53
N ALA B 604 0.03 43.62 -17.65
CA ALA B 604 -0.98 42.74 -18.21
C ALA B 604 -0.74 41.31 -17.72
N GLU B 605 -1.82 40.65 -17.29
CA GLU B 605 -1.71 39.26 -16.86
C GLU B 605 -1.72 38.33 -18.07
N TYR B 606 -2.74 38.43 -18.92
CA TYR B 606 -2.83 37.61 -20.13
C TYR B 606 -2.88 38.50 -21.37
N VAL B 607 -2.04 38.17 -22.36
CA VAL B 607 -2.02 38.87 -23.63
C VAL B 607 -2.10 37.82 -24.73
N THR B 608 -3.10 37.95 -25.60
CA THR B 608 -3.34 37.00 -26.67
C THR B 608 -3.55 37.74 -27.98
N LEU B 609 -2.81 37.33 -29.01
CA LEU B 609 -2.98 37.84 -30.37
C LEU B 609 -3.08 36.63 -31.28
N THR B 610 -4.23 36.48 -31.95
CA THR B 610 -4.43 35.34 -32.83
C THR B 610 -5.12 35.78 -34.12
N ASN B 611 -4.59 35.28 -35.24
CA ASN B 611 -5.22 35.40 -36.56
C ASN B 611 -5.31 36.84 -37.05
N ASN B 612 -4.44 37.73 -36.58
CA ASN B 612 -4.44 39.10 -37.04
C ASN B 612 -3.46 39.28 -38.20
N HIS B 613 -3.63 40.39 -38.93
CA HIS B 613 -2.70 40.81 -39.95
C HIS B 613 -2.14 42.17 -39.56
N PHE B 614 -0.82 42.32 -39.64
CA PHE B 614 -0.13 43.56 -39.31
C PHE B 614 0.69 44.00 -40.52
N ASP B 615 0.46 45.23 -40.97
CA ASP B 615 1.05 45.73 -42.21
C ASP B 615 1.57 47.14 -41.97
N ASN B 616 2.86 47.35 -42.20
CA ASN B 616 3.49 48.66 -42.08
C ASN B 616 3.22 49.26 -40.71
N VAL B 617 3.90 48.69 -39.71
CA VAL B 617 3.81 49.11 -38.33
C VAL B 617 5.23 49.44 -37.86
N SER B 618 5.53 50.73 -37.72
CA SER B 618 6.89 51.14 -37.36
C SER B 618 7.29 50.55 -36.00
N GLY B 619 6.37 50.56 -35.04
CA GLY B 619 6.65 50.00 -33.73
C GLY B 619 6.48 48.49 -33.72
N ALA B 620 6.47 47.96 -32.50
CA ALA B 620 6.35 46.52 -32.28
C ALA B 620 4.92 46.14 -31.99
N LEU B 621 4.59 44.87 -32.23
CA LEU B 621 3.29 44.35 -31.84
C LEU B 621 3.07 44.51 -30.35
N VAL B 622 4.10 44.23 -29.55
CA VAL B 622 3.98 44.27 -28.09
C VAL B 622 5.33 44.62 -27.50
N LYS B 623 5.30 45.49 -26.51
CA LYS B 623 6.43 45.77 -25.62
C LYS B 623 5.93 45.42 -24.22
N LEU B 624 6.25 44.22 -23.75
CA LEU B 624 5.69 43.66 -22.51
C LEU B 624 6.83 43.49 -21.50
N TYR B 625 6.82 44.30 -20.44
CA TYR B 625 7.97 44.42 -19.55
C TYR B 625 7.61 44.09 -18.11
N ARG B 626 8.43 43.25 -17.48
CA ARG B 626 8.38 43.00 -16.04
C ARG B 626 9.80 42.94 -15.53
N GLY B 627 10.24 43.96 -14.81
CA GLY B 627 11.62 44.09 -14.38
C GLY B 627 11.83 43.71 -12.93
N GLY B 628 13.05 43.30 -12.62
CA GLY B 628 13.45 42.99 -11.26
C GLY B 628 13.66 41.51 -11.04
N THR B 629 13.69 41.14 -9.75
CA THR B 629 13.99 39.78 -9.32
C THR B 629 12.87 39.17 -8.49
N ASP B 630 11.66 39.71 -8.58
CA ASP B 630 10.55 39.19 -7.79
C ASP B 630 10.02 37.90 -8.41
N GLU B 631 9.63 36.96 -7.55
CA GLU B 631 9.09 35.67 -7.95
C GLU B 631 7.78 35.39 -7.23
N SER B 632 6.96 36.42 -7.05
CA SER B 632 5.71 36.32 -6.29
C SER B 632 4.47 36.25 -7.17
N THR B 633 4.63 36.31 -8.50
CA THR B 633 3.53 36.50 -9.42
C THR B 633 3.52 35.40 -10.47
N PHE B 634 2.45 35.37 -11.27
CA PHE B 634 2.27 34.34 -12.29
C PHE B 634 2.55 34.83 -13.71
N GLY B 635 2.30 36.10 -13.99
CA GLY B 635 2.40 36.62 -15.33
C GLY B 635 3.54 37.58 -15.51
N PRO B 636 3.60 38.26 -16.67
CA PRO B 636 2.66 38.15 -17.79
C PRO B 636 2.66 36.81 -18.53
N HIS B 637 1.55 36.53 -19.21
CA HIS B 637 1.45 35.44 -20.16
C HIS B 637 1.26 36.03 -21.56
N PHE B 638 1.84 35.39 -22.57
CA PHE B 638 1.79 35.91 -23.92
C PHE B 638 1.59 34.78 -24.92
N LEU B 639 0.61 34.96 -25.80
CA LEU B 639 0.31 34.00 -26.87
C LEU B 639 0.21 34.77 -28.18
N LEU B 640 1.06 34.39 -29.15
CA LEU B 640 1.03 34.95 -30.49
C LEU B 640 0.95 33.78 -31.47
N LYS B 641 -0.20 33.61 -32.11
CA LYS B 641 -0.47 32.38 -32.86
C LYS B 641 -1.23 32.70 -34.14
N ASN B 642 -0.72 32.20 -35.27
CA ASN B 642 -1.40 32.30 -36.57
C ASN B 642 -1.57 33.74 -37.04
N ASN B 643 -0.62 34.61 -36.72
CA ASN B 643 -0.63 35.98 -37.18
C ASN B 643 0.28 36.15 -38.39
N THR B 644 0.09 37.26 -39.09
CA THR B 644 0.90 37.58 -40.27
C THR B 644 1.46 38.99 -40.11
N LEU B 645 2.79 39.11 -40.17
CA LEU B 645 3.47 40.38 -40.01
C LEU B 645 4.16 40.77 -41.31
N ASN B 646 4.02 42.04 -41.68
CA ASN B 646 4.67 42.60 -42.85
C ASN B 646 5.18 43.99 -42.48
N SER B 647 6.50 44.18 -42.54
CA SER B 647 7.13 45.44 -42.19
C SER B 647 6.66 45.92 -40.81
N VAL B 648 7.15 45.21 -39.79
CA VAL B 648 6.79 45.48 -38.40
C VAL B 648 8.07 45.65 -37.59
N GLY B 649 8.18 46.77 -36.88
CA GLY B 649 9.21 46.96 -35.88
C GLY B 649 10.46 47.69 -36.35
N LEU B 650 10.60 47.96 -37.65
CA LEU B 650 11.82 48.57 -38.15
C LEU B 650 11.88 50.08 -37.93
N GLY B 651 10.89 50.67 -37.27
CA GLY B 651 10.90 52.10 -37.05
C GLY B 651 12.14 52.55 -36.29
N LYS B 652 12.61 53.75 -36.62
CA LYS B 652 13.82 54.27 -35.97
C LYS B 652 13.55 54.65 -34.51
N ARG B 653 12.31 55.00 -34.18
CA ARG B 653 11.96 55.34 -32.81
C ARG B 653 11.67 54.13 -31.94
N ASN B 654 11.74 52.92 -32.51
CA ASN B 654 11.53 51.68 -31.75
C ASN B 654 12.87 51.24 -31.21
N LYS B 655 13.15 51.58 -29.95
CA LYS B 655 14.46 51.31 -29.35
C LYS B 655 14.64 49.85 -28.96
N THR B 656 13.58 49.04 -28.99
CA THR B 656 13.74 47.61 -28.81
C THR B 656 14.32 46.94 -30.04
N ASN B 657 14.22 47.59 -31.21
CA ASN B 657 14.64 46.99 -32.47
C ASN B 657 14.01 45.60 -32.63
N ALA B 658 12.74 45.49 -32.26
CA ALA B 658 12.05 44.22 -32.26
C ALA B 658 10.60 44.42 -32.71
N SER B 659 10.02 43.35 -33.26
CA SER B 659 8.60 43.30 -33.54
C SER B 659 7.81 42.72 -32.37
N VAL B 660 8.47 41.95 -31.50
CA VAL B 660 7.88 41.39 -30.29
C VAL B 660 8.93 41.52 -29.21
N TYR B 661 8.70 42.38 -28.22
CA TYR B 661 9.64 42.60 -27.13
C TYR B 661 9.01 42.06 -25.85
N LEU B 662 9.66 41.06 -25.25
CA LEU B 662 9.16 40.38 -24.06
C LEU B 662 10.28 40.32 -23.03
N HIS B 663 10.12 41.07 -21.94
CA HIS B 663 11.10 41.12 -20.86
C HIS B 663 10.40 40.70 -19.57
N GLY B 664 10.90 39.65 -18.94
CA GLY B 664 10.31 39.16 -17.71
C GLY B 664 8.99 38.43 -17.88
N VAL B 665 8.62 38.09 -19.12
CA VAL B 665 7.39 37.33 -19.34
C VAL B 665 7.60 35.89 -18.89
N GLN B 666 6.61 35.33 -18.19
CA GLN B 666 6.78 34.05 -17.52
C GLN B 666 6.29 32.87 -18.35
N VAL B 667 5.28 33.07 -19.20
CA VAL B 667 4.81 32.05 -20.11
C VAL B 667 4.64 32.69 -21.48
N THR B 668 5.27 32.09 -22.49
CA THR B 668 5.28 32.66 -23.84
C THR B 668 5.10 31.55 -24.86
N GLU B 669 4.12 31.72 -25.75
CA GLU B 669 3.93 30.84 -26.89
C GLU B 669 3.86 31.71 -28.14
N ILE B 670 4.75 31.44 -29.10
CA ILE B 670 4.79 32.13 -30.38
C ILE B 670 4.80 31.04 -31.44
N ALA B 671 3.66 30.78 -32.08
CA ALA B 671 3.49 29.62 -32.91
C ALA B 671 2.76 29.95 -34.20
N GLU B 672 3.28 29.42 -35.32
CA GLU B 672 2.58 29.43 -36.59
C GLU B 672 2.35 30.85 -37.11
N ASN B 673 3.31 31.73 -36.85
CA ASN B 673 3.26 33.10 -37.34
C ASN B 673 4.22 33.27 -38.51
N ALA B 674 3.88 34.18 -39.42
CA ALA B 674 4.69 34.49 -40.59
C ALA B 674 5.21 35.91 -40.45
N PHE B 675 6.53 36.05 -40.33
CA PHE B 675 7.20 37.34 -40.29
C PHE B 675 7.81 37.62 -41.65
N THR B 676 7.65 38.85 -42.14
CA THR B 676 8.18 39.24 -43.44
C THR B 676 8.65 40.68 -43.37
N ASN B 677 9.93 40.90 -43.70
CA ASN B 677 10.50 42.23 -43.74
C ASN B 677 10.29 42.97 -42.42
N SER B 678 10.36 42.22 -41.32
CA SER B 678 10.05 42.75 -40.00
C SER B 678 11.28 42.68 -39.10
N ALA B 679 11.21 43.40 -37.98
CA ALA B 679 12.21 43.26 -36.94
C ALA B 679 12.07 41.90 -36.28
N PRO B 680 13.11 41.42 -35.61
CA PRO B 680 13.07 40.07 -35.02
C PRO B 680 12.34 40.06 -33.69
N ILE B 681 12.08 38.84 -33.22
CA ILE B 681 11.61 38.62 -31.87
C ILE B 681 12.77 38.80 -30.90
N VAL B 682 12.52 39.49 -29.79
CA VAL B 682 13.52 39.70 -28.75
C VAL B 682 12.91 39.26 -27.43
N VAL B 683 13.59 38.35 -26.75
CA VAL B 683 13.14 37.82 -25.46
C VAL B 683 14.26 38.00 -24.45
N GLU B 684 13.96 38.67 -23.34
CA GLU B 684 14.91 38.91 -22.26
C GLU B 684 14.37 38.19 -21.03
N HIS B 685 14.81 36.94 -20.84
CA HIS B 685 14.44 36.18 -19.66
C HIS B 685 15.03 36.81 -18.40
N THR B 686 14.27 36.75 -17.30
CA THR B 686 14.73 37.27 -16.01
C THR B 686 14.76 36.10 -15.04
N VAL B 687 14.01 36.16 -13.95
CA VAL B 687 14.03 35.14 -12.91
C VAL B 687 12.79 34.28 -13.01
N GLY B 688 12.77 33.19 -12.24
CA GLY B 688 11.60 32.35 -12.15
C GLY B 688 11.45 31.29 -13.23
N GLU B 689 12.52 31.02 -13.99
CA GLU B 689 12.49 29.96 -15.00
C GLU B 689 11.28 30.13 -15.92
N PRO B 690 11.25 31.20 -16.72
CA PRO B 690 10.10 31.39 -17.62
C PRO B 690 9.99 30.29 -18.66
N GLN B 691 8.75 30.02 -19.07
CA GLN B 691 8.44 28.98 -20.04
C GLN B 691 8.21 29.65 -21.40
N THR B 692 9.24 29.67 -22.23
CA THR B 692 9.18 30.28 -23.55
C THR B 692 9.23 29.22 -24.62
N ARG B 693 8.45 29.41 -25.68
CA ARG B 693 8.41 28.45 -26.78
C ARG B 693 8.09 29.19 -28.07
N ILE B 694 8.95 29.05 -29.07
CA ILE B 694 8.80 29.67 -30.39
C ILE B 694 8.89 28.55 -31.40
N ILE B 695 7.75 28.22 -32.03
CA ILE B 695 7.60 26.97 -32.75
C ILE B 695 6.86 27.20 -34.06
N SER B 696 7.40 26.65 -35.15
CA SER B 696 6.70 26.58 -36.44
C SER B 696 6.37 27.96 -37.00
N ASN B 697 7.32 28.88 -36.88
CA ASN B 697 7.18 30.21 -37.47
C ASN B 697 8.05 30.33 -38.71
N THR B 698 7.74 31.33 -39.53
CA THR B 698 8.52 31.64 -40.71
C THR B 698 9.07 33.05 -40.58
N PHE B 699 10.35 33.23 -40.93
CA PHE B 699 11.04 34.52 -40.84
C PHE B 699 11.64 34.83 -42.20
N THR B 700 10.82 35.40 -43.08
CA THR B 700 11.26 35.80 -44.41
C THR B 700 11.86 37.20 -44.32
N ASN B 701 13.14 37.32 -44.66
CA ASN B 701 13.85 38.59 -44.57
C ASN B 701 13.71 39.19 -43.17
N THR B 702 13.69 38.32 -42.17
CA THR B 702 13.53 38.71 -40.78
C THR B 702 14.52 37.92 -39.93
N ALA B 703 15.37 38.63 -39.18
CA ALA B 703 16.37 37.96 -38.36
C ALA B 703 15.69 36.98 -37.39
N LYS B 704 16.43 35.95 -37.02
CA LYS B 704 15.88 34.94 -36.14
C LYS B 704 15.71 35.50 -34.73
N PRO B 705 14.95 34.81 -33.88
CA PRO B 705 14.71 35.33 -32.52
C PRO B 705 16.01 35.50 -31.75
N TYR B 706 16.15 36.65 -31.11
CA TYR B 706 17.25 36.91 -30.19
C TYR B 706 16.75 36.72 -28.76
N ILE B 707 17.48 35.93 -27.98
CA ILE B 707 17.05 35.51 -26.66
C ILE B 707 18.23 35.64 -25.71
N GLU B 708 18.02 36.36 -24.60
CA GLU B 708 19.08 36.68 -23.66
C GLU B 708 18.63 36.37 -22.24
N GLU B 709 19.53 35.77 -21.47
CA GLU B 709 19.27 35.46 -20.07
C GLU B 709 19.93 36.54 -19.21
N LEU B 710 19.11 37.26 -18.44
CA LEU B 710 19.60 38.37 -17.64
C LEU B 710 20.06 37.98 -16.25
N ASN B 711 19.63 36.82 -15.75
CA ASN B 711 19.90 36.43 -14.37
C ASN B 711 20.53 35.06 -14.21
N ILE B 712 20.62 34.26 -15.26
CA ILE B 712 21.29 32.96 -15.21
C ILE B 712 22.24 32.89 -16.40
N ALA B 713 23.53 32.71 -16.12
CA ALA B 713 24.51 32.58 -17.18
C ALA B 713 24.29 31.28 -17.96
N GLY B 714 24.89 31.21 -19.13
CA GLY B 714 24.76 30.06 -20.01
C GLY B 714 23.78 30.32 -21.14
N SER B 715 23.65 29.30 -22.00
CA SER B 715 22.77 29.39 -23.15
C SER B 715 21.33 29.63 -22.70
N HIS B 716 20.52 30.15 -23.62
CA HIS B 716 19.16 30.54 -23.29
C HIS B 716 18.27 29.33 -23.10
N THR B 717 17.15 29.56 -22.42
CA THR B 717 16.21 28.51 -22.04
C THR B 717 15.06 28.32 -23.02
N ALA B 718 14.87 29.26 -23.95
CA ALA B 718 13.72 29.19 -24.85
C ALA B 718 13.77 27.92 -25.68
N ILE B 719 12.58 27.44 -26.05
CA ILE B 719 12.41 26.25 -26.86
C ILE B 719 12.09 26.67 -28.28
N LEU B 720 13.01 26.43 -29.21
CA LEU B 720 12.84 26.77 -30.61
C LEU B 720 12.74 25.49 -31.43
N LYS B 721 11.62 25.30 -32.11
CA LYS B 721 11.40 24.12 -32.94
C LYS B 721 10.80 24.53 -34.27
N ASN B 722 11.42 24.11 -35.37
CA ASN B 722 10.79 24.12 -36.68
C ASN B 722 10.50 25.54 -37.17
N ASN B 723 11.45 26.44 -36.99
CA ASN B 723 11.34 27.80 -37.51
C ASN B 723 12.20 27.94 -38.76
N GLN B 724 11.61 28.49 -39.83
CA GLN B 724 12.29 28.67 -41.10
C GLN B 724 12.75 30.13 -41.22
N VAL B 725 14.00 30.33 -41.63
CA VAL B 725 14.57 31.66 -41.79
C VAL B 725 14.94 31.79 -43.27
N ILE B 726 14.03 32.36 -44.05
CA ILE B 726 14.21 32.53 -45.48
C ILE B 726 14.72 33.94 -45.75
N GLN B 727 15.50 34.09 -46.82
CA GLN B 727 15.95 35.38 -47.32
C GLN B 727 15.56 35.51 -48.78
N LYS B 728 15.09 36.69 -49.16
CA LYS B 728 14.63 36.94 -50.52
C LYS B 728 15.09 38.29 -51.04
N GLY C 2 -15.96 11.27 35.53
CA GLY C 2 -14.93 10.38 35.04
C GLY C 2 -15.45 9.37 34.03
N ALA C 3 -14.64 8.37 33.73
CA ALA C 3 -15.00 7.33 32.78
C ALA C 3 -15.53 7.95 31.49
N LYS C 4 -14.62 8.40 30.63
CA LYS C 4 -14.96 8.99 29.35
C LYS C 4 -14.47 8.10 28.21
N ASP C 5 -15.08 8.26 27.05
CA ASP C 5 -14.68 7.56 25.83
C ASP C 5 -13.84 8.51 24.99
N TYR C 6 -12.53 8.24 24.91
CA TYR C 6 -11.61 9.07 24.16
C TYR C 6 -11.46 8.52 22.75
N LEU C 7 -11.90 9.29 21.76
CA LEU C 7 -11.71 8.94 20.35
C LEU C 7 -10.39 9.56 19.90
N ILE C 8 -9.38 8.72 19.70
CA ILE C 8 -8.01 9.18 19.42
C ILE C 8 -7.74 8.98 17.93
N ASP C 9 -7.44 10.09 17.23
CA ASP C 9 -7.17 10.06 15.81
C ASP C 9 -5.70 10.27 15.46
N ASN C 10 -4.85 10.58 16.44
CA ASN C 10 -3.43 10.77 16.17
C ASN C 10 -2.66 10.51 17.46
N LYS C 11 -1.33 10.50 17.33
CA LYS C 11 -0.47 10.08 18.44
C LYS C 11 -0.34 11.17 19.50
N GLN C 12 -0.31 12.44 19.09
CA GLN C 12 -0.27 13.52 20.08
C GLN C 12 -1.51 13.51 20.95
N ALA C 13 -2.67 13.22 20.36
CA ALA C 13 -3.90 13.12 21.14
C ALA C 13 -3.79 12.02 22.20
N TYR C 14 -3.24 10.86 21.82
CA TYR C 14 -3.04 9.80 22.80
C TYR C 14 -2.08 10.26 23.89
N ALA C 15 -1.01 10.94 23.50
CA ALA C 15 -0.03 11.40 24.49
C ALA C 15 -0.67 12.34 25.50
N LYS C 16 -1.61 13.18 25.05
CA LYS C 16 -2.24 14.13 25.96
C LYS C 16 -2.89 13.40 27.14
N ILE C 17 -3.57 12.28 26.88
CA ILE C 17 -4.37 11.60 27.91
C ILE C 17 -3.69 10.36 28.44
N ALA C 18 -2.53 9.97 27.90
CA ALA C 18 -1.96 8.66 28.21
C ALA C 18 -1.73 8.48 29.71
N ASN C 19 -1.38 9.54 30.42
CA ASN C 19 -1.04 9.44 31.84
C ASN C 19 -2.21 9.76 32.78
N THR C 20 -3.34 10.22 32.24
CA THR C 20 -4.47 10.64 33.06
C THR C 20 -5.58 9.59 33.11
N LEU C 21 -5.31 8.36 32.70
CA LEU C 21 -6.35 7.36 32.58
C LEU C 21 -6.86 6.92 33.94
N GLN C 22 -8.17 6.72 34.04
CA GLN C 22 -8.83 6.33 35.28
C GLN C 22 -9.77 5.17 35.00
N ALA C 23 -10.19 4.51 36.08
CA ALA C 23 -11.09 3.36 35.97
C ALA C 23 -12.32 3.73 35.16
N GLY C 24 -12.64 2.89 34.17
CA GLY C 24 -13.78 3.11 33.31
C GLY C 24 -13.47 3.82 32.01
N ASP C 25 -12.29 4.41 31.88
CA ASP C 25 -11.93 5.07 30.64
C ASP C 25 -11.76 4.06 29.51
N THR C 26 -12.19 4.45 28.31
CA THR C 26 -12.01 3.63 27.11
C THR C 26 -11.35 4.50 26.05
N VAL C 27 -10.20 4.05 25.55
CA VAL C 27 -9.47 4.73 24.49
C VAL C 27 -9.74 3.99 23.19
N ILE C 28 -10.21 4.72 22.18
CA ILE C 28 -10.58 4.15 20.88
C ILE C 28 -9.69 4.76 19.82
N LEU C 29 -8.87 3.94 19.18
CA LEU C 29 -7.97 4.40 18.14
C LEU C 29 -8.73 4.49 16.81
N GLN C 30 -8.58 5.62 16.13
CA GLN C 30 -9.26 5.82 14.85
C GLN C 30 -8.69 4.89 13.79
N ASN C 31 -9.56 4.38 12.93
CA ASN C 31 -9.13 3.47 11.87
C ASN C 31 -8.01 4.10 11.06
N GLY C 32 -7.07 3.26 10.61
CA GLY C 32 -5.95 3.72 9.83
C GLY C 32 -4.67 3.00 10.15
N VAL C 33 -3.57 3.41 9.51
CA VAL C 33 -2.25 2.82 9.72
C VAL C 33 -1.43 3.80 10.54
N TRP C 34 -1.12 3.42 11.77
CA TRP C 34 -0.27 4.20 12.66
C TRP C 34 1.16 3.72 12.49
N HIS C 35 2.11 4.65 12.58
CA HIS C 35 3.52 4.34 12.37
C HIS C 35 4.32 4.76 13.60
N ASP C 36 5.25 3.90 14.00
CA ASP C 36 6.15 4.18 15.12
C ASP C 36 5.37 4.63 16.35
N PHE C 37 4.35 3.85 16.70
CA PHE C 37 3.46 4.16 17.81
C PHE C 37 3.81 3.24 18.97
N GLU C 38 4.55 3.75 19.95
CA GLU C 38 4.89 3.00 21.15
C GLU C 38 3.80 3.25 22.18
N ILE C 39 2.82 2.35 22.24
CA ILE C 39 1.65 2.53 23.08
C ILE C 39 1.95 2.11 24.50
N VAL C 40 1.52 2.93 25.46
CA VAL C 40 1.58 2.60 26.87
C VAL C 40 0.17 2.72 27.43
N LEU C 41 -0.41 1.59 27.84
CA LEU C 41 -1.72 1.55 28.48
C LEU C 41 -1.51 1.34 29.97
N SER C 42 -1.80 2.37 30.76
CA SER C 42 -1.46 2.37 32.18
C SER C 42 -2.58 3.03 32.98
N GLY C 43 -2.81 2.50 34.17
CA GLY C 43 -3.83 3.05 35.05
C GLY C 43 -4.29 2.02 36.07
N GLN C 44 -5.10 2.50 37.00
CA GLN C 44 -5.64 1.69 38.10
C GLN C 44 -7.13 1.46 37.83
N GLY C 45 -7.44 0.41 37.08
CA GLY C 45 -8.81 0.02 36.86
C GLY C 45 -9.33 -0.89 37.95
N SER C 46 -10.58 -1.32 37.79
CA SER C 46 -11.22 -2.25 38.71
C SER C 46 -11.95 -3.32 37.90
N LYS C 47 -12.30 -4.41 38.59
CA LYS C 47 -13.05 -5.48 37.95
C LYS C 47 -14.29 -4.92 37.25
N GLN C 48 -15.01 -4.02 37.92
CA GLN C 48 -16.26 -3.49 37.36
C GLN C 48 -16.02 -2.35 36.39
N LEU C 49 -14.88 -1.67 36.46
CA LEU C 49 -14.59 -0.53 35.59
C LEU C 49 -13.14 -0.64 35.11
N PRO C 50 -12.88 -1.49 34.12
CA PRO C 50 -11.53 -1.60 33.58
C PRO C 50 -11.19 -0.47 32.62
N ILE C 51 -9.90 -0.31 32.38
CA ILE C 51 -9.38 0.68 31.44
C ILE C 51 -9.14 -0.03 30.11
N ARG C 52 -9.86 0.40 29.08
CA ARG C 52 -9.91 -0.32 27.82
C ARG C 52 -9.23 0.47 26.70
N LEU C 53 -8.48 -0.25 25.88
CA LEU C 53 -7.93 0.25 24.62
C LEU C 53 -8.44 -0.68 23.50
N LYS C 54 -9.02 -0.09 22.47
CA LYS C 54 -9.61 -0.89 21.40
C LYS C 54 -9.63 -0.04 20.13
N PRO C 55 -9.91 -0.65 18.98
CA PRO C 55 -10.00 0.10 17.74
C PRO C 55 -11.42 0.56 17.42
N GLN C 56 -11.50 1.60 16.59
CA GLN C 56 -12.80 1.99 16.04
C GLN C 56 -13.45 0.81 15.34
N THR C 57 -12.69 0.06 14.56
CA THR C 57 -13.17 -1.13 13.86
C THR C 57 -12.08 -2.18 13.89
N LYS C 58 -12.38 -3.35 14.45
CA LYS C 58 -11.41 -4.42 14.52
C LYS C 58 -10.98 -4.83 13.10
N GLY C 59 -9.68 -4.78 12.85
CA GLY C 59 -9.14 -5.08 11.54
C GLY C 59 -8.78 -3.86 10.72
N LYS C 60 -9.15 -2.66 11.16
CA LYS C 60 -8.87 -1.43 10.43
C LYS C 60 -7.91 -0.52 11.15
N VAL C 61 -7.41 -0.90 12.32
CA VAL C 61 -6.32 -0.20 13.00
C VAL C 61 -5.08 -1.06 12.87
N ILE C 62 -4.13 -0.60 12.05
CA ILE C 62 -2.88 -1.31 11.80
C ILE C 62 -1.77 -0.53 12.48
N LEU C 63 -0.87 -1.24 13.17
CA LEU C 63 0.30 -0.64 13.78
C LEU C 63 1.52 -1.15 13.04
N SER C 64 2.31 -0.22 12.50
CA SER C 64 3.43 -0.55 11.63
C SER C 64 4.65 0.26 12.04
N GLY C 65 5.76 0.03 11.34
CA GLY C 65 6.99 0.65 11.77
C GLY C 65 7.43 0.12 13.12
N GLN C 66 8.05 1.00 13.90
CA GLN C 66 8.55 0.62 15.23
C GLN C 66 7.48 0.90 16.28
N SER C 67 6.44 0.06 16.24
CA SER C 67 5.32 0.15 17.16
C SER C 67 5.34 -1.03 18.13
N ASN C 68 4.82 -0.80 19.33
CA ASN C 68 4.76 -1.82 20.35
C ASN C 68 3.68 -1.42 21.36
N LEU C 69 3.44 -2.30 22.33
CA LEU C 69 2.40 -2.10 23.33
C LEU C 69 2.91 -2.54 24.69
N ARG C 70 2.65 -1.70 25.70
CA ARG C 70 3.02 -1.98 27.09
C ARG C 70 1.82 -1.78 27.99
N LEU C 71 1.65 -2.67 28.96
CA LEU C 71 0.60 -2.57 29.97
C LEU C 71 1.23 -2.54 31.35
N ALA C 72 0.71 -1.65 32.21
CA ALA C 72 1.21 -1.52 33.56
C ALA C 72 0.09 -0.96 34.43
N GLY C 73 -0.27 -1.70 35.47
CA GLY C 73 -1.33 -1.27 36.37
C GLY C 73 -2.28 -2.40 36.72
N GLN C 74 -3.58 -2.10 36.77
CA GLN C 74 -4.58 -3.06 37.19
C GLN C 74 -5.78 -3.00 36.25
N TYR C 75 -6.35 -4.17 35.97
CA TYR C 75 -7.58 -4.29 35.20
C TYR C 75 -7.53 -3.45 33.92
N LEU C 76 -6.48 -3.66 33.14
CA LEU C 76 -6.32 -3.07 31.83
C LEU C 76 -6.70 -4.11 30.78
N HIS C 77 -7.30 -3.64 29.68
CA HIS C 77 -7.74 -4.53 28.61
C HIS C 77 -7.48 -3.87 27.27
N ALA C 78 -6.48 -4.37 26.55
CA ALA C 78 -6.20 -3.93 25.18
C ALA C 78 -6.71 -5.00 24.22
N SER C 79 -7.26 -4.56 23.09
CA SER C 79 -7.82 -5.51 22.15
C SER C 79 -7.88 -4.93 20.75
N GLY C 80 -7.83 -5.83 19.76
CA GLY C 80 -8.28 -5.51 18.42
C GLY C 80 -7.28 -4.83 17.51
N LEU C 81 -5.99 -4.93 17.80
CA LEU C 81 -4.97 -4.26 17.01
C LEU C 81 -4.22 -5.28 16.15
N VAL C 82 -3.69 -4.79 15.02
CA VAL C 82 -2.94 -5.60 14.08
C VAL C 82 -1.52 -5.03 14.00
N PHE C 83 -0.53 -5.88 14.25
CA PHE C 83 0.87 -5.53 14.10
C PHE C 83 1.40 -6.19 12.83
N LYS C 84 1.77 -5.37 11.85
CA LYS C 84 2.38 -5.88 10.63
C LYS C 84 3.19 -4.76 9.98
N ASN C 85 4.07 -5.15 9.06
CA ASN C 85 4.95 -4.22 8.36
C ASN C 85 5.75 -3.37 9.36
N GLY C 86 6.45 -4.05 10.24
CA GLY C 86 7.26 -3.36 11.23
C GLY C 86 7.91 -4.33 12.19
N TYR C 87 8.37 -3.80 13.31
CA TYR C 87 8.98 -4.61 14.36
C TYR C 87 9.17 -3.75 15.59
N THR C 88 9.15 -4.40 16.75
CA THR C 88 9.26 -3.65 18.00
C THR C 88 10.68 -3.09 18.15
N PRO C 89 10.82 -1.87 18.66
CA PRO C 89 12.16 -1.32 18.95
C PRO C 89 12.71 -1.71 20.31
N THR C 90 11.94 -2.42 21.14
CA THR C 90 12.34 -2.83 22.47
C THR C 90 12.47 -4.36 22.50
N SER C 91 12.27 -4.96 23.67
CA SER C 91 12.43 -6.39 23.84
C SER C 91 11.18 -7.20 23.48
N ALA C 92 10.04 -6.54 23.27
CA ALA C 92 8.80 -7.27 23.02
C ALA C 92 7.83 -6.38 22.26
N VAL C 93 7.02 -7.02 21.41
CA VAL C 93 5.95 -6.31 20.71
C VAL C 93 4.85 -5.93 21.70
N ILE C 94 4.36 -6.90 22.47
CA ILE C 94 3.39 -6.68 23.52
C ILE C 94 4.01 -7.13 24.83
N GLU C 95 3.95 -6.27 25.84
CA GLU C 95 4.63 -6.51 27.11
C GLU C 95 3.70 -6.13 28.25
N PHE C 96 3.52 -7.05 29.20
CA PHE C 96 2.71 -6.77 30.38
C PHE C 96 3.53 -6.08 31.46
N ARG C 97 4.29 -5.06 31.07
CA ARG C 97 5.03 -4.24 32.02
C ARG C 97 5.40 -2.94 31.35
N ASN C 98 5.79 -1.95 32.16
CA ASN C 98 6.34 -0.68 31.69
C ASN C 98 7.53 -0.38 32.59
N GLY C 99 8.70 -0.88 32.21
CA GLY C 99 9.85 -0.78 33.09
C GLY C 99 9.71 -1.76 34.23
N LYS C 100 9.82 -1.27 35.46
CA LYS C 100 9.63 -2.10 36.65
C LYS C 100 8.18 -2.16 37.09
N GLU C 101 7.28 -1.42 36.45
CA GLU C 101 5.87 -1.44 36.77
C GLU C 101 5.21 -2.58 36.00
N LEU C 102 4.69 -3.57 36.71
CA LEU C 102 4.06 -4.72 36.09
C LEU C 102 2.56 -4.51 35.95
N ALA C 103 1.92 -5.40 35.19
CA ALA C 103 0.49 -5.38 34.98
C ALA C 103 -0.15 -6.56 35.70
N PHE C 104 -1.29 -6.31 36.33
CA PHE C 104 -2.02 -7.31 37.08
C PHE C 104 -3.49 -7.31 36.67
N ASN C 105 -4.11 -8.49 36.75
CA ASN C 105 -5.54 -8.64 36.45
C ASN C 105 -5.90 -7.98 35.12
N SER C 106 -4.96 -7.99 34.17
CA SER C 106 -5.12 -7.31 32.90
C SER C 106 -5.26 -8.33 31.78
N ARG C 107 -5.54 -7.82 30.57
CA ARG C 107 -5.94 -8.69 29.48
C ARG C 107 -5.50 -8.09 28.15
N VAL C 108 -5.10 -8.97 27.23
CA VAL C 108 -4.79 -8.63 25.84
C VAL C 108 -5.46 -9.67 24.97
N SER C 109 -6.37 -9.24 24.10
CA SER C 109 -7.16 -10.18 23.31
C SER C 109 -7.38 -9.65 21.91
N GLU C 110 -7.62 -10.58 20.98
CA GLU C 110 -7.93 -10.25 19.58
C GLU C 110 -6.85 -9.35 18.98
N MET C 111 -5.60 -9.72 19.21
CA MET C 111 -4.45 -9.05 18.62
C MET C 111 -3.89 -9.92 17.49
N VAL C 112 -3.49 -9.27 16.40
CA VAL C 112 -2.86 -9.94 15.28
C VAL C 112 -1.42 -9.45 15.17
N ILE C 113 -0.48 -10.39 15.16
CA ILE C 113 0.92 -10.11 14.87
C ILE C 113 1.31 -11.02 13.71
N ASP C 114 1.59 -10.43 12.55
CA ASP C 114 1.76 -11.15 11.30
C ASP C 114 3.07 -10.73 10.65
N ASN C 115 4.08 -11.59 10.75
CA ASN C 115 5.41 -11.34 10.16
C ASN C 115 5.97 -9.99 10.59
N TYR C 116 5.80 -9.70 11.88
CA TYR C 116 6.27 -8.45 12.49
C TYR C 116 7.70 -8.60 13.00
N ASN C 117 8.60 -8.90 12.06
CA ASN C 117 9.93 -9.42 12.37
C ASN C 117 10.99 -8.33 12.37
N ASN C 118 11.92 -8.46 13.31
CA ASN C 118 13.15 -7.67 13.28
C ASN C 118 13.95 -8.04 12.03
N PRO C 119 14.48 -7.08 11.28
CA PRO C 119 15.17 -7.42 10.03
C PRO C 119 16.44 -8.25 10.21
N ASP C 120 16.95 -8.38 11.43
CA ASP C 120 18.13 -9.21 11.72
C ASP C 120 17.67 -10.46 12.45
N LYS C 121 17.82 -11.61 11.80
CA LYS C 121 17.39 -12.87 12.42
C LYS C 121 18.11 -13.11 13.74
N ARG C 122 19.31 -12.56 13.91
CA ARG C 122 20.09 -12.80 15.11
C ARG C 122 19.79 -11.82 16.24
N GLU C 123 19.05 -10.75 15.97
CA GLU C 123 18.63 -9.85 17.02
C GLU C 123 17.39 -10.43 17.69
N SER C 124 17.46 -10.64 18.99
CA SER C 124 16.44 -11.38 19.71
C SER C 124 15.34 -10.47 20.22
N ASP C 125 14.12 -10.99 20.25
CA ASP C 125 13.00 -10.31 20.88
C ASP C 125 11.89 -11.31 21.11
N TYR C 126 10.93 -10.91 21.93
CA TYR C 126 9.66 -11.62 22.09
C TYR C 126 8.57 -10.89 21.30
N TRP C 127 7.51 -11.62 20.97
CA TRP C 127 6.31 -10.97 20.50
C TRP C 127 5.34 -10.69 21.65
N VAL C 128 5.28 -11.59 22.62
CA VAL C 128 4.44 -11.44 23.80
C VAL C 128 5.26 -11.84 25.02
N ALA C 129 5.31 -10.96 26.01
CA ALA C 129 6.06 -11.21 27.25
C ALA C 129 5.14 -10.93 28.43
N LEU C 130 4.81 -11.99 29.17
CA LEU C 130 3.91 -11.88 30.31
C LEU C 130 4.69 -11.63 31.59
N TYR C 131 4.19 -10.70 32.40
CA TYR C 131 4.72 -10.39 33.72
C TYR C 131 3.54 -10.30 34.68
N GLY C 132 3.84 -9.95 35.93
CA GLY C 132 2.77 -9.76 36.90
C GLY C 132 2.03 -11.05 37.16
N GLN C 133 0.76 -10.91 37.55
CA GLN C 133 -0.06 -12.03 37.94
C GLN C 133 -1.48 -11.84 37.44
N HIS C 134 -2.19 -12.95 37.25
CA HIS C 134 -3.62 -12.95 36.95
C HIS C 134 -3.93 -12.20 35.65
N ASN C 135 -3.00 -12.24 34.70
CA ASN C 135 -3.22 -11.66 33.37
C ASN C 135 -3.76 -12.72 32.42
N ARG C 136 -4.37 -12.25 31.33
CA ARG C 136 -4.93 -13.13 30.32
C ARG C 136 -4.49 -12.69 28.94
N PHE C 137 -4.23 -13.68 28.08
CA PHE C 137 -3.82 -13.45 26.69
C PHE C 137 -4.59 -14.45 25.84
N ASP C 138 -5.68 -14.01 25.21
CA ASP C 138 -6.62 -14.92 24.60
C ASP C 138 -7.09 -14.42 23.25
N HIS C 139 -7.53 -15.37 22.41
CA HIS C 139 -8.10 -15.07 21.10
C HIS C 139 -7.19 -14.18 20.27
N ASN C 140 -5.90 -14.45 20.32
CA ASN C 140 -4.91 -13.74 19.54
C ASN C 140 -4.44 -14.58 18.36
N HIS C 141 -3.76 -13.92 17.42
CA HIS C 141 -3.34 -14.52 16.16
C HIS C 141 -1.89 -14.14 15.91
N LEU C 142 -0.99 -15.12 16.04
CA LEU C 142 0.45 -14.90 15.88
C LEU C 142 0.97 -15.87 14.83
N GLU C 143 1.61 -15.33 13.79
CA GLU C 143 2.18 -16.16 12.74
C GLU C 143 3.38 -15.47 12.11
N GLY C 144 4.37 -16.27 11.74
CA GLY C 144 5.46 -15.78 10.92
C GLY C 144 6.59 -15.12 11.66
N LYS C 145 6.86 -15.51 12.90
CA LYS C 145 8.06 -15.02 13.59
C LYS C 145 9.28 -15.75 13.03
N ARG C 146 10.25 -14.98 12.55
CA ARG C 146 11.38 -15.52 11.82
C ARG C 146 12.74 -15.18 12.43
N ASN C 147 12.77 -14.38 13.49
CA ASN C 147 14.02 -14.02 14.14
C ASN C 147 14.16 -14.76 15.45
N LYS C 148 15.35 -14.68 16.03
CA LYS C 148 15.64 -15.38 17.27
C LYS C 148 14.73 -14.90 18.39
N GLY C 149 14.31 -15.84 19.24
CA GLY C 149 13.49 -15.50 20.38
C GLY C 149 12.14 -16.19 20.37
N VAL C 150 11.74 -16.73 21.52
CA VAL C 150 10.45 -17.41 21.61
C VAL C 150 9.34 -16.41 21.32
N THR C 151 8.24 -16.91 20.75
CA THR C 151 7.15 -16.03 20.35
C THR C 151 6.41 -15.49 21.56
N VAL C 152 6.05 -16.37 22.49
CA VAL C 152 5.40 -15.99 23.74
C VAL C 152 6.26 -16.51 24.89
N ALA C 153 6.58 -15.61 25.82
CA ALA C 153 7.38 -15.96 26.99
C ALA C 153 6.67 -15.49 28.24
N VAL C 154 6.55 -16.37 29.22
CA VAL C 154 6.05 -16.03 30.55
C VAL C 154 7.26 -15.85 31.44
N ARG C 155 7.51 -14.63 31.89
CA ARG C 155 8.70 -14.31 32.67
C ARG C 155 8.41 -14.47 34.16
N LEU C 156 9.44 -14.88 34.89
CA LEU C 156 9.33 -15.18 36.32
C LEU C 156 10.47 -14.53 37.10
N ASN C 157 11.02 -13.42 36.59
CA ASN C 157 12.21 -12.82 37.18
C ASN C 157 11.90 -11.94 38.39
N SER C 158 10.76 -12.15 39.04
CA SER C 158 10.46 -11.47 40.30
C SER C 158 9.30 -12.21 40.96
N GLU C 159 9.25 -12.13 42.28
CA GLU C 159 8.15 -12.75 43.01
C GLU C 159 6.81 -12.20 42.55
N GLN C 160 6.77 -10.95 42.08
CA GLN C 160 5.52 -10.38 41.61
C GLN C 160 5.07 -10.95 40.27
N SER C 161 5.97 -11.62 39.55
CA SER C 161 5.61 -12.28 38.30
C SER C 161 5.46 -13.79 38.45
N GLN C 162 5.82 -14.34 39.61
CA GLN C 162 5.62 -15.75 39.90
C GLN C 162 4.22 -15.95 40.49
N GLN C 163 3.84 -17.21 40.68
CA GLN C 163 2.52 -17.55 41.19
C GLN C 163 1.44 -16.79 40.41
N ASN C 164 1.64 -16.69 39.10
CA ASN C 164 0.87 -15.75 38.28
C ASN C 164 -0.54 -16.25 38.00
N TYR C 165 -0.71 -17.54 37.76
CA TYR C 165 -1.98 -18.10 37.32
C TYR C 165 -2.46 -17.44 36.04
N HIS C 166 -1.52 -17.05 35.18
CA HIS C 166 -1.86 -16.49 33.88
C HIS C 166 -2.72 -17.47 33.09
N GLN C 167 -3.55 -16.94 32.19
CA GLN C 167 -4.37 -17.74 31.31
C GLN C 167 -4.03 -17.40 29.86
N ILE C 168 -3.60 -18.41 29.11
CA ILE C 168 -3.28 -18.28 27.68
C ILE C 168 -4.21 -19.24 26.96
N ASP C 169 -5.27 -18.72 26.34
CA ASP C 169 -6.31 -19.59 25.80
C ASP C 169 -6.84 -19.06 24.46
N HIS C 170 -7.23 -20.02 23.61
CA HIS C 170 -7.92 -19.73 22.35
C HIS C 170 -7.06 -18.88 21.40
N ASN C 171 -5.74 -19.00 21.50
CA ASN C 171 -4.85 -18.32 20.60
C ASN C 171 -4.51 -19.23 19.42
N TYR C 172 -4.42 -18.64 18.24
CA TYR C 172 -3.98 -19.34 17.04
C TYR C 172 -2.48 -19.08 16.88
N PHE C 173 -1.67 -20.05 17.31
CA PHE C 173 -0.22 -19.99 17.10
C PHE C 173 0.04 -20.57 15.71
N GLY C 174 0.13 -19.68 14.73
CA GLY C 174 0.28 -20.10 13.35
C GLY C 174 1.71 -20.43 12.99
N TYR C 175 1.95 -20.44 11.68
CA TYR C 175 3.21 -20.89 11.12
C TYR C 175 4.40 -20.19 11.77
N ARG C 176 5.36 -20.99 12.21
CA ARG C 176 6.72 -20.50 12.46
C ARG C 176 7.67 -21.36 11.64
N PRO C 177 8.37 -20.81 10.65
CA PRO C 177 9.24 -21.65 9.82
C PRO C 177 10.41 -22.22 10.62
N VAL C 178 11.05 -23.23 10.04
CA VAL C 178 12.26 -23.77 10.64
C VAL C 178 13.27 -22.65 10.81
N PHE C 179 13.76 -22.47 12.03
CA PHE C 179 14.66 -21.36 12.30
C PHE C 179 16.09 -21.68 11.90
N GLY C 180 16.47 -22.95 11.91
CA GLY C 180 17.85 -23.31 11.62
C GLY C 180 18.82 -22.88 12.69
N SER C 181 18.39 -22.93 13.95
CA SER C 181 19.17 -22.44 15.07
C SER C 181 18.29 -22.56 16.30
N ASN C 182 18.93 -22.56 17.46
CA ASN C 182 18.21 -22.53 18.72
C ASN C 182 17.55 -21.16 18.90
N GLY C 183 16.59 -21.12 19.80
CA GLY C 183 15.84 -19.91 20.03
C GLY C 183 14.65 -19.72 19.13
N GLY C 184 14.08 -20.80 18.62
CA GLY C 184 12.91 -20.73 17.77
C GLY C 184 11.67 -21.31 18.41
N GLU C 185 11.61 -21.30 19.74
CA GLU C 185 10.43 -21.81 20.43
C GLU C 185 9.21 -20.95 20.11
N THR C 186 8.03 -21.53 20.32
CA THR C 186 6.78 -20.80 20.22
C THR C 186 6.28 -20.31 21.57
N LEU C 187 6.37 -21.13 22.60
CA LEU C 187 5.92 -20.77 23.93
C LEU C 187 6.94 -21.23 24.95
N ARG C 188 7.33 -20.34 25.86
CA ARG C 188 8.24 -20.67 26.95
C ARG C 188 7.64 -20.18 28.26
N ILE C 189 7.71 -21.00 29.29
CA ILE C 189 7.16 -20.66 30.60
C ILE C 189 8.31 -20.73 31.60
N GLY C 190 8.96 -19.59 31.82
CA GLY C 190 10.07 -19.50 32.74
C GLY C 190 11.41 -19.70 32.07
N THR C 191 12.46 -19.63 32.89
CA THR C 191 13.82 -19.89 32.45
C THR C 191 14.51 -20.74 33.50
N SER C 192 15.75 -21.17 33.19
CA SER C 192 16.44 -22.09 34.07
C SER C 192 16.68 -21.49 35.45
N HIS C 193 17.04 -20.21 35.51
CA HIS C 193 17.37 -19.61 36.80
C HIS C 193 16.17 -19.57 37.73
N TYR C 194 14.98 -19.34 37.19
CA TYR C 194 13.76 -19.27 37.99
C TYR C 194 12.89 -20.53 37.84
N SER C 195 13.47 -21.62 37.34
CA SER C 195 12.69 -22.81 37.04
C SER C 195 12.18 -23.51 38.30
N LEU C 196 12.76 -23.22 39.46
CA LEU C 196 12.31 -23.84 40.70
C LEU C 196 11.15 -23.10 41.34
N SER C 197 10.78 -21.94 40.81
CA SER C 197 9.56 -21.26 41.25
C SER C 197 8.34 -21.90 40.60
N ASP C 198 7.19 -21.74 41.25
CA ASP C 198 5.93 -22.21 40.70
C ASP C 198 5.26 -21.08 39.93
N SER C 199 4.90 -21.37 38.67
CA SER C 199 4.27 -20.38 37.80
C SER C 199 2.76 -20.52 37.75
N HIS C 200 2.24 -21.74 37.75
CA HIS C 200 0.80 -21.99 37.74
C HIS C 200 0.13 -21.40 36.50
N THR C 201 0.87 -21.29 35.40
CA THR C 201 0.32 -20.75 34.17
C THR C 201 -0.61 -21.78 33.52
N LEU C 202 -1.78 -21.32 33.09
CA LEU C 202 -2.77 -22.18 32.43
C LEU C 202 -2.71 -21.94 30.93
N VAL C 203 -2.38 -23.00 30.18
CA VAL C 203 -2.28 -22.95 28.73
C VAL C 203 -3.31 -23.93 28.20
N GLU C 204 -4.43 -23.42 27.68
CA GLU C 204 -5.54 -24.28 27.28
C GLU C 204 -6.18 -23.78 26.00
N ASN C 205 -6.69 -24.72 25.20
CA ASN C 205 -7.53 -24.40 24.05
C ASN C 205 -6.80 -23.54 23.02
N ASN C 206 -5.52 -23.80 22.83
CA ASN C 206 -4.74 -23.12 21.81
C ASN C 206 -4.43 -24.07 20.66
N TYR C 207 -4.39 -23.51 19.45
CA TYR C 207 -4.19 -24.29 18.23
C TYR C 207 -2.81 -23.95 17.66
N PHE C 208 -1.90 -24.91 17.71
CA PHE C 208 -0.56 -24.78 17.14
C PHE C 208 -0.56 -25.47 15.78
N GLU C 209 -0.33 -24.71 14.71
CA GLU C 209 -0.29 -25.25 13.36
C GLU C 209 1.05 -24.91 12.72
N GLN C 210 1.84 -25.95 12.45
CA GLN C 210 3.13 -25.80 11.76
C GLN C 210 4.06 -24.86 12.51
N THR C 211 4.04 -24.94 13.84
CA THR C 211 5.02 -24.25 14.67
C THR C 211 6.29 -25.10 14.66
N ASN C 212 7.15 -24.83 13.68
CA ASN C 212 8.30 -25.68 13.37
C ASN C 212 9.63 -24.99 13.66
N GLY C 213 9.65 -24.08 14.62
CA GLY C 213 10.86 -23.32 14.88
C GLY C 213 12.05 -24.21 15.22
N GLU C 214 11.85 -25.16 16.11
CA GLU C 214 12.95 -26.02 16.58
C GLU C 214 12.32 -27.20 17.33
N VAL C 215 13.17 -27.98 18.01
CA VAL C 215 12.71 -29.20 18.65
C VAL C 215 11.74 -28.92 19.80
N GLU C 216 11.70 -27.68 20.30
CA GLU C 216 10.80 -27.31 21.38
C GLU C 216 9.75 -26.34 20.86
N ILE C 217 8.50 -26.80 20.81
CA ILE C 217 7.37 -25.90 20.59
C ILE C 217 7.02 -25.17 21.89
N ILE C 218 6.77 -25.96 22.94
CA ILE C 218 6.51 -25.45 24.28
C ILE C 218 7.67 -25.89 25.16
N SER C 219 8.32 -24.93 25.80
CA SER C 219 9.42 -25.18 26.73
C SER C 219 8.94 -24.79 28.12
N ILE C 220 8.68 -25.79 28.95
CA ILE C 220 8.23 -25.56 30.33
C ILE C 220 9.48 -25.51 31.20
N LYS C 221 9.75 -24.35 31.78
CA LYS C 221 10.89 -24.14 32.67
C LYS C 221 10.43 -23.52 33.99
N SER C 222 9.46 -24.16 34.62
CA SER C 222 8.90 -23.71 35.89
C SER C 222 7.94 -24.79 36.38
N GLY C 223 7.38 -24.58 37.57
CA GLY C 223 6.63 -25.60 38.26
C GLY C 223 5.13 -25.38 38.25
N LYS C 224 4.39 -26.49 38.35
CA LYS C 224 2.96 -26.49 38.64
C LYS C 224 2.15 -25.73 37.59
N ASN C 225 2.56 -25.77 36.33
CA ASN C 225 1.76 -25.24 35.25
C ASN C 225 0.71 -26.27 34.82
N HIS C 226 -0.22 -25.83 33.97
CA HIS C 226 -1.33 -26.68 33.52
C HIS C 226 -1.51 -26.47 32.03
N ILE C 227 -1.16 -27.50 31.24
CA ILE C 227 -1.26 -27.47 29.78
C ILE C 227 -2.31 -28.49 29.38
N ARG C 228 -3.41 -28.04 28.79
CA ARG C 228 -4.51 -28.94 28.48
C ARG C 228 -5.29 -28.47 27.27
N ASN C 229 -5.91 -29.42 26.58
CA ASN C 229 -6.89 -29.16 25.52
C ASN C 229 -6.32 -28.35 24.37
N ASN C 230 -5.00 -28.37 24.18
CA ASN C 230 -4.38 -27.74 23.03
C ASN C 230 -4.27 -28.75 21.89
N VAL C 231 -4.17 -28.22 20.67
CA VAL C 231 -4.01 -29.03 19.46
C VAL C 231 -2.73 -28.64 18.77
N PHE C 232 -1.92 -29.64 18.41
CA PHE C 232 -0.67 -29.46 17.68
C PHE C 232 -0.81 -30.15 16.34
N TYR C 233 -0.98 -29.37 15.27
CA TYR C 233 -1.28 -29.89 13.94
C TYR C 233 -0.04 -29.75 13.06
N GLU C 234 0.54 -30.89 12.69
CA GLU C 234 1.72 -30.94 11.85
C GLU C 234 2.80 -29.99 12.36
N ALA C 235 3.06 -30.06 13.67
CA ALA C 235 4.01 -29.18 14.33
C ALA C 235 5.32 -29.94 14.54
N ARG C 236 6.40 -29.42 13.97
CA ARG C 236 7.71 -30.06 14.04
C ARG C 236 8.40 -29.63 15.32
N GLY C 237 8.40 -30.50 16.30
CA GLY C 237 8.90 -30.18 17.62
C GLY C 237 8.10 -30.94 18.66
N THR C 238 8.37 -30.60 19.93
CA THR C 238 7.78 -31.31 21.04
C THR C 238 7.21 -30.34 22.07
N LEU C 239 6.42 -30.91 22.99
CA LEU C 239 6.09 -30.26 24.25
C LEU C 239 7.05 -30.81 25.28
N THR C 240 8.04 -30.00 25.67
CA THR C 240 9.10 -30.43 26.56
C THR C 240 8.86 -29.91 27.97
N LEU C 241 8.90 -30.82 28.95
CA LEU C 241 8.94 -30.44 30.36
C LEU C 241 10.40 -30.27 30.73
N ARG C 242 10.96 -29.13 30.32
CA ARG C 242 12.42 -28.95 30.37
C ARG C 242 12.92 -28.81 31.80
N HIS C 243 12.45 -27.77 32.51
CA HIS C 243 12.79 -27.57 33.90
C HIS C 243 11.50 -27.35 34.70
N GLY C 244 11.59 -27.57 36.00
CA GLY C 244 10.45 -27.41 36.88
C GLY C 244 9.73 -28.72 37.13
N ASN C 245 8.96 -28.75 38.21
CA ASN C 245 8.25 -29.95 38.65
C ASN C 245 6.77 -29.65 38.83
N GLY C 246 5.97 -30.71 38.78
CA GLY C 246 4.57 -30.60 39.12
C GLY C 246 3.66 -30.17 37.99
N ASN C 247 4.08 -30.30 36.75
CA ASN C 247 3.29 -29.87 35.60
C ASN C 247 2.31 -30.94 35.17
N ILE C 248 1.18 -30.50 34.63
CA ILE C 248 0.08 -31.38 34.24
C ILE C 248 -0.13 -31.22 32.73
N ILE C 249 0.03 -32.32 31.99
CA ILE C 249 -0.15 -32.34 30.55
C ILE C 249 -1.32 -33.29 30.28
N GLU C 250 -2.50 -32.76 30.01
CA GLU C 250 -3.68 -33.61 29.85
C GLU C 250 -4.56 -33.11 28.72
N GLU C 251 -5.13 -34.07 27.97
CA GLU C 251 -6.15 -33.79 26.97
C GLU C 251 -5.63 -32.95 25.81
N ASN C 252 -4.32 -33.02 25.56
CA ASN C 252 -3.74 -32.38 24.39
C ASN C 252 -3.77 -33.36 23.22
N ILE C 253 -3.94 -32.81 22.01
CA ILE C 253 -4.09 -33.61 20.80
C ILE C 253 -2.97 -33.25 19.83
N PHE C 254 -2.29 -34.27 19.32
CA PHE C 254 -1.20 -34.10 18.36
C PHE C 254 -1.58 -34.79 17.06
N PHE C 255 -1.72 -34.01 16.00
CA PHE C 255 -2.02 -34.51 14.66
C PHE C 255 -0.77 -34.31 13.80
N GLY C 256 0.10 -35.31 13.78
CA GLY C 256 1.33 -35.20 13.01
C GLY C 256 1.15 -35.48 11.53
N ASN C 257 0.20 -36.35 11.18
CA ASN C 257 -0.09 -36.68 9.79
C ASN C 257 1.14 -37.23 9.07
N GLY C 258 2.03 -37.89 9.80
CA GLY C 258 3.22 -38.44 9.18
C GLY C 258 4.22 -37.42 8.71
N VAL C 259 4.04 -36.14 9.06
CA VAL C 259 5.02 -35.12 8.69
C VAL C 259 6.30 -35.35 9.46
N GLU C 260 7.43 -35.07 8.81
CA GLU C 260 8.73 -35.37 9.40
C GLU C 260 9.00 -34.50 10.62
N HIS C 261 9.58 -35.11 11.65
CA HIS C 261 10.00 -34.45 12.87
C HIS C 261 8.83 -33.91 13.69
N THR C 262 7.63 -34.45 13.49
CA THR C 262 6.52 -34.18 14.39
C THR C 262 6.74 -34.97 15.68
N GLY C 263 6.84 -34.26 16.80
CA GLY C 263 7.06 -34.87 18.08
C GLY C 263 5.86 -34.71 19.01
N GLY C 264 6.05 -35.20 20.25
CA GLY C 264 4.99 -35.16 21.23
C GLY C 264 5.42 -34.56 22.56
N ILE C 265 5.57 -35.41 23.56
CA ILE C 265 5.81 -35.00 24.94
C ILE C 265 7.13 -35.56 25.42
N ARG C 266 7.98 -34.70 25.97
CA ARG C 266 9.27 -35.08 26.55
C ARG C 266 9.23 -34.80 28.04
N VAL C 267 9.56 -35.81 28.84
CA VAL C 267 9.39 -35.79 30.29
C VAL C 267 10.76 -35.71 30.94
N ILE C 268 10.96 -34.63 31.72
CA ILE C 268 12.12 -34.44 32.56
C ILE C 268 11.62 -33.92 33.90
N ASN C 269 12.44 -34.07 34.94
CA ASN C 269 12.11 -33.58 36.27
C ASN C 269 11.00 -34.40 36.91
N LYS C 270 10.46 -33.93 38.03
CA LYS C 270 9.68 -34.76 38.94
C LYS C 270 8.22 -34.33 39.00
N ASP C 271 7.38 -35.27 39.44
CA ASP C 271 6.02 -35.01 39.88
C ASP C 271 5.10 -34.56 38.75
N HIS C 272 5.31 -35.08 37.54
CA HIS C 272 4.49 -34.68 36.40
C HIS C 272 3.30 -35.63 36.24
N ILE C 273 2.21 -35.08 35.72
CA ILE C 273 1.00 -35.84 35.40
C ILE C 273 0.74 -35.69 33.91
N ILE C 274 0.80 -36.81 33.19
CA ILE C 274 0.52 -36.85 31.75
C ILE C 274 -0.61 -37.86 31.55
N ARG C 275 -1.77 -37.39 31.10
CA ARG C 275 -2.91 -38.28 31.00
C ARG C 275 -3.90 -37.78 29.97
N ASN C 276 -4.61 -38.73 29.34
CA ASN C 276 -5.71 -38.43 28.43
C ASN C 276 -5.27 -37.63 27.22
N ASN C 277 -4.00 -37.76 26.84
CA ASN C 277 -3.50 -37.12 25.63
C ASN C 277 -3.67 -38.04 24.43
N TYR C 278 -3.75 -37.44 23.25
CA TYR C 278 -3.93 -38.17 22.00
C TYR C 278 -2.80 -37.79 21.05
N LEU C 279 -1.98 -38.78 20.69
CA LEU C 279 -0.83 -38.57 19.83
C LEU C 279 -0.94 -39.50 18.63
N GLU C 280 -0.94 -38.91 17.43
CA GLU C 280 -1.12 -39.68 16.21
C GLU C 280 -0.14 -39.22 15.14
N GLY C 281 0.44 -40.18 14.43
CA GLY C 281 1.26 -39.87 13.27
C GLY C 281 2.48 -39.01 13.54
N LEU C 282 3.16 -39.26 14.65
CA LEU C 282 4.35 -38.51 15.03
C LEU C 282 5.59 -39.29 14.60
N THR C 283 6.46 -38.65 13.83
CA THR C 283 7.61 -39.30 13.23
C THR C 283 8.95 -38.86 13.83
N GLY C 284 8.94 -37.98 14.83
CA GLY C 284 10.19 -37.54 15.42
C GLY C 284 10.91 -38.67 16.12
N PHE C 285 12.22 -38.47 16.29
CA PHE C 285 13.07 -39.46 16.95
C PHE C 285 14.02 -38.75 17.90
N ARG C 286 14.76 -39.55 18.68
CA ARG C 286 15.61 -39.02 19.75
C ARG C 286 14.79 -38.10 20.64
N PHE C 287 15.36 -36.96 21.06
CA PHE C 287 14.65 -36.06 21.97
C PHE C 287 13.46 -35.38 21.30
N GLY C 288 13.26 -35.57 20.01
CA GLY C 288 12.09 -35.04 19.33
C GLY C 288 11.05 -36.11 19.08
N SER C 289 11.15 -37.21 19.82
CA SER C 289 10.27 -38.35 19.61
C SER C 289 8.83 -38.01 20.01
N GLY C 290 7.91 -38.88 19.59
CA GLY C 290 6.53 -38.72 19.99
C GLY C 290 6.34 -38.77 21.49
N PHE C 291 7.14 -39.60 22.16
CA PHE C 291 7.12 -39.63 23.62
C PHE C 291 8.50 -40.02 24.13
N THR C 292 9.03 -39.20 25.03
CA THR C 292 10.34 -39.45 25.62
C THR C 292 10.25 -39.27 27.13
N VAL C 293 10.92 -40.14 27.86
CA VAL C 293 11.15 -39.98 29.30
C VAL C 293 12.65 -40.05 29.49
N MET C 294 13.26 -38.94 29.93
CA MET C 294 14.71 -38.82 29.84
C MET C 294 15.41 -39.15 31.15
N ASN C 295 16.67 -39.56 31.03
CA ASN C 295 17.55 -39.70 32.18
C ASN C 295 17.96 -38.32 32.70
N GLY C 296 18.30 -38.27 33.99
CA GLY C 296 18.78 -37.06 34.62
C GLY C 296 20.24 -37.17 35.03
N VAL C 297 20.73 -36.05 35.54
CA VAL C 297 22.11 -35.95 36.04
C VAL C 297 22.05 -35.99 37.57
N PRO C 298 22.84 -36.83 38.23
CA PRO C 298 22.88 -36.79 39.70
C PRO C 298 23.37 -35.43 40.19
N ASN C 299 22.68 -34.89 41.20
CA ASN C 299 22.96 -33.55 41.70
C ASN C 299 23.03 -32.57 40.54
N SER C 300 22.02 -32.64 39.68
CA SER C 300 22.06 -31.92 38.42
C SER C 300 22.22 -30.43 38.64
N PRO C 301 23.04 -29.75 37.84
CA PRO C 301 22.95 -28.29 37.77
C PRO C 301 21.55 -27.86 37.38
N ILE C 302 21.23 -26.61 37.69
CA ILE C 302 19.87 -26.13 37.47
C ILE C 302 19.54 -26.03 35.98
N ASN C 303 20.54 -26.03 35.11
CA ASN C 303 20.33 -25.84 33.68
C ASN C 303 20.61 -27.09 32.86
N ARG C 304 20.81 -28.25 33.51
CA ARG C 304 21.09 -29.48 32.80
C ARG C 304 19.83 -30.35 32.70
N TYR C 305 19.82 -31.48 33.39
CA TYR C 305 18.70 -32.43 33.32
C TYR C 305 18.50 -33.05 34.69
N HIS C 306 17.26 -33.02 35.19
CA HIS C 306 16.95 -33.54 36.50
C HIS C 306 16.22 -34.88 36.39
N GLN C 307 16.57 -35.80 37.29
CA GLN C 307 16.03 -37.15 37.26
C GLN C 307 14.51 -37.14 37.25
N VAL C 308 13.94 -38.02 36.42
CA VAL C 308 12.48 -38.15 36.36
C VAL C 308 12.00 -38.90 37.60
N GLU C 309 11.07 -38.29 38.33
CA GLU C 309 10.61 -38.83 39.61
C GLU C 309 9.11 -38.61 39.73
N ASN C 310 8.39 -39.67 40.10
CA ASN C 310 6.94 -39.60 40.31
C ASN C 310 6.23 -39.07 39.07
N ALA C 311 6.53 -39.68 37.93
CA ALA C 311 5.87 -39.34 36.67
C ALA C 311 4.68 -40.27 36.45
N GLN C 312 3.50 -39.68 36.30
CA GLN C 312 2.26 -40.44 36.14
C GLN C 312 1.78 -40.32 34.70
N ILE C 313 2.01 -41.36 33.92
CA ILE C 313 1.63 -41.41 32.51
C ILE C 313 0.47 -42.40 32.41
N GLU C 314 -0.76 -41.87 32.39
CA GLU C 314 -1.96 -42.69 32.50
C GLU C 314 -2.96 -42.35 31.43
N ASN C 315 -3.49 -43.37 30.74
CA ASN C 315 -4.60 -43.22 29.82
C ASN C 315 -4.28 -42.24 28.69
N ASN C 316 -3.19 -42.52 27.98
CA ASN C 316 -2.85 -41.80 26.77
C ASN C 316 -2.94 -42.75 25.58
N THR C 317 -3.24 -42.18 24.42
CA THR C 317 -3.41 -42.94 23.19
C THR C 317 -2.29 -42.56 22.22
N PHE C 318 -1.49 -43.54 21.83
CA PHE C 318 -0.42 -43.37 20.85
C PHE C 318 -0.77 -44.17 19.61
N ILE C 319 -1.04 -43.48 18.50
CA ILE C 319 -1.42 -44.11 17.24
C ILE C 319 -0.33 -43.77 16.22
N ASN C 320 0.36 -44.80 15.73
CA ASN C 320 1.44 -44.61 14.76
C ASN C 320 2.46 -43.60 15.27
N VAL C 321 2.73 -43.64 16.57
CA VAL C 321 3.84 -42.91 17.17
C VAL C 321 5.09 -43.76 16.98
N GLU C 322 6.03 -43.28 16.17
CA GLU C 322 7.11 -44.13 15.71
C GLU C 322 8.12 -44.45 16.81
N HIS C 323 8.32 -43.54 17.76
CA HIS C 323 9.35 -43.73 18.77
C HIS C 323 8.81 -43.34 20.15
N ILE C 324 8.91 -44.29 21.09
CA ILE C 324 8.63 -44.05 22.49
C ILE C 324 9.89 -44.46 23.24
N GLN C 325 10.66 -43.47 23.69
CA GLN C 325 12.01 -43.69 24.20
C GLN C 325 12.03 -43.48 25.71
N LEU C 326 12.40 -44.53 26.45
CA LEU C 326 12.49 -44.50 27.90
C LEU C 326 13.95 -44.51 28.32
N ALA C 327 14.26 -43.77 29.39
CA ALA C 327 15.63 -43.63 29.88
C ALA C 327 16.53 -43.07 28.78
N ALA C 328 15.98 -42.19 27.94
CA ALA C 328 16.71 -41.66 26.80
C ALA C 328 17.79 -40.69 27.25
N GLY C 329 18.81 -40.53 26.40
CA GLY C 329 19.92 -39.68 26.71
C GLY C 329 20.90 -40.25 27.72
N SER C 330 20.77 -41.53 28.05
CA SER C 330 21.67 -42.13 29.04
C SER C 330 23.11 -42.08 28.57
N ASP C 331 23.98 -41.53 29.42
CA ASP C 331 25.41 -41.46 29.14
C ASP C 331 26.14 -41.32 30.46
N ALA C 332 27.44 -41.01 30.40
CA ALA C 332 28.23 -40.89 31.62
C ALA C 332 27.70 -39.77 32.51
N GLU C 333 27.33 -38.63 31.92
CA GLU C 333 26.76 -37.54 32.69
C GLU C 333 25.31 -37.82 33.04
N ARG C 334 24.51 -38.23 32.07
CA ARG C 334 23.07 -38.48 32.27
C ARG C 334 22.87 -39.93 32.71
N SER C 335 23.26 -40.19 33.97
CA SER C 335 23.22 -41.52 34.52
C SER C 335 22.00 -41.78 35.41
N ALA C 336 21.30 -40.74 35.85
CA ALA C 336 20.14 -40.93 36.71
C ALA C 336 18.98 -41.49 35.92
N VAL C 337 18.38 -42.56 36.44
CA VAL C 337 17.39 -43.35 35.72
C VAL C 337 15.99 -42.94 36.20
N PRO C 338 14.95 -43.04 35.37
CA PRO C 338 13.60 -42.76 35.86
C PRO C 338 13.22 -43.72 36.98
N ILE C 339 12.60 -43.19 38.02
CA ILE C 339 12.29 -43.96 39.22
C ILE C 339 10.98 -43.46 39.82
N ASP C 340 10.30 -44.35 40.55
CA ASP C 340 9.08 -44.02 41.28
C ASP C 340 7.99 -43.49 40.36
N SER C 341 8.01 -43.89 39.09
CA SER C 341 7.04 -43.46 38.10
C SER C 341 6.17 -44.63 37.68
N VAL C 342 5.02 -44.31 37.09
CA VAL C 342 4.06 -45.31 36.63
C VAL C 342 3.70 -45.02 35.18
N MET C 343 3.21 -46.07 34.51
CA MET C 343 2.75 -45.95 33.13
C MET C 343 1.70 -47.02 32.94
N ASN C 344 0.43 -46.61 32.83
CA ASN C 344 -0.64 -47.59 32.82
C ASN C 344 -1.83 -47.10 32.01
N ASN C 345 -2.59 -48.09 31.51
CA ASN C 345 -3.83 -47.86 30.77
C ASN C 345 -3.62 -47.03 29.51
N ASN C 346 -2.41 -47.05 28.96
CA ASN C 346 -2.16 -46.41 27.68
C ASN C 346 -2.44 -47.38 26.54
N LEU C 347 -2.73 -46.81 25.37
CA LEU C 347 -3.02 -47.59 24.17
C LEU C 347 -1.98 -47.22 23.11
N ILE C 348 -1.13 -48.19 22.75
CA ILE C 348 -0.05 -47.98 21.80
C ILE C 348 -0.36 -48.83 20.57
N ILE C 349 -0.77 -48.16 19.50
CA ILE C 349 -1.11 -48.83 18.24
C ILE C 349 -0.05 -48.45 17.21
N ASN C 350 0.44 -49.45 16.49
CA ASN C 350 1.39 -49.24 15.41
C ASN C 350 1.07 -50.23 14.29
N ASP C 351 1.20 -49.78 13.04
CA ASP C 351 0.73 -50.54 11.90
C ASP C 351 1.65 -51.70 11.51
N SER C 352 2.86 -51.76 12.07
CA SER C 352 3.75 -52.87 11.76
C SER C 352 4.85 -53.01 12.80
N GLN C 353 5.56 -51.93 13.08
CA GLN C 353 6.71 -51.98 13.97
C GLN C 353 6.29 -51.84 15.42
N GLN C 354 7.21 -52.23 16.31
CA GLN C 354 7.09 -51.94 17.72
C GLN C 354 7.86 -50.65 18.03
N SER C 355 7.28 -49.80 18.87
CA SER C 355 7.76 -48.43 19.03
C SER C 355 8.63 -48.22 20.25
N PHE C 356 8.51 -49.04 21.29
CA PHE C 356 9.23 -48.80 22.52
C PHE C 356 10.72 -49.04 22.35
N THR C 357 11.53 -48.21 23.00
CA THR C 357 12.97 -48.44 23.07
C THR C 357 13.46 -47.93 24.43
N ALA C 358 14.10 -48.82 25.17
CA ALA C 358 14.72 -48.48 26.45
C ALA C 358 16.23 -48.34 26.25
N PHE C 359 16.80 -47.26 26.78
CA PHE C 359 18.24 -47.01 26.69
C PHE C 359 18.93 -47.17 28.03
N ASP C 360 18.25 -47.71 29.03
CA ASP C 360 18.81 -47.93 30.36
C ASP C 360 17.78 -48.74 31.14
N ASP C 361 18.10 -49.01 32.41
CA ASP C 361 17.16 -49.70 33.28
C ASP C 361 15.85 -48.93 33.34
N ILE C 362 14.75 -49.58 32.93
CA ILE C 362 13.43 -48.97 33.00
C ILE C 362 12.59 -49.60 34.11
N SER C 363 13.23 -50.27 35.06
CA SER C 363 12.49 -50.87 36.17
C SER C 363 11.82 -49.83 37.05
N GLY C 364 12.28 -48.58 37.01
CA GLY C 364 11.69 -47.53 37.81
C GLY C 364 10.32 -47.09 37.34
N ILE C 365 9.86 -47.56 36.19
CA ILE C 365 8.55 -47.23 35.65
C ILE C 365 7.68 -48.48 35.77
N LYS C 366 6.71 -48.44 36.67
CA LYS C 366 5.75 -49.53 36.82
C LYS C 366 4.80 -49.52 35.64
N PHE C 367 5.02 -50.42 34.68
CA PHE C 367 4.09 -50.58 33.56
C PHE C 367 2.93 -51.47 33.99
N SER C 368 1.71 -51.08 33.61
CA SER C 368 0.55 -51.83 34.06
C SER C 368 -0.67 -51.52 33.20
N ASN C 369 -1.42 -52.56 32.85
CA ASN C 369 -2.72 -52.46 32.19
C ASN C 369 -2.64 -51.80 30.81
N ASN C 370 -1.45 -51.67 30.23
CA ASN C 370 -1.34 -51.08 28.91
C ASN C 370 -1.68 -52.09 27.83
N ILE C 371 -2.30 -51.60 26.76
CA ILE C 371 -2.70 -52.42 25.62
C ILE C 371 -1.87 -52.00 24.42
N ALA C 372 -1.44 -52.98 23.63
CA ALA C 372 -0.75 -52.72 22.37
C ALA C 372 -1.15 -53.78 21.36
N ASN C 373 -1.02 -53.43 20.08
CA ASN C 373 -1.32 -54.36 18.99
C ASN C 373 -0.06 -55.00 18.43
N THR C 374 1.11 -54.66 18.95
CA THR C 374 2.37 -55.27 18.53
C THR C 374 3.02 -55.94 19.74
N ALA C 375 3.82 -56.96 19.46
CA ALA C 375 4.59 -57.62 20.53
C ALA C 375 5.67 -56.68 21.02
N VAL C 376 5.68 -56.44 22.33
CA VAL C 376 6.60 -55.45 22.92
C VAL C 376 7.79 -56.13 23.54
N LEU C 377 8.72 -55.34 24.09
CA LEU C 377 9.94 -55.90 24.65
C LEU C 377 9.60 -56.91 25.74
N PRO C 378 10.39 -57.97 25.89
CA PRO C 378 10.20 -58.86 27.05
C PRO C 378 10.15 -58.11 28.37
N SER C 379 10.88 -56.99 28.49
CA SER C 379 10.89 -56.25 29.74
C SER C 379 9.52 -55.65 30.04
N LEU C 380 8.83 -55.15 29.01
CA LEU C 380 7.51 -54.55 29.20
C LEU C 380 6.38 -55.58 29.21
N SER C 381 6.67 -56.85 28.92
CA SER C 381 5.62 -57.86 28.87
C SER C 381 4.87 -57.95 30.19
N LYS C 382 5.51 -57.56 31.29
CA LYS C 382 4.86 -57.66 32.60
C LYS C 382 3.59 -56.80 32.65
N GLY C 383 3.64 -55.59 32.09
CA GLY C 383 2.54 -54.66 32.20
C GLY C 383 2.02 -54.12 30.88
N VAL C 384 2.36 -54.79 29.77
CA VAL C 384 1.86 -54.44 28.46
C VAL C 384 1.35 -55.72 27.81
N LYS C 385 0.09 -55.71 27.39
CA LYS C 385 -0.57 -56.88 26.82
C LYS C 385 -0.83 -56.64 25.34
N GLN C 386 -0.46 -57.62 24.51
CA GLN C 386 -0.71 -57.52 23.08
C GLN C 386 -2.13 -57.96 22.77
N GLN C 387 -2.76 -57.25 21.83
CA GLN C 387 -4.15 -57.49 21.48
C GLN C 387 -4.49 -56.68 20.25
N GLN C 388 -5.19 -57.31 19.30
CA GLN C 388 -5.62 -56.61 18.10
C GLN C 388 -6.80 -55.70 18.43
N VAL C 389 -6.74 -54.46 17.97
CA VAL C 389 -7.70 -53.43 18.33
C VAL C 389 -8.18 -52.75 17.06
N LYS C 390 -9.40 -53.06 16.64
CA LYS C 390 -10.02 -52.33 15.54
C LYS C 390 -10.32 -50.90 15.97
N LEU C 391 -10.00 -49.95 15.10
CA LEU C 391 -10.17 -48.53 15.39
C LEU C 391 -11.10 -47.89 14.38
N LYS C 392 -11.87 -46.91 14.85
CA LYS C 392 -12.71 -46.07 14.00
C LYS C 392 -12.48 -44.61 14.37
N ARG C 393 -12.42 -43.75 13.36
CA ARG C 393 -12.21 -42.33 13.58
C ARG C 393 -13.58 -41.64 13.68
N ASN C 394 -13.81 -40.93 14.78
CA ASN C 394 -15.09 -40.27 15.00
C ASN C 394 -15.11 -38.93 14.28
N LYS C 395 -16.17 -38.15 14.48
CA LYS C 395 -16.34 -36.91 13.75
C LYS C 395 -15.43 -35.80 14.25
N ALA C 396 -14.91 -35.90 15.46
CA ALA C 396 -13.93 -34.95 15.95
C ALA C 396 -12.52 -35.24 15.44
N GLY C 397 -12.33 -36.35 14.73
CA GLY C 397 -11.05 -36.69 14.15
C GLY C 397 -10.20 -37.64 14.97
N LEU C 398 -10.76 -38.29 15.99
CA LEU C 398 -10.00 -39.14 16.89
C LEU C 398 -10.30 -40.60 16.64
N LEU C 399 -9.24 -41.42 16.64
CA LEU C 399 -9.39 -42.86 16.52
C LEU C 399 -9.70 -43.46 17.89
N TYR C 400 -10.75 -44.27 17.95
CA TYR C 400 -11.13 -44.96 19.17
C TYR C 400 -11.38 -46.43 18.87
N PRO C 401 -11.12 -47.31 19.84
CA PRO C 401 -11.44 -48.73 19.62
C PRO C 401 -12.93 -48.94 19.37
N VAL C 402 -13.22 -49.83 18.43
CA VAL C 402 -14.61 -50.18 18.15
C VAL C 402 -15.21 -50.98 19.29
N SER C 403 -14.39 -51.64 20.10
CA SER C 403 -14.87 -52.47 21.19
C SER C 403 -14.98 -51.67 22.49
N GLU C 404 -15.97 -52.05 23.30
CA GLU C 404 -16.16 -51.46 24.62
C GLU C 404 -15.36 -52.16 25.70
N SER C 405 -14.69 -53.27 25.36
CA SER C 405 -13.97 -54.07 26.35
C SER C 405 -12.56 -53.57 26.60
N VAL C 406 -11.94 -52.92 25.61
CA VAL C 406 -10.57 -52.43 25.77
C VAL C 406 -10.63 -51.15 26.61
N PHE C 407 -10.08 -51.22 27.82
CA PHE C 407 -10.07 -50.09 28.75
C PHE C 407 -8.68 -49.47 28.79
N ALA C 408 -8.35 -48.80 27.68
CA ALA C 408 -7.04 -48.16 27.55
C ALA C 408 -7.17 -46.94 26.65
N GLY C 409 -6.19 -46.06 26.74
CA GLY C 409 -6.20 -44.83 25.96
C GLY C 409 -6.92 -43.70 26.67
N ALA C 410 -7.03 -42.59 25.96
CA ALA C 410 -7.69 -41.40 26.49
C ALA C 410 -9.18 -41.66 26.67
N LYS C 411 -9.81 -40.81 27.49
CA LYS C 411 -11.25 -40.89 27.72
C LYS C 411 -12.03 -40.89 26.42
N ALA C 412 -13.25 -41.42 26.44
CA ALA C 412 -14.03 -41.55 25.21
C ALA C 412 -14.63 -40.22 24.76
N ASP C 413 -14.92 -39.32 25.69
CA ASP C 413 -15.52 -38.02 25.36
C ASP C 413 -14.46 -36.93 25.28
N LEU C 414 -13.36 -37.21 24.57
CA LEU C 414 -12.26 -36.26 24.45
C LEU C 414 -12.58 -35.25 23.35
N THR C 415 -12.54 -33.98 23.69
CA THR C 415 -12.83 -32.91 22.74
C THR C 415 -11.59 -32.53 21.95
N VAL C 416 -11.81 -31.98 20.76
CA VAL C 416 -10.74 -31.53 19.88
C VAL C 416 -11.02 -30.08 19.51
N LEU C 417 -10.14 -29.18 19.93
CA LEU C 417 -10.29 -27.76 19.62
C LEU C 417 -10.39 -27.55 18.12
N LYS C 418 -11.28 -26.65 17.72
CA LYS C 418 -11.43 -26.28 16.32
C LYS C 418 -10.54 -25.09 16.00
N LYS C 419 -9.79 -25.18 14.90
CA LYS C 419 -8.96 -24.06 14.47
C LYS C 419 -9.78 -22.77 14.37
N ALA C 420 -11.03 -22.89 13.92
CA ALA C 420 -11.89 -21.72 13.74
C ALA C 420 -12.35 -21.12 15.06
N ASP C 421 -12.10 -21.78 16.18
CA ASP C 421 -12.42 -21.25 17.49
C ASP C 421 -11.24 -20.56 18.16
N THR C 422 -10.15 -20.34 17.42
CA THR C 422 -8.99 -19.61 17.91
C THR C 422 -8.74 -18.41 17.03
N GLY C 423 -7.88 -17.51 17.50
CA GLY C 423 -7.57 -16.32 16.74
C GLY C 423 -8.78 -15.39 16.68
N VAL C 424 -8.94 -14.72 15.54
CA VAL C 424 -9.99 -13.75 15.33
C VAL C 424 -10.72 -14.09 14.05
N SER C 425 -12.03 -13.81 14.04
CA SER C 425 -12.85 -14.08 12.85
C SER C 425 -12.60 -13.08 11.74
N TRP C 426 -11.98 -11.94 12.05
CA TRP C 426 -11.82 -10.85 11.09
C TRP C 426 -10.42 -10.80 10.48
N TYR C 427 -9.60 -11.83 10.67
CA TYR C 427 -8.29 -11.90 10.05
C TYR C 427 -8.12 -13.32 9.51
N PRO C 428 -7.68 -13.48 8.26
CA PRO C 428 -7.61 -14.82 7.67
C PRO C 428 -6.43 -15.63 8.19
N LYS C 429 -6.63 -16.94 8.25
CA LYS C 429 -5.56 -17.90 8.53
C LYS C 429 -5.12 -18.49 7.19
N SER C 430 -4.12 -17.86 6.59
CA SER C 430 -3.72 -18.17 5.22
C SER C 430 -2.58 -19.19 5.22
N PRO C 431 -2.29 -19.78 4.07
CA PRO C 431 -1.26 -20.82 4.02
C PRO C 431 0.11 -20.28 4.39
N ALA C 432 0.97 -21.19 4.85
CA ALA C 432 2.31 -20.79 5.29
C ALA C 432 3.17 -20.36 4.11
N ILE C 433 3.00 -21.00 2.96
CA ILE C 433 3.91 -20.86 1.82
C ILE C 433 3.09 -20.83 0.54
N VAL C 434 3.60 -20.12 -0.45
CA VAL C 434 3.03 -20.12 -1.80
C VAL C 434 3.64 -21.30 -2.54
N ALA C 435 2.84 -22.31 -2.83
CA ALA C 435 3.32 -23.50 -3.52
C ALA C 435 3.73 -23.17 -4.94
N PHE C 436 4.76 -23.86 -5.42
CA PHE C 436 5.18 -23.71 -6.81
C PHE C 436 4.04 -24.09 -7.75
N ASP C 437 4.02 -23.45 -8.92
CA ASP C 437 3.11 -23.79 -10.00
C ASP C 437 1.65 -23.69 -9.58
N SER C 438 1.35 -22.92 -8.54
CA SER C 438 -0.01 -22.74 -8.07
C SER C 438 -0.72 -21.57 -8.73
N GLY C 439 -0.01 -20.74 -9.47
CA GLY C 439 -0.57 -19.61 -10.18
C GLY C 439 -0.86 -19.92 -11.63
N LYS C 440 -0.77 -18.88 -12.46
CA LYS C 440 -1.03 -18.99 -13.89
C LYS C 440 0.28 -18.99 -14.67
N THR C 441 0.25 -19.65 -15.83
CA THR C 441 1.45 -19.81 -16.66
C THR C 441 1.44 -18.76 -17.76
N HIS C 442 2.59 -18.09 -17.94
CA HIS C 442 2.77 -17.08 -18.96
C HIS C 442 3.84 -17.55 -19.94
N ARG C 443 3.56 -17.42 -21.23
CA ARG C 443 4.56 -17.70 -22.26
C ARG C 443 5.48 -16.50 -22.42
N VAL C 444 6.79 -16.75 -22.42
CA VAL C 444 7.79 -15.71 -22.62
C VAL C 444 8.27 -15.79 -24.06
N GLU C 445 8.30 -14.65 -24.74
CA GLU C 445 8.85 -14.58 -26.08
C GLU C 445 10.37 -14.54 -26.03
N ASN C 446 10.99 -15.03 -27.11
CA ASN C 446 12.45 -15.18 -27.14
C ASN C 446 13.10 -13.80 -27.13
N SER C 447 13.26 -13.26 -25.92
CA SER C 447 13.93 -11.99 -25.72
C SER C 447 14.10 -11.75 -24.23
N ALA C 448 15.25 -11.21 -23.84
CA ALA C 448 15.46 -10.83 -22.45
C ALA C 448 14.47 -9.75 -22.03
N LYS C 449 14.05 -8.90 -22.97
CA LYS C 449 13.08 -7.86 -22.66
C LYS C 449 11.75 -8.47 -22.21
N ASP C 450 11.20 -9.38 -23.02
CA ASP C 450 9.94 -10.01 -22.65
C ASP C 450 10.09 -10.85 -21.38
N LEU C 451 11.25 -11.48 -21.20
CA LEU C 451 11.49 -12.25 -19.98
C LEU C 451 11.42 -11.36 -18.74
N LEU C 452 12.13 -10.23 -18.76
CA LEU C 452 12.10 -9.33 -17.62
C LEU C 452 10.70 -8.75 -17.41
N LEU C 453 10.02 -8.39 -18.51
CA LEU C 453 8.66 -7.88 -18.41
C LEU C 453 7.75 -8.89 -17.72
N LYS C 454 7.83 -10.16 -18.12
CA LYS C 454 6.96 -11.18 -17.55
C LYS C 454 7.33 -11.49 -16.11
N ILE C 455 8.63 -11.42 -15.76
CA ILE C 455 9.02 -11.59 -14.37
C ILE C 455 8.40 -10.48 -13.52
N GLU C 456 8.45 -9.24 -14.03
CA GLU C 456 7.88 -8.12 -13.28
C GLU C 456 6.36 -8.22 -13.18
N GLN C 457 5.71 -8.74 -14.23
CA GLN C 457 4.26 -8.83 -14.25
C GLN C 457 3.73 -10.07 -13.52
N ALA C 458 4.58 -11.03 -13.20
CA ALA C 458 4.10 -12.29 -12.66
C ALA C 458 3.65 -12.14 -11.22
N HIS C 459 2.73 -13.01 -10.81
CA HIS C 459 2.27 -13.10 -9.43
C HIS C 459 2.95 -14.28 -8.75
N SER C 460 3.11 -14.18 -7.43
CA SER C 460 3.76 -15.24 -6.67
C SER C 460 3.05 -16.56 -6.89
N GLY C 461 3.81 -17.57 -7.32
CA GLY C 461 3.27 -18.86 -7.68
C GLY C 461 3.09 -19.09 -9.16
N ASP C 462 3.52 -18.16 -10.00
CA ASP C 462 3.30 -18.26 -11.44
C ASP C 462 4.42 -19.04 -12.12
N VAL C 463 4.13 -19.47 -13.34
CA VAL C 463 5.06 -20.22 -14.18
C VAL C 463 5.34 -19.38 -15.42
N LEU C 464 6.62 -19.28 -15.77
CA LEU C 464 7.07 -18.58 -16.96
C LEU C 464 7.58 -19.63 -17.93
N GLU C 465 6.83 -19.84 -19.02
CA GLU C 465 7.16 -20.83 -20.03
C GLU C 465 7.95 -20.14 -21.13
N LEU C 466 9.24 -20.41 -21.18
CA LEU C 466 10.13 -19.71 -22.11
C LEU C 466 10.08 -20.33 -23.50
N SER C 467 9.95 -19.49 -24.52
CA SER C 467 10.06 -19.94 -25.89
C SER C 467 11.51 -20.29 -26.22
N ALA C 468 11.69 -21.05 -27.28
CA ALA C 468 13.01 -21.52 -27.65
C ALA C 468 13.88 -20.36 -28.12
N GLY C 469 15.18 -20.44 -27.81
CA GLY C 469 16.16 -19.48 -28.27
C GLY C 469 17.04 -19.00 -27.13
N ASP C 470 17.70 -17.87 -27.36
CA ASP C 470 18.67 -17.32 -26.45
C ASP C 470 18.09 -16.18 -25.62
N TYR C 471 18.55 -16.07 -24.37
CA TYR C 471 18.22 -14.95 -23.50
C TYR C 471 19.54 -14.50 -22.86
N ASP C 472 20.07 -13.37 -23.32
CA ASP C 472 21.31 -12.82 -22.78
C ASP C 472 20.94 -11.62 -21.91
N LEU C 473 20.85 -11.85 -20.61
CA LEU C 473 20.51 -10.79 -19.67
C LEU C 473 21.75 -9.99 -19.31
N ALA C 474 21.57 -8.68 -19.14
CA ALA C 474 22.67 -7.77 -18.86
C ALA C 474 22.78 -7.37 -17.40
N LYS C 475 21.80 -7.73 -16.57
CA LYS C 475 21.77 -7.29 -15.18
C LYS C 475 21.29 -8.42 -14.29
N LEU C 476 21.47 -8.22 -12.98
CA LEU C 476 21.01 -9.19 -12.00
C LEU C 476 19.50 -9.28 -12.01
N VAL C 477 18.97 -10.49 -11.81
CA VAL C 477 17.55 -10.74 -11.74
C VAL C 477 17.20 -11.07 -10.29
N VAL C 478 16.33 -10.26 -9.69
CA VAL C 478 15.94 -10.43 -8.30
C VAL C 478 14.66 -11.25 -8.25
N ILE C 479 14.65 -12.27 -7.40
CA ILE C 479 13.48 -13.13 -7.18
C ILE C 479 12.97 -12.82 -5.78
N ASP C 480 11.86 -12.08 -5.70
CA ASP C 480 11.23 -11.75 -4.41
C ASP C 480 9.84 -12.37 -4.30
N LYS C 481 9.54 -13.35 -5.15
CA LYS C 481 8.26 -14.05 -5.10
C LYS C 481 8.50 -15.48 -5.55
N THR C 482 7.51 -16.34 -5.33
CA THR C 482 7.59 -17.71 -5.81
C THR C 482 7.37 -17.73 -7.32
N LEU C 483 8.36 -18.25 -8.05
CA LEU C 483 8.31 -18.28 -9.51
C LEU C 483 8.90 -19.59 -10.02
N SER C 484 8.33 -20.09 -11.12
CA SER C 484 8.89 -21.21 -11.85
C SER C 484 9.32 -20.73 -13.23
N PHE C 485 10.47 -21.21 -13.70
CA PHE C 485 10.96 -20.96 -15.05
C PHE C 485 11.08 -22.30 -15.76
N LYS C 486 10.22 -22.55 -16.74
CA LYS C 486 10.21 -23.82 -17.46
C LYS C 486 10.37 -23.58 -18.95
N ALA C 487 11.23 -24.36 -19.60
CA ALA C 487 11.37 -24.28 -21.03
C ALA C 487 10.20 -24.98 -21.71
N ALA C 488 9.62 -24.34 -22.73
CA ALA C 488 8.59 -24.99 -23.51
C ALA C 488 9.06 -26.37 -23.99
N GLN C 489 10.20 -26.40 -24.67
CA GLN C 489 10.89 -27.64 -25.02
C GLN C 489 12.19 -27.70 -24.23
N ASP C 490 12.45 -28.84 -23.60
CA ASP C 490 13.69 -29.01 -22.84
C ASP C 490 14.89 -28.89 -23.77
N GLY C 491 15.90 -28.16 -23.31
CA GLY C 491 17.13 -28.02 -24.06
C GLY C 491 17.10 -27.02 -25.18
N ALA C 492 15.96 -26.41 -25.47
CA ALA C 492 15.83 -25.42 -26.53
C ALA C 492 15.89 -23.99 -26.01
N VAL C 493 16.18 -23.80 -24.73
CA VAL C 493 16.24 -22.48 -24.10
C VAL C 493 17.64 -22.30 -23.53
N ASN C 494 18.34 -21.27 -23.99
CA ASN C 494 19.68 -20.95 -23.51
C ASN C 494 19.66 -19.62 -22.79
N LEU C 495 20.42 -19.54 -21.69
CA LEU C 495 20.47 -18.35 -20.84
C LEU C 495 21.92 -17.97 -20.58
N THR C 496 22.22 -16.68 -20.73
CA THR C 496 23.51 -16.12 -20.34
C THR C 496 23.27 -14.85 -19.54
N PHE C 497 24.25 -14.48 -18.73
CA PHE C 497 24.15 -13.31 -17.87
C PHE C 497 25.49 -12.60 -17.82
N GLU C 498 25.45 -11.26 -17.79
CA GLU C 498 26.65 -10.45 -17.85
C GLU C 498 27.18 -10.06 -16.48
N ARG C 499 26.35 -10.03 -15.44
CA ARG C 499 26.79 -9.63 -14.12
C ARG C 499 27.26 -10.86 -13.32
N SER C 500 27.79 -10.58 -12.13
CA SER C 500 28.40 -11.63 -11.31
C SER C 500 27.40 -12.67 -10.83
N SER C 501 26.12 -12.53 -11.14
CA SER C 501 25.13 -13.55 -10.80
C SER C 501 23.92 -13.36 -11.70
N LEU C 502 23.19 -14.46 -11.93
CA LEU C 502 21.97 -14.43 -12.71
C LEU C 502 20.75 -14.16 -11.81
N PHE C 503 20.55 -15.02 -10.80
CA PHE C 503 19.43 -14.90 -9.89
C PHE C 503 19.93 -14.57 -8.49
N GLU C 504 19.30 -13.59 -7.85
CA GLU C 504 19.49 -13.31 -6.43
C GLU C 504 18.13 -13.42 -5.74
N ILE C 505 18.05 -14.33 -4.78
CA ILE C 505 16.80 -14.63 -4.09
C ILE C 505 16.68 -13.73 -2.86
N HIS C 506 15.61 -12.95 -2.81
CA HIS C 506 15.32 -12.05 -1.69
C HIS C 506 14.12 -12.57 -0.91
N ASP C 507 13.81 -11.89 0.20
CA ASP C 507 12.68 -12.25 1.03
C ASP C 507 11.43 -12.38 0.17
N GLY C 508 10.70 -13.47 0.38
CA GLY C 508 9.55 -13.80 -0.43
C GLY C 508 9.86 -14.59 -1.68
N GLY C 509 11.13 -14.69 -2.05
CA GLY C 509 11.49 -15.38 -3.27
C GLY C 509 11.64 -16.88 -3.08
N SER C 510 11.29 -17.62 -4.14
CA SER C 510 11.53 -19.05 -4.24
C SER C 510 11.55 -19.40 -5.71
N LEU C 511 12.48 -20.26 -6.10
CA LEU C 511 12.86 -20.41 -7.50
C LEU C 511 12.82 -21.87 -7.92
N LYS C 512 12.14 -22.14 -9.03
CA LYS C 512 12.14 -23.45 -9.66
C LYS C 512 12.51 -23.30 -11.14
N LEU C 513 13.44 -24.14 -11.59
CA LEU C 513 13.96 -24.11 -12.95
C LEU C 513 13.82 -25.48 -13.58
N GLU C 514 13.42 -25.51 -14.85
CA GLU C 514 13.25 -26.77 -15.57
C GLU C 514 13.67 -26.61 -17.03
N GLY C 515 14.38 -27.63 -17.54
CA GLY C 515 14.66 -27.71 -18.96
C GLY C 515 15.49 -26.59 -19.53
N LEU C 516 16.25 -25.88 -18.71
CA LEU C 516 17.01 -24.73 -19.16
C LEU C 516 18.47 -25.10 -19.42
N VAL C 517 19.10 -24.31 -20.28
CA VAL C 517 20.54 -24.38 -20.52
C VAL C 517 21.12 -23.04 -20.10
N ILE C 518 22.00 -23.04 -19.11
CA ILE C 518 22.58 -21.83 -18.55
C ILE C 518 24.08 -21.88 -18.74
N SER C 519 24.63 -20.84 -19.38
CA SER C 519 26.06 -20.73 -19.64
C SER C 519 26.61 -19.47 -18.99
N GLY C 520 27.82 -19.58 -18.44
CA GLY C 520 28.49 -18.44 -17.85
C GLY C 520 29.54 -17.87 -18.78
N LYS C 521 29.31 -17.99 -20.09
CA LYS C 521 30.30 -17.53 -21.06
C LYS C 521 30.34 -16.02 -21.18
N ASN C 522 29.31 -15.32 -20.71
CA ASN C 522 29.25 -13.86 -20.77
C ASN C 522 29.39 -13.21 -19.41
N SER C 523 29.78 -13.96 -18.39
CA SER C 523 29.90 -13.44 -17.04
C SER C 523 31.20 -12.67 -16.88
N PRO C 524 31.34 -11.88 -15.81
CA PRO C 524 32.54 -11.07 -15.66
C PRO C 524 33.79 -11.93 -15.56
N ASP C 525 34.88 -11.42 -16.15
CA ASP C 525 36.19 -12.08 -16.07
C ASP C 525 36.86 -11.75 -14.73
N SER C 526 36.19 -12.18 -13.65
CA SER C 526 36.68 -11.93 -12.30
C SER C 526 36.20 -13.05 -11.40
N ALA C 527 36.93 -13.26 -10.31
CA ALA C 527 36.59 -14.31 -9.37
C ALA C 527 35.34 -13.93 -8.57
N GLY C 528 34.66 -14.95 -8.07
CA GLY C 528 33.51 -14.75 -7.21
C GLY C 528 32.16 -14.80 -7.89
N ASN C 529 32.11 -15.15 -9.17
CA ASN C 529 30.83 -15.25 -9.85
C ASN C 529 30.01 -16.41 -9.31
N SER C 530 28.72 -16.37 -9.59
CA SER C 530 27.82 -17.48 -9.29
C SER C 530 26.66 -17.44 -10.27
N VAL C 531 25.89 -18.52 -10.31
CA VAL C 531 24.67 -18.55 -11.13
C VAL C 531 23.47 -18.15 -10.30
N ILE C 532 23.35 -18.69 -9.09
CA ILE C 532 22.26 -18.39 -8.18
C ILE C 532 22.87 -18.04 -6.83
N ARG C 533 22.32 -17.01 -6.19
CA ARG C 533 22.73 -16.67 -4.84
C ARG C 533 21.53 -16.11 -4.10
N THR C 534 21.66 -16.00 -2.79
CA THR C 534 20.68 -15.30 -1.98
C THR C 534 21.18 -13.88 -1.72
N LYS C 535 20.33 -13.07 -1.12
CA LYS C 535 20.77 -11.79 -0.60
C LYS C 535 22.01 -12.01 0.26
N LYS C 536 23.10 -11.32 -0.06
CA LYS C 536 24.37 -11.59 0.60
C LYS C 536 24.25 -11.51 2.11
N TRP C 537 23.32 -10.70 2.61
CA TRP C 537 23.12 -10.56 4.05
C TRP C 537 21.71 -10.06 4.29
N GLY C 538 21.22 -10.33 5.50
CA GLY C 538 19.95 -9.77 5.93
C GLY C 538 18.71 -10.52 5.46
N MET C 539 18.86 -11.71 4.88
CA MET C 539 17.68 -12.50 4.53
C MET C 539 16.91 -12.86 5.80
N VAL C 540 15.58 -12.88 5.68
CA VAL C 540 14.70 -13.17 6.80
C VAL C 540 13.83 -14.39 6.54
N GLU C 541 13.30 -14.52 5.33
CA GLU C 541 12.36 -15.57 4.99
C GLU C 541 13.08 -16.76 4.38
N ASN C 542 12.79 -17.96 4.88
CA ASN C 542 13.28 -19.17 4.25
C ASN C 542 12.84 -19.21 2.79
N TYR C 543 13.61 -19.89 1.96
CA TYR C 543 13.38 -19.95 0.53
C TYR C 543 13.50 -21.39 0.04
N ARG C 544 13.04 -21.62 -1.18
CA ARG C 544 13.13 -22.91 -1.84
C ARG C 544 13.84 -22.75 -3.17
N LEU C 545 14.69 -23.72 -3.50
CA LEU C 545 15.36 -23.77 -4.79
C LEU C 545 15.22 -25.17 -5.36
N ILE C 546 14.64 -25.28 -6.54
CA ILE C 546 14.47 -26.56 -7.22
C ILE C 546 14.96 -26.39 -8.66
N MET C 547 15.71 -27.39 -9.14
CA MET C 547 16.20 -27.36 -10.51
C MET C 547 16.13 -28.77 -11.08
N GLU C 548 15.58 -28.88 -12.29
CA GLU C 548 15.30 -30.18 -12.90
C GLU C 548 15.65 -30.14 -14.38
N ARG C 549 16.31 -31.19 -14.86
CA ARG C 549 16.58 -31.39 -16.28
C ARG C 549 17.18 -30.13 -16.91
N CYS C 550 18.18 -29.57 -16.24
CA CYS C 550 18.89 -28.39 -16.72
C CYS C 550 20.33 -28.74 -17.04
N GLN C 551 20.93 -27.89 -17.88
CA GLN C 551 22.33 -28.03 -18.27
C GLN C 551 23.07 -26.76 -17.87
N LEU C 552 24.10 -26.92 -17.04
CA LEU C 552 24.95 -25.82 -16.62
C LEU C 552 26.34 -26.05 -17.17
N ILE C 553 26.86 -25.06 -17.90
CA ILE C 553 28.06 -25.23 -18.72
C ILE C 553 28.92 -23.98 -18.64
N ASP C 554 30.22 -24.20 -18.77
CA ASP C 554 31.20 -23.12 -18.94
C ASP C 554 31.07 -22.07 -17.83
N LEU C 555 31.14 -22.53 -16.59
CA LEU C 555 31.25 -21.66 -15.44
C LEU C 555 32.71 -21.55 -15.00
N ASP C 556 33.56 -21.09 -15.93
CA ASP C 556 35.00 -21.18 -15.70
C ASP C 556 35.78 -20.06 -16.38
N ILE C 557 35.19 -18.86 -16.51
CA ILE C 557 35.95 -17.76 -17.09
C ILE C 557 37.03 -17.30 -16.11
N ASN C 558 36.77 -17.39 -14.81
CA ASN C 558 37.74 -17.09 -13.77
C ASN C 558 37.52 -18.06 -12.63
N HIS C 559 38.39 -18.00 -11.62
CA HIS C 559 38.31 -18.98 -10.54
C HIS C 559 37.22 -18.59 -9.55
N THR C 560 36.77 -19.59 -8.78
CA THR C 560 35.69 -19.44 -7.82
C THR C 560 34.40 -18.94 -8.50
N PHE C 561 33.94 -19.74 -9.46
CA PHE C 561 32.69 -19.50 -10.18
C PHE C 561 31.73 -20.60 -9.70
N ASP C 562 30.99 -20.30 -8.65
CA ASP C 562 30.09 -21.27 -8.05
C ASP C 562 28.80 -21.38 -8.86
N PHE C 563 28.02 -22.40 -8.55
CA PHE C 563 26.66 -22.49 -9.06
C PHE C 563 25.68 -21.80 -8.12
N PHE C 564 25.60 -22.26 -6.88
CA PHE C 564 24.76 -21.66 -5.86
C PHE C 564 25.61 -21.21 -4.69
N LYS C 565 25.33 -20.01 -4.18
CA LYS C 565 26.10 -19.38 -3.11
C LYS C 565 25.14 -18.84 -2.08
N THR C 566 25.25 -19.31 -0.84
CA THR C 566 24.39 -18.83 0.22
C THR C 566 24.90 -17.51 0.78
N GLY C 567 23.97 -16.62 1.12
CA GLY C 567 24.31 -15.43 1.86
C GLY C 567 24.40 -15.72 3.35
N LYS C 568 24.90 -14.76 4.10
CA LYS C 568 25.05 -14.96 5.54
C LYS C 568 23.68 -15.02 6.20
N GLY C 569 23.51 -16.01 7.08
CA GLY C 569 22.27 -16.17 7.80
C GLY C 569 21.09 -16.67 7.00
N ALA C 570 21.25 -16.84 5.69
CA ALA C 570 20.15 -17.34 4.88
C ALA C 570 19.90 -18.82 5.18
N LEU C 571 18.64 -19.23 5.07
CA LEU C 571 18.26 -20.61 5.32
C LEU C 571 17.29 -21.06 4.24
N ALA C 572 17.60 -22.19 3.61
CA ALA C 572 16.73 -22.80 2.61
C ALA C 572 15.91 -23.90 3.28
N ASP C 573 14.59 -23.83 3.09
CA ASP C 573 13.75 -24.98 3.42
C ASP C 573 14.26 -26.22 2.69
N GLU C 574 14.36 -26.12 1.37
CA GLU C 574 14.85 -27.22 0.55
C GLU C 574 15.66 -26.69 -0.63
N ILE C 575 16.72 -27.40 -0.96
CA ILE C 575 17.47 -27.21 -2.20
C ILE C 575 17.49 -28.57 -2.90
N THR C 576 16.76 -28.68 -4.00
CA THR C 576 16.58 -29.94 -4.70
C THR C 576 17.09 -29.82 -6.12
N LEU C 577 18.06 -30.66 -6.47
CA LEU C 577 18.63 -30.72 -7.81
C LEU C 577 18.43 -32.13 -8.35
N ILE C 578 17.63 -32.26 -9.40
CA ILE C 578 17.26 -33.55 -9.95
C ILE C 578 17.61 -33.58 -11.44
N ASN C 579 18.33 -34.62 -11.86
CA ASN C 579 18.49 -34.95 -13.28
C ASN C 579 19.08 -33.77 -14.06
N ASN C 580 20.12 -33.16 -13.51
CA ASN C 580 20.81 -32.06 -14.16
C ASN C 580 22.19 -32.51 -14.64
N GLN C 581 22.85 -31.63 -15.39
CA GLN C 581 24.20 -31.87 -15.88
C GLN C 581 25.03 -30.61 -15.65
N PHE C 582 26.19 -30.78 -15.04
CA PHE C 582 27.13 -29.69 -14.75
C PHE C 582 28.46 -29.99 -15.43
N SER C 583 29.03 -28.99 -16.08
CA SER C 583 30.27 -29.16 -16.83
C SER C 583 31.12 -27.91 -16.71
N GLN C 584 32.41 -28.11 -16.43
CA GLN C 584 33.42 -27.04 -16.45
C GLN C 584 33.09 -25.94 -15.45
N VAL C 585 33.02 -26.35 -14.18
CA VAL C 585 32.77 -25.45 -13.06
C VAL C 585 34.06 -25.33 -12.25
N THR C 586 34.47 -24.10 -11.94
CA THR C 586 35.70 -23.86 -11.21
C THR C 586 35.48 -23.64 -9.72
N GLY C 587 34.27 -23.26 -9.31
CA GLY C 587 33.92 -23.12 -7.92
C GLY C 587 33.22 -24.35 -7.38
N ASP C 588 32.35 -24.14 -6.41
CA ASP C 588 31.52 -25.19 -5.83
C ASP C 588 30.15 -25.19 -6.48
N ILE C 589 29.39 -26.25 -6.21
CA ILE C 589 28.00 -26.30 -6.65
C ILE C 589 27.07 -25.74 -5.59
N LEU C 590 27.23 -26.15 -4.33
CA LEU C 590 26.38 -25.70 -3.23
C LEU C 590 27.26 -25.28 -2.06
N ARG C 591 27.48 -23.98 -1.91
CA ARG C 591 28.17 -23.43 -0.75
C ARG C 591 27.15 -23.11 0.33
N LEU C 592 27.04 -23.97 1.34
CA LEU C 592 26.13 -23.79 2.46
C LEU C 592 26.95 -23.89 3.75
N ASP C 593 27.95 -23.00 3.87
CA ASP C 593 28.93 -23.11 4.95
C ASP C 593 29.40 -21.76 5.45
N SER C 594 28.53 -20.75 5.46
CA SER C 594 28.93 -19.41 5.87
C SER C 594 28.80 -19.18 7.37
N GLU C 595 28.24 -20.14 8.11
CA GLU C 595 27.98 -19.95 9.55
C GLU C 595 29.18 -20.50 10.33
N ILE C 596 30.21 -19.65 10.44
CA ILE C 596 31.48 -20.07 11.02
C ILE C 596 31.60 -19.80 12.51
N GLU C 597 30.63 -19.12 13.12
CA GLU C 597 30.73 -18.82 14.54
C GLU C 597 30.48 -20.04 15.43
N ASN C 598 30.00 -21.14 14.87
CA ASN C 598 29.78 -22.38 15.61
C ASN C 598 28.79 -22.16 16.76
N LEU C 599 27.67 -21.52 16.43
CA LEU C 599 26.58 -21.31 17.37
C LEU C 599 25.41 -22.26 17.14
N GLY C 600 25.51 -23.14 16.13
CA GLY C 600 24.44 -24.04 15.78
C GLY C 600 23.62 -23.61 14.58
N VAL C 601 23.99 -22.51 13.93
CA VAL C 601 23.24 -22.02 12.77
C VAL C 601 23.71 -22.75 11.51
N TYR C 602 22.79 -22.90 10.55
CA TYR C 602 23.14 -23.53 9.29
C TYR C 602 22.26 -22.94 8.18
N ASN C 603 22.61 -23.29 6.94
CA ASN C 603 22.12 -22.57 5.77
C ASN C 603 21.11 -23.35 4.93
N ALA C 604 20.78 -24.59 5.30
CA ALA C 604 19.80 -25.34 4.53
C ALA C 604 19.24 -26.47 5.38
N GLU C 605 17.91 -26.61 5.37
CA GLU C 605 17.26 -27.67 6.13
C GLU C 605 17.29 -28.98 5.36
N TYR C 606 16.86 -28.98 4.10
CA TYR C 606 16.90 -30.16 3.26
C TYR C 606 17.73 -29.88 2.01
N VAL C 607 18.61 -30.83 1.66
CA VAL C 607 19.42 -30.74 0.45
C VAL C 607 19.37 -32.10 -0.23
N THR C 608 18.79 -32.15 -1.43
CA THR C 608 18.59 -33.38 -2.17
C THR C 608 19.23 -33.25 -3.54
N LEU C 609 20.09 -34.21 -3.88
CA LEU C 609 20.74 -34.27 -5.19
C LEU C 609 20.50 -35.66 -5.76
N THR C 610 19.84 -35.73 -6.92
CA THR C 610 19.40 -37.01 -7.48
C THR C 610 19.55 -37.01 -8.98
N ASN C 611 20.10 -38.09 -9.52
CA ASN C 611 20.18 -38.36 -10.95
C ASN C 611 21.02 -37.34 -11.71
N ASN C 612 21.93 -36.64 -11.04
CA ASN C 612 22.71 -35.61 -11.69
C ASN C 612 24.03 -36.17 -12.21
N HIS C 613 24.59 -35.48 -13.20
CA HIS C 613 25.94 -35.74 -13.71
C HIS C 613 26.80 -34.50 -13.48
N PHE C 614 27.98 -34.70 -12.92
CA PHE C 614 28.92 -33.61 -12.66
C PHE C 614 30.24 -33.95 -13.34
N ASP C 615 30.76 -33.01 -14.12
CA ASP C 615 31.97 -33.22 -14.91
C ASP C 615 32.88 -32.01 -14.79
N ASN C 616 34.11 -32.24 -14.33
CA ASN C 616 35.13 -31.20 -14.20
C ASN C 616 34.62 -30.05 -13.34
N VAL C 617 34.43 -30.36 -12.06
CA VAL C 617 34.07 -29.38 -11.04
C VAL C 617 35.28 -29.25 -10.11
N SER C 618 36.00 -28.14 -10.23
CA SER C 618 37.19 -27.95 -9.40
C SER C 618 36.83 -27.93 -7.91
N GLY C 619 35.70 -27.30 -7.57
CA GLY C 619 35.24 -27.25 -6.20
C GLY C 619 34.39 -28.46 -5.83
N ALA C 620 33.82 -28.40 -4.64
CA ALA C 620 33.04 -29.51 -4.10
C ALA C 620 31.59 -29.43 -4.58
N LEU C 621 30.93 -30.59 -4.60
CA LEU C 621 29.49 -30.62 -4.84
C LEU C 621 28.75 -29.82 -3.80
N VAL C 622 29.13 -29.97 -2.54
CA VAL C 622 28.44 -29.32 -1.43
C VAL C 622 29.43 -29.14 -0.29
N LYS C 623 29.40 -27.95 0.30
CA LYS C 623 30.08 -27.66 1.56
C LYS C 623 28.97 -27.27 2.53
N LEU C 624 28.52 -28.22 3.36
CA LEU C 624 27.36 -28.05 4.22
C LEU C 624 27.83 -28.08 5.66
N TYR C 625 27.72 -26.94 6.34
CA TYR C 625 28.38 -26.74 7.64
C TYR C 625 27.38 -26.35 8.71
N ARG C 626 27.46 -27.03 9.85
CA ARG C 626 26.75 -26.65 11.07
C ARG C 626 27.72 -26.84 12.23
N GLY C 627 28.21 -25.73 12.79
CA GLY C 627 29.22 -25.79 13.83
C GLY C 627 28.64 -25.66 15.23
N GLY C 628 29.46 -26.01 16.21
CA GLY C 628 29.08 -25.92 17.60
C GLY C 628 28.54 -27.23 18.14
N THR C 629 28.00 -27.14 19.36
CA THR C 629 27.47 -28.31 20.06
C THR C 629 25.97 -28.18 20.35
N ASP C 630 25.25 -27.38 19.56
CA ASP C 630 23.82 -27.23 19.76
C ASP C 630 23.09 -28.50 19.34
N GLU C 631 22.01 -28.80 20.06
CA GLU C 631 21.16 -29.96 19.79
C GLU C 631 19.70 -29.56 19.84
N SER C 632 19.38 -28.39 19.29
CA SER C 632 18.02 -27.86 19.31
C SER C 632 17.34 -27.93 17.95
N THR C 633 17.99 -28.48 16.93
CA THR C 633 17.51 -28.43 15.56
C THR C 633 17.45 -29.84 14.97
N PHE C 634 16.90 -29.93 13.77
CA PHE C 634 16.74 -31.19 13.06
C PHE C 634 17.73 -31.38 11.92
N GLY C 635 18.17 -30.30 11.28
CA GLY C 635 18.98 -30.39 10.08
C GLY C 635 20.39 -29.89 10.29
N PRO C 636 21.15 -29.78 9.18
CA PRO C 636 20.71 -30.09 7.82
C PRO C 636 20.49 -31.57 7.54
N HIS C 637 19.74 -31.85 6.48
CA HIS C 637 19.63 -33.18 5.91
C HIS C 637 20.24 -33.16 4.51
N PHE C 638 20.86 -34.27 4.14
CA PHE C 638 21.54 -34.37 2.85
C PHE C 638 21.27 -35.74 2.25
N LEU C 639 20.76 -35.74 1.02
CA LEU C 639 20.53 -36.96 0.25
C LEU C 639 21.25 -36.84 -1.09
N LEU C 640 22.15 -37.78 -1.37
CA LEU C 640 22.89 -37.84 -2.62
C LEU C 640 22.72 -39.24 -3.19
N LYS C 641 21.98 -39.35 -4.29
CA LYS C 641 21.55 -40.66 -4.78
C LYS C 641 21.57 -40.69 -6.30
N ASN C 642 22.21 -41.71 -6.86
CA ASN C 642 22.20 -41.98 -8.30
C ASN C 642 22.86 -40.85 -9.09
N ASN C 643 23.95 -40.32 -8.57
CA ASN C 643 24.71 -39.26 -9.22
C ASN C 643 26.01 -39.80 -9.78
N THR C 644 26.51 -39.14 -10.83
CA THR C 644 27.78 -39.47 -11.45
C THR C 644 28.72 -38.29 -11.31
N LEU C 645 29.89 -38.53 -10.71
CA LEU C 645 30.91 -37.50 -10.52
C LEU C 645 32.17 -37.89 -11.29
N ASN C 646 32.66 -36.98 -12.13
CA ASN C 646 33.89 -37.18 -12.87
C ASN C 646 34.75 -35.93 -12.67
N SER C 647 35.90 -36.10 -12.01
CA SER C 647 36.77 -34.98 -11.71
C SER C 647 36.02 -33.90 -10.93
N VAL C 648 35.85 -34.10 -9.63
CA VAL C 648 35.10 -33.18 -8.77
C VAL C 648 35.90 -32.93 -7.51
N GLY C 649 36.17 -31.67 -7.20
CA GLY C 649 36.66 -31.27 -5.91
C GLY C 649 38.16 -31.33 -5.72
N LEU C 650 38.95 -31.46 -6.79
CA LEU C 650 40.39 -31.52 -6.68
C LEU C 650 41.07 -30.20 -7.01
N GLY C 651 40.32 -29.10 -7.06
CA GLY C 651 40.92 -27.81 -7.31
C GLY C 651 41.77 -27.35 -6.14
N LYS C 652 42.86 -26.64 -6.47
CA LYS C 652 43.78 -26.17 -5.45
C LYS C 652 43.09 -25.29 -4.42
N ARG C 653 42.04 -24.57 -4.82
CA ARG C 653 41.38 -23.63 -3.93
C ARG C 653 40.33 -24.29 -3.04
N ASN C 654 40.00 -25.56 -3.27
CA ASN C 654 39.06 -26.28 -2.43
C ASN C 654 39.78 -26.70 -1.15
N LYS C 655 39.63 -25.90 -0.09
CA LYS C 655 40.33 -26.18 1.15
C LYS C 655 39.79 -27.41 1.87
N THR C 656 38.53 -27.79 1.61
CA THR C 656 38.01 -29.02 2.19
C THR C 656 38.67 -30.26 1.60
N ASN C 657 39.31 -30.14 0.43
CA ASN C 657 39.92 -31.28 -0.24
C ASN C 657 38.92 -32.42 -0.39
N ALA C 658 37.66 -32.07 -0.61
CA ALA C 658 36.57 -33.03 -0.64
C ALA C 658 35.58 -32.66 -1.73
N SER C 659 35.03 -33.69 -2.38
CA SER C 659 33.92 -33.47 -3.32
C SER C 659 32.61 -33.24 -2.58
N VAL C 660 32.47 -33.83 -1.39
CA VAL C 660 31.28 -33.70 -0.56
C VAL C 660 31.78 -33.45 0.86
N TYR C 661 31.50 -32.27 1.40
CA TYR C 661 31.95 -31.90 2.75
C TYR C 661 30.73 -31.66 3.62
N LEU C 662 30.60 -32.45 4.68
CA LEU C 662 29.43 -32.43 5.55
C LEU C 662 29.92 -32.33 7.00
N HIS C 663 29.68 -31.17 7.63
CA HIS C 663 30.05 -30.93 9.01
C HIS C 663 28.78 -30.64 9.80
N GLY C 664 28.52 -31.46 10.81
CA GLY C 664 27.34 -31.27 11.63
C GLY C 664 26.04 -31.61 10.95
N VAL C 665 26.07 -32.27 9.79
CA VAL C 665 24.84 -32.70 9.13
C VAL C 665 24.23 -33.83 9.94
N GLN C 666 22.93 -33.69 10.25
CA GLN C 666 22.29 -34.60 11.19
C GLN C 666 21.69 -35.84 10.52
N VAL C 667 21.39 -35.78 9.23
CA VAL C 667 20.92 -36.95 8.49
C VAL C 667 21.55 -36.93 7.11
N THR C 668 22.33 -37.97 6.80
CA THR C 668 23.05 -38.07 5.54
C THR C 668 22.79 -39.43 4.91
N GLU C 669 22.42 -39.43 3.64
CA GLU C 669 22.27 -40.65 2.86
C GLU C 669 22.99 -40.46 1.54
N ILE C 670 24.04 -41.25 1.32
CA ILE C 670 24.82 -41.22 0.09
C ILE C 670 24.77 -42.62 -0.49
N ALA C 671 24.02 -42.79 -1.58
CA ALA C 671 23.71 -44.11 -2.11
C ALA C 671 23.83 -44.14 -3.62
N GLU C 672 24.32 -45.26 -4.14
CA GLU C 672 24.28 -45.56 -5.57
C GLU C 672 24.88 -44.43 -6.42
N ASN C 673 26.04 -43.95 -5.99
CA ASN C 673 26.77 -42.92 -6.71
C ASN C 673 28.05 -43.49 -7.30
N ALA C 674 28.51 -42.90 -8.39
CA ALA C 674 29.73 -43.28 -9.07
C ALA C 674 30.71 -42.12 -9.00
N PHE C 675 31.79 -42.29 -8.26
CA PHE C 675 32.85 -41.28 -8.14
C PHE C 675 34.02 -41.70 -9.01
N THR C 676 34.52 -40.76 -9.82
CA THR C 676 35.63 -41.03 -10.72
C THR C 676 36.60 -39.87 -10.71
N ASN C 677 37.87 -40.16 -10.43
CA ASN C 677 38.95 -39.17 -10.51
C ASN C 677 38.60 -37.90 -9.73
N SER C 678 37.93 -38.07 -8.59
CA SER C 678 37.42 -36.96 -7.81
C SER C 678 38.00 -36.98 -6.41
N ALA C 679 37.72 -35.92 -5.66
CA ALA C 679 38.05 -35.86 -4.25
C ALA C 679 37.08 -36.71 -3.43
N PRO C 680 37.47 -37.12 -2.23
CA PRO C 680 36.65 -38.06 -1.47
C PRO C 680 35.54 -37.36 -0.69
N ILE C 681 34.65 -38.18 -0.14
CA ILE C 681 33.63 -37.71 0.79
C ILE C 681 34.29 -37.47 2.15
N VAL C 682 33.97 -36.34 2.76
CA VAL C 682 34.50 -35.98 4.07
C VAL C 682 33.32 -35.67 4.98
N VAL C 683 33.15 -36.47 6.03
CA VAL C 683 32.08 -36.29 7.01
C VAL C 683 32.72 -36.00 8.35
N GLU C 684 32.25 -34.94 9.01
CA GLU C 684 32.75 -34.53 10.32
C GLU C 684 31.55 -34.49 11.27
N HIS C 685 31.29 -35.62 11.93
CA HIS C 685 30.19 -35.69 12.87
C HIS C 685 30.44 -34.77 14.07
N THR C 686 29.36 -34.18 14.57
CA THR C 686 29.44 -33.32 15.76
C THR C 686 28.56 -33.97 16.82
N VAL C 687 27.53 -33.27 17.30
CA VAL C 687 26.70 -33.76 18.40
C VAL C 687 25.35 -34.24 17.84
N GLY C 688 24.47 -34.68 18.73
CA GLY C 688 23.14 -35.08 18.34
C GLY C 688 23.03 -36.46 17.72
N GLU C 689 24.10 -37.25 17.75
CA GLU C 689 24.08 -38.59 17.18
C GLU C 689 23.65 -38.55 15.72
N PRO C 690 24.43 -37.93 14.85
CA PRO C 690 24.05 -37.84 13.43
C PRO C 690 23.81 -39.22 12.83
N GLN C 691 22.87 -39.27 11.90
CA GLN C 691 22.50 -40.51 11.20
C GLN C 691 23.09 -40.44 9.79
N THR C 692 24.26 -41.06 9.61
CA THR C 692 24.98 -41.03 8.34
C THR C 692 25.02 -42.43 7.75
N ARG C 693 24.73 -42.51 6.45
CA ARG C 693 24.76 -43.77 5.71
C ARG C 693 25.44 -43.54 4.37
N ILE C 694 26.45 -44.34 4.08
CA ILE C 694 27.17 -44.30 2.80
C ILE C 694 27.11 -45.72 2.24
N ILE C 695 26.18 -45.97 1.32
CA ILE C 695 25.83 -47.31 0.88
C ILE C 695 25.99 -47.42 -0.62
N SER C 696 26.60 -48.52 -1.07
CA SER C 696 26.59 -48.92 -2.47
C SER C 696 27.05 -47.79 -3.40
N ASN C 697 28.28 -47.34 -3.17
CA ASN C 697 28.90 -46.33 -4.02
C ASN C 697 30.19 -46.86 -4.59
N THR C 698 30.56 -46.34 -5.76
CA THR C 698 31.82 -46.66 -6.42
C THR C 698 32.77 -45.48 -6.30
N PHE C 699 34.02 -45.76 -5.97
CA PHE C 699 35.07 -44.74 -5.84
C PHE C 699 36.25 -45.21 -6.68
N THR C 700 36.27 -44.79 -7.94
CA THR C 700 37.34 -45.15 -8.87
C THR C 700 38.33 -44.00 -8.93
N ASN C 701 39.58 -44.29 -8.59
CA ASN C 701 40.60 -43.25 -8.44
C ASN C 701 40.07 -42.11 -7.58
N THR C 702 39.41 -42.47 -6.48
CA THR C 702 38.85 -41.52 -5.53
C THR C 702 39.04 -42.12 -4.15
N ALA C 703 39.76 -41.39 -3.28
CA ALA C 703 40.02 -41.90 -1.94
C ALA C 703 38.71 -42.28 -1.26
N LYS C 704 38.80 -43.23 -0.33
CA LYS C 704 37.61 -43.72 0.34
C LYS C 704 37.06 -42.66 1.28
N PRO C 705 35.77 -42.72 1.61
CA PRO C 705 35.19 -41.73 2.52
C PRO C 705 35.99 -41.59 3.80
N TYR C 706 36.17 -40.34 4.24
CA TYR C 706 36.84 -40.02 5.49
C TYR C 706 35.78 -39.54 6.48
N ILE C 707 35.70 -40.20 7.62
CA ILE C 707 34.71 -39.90 8.65
C ILE C 707 35.44 -39.65 9.96
N GLU C 708 34.91 -38.71 10.75
CA GLU C 708 35.61 -38.24 11.94
C GLU C 708 34.60 -37.81 12.99
N GLU C 709 34.80 -38.27 14.22
CA GLU C 709 33.98 -37.85 15.35
C GLU C 709 34.68 -36.70 16.06
N LEU C 710 34.05 -35.52 16.03
CA LEU C 710 34.65 -34.31 16.60
C LEU C 710 34.23 -34.07 18.04
N ASN C 711 33.24 -34.81 18.55
CA ASN C 711 32.79 -34.67 19.92
C ASN C 711 32.64 -36.00 20.64
N ILE C 712 32.84 -37.12 19.94
CA ILE C 712 32.77 -38.45 20.52
C ILE C 712 34.16 -39.08 20.45
N ALA C 713 34.47 -39.90 21.45
CA ALA C 713 35.66 -40.72 21.43
C ALA C 713 35.33 -42.09 20.88
N GLY C 714 36.29 -42.70 20.19
CA GLY C 714 36.11 -43.98 19.56
C GLY C 714 35.83 -43.86 18.07
N SER C 715 35.77 -45.02 17.42
CA SER C 715 35.53 -45.06 15.99
C SER C 715 34.24 -44.34 15.63
N HIS C 716 34.07 -44.10 14.34
CA HIS C 716 32.93 -43.32 13.86
C HIS C 716 31.65 -44.16 13.89
N THR C 717 30.52 -43.46 13.80
CA THR C 717 29.20 -44.07 13.90
C THR C 717 28.52 -44.22 12.55
N ALA C 718 29.18 -43.88 11.46
CA ALA C 718 28.55 -43.93 10.15
C ALA C 718 28.39 -45.36 9.68
N ILE C 719 27.31 -45.60 8.92
CA ILE C 719 27.04 -46.90 8.33
C ILE C 719 27.63 -46.91 6.93
N LEU C 720 28.55 -47.83 6.67
CA LEU C 720 29.18 -47.98 5.36
C LEU C 720 29.04 -49.43 4.92
N LYS C 721 28.41 -49.64 3.76
CA LYS C 721 28.15 -50.97 3.24
C LYS C 721 28.27 -50.96 1.73
N ASN C 722 28.99 -51.95 1.19
CA ASN C 722 29.01 -52.22 -0.24
C ASN C 722 29.61 -51.06 -1.04
N ASN C 723 30.66 -50.45 -0.50
CA ASN C 723 31.38 -49.39 -1.18
C ASN C 723 32.61 -49.96 -1.87
N GLN C 724 32.68 -49.81 -3.19
CA GLN C 724 33.79 -50.32 -3.98
C GLN C 724 34.80 -49.20 -4.19
N VAL C 725 36.01 -49.39 -3.68
CA VAL C 725 37.12 -48.46 -3.85
C VAL C 725 38.18 -49.16 -4.69
N ILE C 726 38.53 -48.55 -5.82
CA ILE C 726 39.51 -49.13 -6.74
C ILE C 726 40.35 -47.99 -7.32
N GLN C 727 41.60 -48.31 -7.64
CA GLN C 727 42.57 -47.33 -8.10
C GLN C 727 43.38 -47.95 -9.24
N LYS C 728 42.89 -47.76 -10.47
CA LYS C 728 43.59 -48.25 -11.65
C LYS C 728 44.34 -47.09 -12.32
N GLY D 2 -18.25 -46.66 21.29
CA GLY D 2 -17.93 -45.54 20.43
C GLY D 2 -19.01 -45.25 19.41
N ALA D 3 -18.93 -44.09 18.77
CA ALA D 3 -19.91 -43.72 17.75
C ALA D 3 -19.93 -44.76 16.65
N LYS D 4 -21.11 -45.02 16.10
CA LYS D 4 -21.30 -46.07 15.11
C LYS D 4 -22.03 -45.53 13.89
N ASP D 5 -21.64 -46.02 12.72
CA ASP D 5 -22.35 -45.76 11.48
C ASP D 5 -23.32 -46.92 11.23
N TYR D 6 -24.61 -46.61 11.21
CA TYR D 6 -25.65 -47.62 11.06
C TYR D 6 -26.13 -47.64 9.61
N LEU D 7 -25.98 -48.79 8.95
CA LEU D 7 -26.49 -49.00 7.61
C LEU D 7 -27.88 -49.63 7.73
N ILE D 8 -28.91 -48.86 7.40
CA ILE D 8 -30.29 -49.24 7.65
C ILE D 8 -30.97 -49.48 6.31
N ASP D 9 -31.51 -50.69 6.13
CA ASP D 9 -32.16 -51.06 4.87
C ASP D 9 -33.64 -51.42 5.06
N ASN D 10 -34.20 -51.24 6.25
CA ASN D 10 -35.62 -51.48 6.46
C ASN D 10 -36.06 -50.73 7.71
N LYS D 11 -37.38 -50.56 7.83
CA LYS D 11 -37.93 -49.75 8.91
C LYS D 11 -37.73 -50.42 10.27
N GLN D 12 -37.81 -51.74 10.33
CA GLN D 12 -37.61 -52.44 11.60
C GLN D 12 -36.19 -52.25 12.11
N ALA D 13 -35.20 -52.32 11.20
CA ALA D 13 -33.83 -52.06 11.60
C ALA D 13 -33.67 -50.64 12.13
N TYR D 14 -34.42 -49.68 11.58
CA TYR D 14 -34.35 -48.32 12.10
C TYR D 14 -34.98 -48.24 13.49
N ALA D 15 -36.14 -48.86 13.66
CA ALA D 15 -36.78 -48.87 14.97
C ALA D 15 -35.89 -49.50 16.03
N LYS D 16 -35.08 -50.49 15.63
CA LYS D 16 -34.21 -51.16 16.58
C LYS D 16 -33.16 -50.22 17.17
N ILE D 17 -32.82 -49.14 16.48
CA ILE D 17 -31.77 -48.22 16.93
C ILE D 17 -32.28 -46.82 17.20
N ALA D 18 -33.54 -46.51 16.89
CA ALA D 18 -33.99 -45.13 16.90
C ALA D 18 -33.95 -44.50 18.28
N ASN D 19 -34.23 -45.27 19.32
CA ASN D 19 -34.27 -44.75 20.68
C ASN D 19 -32.92 -44.81 21.40
N THR D 20 -31.86 -45.20 20.70
CA THR D 20 -30.58 -45.46 21.34
C THR D 20 -29.43 -44.62 20.75
N LEU D 21 -29.73 -43.66 19.89
CA LEU D 21 -28.67 -42.89 19.25
C LEU D 21 -27.89 -42.08 20.28
N GLN D 22 -26.59 -41.91 20.02
CA GLN D 22 -25.72 -41.14 20.88
C GLN D 22 -24.87 -40.21 20.02
N ALA D 23 -24.22 -39.25 20.68
CA ALA D 23 -23.43 -38.25 19.98
C ALA D 23 -22.41 -38.91 19.07
N GLY D 24 -22.40 -38.48 17.81
CA GLY D 24 -21.47 -38.98 16.82
C GLY D 24 -22.03 -40.05 15.90
N ASP D 25 -23.16 -40.65 16.26
CA ASP D 25 -23.75 -41.68 15.42
C ASP D 25 -24.14 -41.11 14.06
N THR D 26 -24.17 -41.99 13.05
CA THR D 26 -24.63 -41.63 11.71
C THR D 26 -25.50 -42.77 11.20
N VAL D 27 -26.73 -42.44 10.82
CA VAL D 27 -27.67 -43.41 10.27
C VAL D 27 -27.74 -43.19 8.77
N ILE D 28 -27.45 -44.24 8.00
CA ILE D 28 -27.42 -44.19 6.55
C ILE D 28 -28.58 -45.03 6.03
N LEU D 29 -29.52 -44.39 5.35
CA LEU D 29 -30.65 -45.10 4.77
C LEU D 29 -30.27 -45.68 3.41
N GLN D 30 -30.55 -46.97 3.23
CA GLN D 30 -30.21 -47.64 1.99
C GLN D 30 -30.98 -47.04 0.82
N ASN D 31 -30.35 -47.03 -0.35
CA ASN D 31 -31.00 -46.51 -1.54
C ASN D 31 -32.29 -47.27 -1.82
N GLY D 32 -33.33 -46.53 -2.21
CA GLY D 32 -34.60 -47.12 -2.55
C GLY D 32 -35.73 -46.18 -2.21
N VAL D 33 -36.94 -46.67 -2.44
CA VAL D 33 -38.16 -45.96 -2.13
C VAL D 33 -38.76 -46.58 -0.88
N TRP D 34 -38.86 -45.78 0.18
CA TRP D 34 -39.47 -46.18 1.45
C TRP D 34 -40.90 -45.68 1.47
N HIS D 35 -41.80 -46.49 2.02
CA HIS D 35 -43.23 -46.18 2.05
C HIS D 35 -43.71 -46.13 3.49
N ASP D 36 -44.46 -45.09 3.83
CA ASP D 36 -45.07 -44.95 5.16
C ASP D 36 -43.99 -45.02 6.24
N PHE D 37 -42.93 -44.25 6.06
CA PHE D 37 -41.78 -44.24 6.97
C PHE D 37 -41.85 -42.97 7.79
N GLU D 38 -42.27 -43.10 9.04
CA GLU D 38 -42.34 -41.96 9.97
C GLU D 38 -41.04 -41.93 10.75
N ILE D 39 -40.10 -41.10 10.31
CA ILE D 39 -38.75 -41.07 10.85
C ILE D 39 -38.71 -40.15 12.06
N VAL D 40 -38.12 -40.63 13.14
CA VAL D 40 -37.81 -39.83 14.32
C VAL D 40 -36.29 -39.84 14.50
N LEU D 41 -35.67 -38.67 14.38
CA LEU D 41 -34.24 -38.50 14.62
C LEU D 41 -34.08 -37.75 15.92
N SER D 42 -33.67 -38.44 16.98
CA SER D 42 -33.57 -37.85 18.30
C SER D 42 -32.30 -38.32 18.99
N GLY D 43 -31.86 -37.53 19.96
CA GLY D 43 -30.67 -37.84 20.72
C GLY D 43 -30.00 -36.57 21.20
N GLN D 44 -29.00 -36.76 22.06
CA GLN D 44 -28.23 -35.65 22.62
C GLN D 44 -26.87 -35.61 21.92
N GLY D 45 -26.84 -34.96 20.76
CA GLY D 45 -25.61 -34.76 20.05
C GLY D 45 -24.80 -33.62 20.62
N SER D 46 -23.62 -33.41 20.03
CA SER D 46 -22.76 -32.31 20.38
C SER D 46 -22.34 -31.57 19.12
N LYS D 47 -21.85 -30.35 19.32
CA LYS D 47 -21.32 -29.57 18.20
C LYS D 47 -20.22 -30.34 17.48
N GLN D 48 -19.38 -31.05 18.24
CA GLN D 48 -18.30 -31.83 17.64
C GLN D 48 -18.72 -33.24 17.24
N LEU D 49 -19.71 -33.81 17.94
CA LEU D 49 -20.20 -35.16 17.67
C LEU D 49 -21.71 -35.11 17.45
N PRO D 50 -22.15 -34.54 16.33
CA PRO D 50 -23.59 -34.50 16.04
C PRO D 50 -24.12 -35.88 15.66
N ILE D 51 -25.45 -35.98 15.66
CA ILE D 51 -26.15 -37.19 15.28
C ILE D 51 -26.74 -36.97 13.89
N ARG D 52 -26.36 -37.83 12.94
CA ARG D 52 -26.59 -37.59 11.52
C ARG D 52 -27.53 -38.64 10.93
N LEU D 53 -28.40 -38.17 10.03
CA LEU D 53 -29.22 -39.01 9.18
C LEU D 53 -29.01 -38.58 7.74
N LYS D 54 -28.68 -39.52 6.87
CA LYS D 54 -28.36 -39.18 5.48
C LYS D 54 -28.62 -40.39 4.61
N PRO D 55 -28.68 -40.21 3.29
CA PRO D 55 -28.90 -41.34 2.38
C PRO D 55 -27.59 -41.98 1.95
N GLN D 56 -27.71 -43.24 1.52
CA GLN D 56 -26.59 -43.91 0.88
C GLN D 56 -26.09 -43.09 -0.30
N THR D 57 -27.01 -42.62 -1.14
CA THR D 57 -26.71 -41.75 -2.26
C THR D 57 -27.78 -40.68 -2.36
N LYS D 58 -27.37 -39.42 -2.38
CA LYS D 58 -28.33 -38.33 -2.45
C LYS D 58 -29.10 -38.39 -3.77
N GLY D 59 -30.42 -38.28 -3.68
CA GLY D 59 -31.29 -38.41 -4.83
C GLY D 59 -31.83 -39.80 -5.06
N LYS D 60 -31.29 -40.82 -4.40
CA LYS D 60 -31.70 -42.20 -4.58
C LYS D 60 -32.49 -42.75 -3.40
N VAL D 61 -32.64 -41.98 -2.32
CA VAL D 61 -33.49 -42.35 -1.21
C VAL D 61 -34.75 -41.51 -1.31
N ILE D 62 -35.87 -42.16 -1.60
CA ILE D 62 -37.16 -41.50 -1.77
C ILE D 62 -38.05 -41.89 -0.60
N LEU D 63 -38.80 -40.93 -0.08
CA LEU D 63 -39.77 -41.17 0.98
C LEU D 63 -41.16 -40.88 0.40
N SER D 64 -42.05 -41.87 0.44
CA SER D 64 -43.34 -41.78 -0.22
C SER D 64 -44.40 -42.32 0.73
N GLY D 65 -45.65 -42.26 0.28
CA GLY D 65 -46.74 -42.63 1.16
C GLY D 65 -46.84 -41.67 2.33
N GLN D 66 -47.27 -42.20 3.47
CA GLN D 66 -47.42 -41.40 4.69
C GLN D 66 -46.11 -41.40 5.47
N SER D 67 -45.11 -40.75 4.89
CA SER D 67 -43.78 -40.62 5.48
C SER D 67 -43.57 -39.19 5.97
N ASN D 68 -42.79 -39.06 7.04
CA ASN D 68 -42.46 -37.75 7.58
C ASN D 68 -41.14 -37.87 8.36
N LEU D 69 -40.72 -36.74 8.93
CA LEU D 69 -39.45 -36.65 9.65
C LEU D 69 -39.64 -35.73 10.85
N ARG D 70 -39.21 -36.21 12.02
CA ARG D 70 -39.25 -35.44 13.25
C ARG D 70 -37.86 -35.38 13.86
N LEU D 71 -37.49 -34.22 14.38
CA LEU D 71 -36.22 -34.02 15.06
C LEU D 71 -36.48 -33.56 16.49
N ALA D 72 -35.81 -34.18 17.45
CA ALA D 72 -35.98 -33.84 18.86
C ALA D 72 -34.69 -34.13 19.61
N GLY D 73 -34.10 -33.10 20.18
CA GLY D 73 -32.85 -33.25 20.91
C GLY D 73 -31.90 -32.10 20.65
N GLN D 74 -30.61 -32.40 20.51
CA GLN D 74 -29.60 -31.38 20.30
C GLN D 74 -28.60 -31.84 19.26
N TYR D 75 -28.13 -30.90 18.45
CA TYR D 75 -27.08 -31.12 17.45
C TYR D 75 -27.38 -32.36 16.60
N LEU D 76 -28.57 -32.34 16.00
CA LEU D 76 -29.01 -33.35 15.05
C LEU D 76 -28.96 -32.74 13.65
N HIS D 77 -28.68 -33.59 12.66
CA HIS D 77 -28.57 -33.15 11.28
C HIS D 77 -29.18 -34.20 10.37
N ALA D 78 -30.25 -33.85 9.69
CA ALA D 78 -30.87 -34.70 8.68
C ALA D 78 -30.62 -34.10 7.30
N SER D 79 -30.27 -34.95 6.34
CA SER D 79 -29.91 -34.45 5.02
C SER D 79 -30.19 -35.48 3.94
N GLY D 80 -30.46 -34.98 2.73
CA GLY D 80 -30.37 -35.78 1.53
C GLY D 80 -31.58 -36.61 1.16
N LEU D 81 -32.75 -36.34 1.72
CA LEU D 81 -33.93 -37.14 1.46
C LEU D 81 -34.86 -36.43 0.48
N VAL D 82 -35.67 -37.22 -0.23
CA VAL D 82 -36.65 -36.74 -1.19
C VAL D 82 -38.03 -37.20 -0.75
N PHE D 83 -38.97 -36.26 -0.66
CA PHE D 83 -40.36 -36.55 -0.34
C PHE D 83 -41.21 -36.31 -1.58
N LYS D 84 -41.84 -37.37 -2.08
CA LYS D 84 -42.74 -37.27 -3.22
C LYS D 84 -43.65 -38.49 -3.23
N ASN D 85 -44.74 -38.37 -3.97
CA ASN D 85 -45.74 -39.44 -4.07
C ASN D 85 -46.25 -39.84 -2.68
N GLY D 86 -46.71 -38.85 -1.94
CA GLY D 86 -47.25 -39.11 -0.62
C GLY D 86 -47.65 -37.81 0.04
N TYR D 87 -47.78 -37.86 1.37
CA TYR D 87 -48.12 -36.69 2.16
C TYR D 87 -48.00 -37.06 3.63
N THR D 88 -47.68 -36.06 4.44
CA THR D 88 -47.46 -36.31 5.86
C THR D 88 -48.76 -36.73 6.54
N PRO D 89 -48.73 -37.73 7.42
CA PRO D 89 -49.91 -38.06 8.21
C PRO D 89 -50.08 -37.24 9.47
N THR D 90 -49.18 -36.29 9.74
CA THR D 90 -49.25 -35.44 10.92
C THR D 90 -49.30 -33.97 10.52
N SER D 91 -48.84 -33.08 11.39
CA SER D 91 -48.93 -31.65 11.13
C SER D 91 -47.94 -31.18 10.07
N ALA D 92 -46.84 -31.89 9.86
CA ALA D 92 -45.80 -31.40 8.97
C ALA D 92 -45.03 -32.57 8.36
N VAL D 93 -44.45 -32.32 7.19
CA VAL D 93 -43.58 -33.32 6.57
C VAL D 93 -42.26 -33.40 7.34
N ILE D 94 -41.65 -32.24 7.62
CA ILE D 94 -40.43 -32.15 8.41
C ILE D 94 -40.71 -31.24 9.59
N GLU D 95 -40.55 -31.76 10.80
CA GLU D 95 -40.89 -31.04 12.01
C GLU D 95 -39.70 -31.07 12.96
N PHE D 96 -39.33 -29.90 13.49
CA PHE D 96 -38.25 -29.78 14.45
C PHE D 96 -38.74 -30.05 15.87
N ARG D 97 -39.49 -31.13 16.05
CA ARG D 97 -39.97 -31.53 17.36
C ARG D 97 -40.54 -32.93 17.26
N ASN D 98 -40.62 -33.60 18.41
CA ASN D 98 -41.28 -34.91 18.53
C ASN D 98 -42.21 -34.79 19.74
N GLY D 99 -43.44 -34.38 19.48
CA GLY D 99 -44.38 -34.13 20.57
C GLY D 99 -44.02 -32.88 21.33
N LYS D 100 -43.62 -33.04 22.60
CA LYS D 100 -43.30 -31.91 23.45
C LYS D 100 -41.81 -31.60 23.52
N GLU D 101 -40.95 -32.51 23.08
CA GLU D 101 -39.52 -32.24 23.00
C GLU D 101 -39.21 -31.56 21.68
N LEU D 102 -38.50 -30.45 21.75
CA LEU D 102 -38.13 -29.66 20.59
C LEU D 102 -36.70 -29.98 20.16
N ALA D 103 -36.36 -29.54 18.96
CA ALA D 103 -35.01 -29.65 18.44
C ALA D 103 -34.26 -28.34 18.65
N PHE D 104 -33.02 -28.45 19.10
CA PHE D 104 -32.16 -27.29 19.32
C PHE D 104 -30.83 -27.53 18.63
N ASN D 105 -30.24 -26.45 18.11
CA ASN D 105 -28.92 -26.51 17.48
C ASN D 105 -28.84 -27.62 16.44
N SER D 106 -29.95 -27.87 15.76
CA SER D 106 -30.05 -28.93 14.77
C SER D 106 -30.18 -28.33 13.37
N ARG D 107 -30.14 -29.22 12.37
CA ARG D 107 -30.05 -28.77 10.99
C ARG D 107 -30.80 -29.74 10.09
N VAL D 108 -31.40 -29.18 9.03
CA VAL D 108 -32.04 -29.96 7.98
C VAL D 108 -31.60 -29.36 6.65
N SER D 109 -30.95 -30.16 5.81
CA SER D 109 -30.36 -29.64 4.57
C SER D 109 -30.54 -30.63 3.44
N GLU D 110 -30.44 -30.11 2.22
CA GLU D 110 -30.48 -30.91 0.99
C GLU D 110 -31.67 -31.88 0.99
N MET D 111 -32.82 -31.35 1.37
CA MET D 111 -34.09 -32.06 1.30
C MET D 111 -34.88 -31.58 0.09
N VAL D 112 -35.65 -32.49 -0.49
CA VAL D 112 -36.54 -32.19 -1.60
C VAL D 112 -37.95 -32.62 -1.21
N ILE D 113 -38.91 -31.69 -1.30
CA ILE D 113 -40.32 -31.98 -1.18
C ILE D 113 -40.99 -31.52 -2.46
N ASP D 114 -41.57 -32.46 -3.20
CA ASP D 114 -42.10 -32.20 -4.54
C ASP D 114 -43.52 -32.74 -4.61
N ASN D 115 -44.50 -31.84 -4.64
CA ASN D 115 -45.92 -32.20 -4.77
C ASN D 115 -46.30 -33.30 -3.77
N TYR D 116 -45.87 -33.09 -2.53
CA TYR D 116 -46.11 -34.03 -1.43
C TYR D 116 -47.36 -33.60 -0.68
N ASN D 117 -48.49 -33.69 -1.38
CA ASN D 117 -49.71 -32.97 -1.00
C ASN D 117 -50.75 -33.89 -0.37
N ASN D 118 -51.38 -33.39 0.69
CA ASN D 118 -52.58 -34.02 1.22
C ASN D 118 -53.66 -34.00 0.14
N PRO D 119 -54.44 -35.08 -0.02
CA PRO D 119 -55.44 -35.11 -1.10
C PRO D 119 -56.63 -34.18 -0.87
N ASP D 120 -56.82 -33.67 0.34
CA ASP D 120 -57.90 -32.72 0.63
C ASP D 120 -57.29 -31.33 0.67
N LYS D 121 -57.69 -30.48 -0.27
CA LYS D 121 -57.13 -29.14 -0.35
C LYS D 121 -57.46 -28.30 0.88
N ARG D 122 -58.52 -28.64 1.61
CA ARG D 122 -58.91 -27.89 2.81
C ARG D 122 -58.30 -28.46 4.08
N GLU D 123 -57.66 -29.62 4.02
CA GLU D 123 -56.98 -30.19 5.19
C GLU D 123 -55.60 -29.56 5.29
N SER D 124 -55.39 -28.75 6.33
CA SER D 124 -54.19 -27.94 6.42
C SER D 124 -53.02 -28.73 6.97
N ASP D 125 -51.83 -28.44 6.46
CA ASP D 125 -50.59 -28.95 7.03
C ASP D 125 -49.46 -28.01 6.61
N TYR D 126 -48.33 -28.16 7.29
CA TYR D 126 -47.09 -27.53 6.86
C TYR D 126 -46.21 -28.56 6.18
N TRP D 127 -45.30 -28.09 5.34
CA TRP D 127 -44.24 -28.95 4.85
C TRP D 127 -43.01 -28.89 5.75
N VAL D 128 -42.74 -27.74 6.34
CA VAL D 128 -41.65 -27.57 7.29
C VAL D 128 -42.17 -26.72 8.45
N ALA D 129 -41.96 -27.21 9.68
CA ALA D 129 -42.35 -26.50 10.89
C ALA D 129 -41.14 -26.41 11.81
N LEU D 130 -40.69 -25.19 12.07
CA LEU D 130 -39.52 -24.94 12.89
C LEU D 130 -39.94 -24.67 14.33
N TYR D 131 -39.26 -25.32 15.28
CA TYR D 131 -39.45 -25.13 16.70
C TYR D 131 -38.09 -24.98 17.35
N GLY D 132 -38.09 -24.78 18.67
CA GLY D 132 -36.84 -24.69 19.39
C GLY D 132 -36.06 -23.45 19.01
N GLN D 133 -34.72 -23.56 19.11
CA GLN D 133 -33.85 -22.42 18.90
C GLN D 133 -32.57 -22.87 18.20
N HIS D 134 -31.98 -21.94 17.45
CA HIS D 134 -30.66 -22.12 16.84
C HIS D 134 -30.64 -23.31 15.88
N ASN D 135 -31.77 -23.58 15.24
CA ASN D 135 -31.83 -24.57 14.17
C ASN D 135 -31.55 -23.91 12.83
N ARG D 136 -31.20 -24.75 11.85
CA ARG D 136 -30.89 -24.28 10.50
C ARG D 136 -31.64 -25.11 9.48
N PHE D 137 -32.18 -24.44 8.46
CA PHE D 137 -32.90 -25.08 7.36
C PHE D 137 -32.33 -24.51 6.06
N ASP D 138 -31.43 -25.25 5.42
CA ASP D 138 -30.65 -24.71 4.33
C ASP D 138 -30.58 -25.66 3.15
N HIS D 139 -30.35 -25.08 1.96
CA HIS D 139 -30.08 -25.84 0.74
C HIS D 139 -31.15 -26.89 0.47
N ASN D 140 -32.40 -26.53 0.68
CA ASN D 140 -33.53 -27.41 0.44
C ASN D 140 -34.30 -26.97 -0.80
N HIS D 141 -35.18 -27.85 -1.26
CA HIS D 141 -35.91 -27.68 -2.52
C HIS D 141 -37.37 -28.00 -2.26
N LEU D 142 -38.21 -26.97 -2.32
CA LEU D 142 -39.64 -27.07 -2.02
C LEU D 142 -40.43 -26.55 -3.21
N GLU D 143 -41.29 -27.40 -3.78
CA GLU D 143 -42.12 -26.99 -4.90
C GLU D 143 -43.42 -27.78 -4.91
N GLY D 144 -44.51 -27.09 -5.21
CA GLY D 144 -45.75 -27.76 -5.53
C GLY D 144 -46.70 -28.03 -4.38
N LYS D 145 -46.70 -27.20 -3.34
CA LYS D 145 -47.70 -27.35 -2.29
C LYS D 145 -49.03 -26.81 -2.79
N ARG D 146 -50.09 -27.60 -2.62
CA ARG D 146 -51.38 -27.28 -3.21
C ARG D 146 -52.54 -27.28 -2.23
N ASN D 147 -52.35 -27.74 -1.00
CA ASN D 147 -53.39 -27.74 0.00
C ASN D 147 -53.21 -26.56 0.95
N LYS D 148 -54.20 -26.38 1.83
CA LYS D 148 -54.15 -25.28 2.78
C LYS D 148 -52.94 -25.43 3.70
N GLY D 149 -52.38 -24.30 4.11
CA GLY D 149 -51.26 -24.28 5.02
C GLY D 149 -49.98 -23.75 4.41
N VAL D 150 -49.32 -22.83 5.11
CA VAL D 150 -48.07 -22.28 4.61
C VAL D 150 -47.05 -23.39 4.42
N THR D 151 -46.16 -23.21 3.44
CA THR D 151 -45.17 -24.24 3.14
C THR D 151 -44.17 -24.37 4.29
N VAL D 152 -43.59 -23.26 4.72
CA VAL D 152 -42.62 -23.23 5.82
C VAL D 152 -43.16 -22.31 6.90
N ALA D 153 -43.23 -22.80 8.12
CA ALA D 153 -43.73 -22.05 9.26
C ALA D 153 -42.70 -22.09 10.38
N VAL D 154 -42.41 -20.92 10.94
CA VAL D 154 -41.64 -20.80 12.17
C VAL D 154 -42.65 -20.62 13.30
N ARG D 155 -42.73 -21.59 14.19
CA ARG D 155 -43.69 -21.56 15.28
C ARG D 155 -43.05 -20.93 16.51
N LEU D 156 -43.85 -20.15 17.24
CA LEU D 156 -43.38 -19.39 18.40
C LEU D 156 -44.30 -19.62 19.60
N ASN D 157 -44.89 -20.82 19.70
CA ASN D 157 -45.93 -21.08 20.68
C ASN D 157 -45.38 -21.38 22.08
N SER D 158 -44.08 -21.15 22.31
CA SER D 158 -43.53 -21.25 23.65
C SER D 158 -42.22 -20.48 23.68
N GLU D 159 -41.84 -20.04 24.88
CA GLU D 159 -40.60 -19.29 25.02
C GLU D 159 -39.40 -20.07 24.52
N GLN D 160 -39.47 -21.40 24.56
CA GLN D 160 -38.38 -22.23 24.05
C GLN D 160 -38.35 -22.29 22.53
N SER D 161 -39.40 -21.82 21.86
CA SER D 161 -39.38 -21.66 20.41
C SER D 161 -39.21 -20.20 20.00
N GLN D 162 -39.28 -19.27 20.94
CA GLN D 162 -39.05 -17.86 20.67
C GLN D 162 -37.56 -17.54 20.82
N GLN D 163 -37.18 -16.34 20.40
CA GLN D 163 -35.78 -15.94 20.41
C GLN D 163 -34.91 -17.02 19.79
N ASN D 164 -35.38 -17.57 18.67
CA ASN D 164 -34.79 -18.79 18.14
C ASN D 164 -33.50 -18.51 17.37
N TYR D 165 -33.45 -17.40 16.64
CA TYR D 165 -32.32 -17.10 15.76
C TYR D 165 -32.13 -18.20 14.71
N HIS D 166 -33.22 -18.87 14.35
CA HIS D 166 -33.18 -19.85 13.27
C HIS D 166 -32.59 -19.23 12.01
N GLN D 167 -31.92 -20.06 11.21
CA GLN D 167 -31.34 -19.63 9.94
C GLN D 167 -31.98 -20.42 8.81
N ILE D 168 -32.65 -19.71 7.91
CA ILE D 168 -33.26 -20.28 6.72
C ILE D 168 -32.54 -19.66 5.52
N ASP D 169 -31.68 -20.44 4.86
CA ASP D 169 -30.82 -19.89 3.83
C ASP D 169 -30.61 -20.87 2.69
N HIS D 170 -30.43 -20.31 1.49
CA HIS D 170 -30.05 -21.07 0.29
C HIS D 170 -31.08 -22.12 -0.08
N ASN D 171 -32.34 -21.89 0.29
CA ASN D 171 -33.42 -22.77 -0.12
C ASN D 171 -34.02 -22.28 -1.44
N TYR D 172 -34.45 -23.23 -2.26
CA TYR D 172 -35.17 -22.92 -3.49
C TYR D 172 -36.66 -23.10 -3.21
N PHE D 173 -37.37 -21.99 -3.04
CA PHE D 173 -38.82 -22.00 -2.87
C PHE D 173 -39.44 -21.91 -4.26
N GLY D 174 -39.79 -23.05 -4.83
CA GLY D 174 -40.26 -23.13 -6.20
C GLY D 174 -41.74 -22.86 -6.33
N TYR D 175 -42.29 -23.34 -7.45
CA TYR D 175 -43.67 -23.06 -7.81
C TYR D 175 -44.63 -23.38 -6.67
N ARG D 176 -45.50 -22.42 -6.37
CA ARG D 176 -46.72 -22.68 -5.61
C ARG D 176 -47.89 -22.09 -6.40
N PRO D 177 -48.76 -22.92 -6.97
CA PRO D 177 -49.86 -22.37 -7.77
C PRO D 177 -50.82 -21.55 -6.92
N VAL D 178 -51.58 -20.70 -7.61
CA VAL D 178 -52.61 -19.92 -6.93
C VAL D 178 -53.52 -20.86 -6.19
N PHE D 179 -53.84 -20.52 -4.94
CA PHE D 179 -54.60 -21.41 -4.08
C PHE D 179 -56.11 -21.20 -4.20
N GLY D 180 -56.54 -19.99 -4.54
CA GLY D 180 -57.95 -19.69 -4.62
C GLY D 180 -58.61 -19.52 -3.28
N SER D 181 -57.87 -19.07 -2.28
CA SER D 181 -58.34 -19.00 -0.90
C SER D 181 -57.18 -18.47 -0.05
N ASN D 182 -57.50 -18.07 1.17
CA ASN D 182 -56.46 -17.73 2.12
C ASN D 182 -55.71 -18.99 2.56
N GLY D 183 -54.54 -18.78 3.14
CA GLY D 183 -53.74 -19.90 3.61
C GLY D 183 -52.86 -20.51 2.55
N GLY D 184 -52.37 -19.72 1.60
CA GLY D 184 -51.50 -20.23 0.56
C GLY D 184 -50.12 -19.65 0.60
N GLU D 185 -49.69 -19.18 1.78
CA GLU D 185 -48.39 -18.55 1.91
C GLU D 185 -47.28 -19.56 1.66
N THR D 186 -46.08 -19.05 1.38
CA THR D 186 -44.88 -19.86 1.28
C THR D 186 -44.08 -19.89 2.58
N LEU D 187 -43.90 -18.74 3.23
CA LEU D 187 -43.15 -18.66 4.48
C LEU D 187 -43.93 -17.82 5.47
N ARG D 188 -44.03 -18.30 6.71
CA ARG D 188 -44.72 -17.58 7.77
C ARG D 188 -43.85 -17.63 9.01
N ILE D 189 -43.65 -16.48 9.66
CA ILE D 189 -42.84 -16.41 10.87
C ILE D 189 -43.72 -16.01 12.04
N GLY D 190 -44.25 -17.01 12.75
CA GLY D 190 -45.10 -16.78 13.89
C GLY D 190 -46.57 -16.63 13.50
N THR D 191 -47.38 -16.36 14.51
CA THR D 191 -48.81 -16.13 14.35
C THR D 191 -49.21 -14.95 15.21
N SER D 192 -50.45 -14.49 15.02
CA SER D 192 -50.88 -13.25 15.66
C SER D 192 -50.83 -13.37 17.18
N HIS D 193 -51.21 -14.52 17.73
CA HIS D 193 -51.23 -14.66 19.18
C HIS D 193 -49.86 -14.42 19.79
N TYR D 194 -48.80 -14.91 19.14
CA TYR D 194 -47.44 -14.79 19.63
C TYR D 194 -46.66 -13.71 18.90
N SER D 195 -47.35 -12.79 18.21
CA SER D 195 -46.68 -11.81 17.36
C SER D 195 -45.92 -10.77 18.16
N LEU D 196 -46.25 -10.57 19.44
CA LEU D 196 -45.54 -9.60 20.26
C LEU D 196 -44.20 -10.13 20.77
N SER D 197 -43.93 -11.42 20.61
CA SER D 197 -42.64 -11.97 20.97
C SER D 197 -41.64 -11.75 19.85
N ASP D 198 -40.36 -11.85 20.19
CA ASP D 198 -39.26 -11.64 19.24
C ASP D 198 -38.74 -12.98 18.78
N SER D 199 -38.73 -13.21 17.47
CA SER D 199 -38.28 -14.45 16.87
C SER D 199 -36.84 -14.42 16.42
N HIS D 200 -36.37 -13.29 15.90
CA HIS D 200 -34.97 -13.12 15.49
C HIS D 200 -34.58 -14.10 14.38
N THR D 201 -35.54 -14.56 13.60
CA THR D 201 -35.25 -15.50 12.52
C THR D 201 -34.51 -14.80 11.39
N LEU D 202 -33.50 -15.47 10.84
CA LEU D 202 -32.70 -14.94 9.74
C LEU D 202 -33.10 -15.68 8.47
N VAL D 203 -33.73 -14.94 7.55
CA VAL D 203 -34.14 -15.47 6.25
C VAL D 203 -33.27 -14.77 5.20
N GLU D 204 -32.37 -15.52 4.58
CA GLU D 204 -31.39 -14.91 3.69
C GLU D 204 -31.02 -15.86 2.56
N ASN D 205 -30.67 -15.28 1.42
CA ASN D 205 -30.14 -16.02 0.29
C ASN D 205 -31.07 -17.16 -0.13
N ASN D 206 -32.37 -16.89 -0.13
CA ASN D 206 -33.37 -17.83 -0.63
C ASN D 206 -33.93 -17.30 -1.94
N TYR D 207 -34.26 -18.24 -2.85
CA TYR D 207 -34.75 -17.91 -4.18
C TYR D 207 -36.22 -18.33 -4.28
N PHE D 208 -37.10 -17.34 -4.41
CA PHE D 208 -38.53 -17.55 -4.56
C PHE D 208 -38.89 -17.40 -6.04
N GLU D 209 -39.40 -18.48 -6.63
CA GLU D 209 -39.76 -18.47 -8.05
C GLU D 209 -41.22 -18.90 -8.19
N GLN D 210 -42.06 -17.99 -8.67
CA GLN D 210 -43.46 -18.28 -8.96
C GLN D 210 -44.16 -18.86 -7.73
N THR D 211 -43.82 -18.33 -6.56
CA THR D 211 -44.56 -18.61 -5.33
C THR D 211 -45.81 -17.75 -5.35
N ASN D 212 -46.89 -18.30 -5.91
CA ASN D 212 -48.08 -17.54 -6.26
C ASN D 212 -49.31 -17.98 -5.46
N GLY D 213 -49.10 -18.56 -4.29
CA GLY D 213 -50.22 -19.10 -3.53
C GLY D 213 -51.27 -18.06 -3.22
N GLU D 214 -50.85 -16.91 -2.71
CA GLU D 214 -51.79 -15.86 -2.31
C GLU D 214 -51.05 -14.52 -2.31
N VAL D 215 -51.65 -13.52 -1.67
CA VAL D 215 -51.06 -12.19 -1.69
C VAL D 215 -49.82 -12.11 -0.81
N GLU D 216 -49.73 -12.97 0.21
CA GLU D 216 -48.58 -13.02 1.10
C GLU D 216 -47.69 -14.20 0.72
N ILE D 217 -46.53 -13.91 0.13
CA ILE D 217 -45.49 -14.92 0.00
C ILE D 217 -44.86 -15.17 1.37
N ILE D 218 -44.33 -14.11 1.97
CA ILE D 218 -43.78 -14.14 3.32
C ILE D 218 -44.72 -13.35 4.22
N SER D 219 -45.17 -13.99 5.29
CA SER D 219 -46.05 -13.39 6.28
C SER D 219 -45.27 -13.34 7.60
N ILE D 220 -44.74 -12.17 7.93
CA ILE D 220 -43.94 -11.99 9.14
C ILE D 220 -44.89 -11.59 10.26
N LYS D 221 -45.09 -12.49 11.22
CA LYS D 221 -45.98 -12.23 12.35
C LYS D 221 -45.22 -12.35 13.66
N SER D 222 -44.11 -11.63 13.76
CA SER D 222 -43.29 -11.62 14.96
C SER D 222 -42.25 -10.52 14.80
N GLY D 223 -41.49 -10.29 15.87
CA GLY D 223 -40.59 -9.15 15.94
C GLY D 223 -39.13 -9.52 15.75
N LYS D 224 -38.36 -8.53 15.29
CA LYS D 224 -36.90 -8.57 15.25
C LYS D 224 -36.35 -9.57 14.26
N ASN D 225 -37.13 -9.95 13.25
CA ASN D 225 -36.62 -10.87 12.24
C ASN D 225 -35.78 -10.11 11.21
N HIS D 226 -34.98 -10.87 10.47
CA HIS D 226 -34.02 -10.31 9.52
C HIS D 226 -34.19 -11.03 8.19
N ILE D 227 -34.70 -10.32 7.19
CA ILE D 227 -34.93 -10.87 5.86
C ILE D 227 -34.08 -10.06 4.88
N ARG D 228 -33.08 -10.71 4.28
CA ARG D 228 -32.13 -10.00 3.45
C ARG D 228 -31.56 -10.91 2.37
N ASN D 229 -31.24 -10.31 1.22
CA ASN D 229 -30.54 -10.96 0.13
C ASN D 229 -31.33 -12.07 -0.53
N ASN D 230 -32.65 -12.07 -0.39
CA ASN D 230 -33.50 -13.02 -1.08
C ASN D 230 -33.89 -12.47 -2.45
N VAL D 231 -34.27 -13.38 -3.34
CA VAL D 231 -34.69 -13.03 -4.70
C VAL D 231 -36.10 -13.55 -4.91
N PHE D 232 -36.98 -12.69 -5.44
CA PHE D 232 -38.35 -13.03 -5.75
C PHE D 232 -38.55 -12.87 -7.25
N TYR D 233 -38.65 -14.00 -7.95
CA TYR D 233 -38.68 -14.03 -9.42
C TYR D 233 -40.09 -14.38 -9.87
N GLU D 234 -40.76 -13.41 -10.50
CA GLU D 234 -42.12 -13.57 -10.99
C GLU D 234 -43.01 -14.22 -9.94
N ALA D 235 -42.89 -13.71 -8.71
CA ALA D 235 -43.65 -14.22 -7.57
C ALA D 235 -44.88 -13.36 -7.37
N ARG D 236 -46.06 -13.95 -7.56
CA ARG D 236 -47.32 -13.23 -7.43
C ARG D 236 -47.69 -13.19 -5.95
N GLY D 237 -47.46 -12.05 -5.33
CA GLY D 237 -47.63 -11.91 -3.89
C GLY D 237 -46.63 -10.89 -3.38
N THR D 238 -46.64 -10.74 -2.05
CA THR D 238 -45.85 -9.71 -1.40
C THR D 238 -45.03 -10.30 -0.26
N LEU D 239 -44.08 -9.50 0.21
CA LEU D 239 -43.41 -9.71 1.48
C LEU D 239 -44.10 -8.78 2.48
N THR D 240 -44.96 -9.35 3.31
CA THR D 240 -45.82 -8.56 4.19
C THR D 240 -45.28 -8.60 5.62
N LEU D 241 -45.05 -7.42 6.18
CA LEU D 241 -44.80 -7.26 7.62
C LEU D 241 -46.16 -7.23 8.30
N ARG D 242 -46.73 -8.41 8.49
CA ARG D 242 -48.14 -8.51 8.89
C ARG D 242 -48.33 -8.13 10.35
N HIS D 243 -47.65 -8.84 11.26
CA HIS D 243 -47.68 -8.52 12.67
C HIS D 243 -46.25 -8.49 13.21
N GLY D 244 -46.08 -7.88 14.37
CA GLY D 244 -44.78 -7.76 15.00
C GLY D 244 -44.04 -6.51 14.58
N ASN D 245 -43.09 -6.12 15.43
CA ASN D 245 -42.33 -4.89 15.26
C ASN D 245 -40.84 -5.17 15.23
N GLY D 246 -40.09 -4.28 14.58
CA GLY D 246 -38.65 -4.32 14.62
C GLY D 246 -37.99 -5.22 13.60
N ASN D 247 -38.66 -5.55 12.51
CA ASN D 247 -38.07 -6.39 11.48
C ASN D 247 -37.25 -5.55 10.51
N ILE D 248 -36.24 -6.20 9.92
CA ILE D 248 -35.32 -5.55 8.99
C ILE D 248 -35.44 -6.23 7.64
N ILE D 249 -35.75 -5.44 6.61
CA ILE D 249 -35.92 -5.92 5.25
C ILE D 249 -34.89 -5.17 4.40
N GLU D 250 -33.78 -5.82 4.06
CA GLU D 250 -32.73 -5.12 3.34
C GLU D 250 -32.08 -6.03 2.30
N GLU D 251 -31.70 -5.44 1.17
CA GLU D 251 -30.93 -6.09 0.12
C GLU D 251 -31.68 -7.23 -0.55
N ASN D 252 -33.00 -7.26 -0.45
CA ASN D 252 -33.79 -8.21 -1.20
C ASN D 252 -34.04 -7.69 -2.62
N ILE D 253 -34.32 -8.61 -3.53
CA ILE D 253 -34.44 -8.30 -4.95
C ILE D 253 -35.75 -8.89 -5.47
N PHE D 254 -36.52 -8.08 -6.20
CA PHE D 254 -37.80 -8.48 -6.76
C PHE D 254 -37.74 -8.29 -8.27
N PHE D 255 -37.78 -9.39 -9.01
CA PHE D 255 -37.82 -9.38 -10.47
C PHE D 255 -39.20 -9.86 -10.90
N GLY D 256 -40.11 -8.90 -11.10
CA GLY D 256 -41.46 -9.25 -11.52
C GLY D 256 -41.58 -9.49 -13.02
N ASN D 257 -40.71 -8.85 -13.82
CA ASN D 257 -40.74 -9.01 -15.27
C ASN D 257 -42.12 -8.72 -15.84
N GLY D 258 -42.91 -7.90 -15.14
CA GLY D 258 -44.21 -7.50 -15.63
C GLY D 258 -45.29 -8.54 -15.51
N VAL D 259 -45.06 -9.63 -14.79
CA VAL D 259 -46.10 -10.65 -14.61
C VAL D 259 -47.21 -10.09 -13.72
N GLU D 260 -48.45 -10.50 -14.01
CA GLU D 260 -49.60 -9.97 -13.28
C GLU D 260 -49.50 -10.28 -11.79
N HIS D 261 -49.84 -9.29 -10.97
CA HIS D 261 -49.96 -9.43 -9.53
C HIS D 261 -48.63 -9.72 -8.83
N THR D 262 -47.51 -9.33 -9.44
CA THR D 262 -46.22 -9.40 -8.76
C THR D 262 -46.12 -8.25 -7.78
N GLY D 263 -46.05 -8.58 -6.48
CA GLY D 263 -46.01 -7.58 -5.44
C GLY D 263 -44.61 -7.39 -4.86
N GLY D 264 -44.55 -6.54 -3.83
CA GLY D 264 -43.29 -6.21 -3.19
C GLY D 264 -43.34 -6.28 -1.67
N ILE D 265 -43.31 -5.12 -1.02
CA ILE D 265 -43.22 -5.02 0.43
C ILE D 265 -44.40 -4.23 0.96
N ARG D 266 -45.15 -4.83 1.90
CA ARG D 266 -46.22 -4.15 2.61
C ARG D 266 -45.81 -3.91 4.05
N VAL D 267 -46.03 -2.68 4.53
CA VAL D 267 -45.53 -2.22 5.81
C VAL D 267 -46.70 -2.05 6.77
N ILE D 268 -46.62 -2.75 7.91
CA ILE D 268 -47.56 -2.61 9.00
C ILE D 268 -46.76 -2.67 10.30
N ASN D 269 -47.34 -2.12 11.36
CA ASN D 269 -46.74 -2.16 12.70
C ASN D 269 -45.51 -1.26 12.78
N LYS D 270 -44.69 -1.46 13.81
CA LYS D 270 -43.74 -0.44 14.26
C LYS D 270 -42.29 -0.84 14.02
N ASP D 271 -41.44 0.18 13.94
CA ASP D 271 -39.99 0.07 14.12
C ASP D 271 -39.32 -0.80 13.05
N HIS D 272 -39.87 -0.81 11.84
CA HIS D 272 -39.27 -1.59 10.77
C HIS D 272 -38.24 -0.75 10.02
N ILE D 273 -37.19 -1.43 9.56
CA ILE D 273 -36.13 -0.83 8.75
C ILE D 273 -36.15 -1.51 7.40
N ILE D 274 -36.28 -0.73 6.33
CA ILE D 274 -36.45 -1.23 4.97
C ILE D 274 -35.50 -0.44 4.09
N ARG D 275 -34.40 -1.06 3.67
CA ARG D 275 -33.34 -0.32 2.99
C ARG D 275 -32.60 -1.22 2.00
N ASN D 276 -32.08 -0.58 0.95
CA ASN D 276 -31.21 -1.24 -0.04
C ASN D 276 -31.90 -2.38 -0.77
N ASN D 277 -33.23 -2.35 -0.85
CA ASN D 277 -33.95 -3.33 -1.64
C ASN D 277 -34.07 -2.84 -3.08
N TYR D 278 -34.14 -3.79 -4.01
CA TYR D 278 -34.27 -3.52 -5.44
C TYR D 278 -35.55 -4.16 -5.94
N LEU D 279 -36.42 -3.36 -6.55
CA LEU D 279 -37.73 -3.81 -6.98
C LEU D 279 -37.95 -3.38 -8.43
N GLU D 280 -38.20 -4.33 -9.31
CA GLU D 280 -38.36 -4.05 -10.74
C GLU D 280 -39.50 -4.88 -11.31
N GLY D 281 -40.35 -4.22 -12.11
CA GLY D 281 -41.38 -4.91 -12.86
C GLY D 281 -42.51 -5.47 -12.03
N LEU D 282 -42.89 -4.79 -10.95
CA LEU D 282 -43.96 -5.24 -10.07
C LEU D 282 -45.27 -4.57 -10.48
N THR D 283 -46.31 -5.38 -10.66
CA THR D 283 -47.57 -4.91 -11.22
C THR D 283 -48.76 -5.01 -10.27
N GLY D 284 -48.60 -5.66 -9.12
CA GLY D 284 -49.72 -5.78 -8.19
C GLY D 284 -50.23 -4.43 -7.74
N PHE D 285 -51.44 -4.45 -7.18
CA PHE D 285 -52.09 -3.23 -6.71
C PHE D 285 -52.80 -3.51 -5.40
N ARG D 286 -53.37 -2.45 -4.81
CA ARG D 286 -53.90 -2.48 -3.46
C ARG D 286 -52.89 -3.15 -2.52
N PHE D 287 -53.35 -4.03 -1.62
CA PHE D 287 -52.44 -4.66 -0.68
C PHE D 287 -51.35 -5.47 -1.38
N GLY D 288 -51.56 -5.85 -2.63
CA GLY D 288 -50.56 -6.53 -3.42
C GLY D 288 -49.62 -5.63 -4.18
N SER D 289 -49.60 -4.33 -3.86
CA SER D 289 -48.80 -3.38 -4.61
C SER D 289 -47.31 -3.67 -4.44
N GLY D 290 -46.51 -3.13 -5.36
CA GLY D 290 -45.08 -3.24 -5.25
C GLY D 290 -44.52 -2.64 -3.97
N PHE D 291 -45.23 -1.67 -3.41
CA PHE D 291 -44.88 -1.14 -2.09
C PHE D 291 -46.12 -0.53 -1.46
N THR D 292 -46.36 -0.89 -0.20
CA THR D 292 -47.55 -0.45 0.51
C THR D 292 -47.17 -0.06 1.93
N VAL D 293 -47.82 0.97 2.44
CA VAL D 293 -47.76 1.34 3.86
C VAL D 293 -49.21 1.43 4.32
N MET D 294 -49.62 0.54 5.23
CA MET D 294 -51.03 0.42 5.55
C MET D 294 -51.44 1.36 6.68
N ASN D 295 -52.74 1.62 6.74
CA ASN D 295 -53.35 2.26 7.90
C ASN D 295 -53.61 1.22 8.99
N GLY D 296 -53.53 1.65 10.24
CA GLY D 296 -53.74 0.79 11.38
C GLY D 296 -55.05 1.07 12.09
N VAL D 297 -55.31 0.24 13.10
CA VAL D 297 -56.53 0.32 13.91
C VAL D 297 -56.14 0.86 15.27
N PRO D 298 -56.72 1.97 15.73
CA PRO D 298 -56.42 2.44 17.09
C PRO D 298 -56.78 1.40 18.13
N ASN D 299 -55.85 1.14 19.05
CA ASN D 299 -55.97 0.06 20.01
C ASN D 299 -56.40 -1.24 19.31
N SER D 300 -55.59 -1.62 18.33
CA SER D 300 -55.96 -2.71 17.44
C SER D 300 -56.03 -4.03 18.20
N PRO D 301 -57.00 -4.88 17.90
CA PRO D 301 -56.90 -6.29 18.31
C PRO D 301 -55.63 -6.89 17.73
N ILE D 302 -55.13 -7.93 18.41
CA ILE D 302 -53.82 -8.47 18.05
C ILE D 302 -53.81 -9.05 16.64
N ASN D 303 -54.97 -9.45 16.12
CA ASN D 303 -55.06 -10.10 14.82
C ASN D 303 -55.56 -9.17 13.71
N ARG D 304 -55.65 -7.87 13.97
CA ARG D 304 -56.07 -6.91 12.95
C ARG D 304 -54.85 -6.18 12.38
N TYR D 305 -54.83 -4.85 12.48
CA TYR D 305 -53.77 -4.05 11.87
C TYR D 305 -53.34 -2.98 12.86
N HIS D 306 -52.05 -2.95 13.19
CA HIS D 306 -51.51 -1.99 14.13
C HIS D 306 -50.91 -0.81 13.39
N GLN D 307 -51.06 0.38 13.96
CA GLN D 307 -50.57 1.61 13.35
C GLN D 307 -49.11 1.48 12.96
N VAL D 308 -48.76 2.03 11.80
CA VAL D 308 -47.38 2.08 11.35
C VAL D 308 -46.67 3.20 12.10
N GLU D 309 -45.52 2.88 12.69
CA GLU D 309 -44.83 3.81 13.56
C GLU D 309 -43.33 3.58 13.47
N ASN D 310 -42.58 4.64 13.16
CA ASN D 310 -41.12 4.59 13.16
C ASN D 310 -40.60 3.60 12.11
N ALA D 311 -41.09 3.75 10.88
CA ALA D 311 -40.62 2.97 9.74
C ALA D 311 -39.60 3.79 8.98
N GLN D 312 -38.40 3.23 8.80
CA GLN D 312 -37.30 3.91 8.12
C GLN D 312 -37.11 3.25 6.77
N ILE D 313 -37.56 3.93 5.71
CA ILE D 313 -37.51 3.39 4.35
C ILE D 313 -36.47 4.17 3.56
N GLU D 314 -35.23 3.68 3.56
CA GLU D 314 -34.10 4.41 3.02
C GLU D 314 -33.45 3.65 1.87
N ASN D 315 -33.00 4.39 0.87
CA ASN D 315 -32.14 3.86 -0.18
C ASN D 315 -32.69 2.56 -0.77
N ASN D 316 -33.95 2.62 -1.22
CA ASN D 316 -34.57 1.54 -1.96
C ASN D 316 -34.78 1.99 -3.41
N THR D 317 -34.59 1.06 -4.34
CA THR D 317 -34.72 1.34 -5.76
C THR D 317 -36.03 0.74 -6.27
N PHE D 318 -36.87 1.58 -6.89
CA PHE D 318 -38.12 1.15 -7.50
C PHE D 318 -38.04 1.48 -8.98
N ILE D 319 -38.16 0.45 -9.83
CA ILE D 319 -38.07 0.62 -11.27
C ILE D 319 -39.29 -0.06 -11.90
N ASN D 320 -40.12 0.73 -12.57
CA ASN D 320 -41.33 0.22 -13.21
C ASN D 320 -42.19 -0.54 -12.20
N VAL D 321 -42.20 -0.05 -10.97
CA VAL D 321 -43.16 -0.49 -9.97
C VAL D 321 -44.43 0.35 -10.15
N GLU D 322 -45.54 -0.32 -10.45
CA GLU D 322 -46.71 0.37 -10.97
C GLU D 322 -47.56 1.03 -9.88
N HIS D 323 -47.45 0.60 -8.63
CA HIS D 323 -48.29 1.13 -7.57
C HIS D 323 -47.50 1.20 -6.27
N ILE D 324 -47.37 2.40 -5.72
CA ILE D 324 -46.85 2.63 -4.37
C ILE D 324 -47.97 3.29 -3.59
N GLN D 325 -48.56 2.56 -2.65
CA GLN D 325 -49.79 2.97 -1.99
C GLN D 325 -49.54 3.24 -0.51
N LEU D 326 -49.79 4.48 -0.10
CA LEU D 326 -49.59 4.93 1.27
C LEU D 326 -50.94 5.17 1.94
N ALA D 327 -51.00 4.89 3.24
CA ALA D 327 -52.26 4.94 3.98
C ALA D 327 -53.26 3.93 3.42
N ALA D 328 -52.74 2.82 2.87
CA ALA D 328 -53.58 1.85 2.20
C ALA D 328 -54.58 1.23 3.16
N GLY D 329 -55.79 0.97 2.66
CA GLY D 329 -56.82 0.32 3.44
C GLY D 329 -57.50 1.19 4.46
N SER D 330 -57.29 2.51 4.40
CA SER D 330 -57.92 3.39 5.38
C SER D 330 -59.43 3.31 5.26
N ASP D 331 -60.11 3.27 6.41
CA ASP D 331 -61.56 3.17 6.44
C ASP D 331 -62.08 3.37 7.86
N ALA D 332 -63.31 2.95 8.13
CA ALA D 332 -63.87 3.13 9.47
C ALA D 332 -63.00 2.47 10.53
N GLU D 333 -62.62 1.20 10.31
CA GLU D 333 -61.78 0.49 11.26
C GLU D 333 -60.35 1.00 11.20
N ARG D 334 -59.66 0.74 10.09
CA ARG D 334 -58.27 1.17 9.92
C ARG D 334 -58.21 2.68 9.68
N SER D 335 -58.20 3.44 10.79
CA SER D 335 -58.17 4.90 10.71
C SER D 335 -56.93 5.51 11.33
N ALA D 336 -55.97 4.69 11.77
CA ALA D 336 -54.71 5.18 12.32
C ALA D 336 -53.71 5.33 11.18
N VAL D 337 -53.32 6.55 10.87
CA VAL D 337 -52.45 6.84 9.74
C VAL D 337 -51.01 6.56 10.11
N PRO D 338 -50.10 6.41 9.14
CA PRO D 338 -48.68 6.24 9.49
C PRO D 338 -48.13 7.52 10.11
N ILE D 339 -47.26 7.36 11.11
CA ILE D 339 -46.72 8.47 11.86
C ILE D 339 -45.26 8.19 12.21
N ASP D 340 -44.53 9.28 12.48
CA ASP D 340 -43.16 9.19 12.98
C ASP D 340 -42.26 8.37 12.06
N SER D 341 -42.55 8.40 10.77
CA SER D 341 -41.85 7.58 9.79
C SER D 341 -41.14 8.44 8.75
N VAL D 342 -40.21 7.83 8.03
CA VAL D 342 -39.33 8.54 7.12
C VAL D 342 -39.20 7.74 5.83
N MET D 343 -38.99 8.46 4.73
CA MET D 343 -38.76 7.86 3.42
C MET D 343 -37.79 8.77 2.68
N ASN D 344 -36.56 8.29 2.47
CA ASN D 344 -35.56 9.16 1.87
C ASN D 344 -34.60 8.36 1.00
N ASN D 345 -33.95 9.08 0.08
CA ASN D 345 -32.93 8.54 -0.81
C ASN D 345 -33.41 7.35 -1.61
N ASN D 346 -34.72 7.23 -1.80
CA ASN D 346 -35.28 6.19 -2.66
C ASN D 346 -35.30 6.69 -4.10
N LEU D 347 -35.15 5.76 -5.03
CA LEU D 347 -35.15 6.05 -6.47
C LEU D 347 -36.37 5.40 -7.09
N ILE D 348 -37.30 6.21 -7.58
CA ILE D 348 -38.53 5.74 -8.18
C ILE D 348 -38.47 6.06 -9.66
N ILE D 349 -38.23 5.05 -10.49
CA ILE D 349 -38.16 5.19 -11.94
C ILE D 349 -39.37 4.47 -12.55
N ASN D 350 -39.96 5.09 -13.56
CA ASN D 350 -41.13 4.54 -14.23
C ASN D 350 -41.02 4.84 -15.72
N ASP D 351 -40.98 3.81 -16.54
CA ASP D 351 -40.99 3.98 -17.99
C ASP D 351 -42.33 4.47 -18.51
N SER D 352 -43.31 4.68 -17.63
CA SER D 352 -44.64 5.08 -18.06
C SER D 352 -45.18 6.25 -17.23
N GLN D 353 -45.86 5.94 -16.12
CA GLN D 353 -46.64 6.95 -15.41
C GLN D 353 -46.28 7.02 -13.93
N GLN D 354 -47.05 7.79 -13.18
CA GLN D 354 -46.82 7.97 -11.75
C GLN D 354 -47.30 6.76 -10.97
N SER D 355 -46.61 6.46 -9.87
CA SER D 355 -46.91 5.30 -9.04
C SER D 355 -47.54 5.64 -7.70
N PHE D 356 -47.20 6.78 -7.12
CA PHE D 356 -47.65 7.11 -5.77
C PHE D 356 -49.15 7.36 -5.72
N THR D 357 -49.81 6.76 -4.74
CA THR D 357 -51.21 7.03 -4.43
C THR D 357 -51.39 6.97 -2.92
N ALA D 358 -52.01 7.99 -2.35
CA ALA D 358 -52.29 8.05 -0.92
C ALA D 358 -53.79 8.02 -0.69
N PHE D 359 -54.20 7.36 0.39
CA PHE D 359 -55.61 7.21 0.72
C PHE D 359 -55.98 7.89 2.03
N ASP D 360 -55.07 8.65 2.63
CA ASP D 360 -55.31 9.31 3.90
C ASP D 360 -54.17 10.30 4.14
N ASP D 361 -54.22 10.96 5.29
CA ASP D 361 -53.13 11.84 5.71
C ASP D 361 -51.83 11.04 5.76
N ILE D 362 -50.82 11.51 5.02
CA ILE D 362 -49.51 10.90 5.04
C ILE D 362 -48.47 11.94 5.48
N SER D 363 -48.92 12.95 6.23
CA SER D 363 -47.98 13.91 6.79
C SER D 363 -47.04 13.27 7.79
N GLY D 364 -47.42 12.12 8.35
CA GLY D 364 -46.58 11.40 9.28
C GLY D 364 -45.37 10.71 8.65
N ILE D 365 -45.26 10.74 7.33
CA ILE D 365 -44.14 10.15 6.61
C ILE D 365 -43.35 11.29 6.00
N LYS D 366 -42.19 11.59 6.57
CA LYS D 366 -41.35 12.67 6.09
C LYS D 366 -40.51 12.19 4.91
N PHE D 367 -40.66 12.84 3.77
CA PHE D 367 -39.93 12.49 2.56
C PHE D 367 -38.71 13.39 2.40
N SER D 368 -37.58 12.80 2.04
CA SER D 368 -36.34 13.58 1.92
C SER D 368 -35.42 13.00 0.85
N ASN D 369 -34.92 13.87 -0.01
CA ASN D 369 -33.84 13.54 -0.95
C ASN D 369 -34.16 12.34 -1.82
N ASN D 370 -35.45 12.09 -2.07
CA ASN D 370 -35.83 11.06 -3.03
C ASN D 370 -35.77 11.64 -4.45
N ILE D 371 -35.45 10.78 -5.41
CA ILE D 371 -35.33 11.17 -6.81
C ILE D 371 -36.28 10.32 -7.63
N ALA D 372 -37.04 10.95 -8.51
CA ALA D 372 -37.90 10.25 -9.44
C ALA D 372 -37.79 10.89 -10.82
N ASN D 373 -38.16 10.12 -11.84
CA ASN D 373 -38.18 10.61 -13.21
C ASN D 373 -39.56 11.04 -13.65
N THR D 374 -40.56 10.93 -12.77
CA THR D 374 -41.92 11.36 -13.05
C THR D 374 -42.32 12.45 -12.07
N ALA D 375 -43.29 13.27 -12.50
CA ALA D 375 -43.91 14.23 -11.58
C ALA D 375 -44.78 13.48 -10.58
N VAL D 376 -44.55 13.74 -9.30
CA VAL D 376 -45.22 12.98 -8.24
C VAL D 376 -46.25 13.85 -7.54
N LEU D 377 -46.85 13.32 -6.48
CA LEU D 377 -47.92 14.00 -5.75
C LEU D 377 -47.51 15.41 -5.36
N PRO D 378 -48.45 16.35 -5.26
CA PRO D 378 -48.08 17.71 -4.84
C PRO D 378 -47.54 17.76 -3.42
N SER D 379 -48.02 16.88 -2.54
CA SER D 379 -47.56 16.87 -1.16
C SER D 379 -46.12 16.39 -1.02
N LEU D 380 -45.58 15.73 -2.03
CA LEU D 380 -44.24 15.17 -1.98
C LEU D 380 -43.23 15.97 -2.77
N SER D 381 -43.60 17.17 -3.24
CA SER D 381 -42.66 17.98 -4.02
C SER D 381 -41.45 18.39 -3.20
N LYS D 382 -41.62 18.57 -1.89
CA LYS D 382 -40.53 18.99 -1.03
C LYS D 382 -39.58 17.86 -0.67
N GLY D 383 -39.96 16.61 -0.91
CA GLY D 383 -39.12 15.48 -0.55
C GLY D 383 -38.84 14.54 -1.70
N VAL D 384 -39.39 14.83 -2.88
CA VAL D 384 -39.20 14.02 -4.08
C VAL D 384 -38.88 14.96 -5.23
N LYS D 385 -37.64 14.92 -5.72
CA LYS D 385 -37.19 15.77 -6.81
C LYS D 385 -37.33 15.02 -8.13
N GLN D 386 -37.95 15.67 -9.10
CA GLN D 386 -38.11 15.12 -10.43
C GLN D 386 -36.87 15.42 -11.26
N GLN D 387 -36.41 14.42 -12.00
CA GLN D 387 -35.13 14.51 -12.71
C GLN D 387 -35.01 13.32 -13.64
N GLN D 388 -34.53 13.57 -14.85
CA GLN D 388 -34.31 12.50 -15.82
C GLN D 388 -33.07 11.71 -15.42
N VAL D 389 -33.25 10.42 -15.14
CA VAL D 389 -32.20 9.56 -14.60
C VAL D 389 -31.95 8.47 -15.64
N LYS D 390 -30.83 8.59 -16.35
CA LYS D 390 -30.41 7.52 -17.26
C LYS D 390 -29.82 6.38 -16.45
N LEU D 391 -30.18 5.15 -16.81
CA LEU D 391 -29.80 3.96 -16.08
C LEU D 391 -28.97 3.03 -16.94
N LYS D 392 -28.23 2.15 -16.26
CA LYS D 392 -27.46 1.10 -16.91
C LYS D 392 -27.55 -0.16 -16.07
N ARG D 393 -27.74 -1.30 -16.73
CA ARG D 393 -27.85 -2.58 -16.04
C ARG D 393 -26.46 -3.20 -15.90
N ASN D 394 -26.08 -3.52 -14.68
CA ASN D 394 -24.74 -4.03 -14.40
C ASN D 394 -24.67 -5.53 -14.68
N LYS D 395 -23.50 -6.12 -14.43
CA LYS D 395 -23.31 -7.54 -14.68
C LYS D 395 -24.24 -8.39 -13.83
N ALA D 396 -24.56 -7.94 -12.62
CA ALA D 396 -25.48 -8.67 -11.76
C ALA D 396 -26.91 -8.63 -12.26
N GLY D 397 -27.23 -7.75 -13.21
CA GLY D 397 -28.58 -7.63 -13.71
C GLY D 397 -29.42 -6.58 -13.01
N LEU D 398 -28.81 -5.58 -12.39
CA LEU D 398 -29.52 -4.52 -11.69
C LEU D 398 -29.25 -3.19 -12.37
N LEU D 399 -30.29 -2.37 -12.48
CA LEU D 399 -30.15 -1.05 -13.06
C LEU D 399 -29.67 -0.05 -12.02
N TYR D 400 -28.75 0.82 -12.43
CA TYR D 400 -28.18 1.84 -11.56
C TYR D 400 -28.05 3.14 -12.32
N PRO D 401 -28.13 4.28 -11.62
CA PRO D 401 -27.90 5.56 -12.30
C PRO D 401 -26.49 5.63 -12.87
N VAL D 402 -26.38 6.10 -14.10
CA VAL D 402 -25.07 6.25 -14.73
C VAL D 402 -24.35 7.50 -14.24
N SER D 403 -25.07 8.46 -13.68
CA SER D 403 -24.47 9.68 -13.16
C SER D 403 -24.07 9.47 -11.70
N GLU D 404 -22.86 9.94 -11.36
CA GLU D 404 -22.39 9.82 -9.99
C GLU D 404 -23.13 10.75 -9.04
N SER D 405 -23.77 11.80 -9.55
CA SER D 405 -24.45 12.78 -8.72
C SER D 405 -25.83 12.33 -8.27
N VAL D 406 -26.23 11.10 -8.56
CA VAL D 406 -27.55 10.60 -8.18
C VAL D 406 -27.37 9.85 -6.86
N PHE D 407 -27.72 10.52 -5.76
CA PHE D 407 -27.57 9.94 -4.42
C PHE D 407 -28.92 9.43 -3.93
N ALA D 408 -29.36 8.34 -4.55
CA ALA D 408 -30.60 7.68 -4.15
C ALA D 408 -30.61 6.29 -4.77
N GLY D 409 -31.37 5.40 -4.14
CA GLY D 409 -31.40 4.00 -4.53
C GLY D 409 -30.54 3.15 -3.62
N ALA D 410 -30.58 1.85 -3.89
CA ALA D 410 -29.80 0.91 -3.10
C ALA D 410 -28.30 1.09 -3.35
N LYS D 411 -27.50 0.57 -2.42
CA LYS D 411 -26.05 0.65 -2.54
C LYS D 411 -25.59 0.06 -3.86
N ALA D 412 -24.48 0.58 -4.38
CA ALA D 412 -24.00 0.20 -5.70
C ALA D 412 -23.46 -1.22 -5.75
N ASP D 413 -23.05 -1.78 -4.61
CA ASP D 413 -22.47 -3.12 -4.56
C ASP D 413 -23.49 -4.18 -4.17
N LEU D 414 -24.76 -3.96 -4.49
CA LEU D 414 -25.80 -4.93 -4.16
C LEU D 414 -25.62 -6.19 -4.99
N THR D 415 -25.50 -7.33 -4.30
CA THR D 415 -25.31 -8.61 -4.97
C THR D 415 -26.66 -9.26 -5.28
N VAL D 416 -26.63 -10.26 -6.17
CA VAL D 416 -27.84 -10.93 -6.65
C VAL D 416 -27.63 -12.43 -6.51
N LEU D 417 -28.41 -13.06 -5.65
CA LEU D 417 -28.35 -14.51 -5.49
C LEU D 417 -28.68 -15.20 -6.81
N LYS D 418 -27.96 -16.28 -7.09
CA LYS D 418 -28.17 -17.08 -8.29
C LYS D 418 -29.08 -18.26 -7.98
N LYS D 419 -30.02 -18.53 -8.89
CA LYS D 419 -30.93 -19.65 -8.72
C LYS D 419 -30.18 -20.95 -8.47
N ALA D 420 -29.03 -21.12 -9.14
CA ALA D 420 -28.26 -22.36 -9.03
C ALA D 420 -27.50 -22.49 -7.73
N ASP D 421 -27.38 -21.42 -6.95
CA ASP D 421 -26.77 -21.48 -5.63
C ASP D 421 -27.78 -21.84 -4.54
N THR D 422 -28.99 -22.24 -4.91
CA THR D 422 -30.01 -22.66 -3.97
C THR D 422 -30.50 -24.05 -4.33
N GLY D 423 -31.14 -24.71 -3.37
CA GLY D 423 -31.62 -26.05 -3.60
C GLY D 423 -30.47 -27.05 -3.61
N VAL D 424 -30.59 -28.07 -4.47
CA VAL D 424 -29.61 -29.12 -4.57
C VAL D 424 -29.26 -29.33 -6.03
N SER D 425 -28.01 -29.73 -6.28
CA SER D 425 -27.54 -29.97 -7.64
C SER D 425 -28.05 -31.30 -8.20
N TRP D 426 -28.53 -32.20 -7.36
CA TRP D 426 -28.92 -33.54 -7.78
C TRP D 426 -30.43 -33.68 -7.99
N TYR D 427 -31.18 -32.57 -7.95
CA TYR D 427 -32.60 -32.59 -8.23
C TYR D 427 -32.89 -31.38 -9.11
N PRO D 428 -33.61 -31.54 -10.22
CA PRO D 428 -33.76 -30.45 -11.18
C PRO D 428 -34.83 -29.45 -10.78
N LYS D 429 -34.62 -28.20 -11.18
CA LYS D 429 -35.60 -27.14 -11.05
C LYS D 429 -36.36 -27.06 -12.37
N SER D 430 -37.49 -27.75 -12.43
CA SER D 430 -38.24 -27.98 -13.65
C SER D 430 -39.35 -26.95 -13.82
N PRO D 431 -39.94 -26.86 -15.01
CA PRO D 431 -41.06 -25.94 -15.21
C PRO D 431 -42.19 -26.20 -14.22
N ALA D 432 -43.04 -25.19 -14.07
CA ALA D 432 -44.15 -25.28 -13.13
C ALA D 432 -45.29 -26.13 -13.69
N ILE D 433 -45.51 -26.12 -14.99
CA ILE D 433 -46.64 -26.78 -15.62
C ILE D 433 -46.23 -27.28 -17.00
N VAL D 434 -47.13 -28.01 -17.64
CA VAL D 434 -46.97 -28.47 -19.01
C VAL D 434 -47.81 -27.58 -19.90
N ALA D 435 -47.16 -26.82 -20.77
CA ALA D 435 -47.88 -25.95 -21.69
C ALA D 435 -48.59 -26.78 -22.76
N PHE D 436 -49.73 -26.27 -23.21
CA PHE D 436 -50.48 -26.94 -24.27
C PHE D 436 -49.62 -27.08 -25.52
N ASP D 437 -49.98 -28.05 -26.36
CA ASP D 437 -49.39 -28.22 -27.68
C ASP D 437 -47.86 -28.33 -27.61
N SER D 438 -47.34 -28.81 -26.49
CA SER D 438 -45.90 -28.93 -26.31
C SER D 438 -45.44 -30.36 -26.58
N LYS D 440 -46.45 -33.79 -29.06
CA LYS D 440 -46.62 -34.44 -30.35
C LYS D 440 -48.09 -34.55 -30.72
N THR D 441 -48.40 -34.27 -31.98
CA THR D 441 -49.77 -34.37 -32.47
C THR D 441 -50.10 -35.81 -32.84
N HIS D 442 -51.39 -36.15 -32.76
CA HIS D 442 -51.87 -37.48 -33.08
C HIS D 442 -52.98 -37.38 -34.12
N ARG D 443 -53.11 -38.43 -34.92
CA ARG D 443 -54.17 -38.57 -35.90
C ARG D 443 -55.23 -39.51 -35.36
N VAL D 444 -56.48 -39.05 -35.35
CA VAL D 444 -57.61 -39.82 -34.84
C VAL D 444 -58.63 -40.00 -35.95
N GLU D 445 -59.25 -41.18 -36.00
CA GLU D 445 -60.23 -41.52 -37.01
C GLU D 445 -61.64 -41.35 -36.46
N ASN D 446 -62.61 -41.31 -37.36
CA ASN D 446 -64.01 -41.16 -36.97
C ASN D 446 -64.49 -42.41 -36.26
N SER D 447 -64.32 -42.46 -34.94
CA SER D 447 -64.82 -43.57 -34.13
C SER D 447 -64.59 -43.25 -32.66
N ALA D 448 -65.68 -43.09 -31.91
CA ALA D 448 -65.61 -42.75 -30.50
C ALA D 448 -64.51 -43.51 -29.79
N LYS D 449 -64.43 -44.82 -30.05
CA LYS D 449 -63.49 -45.65 -29.31
C LYS D 449 -62.08 -45.58 -29.87
N ASP D 450 -61.91 -45.29 -31.16
CA ASP D 450 -60.60 -44.92 -31.65
C ASP D 450 -60.10 -43.68 -30.92
N LEU D 451 -60.98 -42.70 -30.71
CA LEU D 451 -60.62 -41.51 -29.95
C LEU D 451 -60.26 -41.84 -28.52
N LEU D 452 -61.05 -42.72 -27.88
CA LEU D 452 -60.71 -43.14 -26.51
C LEU D 452 -59.34 -43.79 -26.46
N LEU D 453 -59.07 -44.71 -27.38
CA LEU D 453 -57.77 -45.35 -27.47
C LEU D 453 -56.66 -44.32 -27.58
N LYS D 454 -56.79 -43.39 -28.53
CA LYS D 454 -55.74 -42.39 -28.74
C LYS D 454 -55.55 -41.54 -27.48
N ILE D 455 -56.65 -41.21 -26.79
CA ILE D 455 -56.54 -40.47 -25.54
C ILE D 455 -55.69 -41.25 -24.54
N GLU D 456 -56.01 -42.54 -24.36
CA GLU D 456 -55.20 -43.36 -23.47
C GLU D 456 -53.75 -43.50 -23.94
N GLN D 457 -53.43 -43.00 -25.13
CA GLN D 457 -52.05 -42.97 -25.60
C GLN D 457 -51.50 -41.55 -25.56
N HIS D 459 -49.29 -38.52 -24.46
CA HIS D 459 -48.58 -37.93 -23.33
C HIS D 459 -49.09 -36.51 -23.04
N SER D 460 -48.78 -36.02 -21.85
CA SER D 460 -49.22 -34.69 -21.46
C SER D 460 -48.60 -33.63 -22.36
N GLY D 461 -49.42 -32.67 -22.78
CA GLY D 461 -48.98 -31.62 -23.67
C GLY D 461 -49.13 -31.93 -25.14
N ASP D 462 -49.74 -33.06 -25.49
CA ASP D 462 -49.91 -33.48 -26.87
C ASP D 462 -51.21 -32.95 -27.43
N VAL D 463 -51.47 -33.26 -28.69
CA VAL D 463 -52.66 -32.80 -29.40
C VAL D 463 -53.28 -33.98 -30.14
N LEU D 464 -54.61 -33.97 -30.23
CA LEU D 464 -55.34 -35.01 -30.96
C LEU D 464 -56.27 -34.36 -31.98
N LEU D 466 -61.03 -36.11 -34.48
CA LEU D 466 -60.10 -35.22 -35.18
C LEU D 466 -60.28 -35.29 -36.68
N SER D 467 -60.64 -34.16 -37.29
CA SER D 467 -60.75 -34.04 -38.74
C SER D 467 -61.70 -35.08 -39.33
N ALA D 468 -62.69 -35.49 -38.54
CA ALA D 468 -63.72 -36.42 -39.02
C ALA D 468 -64.91 -36.30 -38.07
N GLY D 469 -65.98 -37.01 -38.40
CA GLY D 469 -67.18 -36.97 -37.58
C GLY D 469 -68.24 -37.97 -38.01
N TYR D 471 -68.57 -38.91 -33.73
CA TYR D 471 -68.16 -39.45 -32.44
C TYR D 471 -69.32 -39.45 -31.45
N ASP D 472 -70.01 -40.58 -31.36
CA ASP D 472 -71.12 -40.76 -30.41
C ASP D 472 -70.58 -41.49 -29.19
N LEU D 473 -70.24 -40.73 -28.15
CA LEU D 473 -69.68 -41.31 -26.94
C LEU D 473 -70.80 -41.89 -26.08
N ALA D 474 -70.50 -43.01 -25.41
CA ALA D 474 -71.42 -43.62 -24.47
C ALA D 474 -70.83 -43.72 -23.07
N LYS D 475 -69.70 -43.05 -22.82
CA LYS D 475 -69.03 -43.11 -21.53
C LYS D 475 -68.41 -41.75 -21.23
N LEU D 476 -67.85 -41.62 -20.03
CA LEU D 476 -67.20 -40.39 -19.62
C LEU D 476 -65.77 -40.34 -20.15
N VAL D 477 -65.30 -39.13 -20.42
CA VAL D 477 -63.94 -38.89 -20.89
C VAL D 477 -63.24 -38.10 -19.79
N VAL D 478 -62.44 -38.78 -18.97
CA VAL D 478 -61.71 -38.11 -17.91
C VAL D 478 -60.38 -37.60 -18.45
N ILE D 479 -60.05 -36.37 -18.10
CA ILE D 479 -58.85 -35.69 -18.57
C ILE D 479 -57.89 -35.64 -17.39
N ASP D 480 -56.86 -36.48 -17.42
CA ASP D 480 -55.86 -36.53 -16.37
C ASP D 480 -54.50 -36.01 -16.83
N LYS D 481 -54.40 -35.52 -18.06
CA LYS D 481 -53.17 -34.93 -18.57
C LYS D 481 -53.52 -33.72 -19.41
N THR D 482 -52.55 -32.82 -19.56
CA THR D 482 -52.75 -31.66 -20.42
C THR D 482 -52.90 -32.10 -21.86
N LEU D 483 -54.06 -31.79 -22.45
CA LEU D 483 -54.38 -32.23 -23.80
C LEU D 483 -55.12 -31.12 -24.53
N SER D 484 -55.05 -31.19 -25.87
CA SER D 484 -55.74 -30.26 -26.74
C SER D 484 -56.46 -31.06 -27.81
N PHE D 485 -57.76 -30.83 -27.96
CA PHE D 485 -58.59 -31.50 -28.97
C PHE D 485 -59.06 -30.44 -29.95
N LYS D 486 -58.45 -30.43 -31.14
CA LYS D 486 -58.73 -29.43 -32.17
C LYS D 486 -59.18 -30.14 -33.44
N ALA D 487 -60.41 -29.87 -33.86
CA ALA D 487 -60.93 -30.42 -35.11
C ALA D 487 -60.02 -30.03 -36.29
N VAL D 493 -65.76 -31.59 -37.12
CA VAL D 493 -66.02 -32.67 -36.17
C VAL D 493 -67.38 -32.47 -35.53
N ASN D 494 -68.08 -33.59 -35.27
CA ASN D 494 -69.38 -33.57 -34.63
C ASN D 494 -69.37 -34.58 -33.49
N LEU D 495 -69.63 -34.11 -32.27
CA LEU D 495 -69.61 -34.95 -31.09
C LEU D 495 -70.96 -34.93 -30.39
N THR D 496 -71.25 -36.03 -29.70
CA THR D 496 -72.42 -36.14 -28.83
C THR D 496 -72.16 -37.27 -27.84
N PHE D 497 -72.73 -37.14 -26.66
CA PHE D 497 -72.40 -38.04 -25.55
C PHE D 497 -73.68 -38.52 -24.87
N GLU D 498 -73.55 -39.60 -24.11
CA GLU D 498 -74.68 -40.28 -23.50
C GLU D 498 -74.69 -40.23 -21.98
N ARG D 499 -73.57 -39.89 -21.34
CA ARG D 499 -73.52 -39.80 -19.90
C ARG D 499 -73.94 -38.41 -19.43
N SER D 500 -73.92 -38.21 -18.11
CA SER D 500 -74.24 -36.89 -17.57
C SER D 500 -73.27 -35.82 -18.02
N SER D 501 -72.12 -36.21 -18.55
CA SER D 501 -71.15 -35.24 -19.05
C SER D 501 -70.31 -35.88 -20.15
N LEU D 502 -69.63 -35.03 -20.91
CA LEU D 502 -68.69 -35.46 -21.94
C LEU D 502 -67.27 -35.52 -21.39
N PHE D 503 -66.83 -34.46 -20.71
CA PHE D 503 -65.48 -34.34 -20.18
C PHE D 503 -65.52 -34.14 -18.68
N GLU D 504 -64.60 -34.81 -17.99
CA GLU D 504 -64.43 -34.69 -16.54
C GLU D 504 -62.94 -34.53 -16.27
N ILE D 505 -62.53 -33.31 -15.91
CA ILE D 505 -61.12 -32.99 -15.77
C ILE D 505 -60.63 -33.40 -14.39
N HIS D 506 -59.67 -34.32 -14.34
CA HIS D 506 -59.09 -34.81 -13.10
C HIS D 506 -57.78 -34.07 -12.80
N ASP D 507 -57.08 -34.49 -11.75
CA ASP D 507 -55.78 -33.92 -11.42
C ASP D 507 -54.78 -34.19 -12.55
N GLY D 508 -53.96 -33.20 -12.84
CA GLY D 508 -53.05 -33.27 -13.97
C GLY D 508 -53.65 -32.95 -15.31
N GLY D 509 -54.96 -32.72 -15.37
CA GLY D 509 -55.66 -32.50 -16.63
C GLY D 509 -55.84 -31.04 -16.97
N SER D 510 -55.82 -30.75 -18.27
CA SER D 510 -56.13 -29.42 -18.80
C SER D 510 -56.61 -29.60 -20.22
N LEU D 511 -57.77 -29.00 -20.53
CA LEU D 511 -58.50 -29.28 -21.76
C LEU D 511 -58.54 -28.05 -22.65
N LYS D 512 -58.15 -28.23 -23.91
CA LYS D 512 -58.18 -27.17 -24.92
C LYS D 512 -58.99 -27.68 -26.11
N LEU D 513 -60.24 -27.20 -26.23
CA LEU D 513 -61.16 -27.63 -27.28
C LEU D 513 -61.30 -26.48 -28.28
N GLU D 514 -60.62 -26.59 -29.41
CA GLU D 514 -60.80 -25.63 -30.50
C GLU D 514 -61.42 -26.35 -31.69
N GLY D 515 -62.06 -25.57 -32.56
CA GLY D 515 -62.83 -26.22 -33.59
C GLY D 515 -63.95 -27.05 -32.98
N LEU D 516 -64.40 -28.05 -33.72
CA LEU D 516 -65.33 -29.06 -33.23
C LEU D 516 -66.75 -28.55 -33.11
N VAL D 517 -67.71 -29.48 -33.03
CA VAL D 517 -69.10 -29.20 -32.73
C VAL D 517 -69.58 -30.24 -31.73
N ILE D 518 -70.42 -29.82 -30.78
CA ILE D 518 -70.89 -30.68 -29.71
C ILE D 518 -72.40 -30.50 -29.57
N SER D 519 -73.11 -31.63 -29.49
CA SER D 519 -74.56 -31.64 -29.31
C SER D 519 -74.92 -32.42 -28.06
N GLY D 520 -76.07 -32.08 -27.49
CA GLY D 520 -76.58 -32.79 -26.32
C GLY D 520 -77.80 -33.62 -26.64
N LYS D 521 -77.88 -34.10 -27.88
CA LYS D 521 -79.03 -34.88 -28.31
C LYS D 521 -79.10 -36.22 -27.61
N ASN D 522 -77.95 -36.88 -27.42
CA ASN D 522 -77.90 -38.22 -26.86
C ASN D 522 -77.65 -38.25 -25.36
N SER D 523 -77.43 -37.09 -24.74
CA SER D 523 -77.24 -37.04 -23.29
C SER D 523 -78.50 -37.58 -22.60
N PRO D 524 -78.39 -37.95 -21.33
CA PRO D 524 -79.54 -38.57 -20.65
C PRO D 524 -80.65 -37.57 -20.39
N ASP D 525 -81.89 -38.03 -20.57
CA ASP D 525 -83.07 -37.22 -20.30
C ASP D 525 -83.24 -37.10 -18.79
N SER D 526 -82.41 -36.26 -18.19
CA SER D 526 -82.43 -36.04 -16.75
C SER D 526 -81.75 -34.72 -16.46
N ALA D 527 -82.07 -34.15 -15.30
CA ALA D 527 -81.49 -32.88 -14.90
C ALA D 527 -80.09 -33.07 -14.35
N GLY D 528 -79.32 -31.99 -14.37
CA GLY D 528 -77.96 -32.01 -13.85
C GLY D 528 -76.89 -32.38 -14.86
N ASN D 529 -77.21 -32.39 -16.15
CA ASN D 529 -76.22 -32.73 -17.15
C ASN D 529 -75.23 -31.58 -17.34
N SER D 530 -74.10 -31.90 -17.96
CA SER D 530 -73.10 -30.90 -18.32
C SER D 530 -72.38 -31.38 -19.57
N VAL D 531 -71.61 -30.48 -20.18
CA VAL D 531 -70.74 -30.82 -21.29
C VAL D 531 -69.33 -31.09 -20.80
N ILE D 532 -68.80 -30.23 -19.94
CA ILE D 532 -67.53 -30.43 -19.27
C ILE D 532 -67.71 -30.11 -17.79
N ARG D 533 -66.99 -30.84 -16.95
CA ARG D 533 -67.01 -30.56 -15.52
C ARG D 533 -65.67 -30.99 -14.93
N THR D 534 -65.44 -30.61 -13.69
CA THR D 534 -64.31 -31.09 -12.91
C THR D 534 -64.78 -32.26 -12.05
N LYS D 535 -63.82 -33.02 -11.55
CA LYS D 535 -64.14 -34.06 -10.57
C LYS D 535 -64.95 -33.43 -9.45
N LYS D 536 -66.13 -33.97 -9.19
CA LYS D 536 -67.07 -33.33 -8.27
C LYS D 536 -66.42 -33.04 -6.92
N TRP D 537 -65.37 -33.77 -6.56
CA TRP D 537 -64.71 -33.59 -5.27
C TRP D 537 -63.30 -34.13 -5.35
N GLY D 538 -62.41 -33.53 -4.56
CA GLY D 538 -61.06 -34.04 -4.42
C GLY D 538 -60.05 -33.52 -5.41
N MET D 539 -60.39 -32.49 -6.18
CA MET D 539 -59.42 -31.88 -7.07
C MET D 539 -58.36 -31.16 -6.24
N VAL D 540 -57.09 -31.42 -6.54
CA VAL D 540 -55.98 -30.74 -5.88
C VAL D 540 -55.20 -29.84 -6.83
N GLU D 541 -55.08 -30.21 -8.11
CA GLU D 541 -54.32 -29.43 -9.06
C GLU D 541 -55.22 -28.46 -9.82
N ASN D 542 -54.69 -27.28 -10.11
CA ASN D 542 -55.41 -26.33 -10.95
C ASN D 542 -55.41 -26.81 -12.40
N TYR D 543 -56.49 -26.53 -13.11
CA TYR D 543 -56.67 -26.94 -14.49
C TYR D 543 -56.87 -25.72 -15.37
N ARG D 544 -56.71 -25.91 -16.68
CA ARG D 544 -56.92 -24.87 -17.67
C ARG D 544 -57.97 -25.34 -18.66
N LEU D 545 -58.99 -24.50 -18.90
CA LEU D 545 -60.03 -24.81 -19.88
C LEU D 545 -60.01 -23.75 -20.97
N ILE D 546 -59.53 -24.14 -22.15
CA ILE D 546 -59.49 -23.27 -23.33
C ILE D 546 -60.56 -23.76 -24.30
N MET D 547 -61.28 -22.83 -24.91
CA MET D 547 -62.20 -23.18 -25.99
C MET D 547 -62.07 -22.17 -27.10
N GLU D 548 -62.20 -22.64 -28.35
CA GLU D 548 -61.96 -21.82 -29.52
C GLU D 548 -62.73 -22.38 -30.70
N ARG D 549 -63.41 -21.52 -31.45
CA ARG D 549 -64.06 -21.89 -32.70
C ARG D 549 -64.94 -23.13 -32.53
N CYS D 550 -65.85 -23.05 -31.56
CA CYS D 550 -66.75 -24.15 -31.25
C CYS D 550 -68.19 -23.77 -31.54
N GLN D 551 -69.05 -24.79 -31.55
CA GLN D 551 -70.50 -24.58 -31.59
C GLN D 551 -71.14 -25.62 -30.69
N LEU D 552 -71.86 -25.14 -29.67
CA LEU D 552 -72.52 -26.00 -28.70
C LEU D 552 -74.02 -25.80 -28.82
N ILE D 553 -74.74 -26.88 -29.11
CA ILE D 553 -76.16 -26.82 -29.45
C ILE D 553 -76.88 -28.00 -28.83
N ASP D 554 -78.20 -27.86 -28.70
CA ASP D 554 -79.06 -28.92 -28.18
C ASP D 554 -78.65 -29.32 -26.76
N LEU D 555 -78.47 -28.32 -25.90
CA LEU D 555 -78.21 -28.54 -24.48
C LEU D 555 -79.48 -28.33 -23.67
N ASP D 556 -80.53 -29.07 -24.03
CA ASP D 556 -81.84 -28.88 -23.41
C ASP D 556 -82.66 -30.17 -23.47
N ILE D 557 -82.00 -31.31 -23.27
CA ILE D 557 -82.75 -32.56 -23.17
C ILE D 557 -83.59 -32.56 -21.89
N ASN D 558 -83.10 -31.90 -20.84
CA ASN D 558 -83.82 -31.73 -19.59
C ASN D 558 -83.28 -30.49 -18.91
N HIS D 559 -84.04 -29.97 -17.95
CA HIS D 559 -83.65 -28.73 -17.28
C HIS D 559 -82.32 -28.91 -16.55
N THR D 560 -81.60 -27.79 -16.40
CA THR D 560 -80.30 -27.76 -15.74
C THR D 560 -79.27 -28.59 -16.52
N PHE D 561 -79.12 -28.23 -17.80
CA PHE D 561 -78.11 -28.82 -18.67
C PHE D 561 -77.07 -27.72 -18.93
N ASP D 562 -76.07 -27.65 -18.06
CA ASP D 562 -75.05 -26.62 -18.15
C ASP D 562 -74.02 -26.99 -19.22
N PHE D 563 -73.20 -25.99 -19.58
CA PHE D 563 -72.02 -26.27 -20.40
C PHE D 563 -70.82 -26.66 -19.53
N PHE D 564 -70.52 -25.85 -18.52
CA PHE D 564 -69.45 -26.16 -17.58
C PHE D 564 -69.98 -26.09 -16.16
N LYS D 565 -69.45 -26.96 -15.31
CA LYS D 565 -69.90 -27.08 -13.93
C LYS D 565 -68.70 -27.46 -13.07
N THR D 566 -68.37 -26.60 -12.11
CA THR D 566 -67.20 -26.85 -11.27
C THR D 566 -67.55 -27.79 -10.12
N GLY D 567 -66.59 -28.62 -9.75
CA GLY D 567 -66.70 -29.40 -8.54
C GLY D 567 -66.37 -28.57 -7.31
N LYS D 568 -66.74 -29.10 -6.15
CA LYS D 568 -66.48 -28.39 -4.90
C LYS D 568 -64.98 -28.23 -4.70
N GLY D 569 -64.55 -27.00 -4.43
CA GLY D 569 -63.16 -26.72 -4.13
C GLY D 569 -62.23 -26.67 -5.32
N ALA D 570 -62.68 -27.06 -6.51
CA ALA D 570 -61.82 -27.00 -7.68
C ALA D 570 -61.53 -25.55 -8.07
N LEU D 571 -60.39 -25.34 -8.72
CA LEU D 571 -59.96 -24.01 -9.12
C LEU D 571 -59.31 -24.08 -10.49
N ALA D 572 -59.75 -23.19 -11.39
CA ALA D 572 -59.20 -23.10 -12.73
C ALA D 572 -58.20 -21.95 -12.79
N ASP D 573 -57.01 -22.24 -13.33
CA ASP D 573 -56.08 -21.17 -13.65
C ASP D 573 -56.69 -20.22 -14.68
N GLU D 574 -57.45 -20.75 -15.64
CA GLU D 574 -58.12 -19.92 -16.62
C GLU D 574 -59.25 -20.71 -17.28
N ILE D 575 -60.37 -20.03 -17.51
CA ILE D 575 -61.46 -20.55 -18.33
C ILE D 575 -61.71 -19.51 -19.41
N THR D 576 -61.07 -19.68 -20.57
CA THR D 576 -61.13 -18.72 -21.67
C THR D 576 -61.94 -19.31 -22.81
N LEU D 577 -63.09 -18.71 -23.09
CA LEU D 577 -63.95 -19.11 -24.21
C LEU D 577 -63.84 -18.05 -25.30
N ILE D 578 -63.50 -18.48 -26.51
CA ILE D 578 -63.22 -17.57 -27.62
C ILE D 578 -64.04 -17.99 -28.83
N ASN D 579 -64.84 -17.07 -29.35
CA ASN D 579 -65.48 -17.18 -30.67
C ASN D 579 -66.16 -18.54 -30.83
N ASN D 580 -67.20 -18.74 -30.03
CA ASN D 580 -68.04 -19.92 -30.09
C ASN D 580 -69.50 -19.52 -30.32
N GLN D 581 -70.36 -20.51 -30.48
CA GLN D 581 -71.79 -20.31 -30.64
C GLN D 581 -72.53 -21.23 -29.67
N PHE D 582 -73.18 -20.65 -28.66
CA PHE D 582 -74.04 -21.38 -27.75
C PHE D 582 -75.49 -21.14 -28.16
N SER D 583 -76.25 -22.22 -28.27
CA SER D 583 -77.64 -22.12 -28.72
C SER D 583 -78.46 -23.21 -28.05
N GLN D 584 -79.58 -22.81 -27.46
CA GLN D 584 -80.47 -23.74 -26.75
C GLN D 584 -79.72 -24.39 -25.58
N VAL D 585 -79.59 -23.66 -24.48
CA VAL D 585 -78.98 -24.16 -23.25
C VAL D 585 -79.94 -23.85 -22.12
N THR D 586 -80.47 -24.89 -21.48
CA THR D 586 -81.44 -24.72 -20.40
C THR D 586 -80.78 -24.43 -19.06
N GLY D 587 -79.47 -24.67 -18.93
CA GLY D 587 -78.73 -24.35 -17.74
C GLY D 587 -77.83 -23.15 -17.95
N ASP D 588 -76.82 -23.03 -17.08
CA ASP D 588 -75.83 -21.99 -17.19
C ASP D 588 -74.71 -22.43 -18.13
N ILE D 589 -73.82 -21.50 -18.45
CA ILE D 589 -72.66 -21.79 -19.27
C ILE D 589 -71.40 -22.00 -18.43
N LEU D 590 -71.18 -21.14 -17.44
CA LEU D 590 -70.03 -21.25 -16.53
C LEU D 590 -70.54 -21.15 -15.09
N ARG D 591 -70.70 -22.30 -14.44
CA ARG D 591 -71.29 -22.39 -13.11
C ARG D 591 -70.17 -22.51 -12.08
N LEU D 592 -69.62 -21.37 -11.68
CA LEU D 592 -68.46 -21.31 -10.78
C LEU D 592 -68.90 -20.65 -9.48
N ASP D 593 -69.75 -21.36 -8.72
CA ASP D 593 -70.32 -20.79 -7.50
C ASP D 593 -70.61 -21.90 -6.50
N SER D 594 -69.64 -22.79 -6.28
CA SER D 594 -69.81 -23.89 -5.34
C SER D 594 -69.40 -23.54 -3.92
N GLU D 595 -68.77 -22.38 -3.70
CA GLU D 595 -68.24 -22.01 -2.40
C GLU D 595 -69.26 -21.13 -1.69
N ILE D 596 -70.22 -21.78 -1.02
CA ILE D 596 -71.28 -21.06 -0.32
C ILE D 596 -70.94 -20.79 1.15
N GLU D 597 -69.82 -21.34 1.65
CA GLU D 597 -69.47 -21.16 3.06
C GLU D 597 -69.00 -19.75 3.38
N ASN D 598 -68.66 -18.94 2.36
CA ASN D 598 -68.28 -17.54 2.56
C ASN D 598 -67.01 -17.44 3.40
N LEU D 599 -66.02 -18.24 3.05
CA LEU D 599 -64.71 -18.19 3.69
C LEU D 599 -63.65 -17.57 2.78
N GLY D 600 -64.02 -17.14 1.58
CA GLY D 600 -63.09 -16.55 0.64
C GLY D 600 -62.68 -17.44 -0.52
N VAL D 601 -63.17 -18.68 -0.55
CA VAL D 601 -62.78 -19.62 -1.60
C VAL D 601 -63.58 -19.34 -2.87
N TYR D 602 -62.96 -19.61 -4.01
CA TYR D 602 -63.63 -19.45 -5.30
C TYR D 602 -63.07 -20.48 -6.27
N ASN D 603 -63.65 -20.53 -7.47
CA ASN D 603 -63.48 -21.65 -8.38
C ASN D 603 -62.75 -21.31 -9.67
N ALA D 604 -62.39 -20.04 -9.90
CA ALA D 604 -61.71 -19.67 -11.14
C ALA D 604 -60.90 -18.40 -10.93
N GLU D 605 -59.66 -18.41 -11.40
CA GLU D 605 -58.79 -17.24 -11.28
C GLU D 605 -59.02 -16.26 -12.43
N TYR D 606 -59.07 -16.75 -13.66
CA TYR D 606 -59.24 -15.91 -14.86
C TYR D 606 -60.37 -16.49 -15.71
N VAL D 607 -61.47 -15.76 -15.81
CA VAL D 607 -62.58 -16.10 -16.70
C VAL D 607 -62.63 -15.03 -17.78
N THR D 608 -62.43 -15.45 -19.04
CA THR D 608 -62.34 -14.52 -20.16
C THR D 608 -63.21 -15.03 -21.31
N LEU D 609 -64.28 -14.32 -21.60
CA LEU D 609 -65.19 -14.65 -22.70
C LEU D 609 -65.13 -13.52 -23.73
N THR D 610 -64.77 -13.85 -24.97
CA THR D 610 -64.68 -12.86 -26.02
C THR D 610 -65.15 -13.44 -27.35
N ASN D 611 -65.85 -12.61 -28.12
CA ASN D 611 -66.27 -12.90 -29.49
C ASN D 611 -67.25 -14.05 -29.59
N ASN D 612 -67.81 -14.52 -28.49
CA ASN D 612 -68.77 -15.60 -28.54
C ASN D 612 -70.17 -15.05 -28.82
N HIS D 613 -71.06 -15.95 -29.24
CA HIS D 613 -72.46 -15.62 -29.49
C HIS D 613 -73.34 -16.61 -28.73
N PHE D 614 -74.21 -16.09 -27.87
CA PHE D 614 -75.09 -16.90 -27.07
C PHE D 614 -76.54 -16.69 -27.51
N ASP D 615 -77.33 -17.75 -27.50
CA ASP D 615 -78.69 -17.70 -27.99
C ASP D 615 -79.57 -18.65 -27.18
N ASN D 616 -80.67 -18.12 -26.66
CA ASN D 616 -81.66 -18.90 -25.93
C ASN D 616 -80.99 -19.75 -24.84
N VAL D 617 -80.32 -19.07 -23.92
CA VAL D 617 -79.68 -19.70 -22.78
C VAL D 617 -80.49 -19.30 -21.56
N SER D 618 -81.32 -20.22 -21.06
CA SER D 618 -82.20 -19.91 -19.94
C SER D 618 -81.41 -19.45 -18.73
N GLY D 619 -80.26 -20.06 -18.48
CA GLY D 619 -79.40 -19.66 -17.39
C GLY D 619 -78.50 -18.50 -17.77
N ALA D 620 -77.56 -18.20 -16.88
CA ALA D 620 -76.64 -17.10 -17.08
C ALA D 620 -75.40 -17.57 -17.86
N LEU D 621 -74.68 -16.60 -18.41
CA LEU D 621 -73.39 -16.90 -19.02
C LEU D 621 -72.39 -17.36 -17.98
N VAL D 622 -72.31 -16.65 -16.86
CA VAL D 622 -71.36 -16.93 -15.81
C VAL D 622 -72.01 -16.66 -14.46
N LYS D 623 -71.79 -17.56 -13.52
CA LYS D 623 -72.13 -17.35 -12.11
C LYS D 623 -70.83 -17.57 -11.34
N LEU D 624 -70.06 -16.49 -11.18
CA LEU D 624 -68.83 -16.50 -10.40
C LEU D 624 -69.13 -16.04 -8.99
N TYR D 625 -68.77 -16.85 -7.99
CA TYR D 625 -69.09 -16.54 -6.60
C TYR D 625 -67.83 -16.59 -5.74
N ARG D 626 -67.65 -15.56 -4.91
CA ARG D 626 -66.62 -15.55 -3.87
C ARG D 626 -67.20 -14.76 -2.69
N GLY D 627 -67.68 -15.47 -1.67
CA GLY D 627 -68.30 -14.85 -0.53
C GLY D 627 -67.35 -14.70 0.64
N GLY D 628 -67.71 -13.80 1.55
CA GLY D 628 -66.97 -13.56 2.77
C GLY D 628 -66.30 -12.20 2.79
N THR D 629 -65.49 -12.00 3.83
CA THR D 629 -64.76 -10.76 4.05
C THR D 629 -63.25 -10.97 3.89
N ASP D 630 -62.87 -11.84 2.96
CA ASP D 630 -61.45 -12.17 2.74
C ASP D 630 -60.82 -11.20 1.77
N GLU D 631 -59.61 -10.74 2.10
CA GLU D 631 -58.84 -9.83 1.28
C GLU D 631 -57.44 -10.38 1.03
N SER D 632 -57.34 -11.69 0.82
CA SER D 632 -56.04 -12.35 0.68
C SER D 632 -55.82 -12.96 -0.69
N THR D 633 -56.72 -12.76 -1.65
CA THR D 633 -56.63 -13.37 -2.96
C THR D 633 -56.66 -12.29 -4.04
N PHE D 634 -56.33 -12.69 -5.27
CA PHE D 634 -56.36 -11.80 -6.43
C PHE D 634 -57.63 -11.92 -7.24
N GLY D 635 -58.13 -13.13 -7.47
CA GLY D 635 -59.26 -13.35 -8.31
C GLY D 635 -60.55 -13.50 -7.53
N PRO D 636 -61.65 -13.86 -8.22
CA PRO D 636 -61.68 -14.08 -9.67
C PRO D 636 -61.52 -12.80 -10.50
N HIS D 637 -61.16 -12.97 -11.76
CA HIS D 637 -61.12 -11.88 -12.74
C HIS D 637 -62.00 -12.28 -13.91
N PHE D 638 -62.90 -11.39 -14.32
CA PHE D 638 -63.87 -11.67 -15.37
C PHE D 638 -63.70 -10.67 -16.51
N LEU D 639 -63.68 -11.18 -17.74
CA LEU D 639 -63.62 -10.37 -18.95
C LEU D 639 -64.75 -10.79 -19.88
N LEU D 640 -65.40 -9.80 -20.49
CA LEU D 640 -66.50 -10.05 -21.41
C LEU D 640 -66.45 -8.97 -22.50
N LYS D 641 -65.96 -9.34 -23.68
CA LYS D 641 -65.72 -8.38 -24.75
C LYS D 641 -66.19 -8.93 -26.09
N ASN D 642 -66.94 -8.11 -26.83
CA ASN D 642 -67.38 -8.44 -28.18
C ASN D 642 -68.27 -9.69 -28.21
N ASN D 643 -69.09 -9.86 -27.17
CA ASN D 643 -70.04 -10.96 -27.11
C ASN D 643 -71.43 -10.48 -27.49
N THR D 644 -72.21 -11.37 -28.09
CA THR D 644 -73.57 -11.07 -28.54
C THR D 644 -74.53 -12.03 -27.84
N LEU D 645 -75.27 -11.54 -26.85
CA LEU D 645 -76.27 -12.33 -26.17
C LEU D 645 -77.64 -12.12 -26.82
N ASN D 646 -78.45 -13.17 -26.81
CA ASN D 646 -79.80 -13.11 -27.35
C ASN D 646 -80.68 -14.05 -26.54
N SER D 647 -81.62 -13.49 -25.77
CA SER D 647 -82.52 -14.26 -24.93
C SER D 647 -81.74 -15.16 -23.97
N VAL D 648 -80.76 -14.56 -23.29
CA VAL D 648 -79.94 -15.25 -22.30
C VAL D 648 -80.36 -14.75 -20.92
N GLY D 649 -80.77 -15.69 -20.06
CA GLY D 649 -81.17 -15.35 -18.71
C GLY D 649 -82.63 -15.67 -18.44
N GLY D 651 -85.51 -17.47 -17.36
CA GLY D 651 -85.19 -18.65 -16.58
C GLY D 651 -85.78 -18.64 -15.20
N LYS D 652 -86.86 -19.40 -15.01
CA LYS D 652 -87.49 -19.49 -13.69
C LYS D 652 -86.54 -20.08 -12.67
N ARG D 653 -85.72 -21.05 -13.09
CA ARG D 653 -84.79 -21.71 -12.18
C ARG D 653 -83.52 -20.90 -11.95
N ASN D 654 -83.20 -19.96 -12.84
CA ASN D 654 -82.03 -19.10 -12.69
C ASN D 654 -82.37 -18.02 -11.67
N LYS D 655 -82.05 -18.29 -10.40
CA LYS D 655 -82.44 -17.41 -9.32
C LYS D 655 -81.61 -16.14 -9.23
N THR D 656 -80.47 -16.06 -9.94
CA THR D 656 -79.75 -14.81 -10.02
C THR D 656 -80.50 -13.76 -10.82
N ASN D 657 -81.45 -14.18 -11.65
CA ASN D 657 -82.22 -13.28 -12.50
C ASN D 657 -81.29 -12.37 -13.30
N ALA D 658 -80.26 -12.98 -13.88
CA ALA D 658 -79.25 -12.23 -14.61
C ALA D 658 -78.67 -13.10 -15.71
N SER D 659 -78.13 -12.42 -16.74
CA SER D 659 -77.31 -13.09 -17.75
C SER D 659 -75.85 -13.13 -17.35
N VAL D 660 -75.44 -12.31 -16.38
CA VAL D 660 -74.08 -12.30 -15.86
C VAL D 660 -74.14 -12.01 -14.36
N TYR D 661 -73.78 -12.99 -13.55
CA TYR D 661 -73.83 -12.86 -12.10
C TYR D 661 -72.41 -12.93 -11.55
N LEU D 662 -71.97 -11.82 -10.95
CA LEU D 662 -70.61 -11.70 -10.43
C LEU D 662 -70.69 -11.27 -8.97
N HIS D 663 -70.40 -12.19 -8.07
CA HIS D 663 -70.42 -11.94 -6.63
C HIS D 663 -68.98 -12.01 -6.11
N GLY D 664 -68.45 -10.87 -5.68
CA GLY D 664 -67.11 -10.85 -5.14
C GLY D 664 -66.00 -10.96 -6.17
N VAL D 665 -66.32 -10.77 -7.45
CA VAL D 665 -65.27 -10.75 -8.47
C VAL D 665 -64.47 -9.46 -8.33
N GLN D 666 -63.14 -9.60 -8.34
CA GLN D 666 -62.26 -8.49 -8.00
C GLN D 666 -61.86 -7.64 -9.21
N VAL D 667 -61.86 -8.22 -10.42
CA VAL D 667 -61.58 -7.44 -11.61
C VAL D 667 -62.55 -7.83 -12.71
N THR D 668 -63.59 -7.02 -12.90
CA THR D 668 -64.61 -7.25 -13.91
C THR D 668 -64.48 -6.22 -15.03
N GLU D 669 -64.60 -6.70 -16.27
CA GLU D 669 -64.47 -5.84 -17.45
C GLU D 669 -65.46 -6.33 -18.49
N ILE D 670 -66.64 -5.69 -18.54
CA ILE D 670 -67.70 -6.02 -19.47
C ILE D 670 -67.79 -4.89 -20.48
N ALA D 671 -67.46 -5.16 -21.73
CA ALA D 671 -67.41 -4.09 -22.72
C ALA D 671 -67.76 -4.64 -24.11
N GLU D 672 -68.22 -3.72 -24.97
CA GLU D 672 -68.43 -4.00 -26.39
C GLU D 672 -69.40 -5.16 -26.62
N ASN D 673 -70.36 -5.33 -25.72
CA ASN D 673 -71.31 -6.43 -25.81
C ASN D 673 -72.71 -5.90 -26.12
N ALA D 674 -73.50 -6.72 -26.79
CA ALA D 674 -74.89 -6.40 -27.14
C ALA D 674 -75.80 -7.42 -26.47
N PHE D 675 -76.57 -6.97 -25.49
CA PHE D 675 -77.51 -7.82 -24.77
C PHE D 675 -78.91 -7.59 -25.35
N THR D 676 -79.40 -8.57 -26.10
CA THR D 676 -80.68 -8.47 -26.80
C THR D 676 -81.69 -9.40 -26.14
N ASN D 677 -82.79 -8.83 -25.65
CA ASN D 677 -83.88 -9.62 -25.05
C ASN D 677 -83.38 -10.53 -23.94
N SER D 678 -82.27 -10.16 -23.31
CA SER D 678 -81.64 -10.97 -22.29
C SER D 678 -81.93 -10.41 -20.89
N ALA D 679 -81.36 -11.06 -19.88
CA ALA D 679 -81.45 -10.61 -18.50
C ALA D 679 -80.33 -9.62 -18.19
N PRO D 680 -80.48 -8.81 -17.15
CA PRO D 680 -79.51 -7.75 -16.89
C PRO D 680 -78.22 -8.28 -16.26
N ILE D 681 -77.25 -7.37 -16.15
CA ILE D 681 -76.04 -7.63 -15.39
C ILE D 681 -76.36 -7.45 -13.91
N VAL D 682 -75.79 -8.31 -13.06
CA VAL D 682 -75.96 -8.23 -11.62
C VAL D 682 -74.60 -8.43 -10.99
N VAL D 683 -73.99 -7.33 -10.55
CA VAL D 683 -72.70 -7.36 -9.85
C VAL D 683 -72.96 -7.04 -8.38
N GLU D 684 -72.37 -7.83 -7.50
CA GLU D 684 -72.52 -7.66 -6.05
C GLU D 684 -71.12 -7.47 -5.46
N HIS D 685 -70.73 -6.22 -5.27
CA HIS D 685 -69.42 -5.92 -4.71
C HIS D 685 -69.33 -6.41 -3.26
N THR D 686 -68.24 -7.08 -2.94
CA THR D 686 -67.91 -7.49 -1.58
C THR D 686 -66.75 -6.62 -1.09
N VAL D 687 -65.93 -7.15 -0.19
CA VAL D 687 -64.75 -6.45 0.28
C VAL D 687 -63.71 -6.43 -0.83
N GLY D 688 -62.66 -5.63 -0.65
CA GLY D 688 -61.53 -5.65 -1.55
C GLY D 688 -61.49 -4.58 -2.61
N GLU D 689 -62.36 -3.57 -2.54
CA GLU D 689 -62.42 -2.50 -3.52
C GLU D 689 -62.42 -3.09 -4.95
N PRO D 690 -63.45 -3.85 -5.31
CA PRO D 690 -63.47 -4.48 -6.63
C PRO D 690 -63.47 -3.44 -7.75
N GLN D 691 -62.82 -3.80 -8.85
CA GLN D 691 -62.67 -2.93 -10.02
C GLN D 691 -63.61 -3.45 -11.11
N THR D 692 -64.87 -3.02 -11.05
CA THR D 692 -65.88 -3.38 -12.05
C THR D 692 -65.98 -2.25 -13.06
N ARG D 693 -66.16 -2.63 -14.33
CA ARG D 693 -66.11 -1.65 -15.42
C ARG D 693 -66.98 -2.17 -16.56
N ILE D 694 -68.18 -1.61 -16.69
CA ILE D 694 -69.14 -1.98 -17.73
C ILE D 694 -69.26 -0.79 -18.67
N ILE D 695 -68.61 -0.86 -19.82
CA ILE D 695 -68.50 0.29 -20.71
C ILE D 695 -68.72 -0.14 -22.15
N SER D 696 -69.46 0.70 -22.90
CA SER D 696 -69.65 0.53 -24.34
C SER D 696 -70.46 -0.71 -24.67
N ASN D 697 -71.54 -0.93 -23.93
CA ASN D 697 -72.47 -2.03 -24.18
C ASN D 697 -73.78 -1.47 -24.73
N THR D 698 -74.66 -2.39 -25.14
CA THR D 698 -75.94 -2.03 -25.74
C THR D 698 -76.99 -3.02 -25.22
N PHE D 699 -77.78 -2.58 -24.25
CA PHE D 699 -78.79 -3.42 -23.62
C PHE D 699 -80.12 -3.19 -24.33
N THR D 700 -80.30 -3.89 -25.45
CA THR D 700 -81.52 -3.78 -26.23
C THR D 700 -82.59 -4.69 -25.64
N ASN D 701 -83.70 -4.11 -25.20
CA ASN D 701 -84.78 -4.86 -24.55
C ASN D 701 -84.25 -5.65 -23.37
N THR D 702 -83.17 -5.17 -22.76
CA THR D 702 -82.51 -5.83 -21.65
C THR D 702 -82.29 -4.81 -20.53
N ALA D 703 -82.74 -5.15 -19.33
CA ALA D 703 -82.61 -4.23 -18.20
C ALA D 703 -81.14 -3.85 -18.00
N LYS D 704 -80.92 -2.64 -17.53
CA LYS D 704 -79.57 -2.11 -17.40
C LYS D 704 -78.87 -2.75 -16.19
N PRO D 705 -77.54 -2.71 -16.17
CA PRO D 705 -76.80 -3.37 -15.07
C PRO D 705 -77.27 -2.92 -13.71
N TYR D 706 -77.37 -3.88 -12.79
CA TYR D 706 -77.69 -3.63 -11.39
C TYR D 706 -76.45 -3.94 -10.56
N ILE D 707 -75.90 -2.90 -9.92
CA ILE D 707 -74.69 -3.03 -9.12
C ILE D 707 -75.07 -2.80 -7.66
N GLU D 708 -74.72 -3.76 -6.81
CA GLU D 708 -75.01 -3.69 -5.38
C GLU D 708 -73.70 -3.68 -4.60
N GLU D 709 -73.63 -2.81 -3.59
CA GLU D 709 -72.44 -2.64 -2.76
C GLU D 709 -72.74 -3.22 -1.39
N LEU D 710 -72.12 -4.37 -1.09
CA LEU D 710 -72.33 -5.04 0.18
C LEU D 710 -71.11 -4.85 1.09
N THR D 717 -69.56 1.40 -7.00
CA THR D 717 -68.24 1.86 -7.41
C THR D 717 -67.89 1.38 -8.81
N ALA D 718 -68.86 0.76 -9.48
CA ALA D 718 -68.63 0.26 -10.83
C ALA D 718 -68.55 1.41 -11.83
N ILE D 719 -67.70 1.24 -12.83
CA ILE D 719 -67.47 2.26 -13.85
C ILE D 719 -68.42 1.93 -15.01
N LEU D 720 -69.54 2.64 -15.07
CA LEU D 720 -70.54 2.46 -16.12
C LEU D 720 -70.46 3.67 -17.06
N LYS D 721 -70.26 3.40 -18.36
CA LYS D 721 -70.05 4.47 -19.31
C LYS D 721 -70.43 4.00 -20.70
N ASN D 722 -71.04 4.90 -21.48
CA ASN D 722 -71.34 4.65 -22.89
C ASN D 722 -72.20 3.40 -23.08
N ASN D 723 -73.11 3.15 -22.15
CA ASN D 723 -74.04 2.03 -22.24
C ASN D 723 -75.40 2.56 -22.70
N GLN D 724 -75.90 2.02 -23.81
CA GLN D 724 -77.14 2.47 -24.42
C GLN D 724 -78.23 1.44 -24.12
N VAL D 725 -79.23 1.84 -23.35
CA VAL D 725 -80.33 0.96 -22.97
C VAL D 725 -81.50 1.18 -23.92
#